data_9OTO
#
_entry.id   9OTO
#
_cell.length_a   1.00
_cell.length_b   1.00
_cell.length_c   1.00
_cell.angle_alpha   90.00
_cell.angle_beta   90.00
_cell.angle_gamma   90.00
#
_symmetry.space_group_name_H-M   'P 1'
#
loop_
_entity.id
_entity.type
_entity.pdbx_description
1 polymer 'Glutamine synthetase'
2 non-polymer "ADENOSINE-5'-DIPHOSPHATE"
3 non-polymer 'MAGNESIUM ION'
#
_entity_poly.entity_id   1
_entity_poly.type   'polypeptide(L)'
_entity_poly.pdbx_seq_one_letter_code
;MTTSASSHLNKGIKQVYMSLPQGEKVQAMYIWIDGTGEGLRCKTRTLDSEPKCVEELPEWNFDGSSTLQSEGSNSDMYLV
PAAMFRDPFRKDPNKLVLCEVFKYNRRPAETNLRHTCKRIMDMVSNQHPWFGMEQEYTLMGTDGHPFGWPSNGFPGPQGP
YYCGVGADRAYGRDIVEAHYRACLYAGVKIAGTNAEVMPAQWEFQIGPCEGISMGDHLWVARFILHRVCEDFGVIATFDP
KPIPGNWNGAGCHTNFSTKAMREENGLKYIEEAIEKLSKRHQYHIRAYDPKGGLDNARRLTGFHETSNINDFSAGVANRS
ASIRIPRTVGQEKKGYFEDRRPSANCDPFSVTEALIRTCLLNETGDEPFQYKN
;
_entity_poly.pdbx_strand_id   A,B,C,D,E,F,G,H,I,J
#
loop_
_chem_comp.id
_chem_comp.type
_chem_comp.name
_chem_comp.formula
ADP non-polymer ADENOSINE-5'-DIPHOSPHATE 'C10 H15 N5 O10 P2'
MG non-polymer 'MAGNESIUM ION' 'Mg 2'
#
# COMPACT_ATOMS: atom_id res chain seq x y z
N THR A 2 -13.33 8.22 -7.55
CA THR A 2 -12.85 9.60 -7.67
C THR A 2 -11.34 9.66 -7.59
N THR A 3 -10.73 10.44 -8.49
CA THR A 3 -9.28 10.54 -8.57
C THR A 3 -8.72 11.91 -8.22
N SER A 4 -9.55 12.96 -8.29
CA SER A 4 -9.05 14.30 -8.00
C SER A 4 -8.61 14.42 -6.56
N ALA A 5 -7.57 15.23 -6.32
CA ALA A 5 -7.05 15.40 -4.98
C ALA A 5 -8.09 16.04 -4.06
N SER A 6 -8.79 17.05 -4.56
CA SER A 6 -9.79 17.74 -3.73
C SER A 6 -10.92 16.82 -3.30
N SER A 7 -11.15 15.73 -4.03
CA SER A 7 -12.24 14.82 -3.70
C SER A 7 -11.92 13.91 -2.53
N HIS A 8 -10.68 13.87 -2.05
CA HIS A 8 -10.31 13.04 -0.93
C HIS A 8 -10.44 13.76 0.41
N LEU A 9 -10.88 15.02 0.42
CA LEU A 9 -11.12 15.73 1.65
C LEU A 9 -12.39 15.21 2.32
N ASN A 10 -12.57 15.60 3.58
CA ASN A 10 -13.71 15.15 4.37
C ASN A 10 -14.88 16.12 4.18
N LYS A 11 -16.01 15.61 3.70
CA LYS A 11 -17.16 16.44 3.34
C LYS A 11 -18.09 16.71 4.51
N GLY A 12 -17.98 15.96 5.60
CA GLY A 12 -18.80 16.24 6.76
C GLY A 12 -18.54 17.62 7.34
N ILE A 13 -17.29 18.07 7.28
CA ILE A 13 -16.96 19.40 7.76
C ILE A 13 -17.70 20.45 6.95
N LYS A 14 -17.68 20.31 5.62
CA LYS A 14 -18.38 21.27 4.78
C LYS A 14 -19.87 21.24 5.05
N GLN A 15 -20.44 20.05 5.27
CA GLN A 15 -21.87 19.98 5.57
C GLN A 15 -22.19 20.71 6.86
N VAL A 16 -21.37 20.49 7.89
CA VAL A 16 -21.56 21.20 9.16
C VAL A 16 -21.53 22.70 8.94
N TYR A 17 -20.57 23.17 8.13
CA TYR A 17 -20.48 24.61 7.87
C TYR A 17 -21.70 25.13 7.12
N MET A 18 -22.17 24.37 6.12
CA MET A 18 -23.32 24.80 5.35
C MET A 18 -24.62 24.74 6.14
N SER A 19 -24.64 24.05 7.28
CA SER A 19 -25.84 24.05 8.10
C SER A 19 -26.09 25.36 8.83
N LEU A 20 -25.13 26.28 8.83
CA LEU A 20 -25.30 27.52 9.59
C LEU A 20 -26.41 28.39 8.97
N PRO A 21 -27.22 29.05 9.78
CA PRO A 21 -28.17 30.03 9.23
C PRO A 21 -27.44 31.20 8.59
N GLN A 22 -28.05 31.75 7.55
CA GLN A 22 -27.37 32.72 6.69
C GLN A 22 -27.49 34.15 7.22
N GLY A 23 -28.72 34.64 7.36
CA GLY A 23 -28.97 36.02 7.77
C GLY A 23 -29.86 36.74 6.77
N GLU A 24 -29.50 37.99 6.46
CA GLU A 24 -30.29 38.82 5.57
C GLU A 24 -29.65 39.07 4.21
N LYS A 25 -28.33 38.87 4.08
CA LYS A 25 -27.68 39.05 2.80
C LYS A 25 -27.89 37.84 1.90
N VAL A 26 -27.69 38.05 0.60
CA VAL A 26 -27.88 37.01 -0.41
C VAL A 26 -26.69 36.98 -1.34
N GLN A 27 -26.44 35.82 -1.94
CA GLN A 27 -25.33 35.62 -2.86
C GLN A 27 -25.87 35.43 -4.27
N ALA A 28 -25.14 35.98 -5.25
CA ALA A 28 -25.49 35.84 -6.66
C ALA A 28 -24.24 35.45 -7.44
N MET A 29 -24.35 34.40 -8.26
CA MET A 29 -23.24 33.87 -9.03
C MET A 29 -23.48 34.19 -10.51
N TYR A 30 -22.46 34.78 -11.16
CA TYR A 30 -22.55 35.17 -12.55
C TYR A 30 -21.84 34.13 -13.41
N ILE A 31 -22.37 33.89 -14.62
CA ILE A 31 -21.82 32.90 -15.55
C ILE A 31 -21.78 33.51 -16.93
N TRP A 32 -20.72 33.23 -17.69
CA TRP A 32 -20.59 33.72 -19.05
C TRP A 32 -19.67 32.81 -19.84
N ILE A 33 -19.73 32.95 -21.17
CA ILE A 33 -18.97 32.13 -22.11
C ILE A 33 -17.68 32.86 -22.47
N ASP A 34 -16.59 32.10 -22.58
CA ASP A 34 -15.25 32.68 -22.73
C ASP A 34 -14.90 32.86 -24.20
N GLY A 35 -13.63 33.17 -24.47
CA GLY A 35 -13.19 33.51 -25.82
C GLY A 35 -13.06 32.33 -26.77
N THR A 36 -12.92 31.11 -26.24
CA THR A 36 -12.82 29.94 -27.10
C THR A 36 -14.15 29.55 -27.70
N GLY A 37 -15.27 29.99 -27.10
CA GLY A 37 -16.58 29.66 -27.59
C GLY A 37 -17.21 28.42 -27.00
N GLU A 38 -16.48 27.66 -26.18
CA GLU A 38 -17.05 26.48 -25.54
C GLU A 38 -16.57 26.32 -24.10
N GLY A 39 -16.30 27.42 -23.43
CA GLY A 39 -15.87 27.38 -22.04
C GLY A 39 -16.64 28.37 -21.20
N LEU A 40 -16.88 27.99 -19.94
CA LEU A 40 -17.68 28.76 -19.01
C LEU A 40 -16.83 29.28 -17.85
N ARG A 41 -17.19 30.46 -17.36
CA ARG A 41 -16.51 31.10 -16.25
C ARG A 41 -17.57 31.62 -15.27
N CYS A 42 -17.15 31.88 -14.03
CA CYS A 42 -18.11 32.33 -13.03
C CYS A 42 -17.39 33.01 -11.87
N LYS A 43 -18.16 33.79 -11.10
CA LYS A 43 -17.70 34.44 -9.89
C LYS A 43 -18.92 34.87 -9.09
N THR A 44 -18.69 35.32 -7.85
CA THR A 44 -19.75 35.58 -6.89
C THR A 44 -19.65 36.99 -6.30
N ARG A 45 -20.80 37.54 -5.93
CA ARG A 45 -20.86 38.82 -5.23
C ARG A 45 -22.07 38.83 -4.30
N THR A 46 -22.01 39.69 -3.28
CA THR A 46 -23.03 39.77 -2.26
C THR A 46 -24.05 40.87 -2.58
N LEU A 47 -25.31 40.60 -2.27
CA LEU A 47 -26.39 41.56 -2.45
C LEU A 47 -27.05 41.86 -1.12
N ASP A 48 -27.74 43.00 -1.06
CA ASP A 48 -28.37 43.45 0.18
C ASP A 48 -29.73 42.79 0.39
N SER A 49 -30.49 42.57 -0.68
CA SER A 49 -31.82 42.00 -0.57
C SER A 49 -32.07 41.05 -1.74
N GLU A 50 -33.03 40.16 -1.54
CA GLU A 50 -33.31 39.14 -2.54
C GLU A 50 -33.98 39.77 -3.77
N PRO A 51 -33.45 39.59 -4.97
CA PRO A 51 -34.11 40.14 -6.15
C PRO A 51 -35.32 39.30 -6.55
N LYS A 52 -36.33 39.98 -7.10
CA LYS A 52 -37.55 39.32 -7.53
C LYS A 52 -37.57 39.00 -9.02
N CYS A 53 -36.80 39.71 -9.83
CA CYS A 53 -36.75 39.46 -11.26
C CYS A 53 -35.38 39.83 -11.79
N VAL A 54 -35.05 39.28 -12.96
CA VAL A 54 -33.73 39.51 -13.55
C VAL A 54 -33.48 40.98 -13.83
N GLU A 55 -34.53 41.79 -13.86
CA GLU A 55 -34.36 43.21 -14.15
C GLU A 55 -33.67 43.96 -13.04
N GLU A 56 -33.70 43.46 -11.81
CA GLU A 56 -33.21 44.21 -10.66
C GLU A 56 -31.71 44.06 -10.45
N LEU A 57 -31.06 43.08 -11.07
CA LEU A 57 -29.64 42.86 -10.82
C LEU A 57 -28.82 43.92 -11.53
N PRO A 58 -27.72 44.36 -10.93
CA PRO A 58 -26.89 45.40 -11.57
C PRO A 58 -25.89 44.80 -12.56
N GLU A 59 -25.22 45.69 -13.26
CA GLU A 59 -24.18 45.29 -14.20
C GLU A 59 -22.87 44.98 -13.46
N TRP A 60 -21.90 44.46 -14.20
CA TRP A 60 -20.61 44.13 -13.63
C TRP A 60 -19.58 44.10 -14.77
N ASN A 61 -18.38 43.64 -14.47
CA ASN A 61 -17.29 43.65 -15.44
C ASN A 61 -16.21 42.67 -15.00
N PHE A 62 -15.30 42.38 -15.93
CA PHE A 62 -14.18 41.50 -15.66
C PHE A 62 -13.04 41.83 -16.61
N ASP A 63 -11.91 41.17 -16.42
CA ASP A 63 -10.68 41.44 -17.16
C ASP A 63 -10.58 40.45 -18.33
N GLY A 64 -10.70 40.96 -19.55
CA GLY A 64 -10.63 40.12 -20.73
C GLY A 64 -9.25 39.69 -21.14
N SER A 65 -8.21 40.28 -20.55
CA SER A 65 -6.84 39.87 -20.87
C SER A 65 -6.58 38.43 -20.41
N SER A 66 -7.19 38.04 -19.29
CA SER A 66 -7.00 36.69 -18.76
C SER A 66 -7.92 35.67 -19.41
N THR A 67 -8.86 36.09 -20.24
CA THR A 67 -9.74 35.19 -20.95
C THR A 67 -9.49 35.18 -22.45
N LEU A 68 -8.36 35.75 -22.89
CA LEU A 68 -8.04 35.93 -24.31
C LEU A 68 -9.27 36.39 -25.09
N GLN A 69 -9.83 37.51 -24.63
CA GLN A 69 -10.92 38.17 -25.33
C GLN A 69 -10.66 39.64 -25.59
N SER A 70 -9.54 40.19 -25.13
CA SER A 70 -9.22 41.59 -25.32
C SER A 70 -7.71 41.77 -25.16
N GLU A 71 -7.28 43.02 -25.09
CA GLU A 71 -5.87 43.37 -24.95
C GLU A 71 -5.61 43.92 -23.55
N GLY A 72 -4.32 44.02 -23.22
CA GLY A 72 -3.94 44.47 -21.88
C GLY A 72 -4.39 45.89 -21.59
N SER A 73 -4.23 46.80 -22.55
CA SER A 73 -4.56 48.19 -22.33
C SER A 73 -6.05 48.37 -22.04
N ASN A 74 -6.89 48.04 -23.03
CA ASN A 74 -8.34 48.14 -22.88
C ASN A 74 -8.93 46.77 -22.50
N SER A 75 -8.60 46.35 -21.28
CA SER A 75 -8.96 45.00 -20.84
C SER A 75 -10.44 44.90 -20.47
N ASP A 76 -11.00 45.94 -19.88
CA ASP A 76 -12.32 45.83 -19.26
C ASP A 76 -13.38 45.42 -20.27
N MET A 77 -14.31 44.59 -19.80
CA MET A 77 -15.47 44.17 -20.57
C MET A 77 -16.66 44.11 -19.62
N TYR A 78 -17.86 44.06 -20.19
CA TYR A 78 -19.09 44.23 -19.42
C TYR A 78 -19.94 42.98 -19.45
N LEU A 79 -20.69 42.77 -18.37
CA LEU A 79 -21.62 41.66 -18.23
C LEU A 79 -23.03 42.20 -18.01
N VAL A 80 -23.99 41.73 -18.80
CA VAL A 80 -25.37 42.20 -18.70
C VAL A 80 -26.28 41.02 -18.38
N PRO A 81 -26.97 41.01 -17.24
CA PRO A 81 -27.81 39.85 -16.90
C PRO A 81 -28.88 39.58 -17.93
N ALA A 82 -29.17 38.28 -18.14
CA ALA A 82 -30.18 37.85 -19.09
C ALA A 82 -31.20 36.88 -18.51
N ALA A 83 -30.79 36.00 -17.60
CA ALA A 83 -31.70 35.01 -17.03
C ALA A 83 -31.25 34.66 -15.61
N MET A 84 -32.18 34.13 -14.83
CA MET A 84 -31.95 33.87 -13.41
C MET A 84 -32.65 32.58 -12.99
N PHE A 85 -31.98 31.82 -12.12
CA PHE A 85 -32.51 30.56 -11.60
C PHE A 85 -32.18 30.45 -10.12
N ARG A 86 -32.83 29.49 -9.46
CA ARG A 86 -32.50 29.15 -8.08
C ARG A 86 -31.19 28.37 -8.02
N ASP A 87 -30.49 28.48 -6.89
CA ASP A 87 -29.17 27.89 -6.73
C ASP A 87 -29.27 26.57 -5.98
N PRO A 88 -28.94 25.43 -6.59
CA PRO A 88 -29.06 24.16 -5.88
C PRO A 88 -27.92 23.85 -4.93
N PHE A 89 -26.76 24.50 -5.09
CA PHE A 89 -25.62 24.22 -4.23
C PHE A 89 -25.67 25.01 -2.92
N ARG A 90 -26.38 26.14 -2.90
CA ARG A 90 -26.52 26.95 -1.70
C ARG A 90 -27.96 27.11 -1.23
N LYS A 91 -28.94 26.67 -2.03
CA LYS A 91 -30.35 26.68 -1.63
C LYS A 91 -30.90 28.10 -1.57
N ASP A 92 -32.21 28.23 -1.38
CA ASP A 92 -32.84 29.53 -1.34
C ASP A 92 -32.29 30.35 -0.17
N PRO A 93 -32.25 31.68 -0.29
CA PRO A 93 -32.71 32.52 -1.42
C PRO A 93 -31.59 32.91 -2.39
N ASN A 94 -30.54 32.10 -2.52
CA ASN A 94 -29.44 32.44 -3.42
C ASN A 94 -29.81 32.12 -4.87
N LYS A 95 -29.07 32.74 -5.81
CA LYS A 95 -29.47 32.77 -7.20
C LYS A 95 -28.29 32.48 -8.12
N LEU A 96 -28.62 32.04 -9.34
CA LEU A 96 -27.67 31.90 -10.44
C LEU A 96 -28.06 32.87 -11.56
N VAL A 97 -27.06 33.47 -12.21
CA VAL A 97 -27.30 34.50 -13.23
C VAL A 97 -26.45 34.18 -14.45
N LEU A 98 -27.08 34.21 -15.63
CA LEU A 98 -26.41 34.05 -16.91
C LEU A 98 -26.38 35.39 -17.62
N CYS A 99 -25.21 35.78 -18.12
CA CYS A 99 -24.98 37.14 -18.61
C CYS A 99 -24.44 37.13 -20.03
N GLU A 100 -24.65 38.25 -20.72
CA GLU A 100 -24.09 38.49 -22.05
C GLU A 100 -22.84 39.35 -21.96
N VAL A 101 -21.95 39.20 -22.93
CA VAL A 101 -20.66 39.86 -22.94
C VAL A 101 -20.68 40.96 -23.99
N PHE A 102 -20.13 42.13 -23.63
CA PHE A 102 -20.02 43.26 -24.52
C PHE A 102 -18.63 43.88 -24.41
N LYS A 103 -18.19 44.51 -25.49
CA LYS A 103 -16.89 45.16 -25.52
C LYS A 103 -16.97 46.54 -24.88
N TYR A 104 -15.80 47.14 -24.65
CA TYR A 104 -15.76 48.44 -23.99
C TYR A 104 -16.39 49.54 -24.84
N ASN A 105 -16.61 49.29 -26.12
CA ASN A 105 -17.37 50.19 -26.98
C ASN A 105 -18.87 49.94 -26.91
N ARG A 106 -19.31 48.97 -26.11
CA ARG A 106 -20.70 48.54 -26.02
C ARG A 106 -21.14 47.77 -27.25
N ARG A 107 -20.20 47.19 -28.00
CA ARG A 107 -20.54 46.32 -29.10
C ARG A 107 -20.41 44.86 -28.66
N PRO A 108 -21.22 43.95 -29.22
CA PRO A 108 -21.12 42.55 -28.80
C PRO A 108 -19.75 41.97 -29.08
N ALA A 109 -19.35 41.03 -28.22
CA ALA A 109 -18.09 40.32 -28.42
C ALA A 109 -18.24 39.28 -29.52
N GLU A 110 -17.10 38.73 -29.95
CA GLU A 110 -17.11 37.78 -31.07
C GLU A 110 -17.94 36.54 -30.74
N THR A 111 -17.78 35.99 -29.54
CA THR A 111 -18.46 34.77 -29.15
C THR A 111 -19.83 35.02 -28.54
N ASN A 112 -20.42 36.18 -28.80
CA ASN A 112 -21.77 36.52 -28.33
C ASN A 112 -22.72 36.37 -29.50
N LEU A 113 -23.49 35.28 -29.52
CA LEU A 113 -24.47 35.02 -30.56
C LEU A 113 -25.91 35.20 -30.10
N ARG A 114 -26.13 35.26 -28.78
CA ARG A 114 -27.47 35.51 -28.28
C ARG A 114 -28.02 36.84 -28.80
N HIS A 115 -27.14 37.82 -29.03
CA HIS A 115 -27.58 39.13 -29.48
C HIS A 115 -28.37 39.01 -30.79
N THR A 116 -27.81 38.34 -31.79
CA THR A 116 -28.50 38.17 -33.06
C THR A 116 -29.62 37.15 -32.95
N CYS A 117 -29.41 36.09 -32.16
CA CYS A 117 -30.42 35.06 -32.04
C CYS A 117 -31.72 35.63 -31.49
N LYS A 118 -31.64 36.56 -30.55
CA LYS A 118 -32.85 37.11 -29.95
C LYS A 118 -33.67 37.87 -30.99
N ARG A 119 -33.01 38.69 -31.82
CA ARG A 119 -33.75 39.41 -32.85
C ARG A 119 -34.37 38.45 -33.86
N ILE A 120 -33.61 37.43 -34.27
CA ILE A 120 -34.16 36.46 -35.23
C ILE A 120 -35.40 35.80 -34.64
N MET A 121 -35.32 35.41 -33.37
CA MET A 121 -36.47 34.77 -32.72
C MET A 121 -37.65 35.73 -32.64
N ASP A 122 -37.39 36.99 -32.28
CA ASP A 122 -38.47 37.95 -32.15
C ASP A 122 -39.19 38.17 -33.48
N MET A 123 -38.46 38.13 -34.59
CA MET A 123 -39.08 38.40 -35.88
C MET A 123 -40.08 37.32 -36.31
N VAL A 124 -40.11 36.16 -35.65
CA VAL A 124 -40.99 35.07 -36.06
C VAL A 124 -41.85 34.63 -34.88
N SER A 125 -42.17 35.56 -33.98
CA SER A 125 -42.86 35.20 -32.74
C SER A 125 -44.23 34.58 -32.98
N ASN A 126 -44.82 34.78 -34.16
CA ASN A 126 -46.19 34.31 -34.38
C ASN A 126 -46.29 32.81 -34.57
N GLN A 127 -45.20 32.14 -34.94
CA GLN A 127 -45.25 30.71 -35.23
C GLN A 127 -45.11 29.84 -33.99
N HIS A 128 -44.56 30.37 -32.91
CA HIS A 128 -44.38 29.62 -31.66
C HIS A 128 -43.51 28.38 -31.90
N PRO A 129 -42.28 28.53 -32.36
CA PRO A 129 -41.42 27.36 -32.53
C PRO A 129 -41.06 26.72 -31.19
N TRP A 130 -40.91 25.40 -31.20
CA TRP A 130 -40.51 24.63 -30.03
C TRP A 130 -39.26 23.84 -30.36
N PHE A 131 -38.33 23.76 -29.41
CA PHE A 131 -37.07 23.04 -29.58
C PHE A 131 -36.86 22.04 -28.45
N GLY A 132 -36.17 20.95 -28.78
CA GLY A 132 -35.77 19.96 -27.81
C GLY A 132 -34.47 19.29 -28.21
N MET A 133 -33.50 19.21 -27.30
CA MET A 133 -32.16 18.76 -27.64
C MET A 133 -31.74 17.63 -26.72
N GLU A 134 -30.90 16.74 -27.26
CA GLU A 134 -30.42 15.54 -26.57
C GLU A 134 -28.91 15.66 -26.42
N GLN A 135 -28.46 15.92 -25.19
CA GLN A 135 -27.04 16.09 -24.92
C GLN A 135 -26.43 14.76 -24.48
N GLU A 136 -25.30 14.39 -25.10
CA GLU A 136 -24.56 13.19 -24.76
C GLU A 136 -23.16 13.58 -24.30
N TYR A 137 -22.61 12.83 -23.34
CA TYR A 137 -21.32 13.16 -22.76
C TYR A 137 -20.68 11.90 -22.20
N THR A 138 -19.41 12.04 -21.80
CA THR A 138 -18.63 10.94 -21.26
C THR A 138 -17.90 11.41 -20.01
N LEU A 139 -17.79 10.51 -19.02
CA LEU A 139 -17.12 10.80 -17.77
C LEU A 139 -15.69 10.27 -17.83
N MET A 140 -14.74 11.09 -17.37
CA MET A 140 -13.32 10.77 -17.46
C MET A 140 -12.65 10.98 -16.11
N GLY A 141 -11.67 10.15 -15.81
CA GLY A 141 -10.82 10.37 -14.67
C GLY A 141 -9.74 11.40 -14.97
N THR A 142 -9.04 11.82 -13.93
CA THR A 142 -8.00 12.83 -14.09
C THR A 142 -6.75 12.29 -14.78
N ASP A 143 -6.65 10.97 -14.98
CA ASP A 143 -5.52 10.37 -15.67
C ASP A 143 -5.73 10.29 -17.18
N GLY A 144 -6.90 10.67 -17.68
CA GLY A 144 -7.16 10.71 -19.10
C GLY A 144 -7.90 9.52 -19.68
N HIS A 145 -8.31 8.57 -18.85
CA HIS A 145 -9.06 7.41 -19.31
C HIS A 145 -10.51 7.50 -18.84
N PRO A 146 -11.44 6.87 -19.55
CA PRO A 146 -12.85 6.92 -19.14
C PRO A 146 -13.02 6.36 -17.74
N PHE A 147 -13.94 6.96 -16.99
CA PHE A 147 -14.11 6.60 -15.59
C PHE A 147 -14.64 5.17 -15.46
N GLY A 148 -14.01 4.39 -14.59
CA GLY A 148 -14.42 3.02 -14.34
C GLY A 148 -13.84 2.00 -15.30
N TRP A 149 -13.10 2.43 -16.32
CA TRP A 149 -12.51 1.48 -17.25
C TRP A 149 -11.31 0.79 -16.62
N PRO A 150 -11.01 -0.44 -17.02
CA PRO A 150 -9.81 -1.11 -16.51
C PRO A 150 -8.57 -0.30 -16.84
N SER A 151 -7.63 -0.26 -15.90
CA SER A 151 -6.40 0.49 -16.11
C SER A 151 -5.67 -0.03 -17.33
N ASN A 152 -5.59 0.80 -18.37
CA ASN A 152 -4.89 0.43 -19.60
C ASN A 152 -5.52 -0.80 -20.25
N GLY A 153 -6.84 -0.82 -20.32
CA GLY A 153 -7.55 -1.93 -20.92
C GLY A 153 -8.93 -1.50 -21.37
N PHE A 154 -9.70 -2.49 -21.81
CA PHE A 154 -11.05 -2.27 -22.30
C PHE A 154 -12.02 -3.18 -21.58
N PRO A 155 -13.29 -2.78 -21.48
CA PRO A 155 -14.35 -3.72 -21.07
C PRO A 155 -14.75 -4.59 -22.25
N GLY A 156 -15.71 -5.46 -22.02
CA GLY A 156 -16.19 -6.36 -23.04
C GLY A 156 -16.71 -5.63 -24.26
N PRO A 157 -17.06 -6.38 -25.31
CA PRO A 157 -17.61 -5.76 -26.51
C PRO A 157 -18.98 -5.15 -26.27
N GLN A 158 -19.34 -4.22 -27.13
CA GLN A 158 -20.60 -3.49 -26.98
C GLN A 158 -21.80 -4.42 -27.13
N GLY A 159 -22.92 -4.00 -26.56
CA GLY A 159 -24.16 -4.73 -26.67
C GLY A 159 -24.97 -4.82 -25.39
N PRO A 160 -24.30 -5.00 -24.24
CA PRO A 160 -25.04 -5.09 -22.98
C PRO A 160 -25.16 -3.78 -22.20
N TYR A 161 -24.50 -2.70 -22.63
CA TYR A 161 -24.42 -1.50 -21.81
C TYR A 161 -25.59 -0.55 -22.06
N TYR A 162 -26.15 -0.57 -23.26
CA TYR A 162 -27.25 0.33 -23.60
C TYR A 162 -28.40 0.20 -22.61
N CYS A 163 -28.71 1.28 -21.89
CA CYS A 163 -29.79 1.28 -20.89
C CYS A 163 -29.58 0.17 -19.87
N GLY A 164 -28.34 -0.06 -19.46
CA GLY A 164 -28.01 -1.16 -18.60
C GLY A 164 -28.29 -0.90 -17.13
N VAL A 165 -28.22 -1.97 -16.34
CA VAL A 165 -28.41 -1.90 -14.90
C VAL A 165 -27.56 -2.98 -14.26
N GLY A 166 -26.80 -2.61 -13.23
CA GLY A 166 -25.92 -3.54 -12.55
C GLY A 166 -24.52 -2.99 -12.38
N ALA A 167 -23.77 -3.55 -11.42
CA ALA A 167 -22.46 -3.01 -11.10
C ALA A 167 -21.50 -3.12 -12.30
N ASP A 168 -21.70 -4.12 -13.16
CA ASP A 168 -20.82 -4.37 -14.28
C ASP A 168 -21.39 -3.85 -15.60
N ARG A 169 -22.43 -3.03 -15.56
CA ARG A 169 -23.06 -2.53 -16.77
C ARG A 169 -23.16 -1.01 -16.81
N ALA A 170 -23.30 -0.35 -15.66
CA ALA A 170 -23.45 1.10 -15.60
C ALA A 170 -22.39 1.67 -14.68
N TYR A 171 -21.69 2.70 -15.15
CA TYR A 171 -20.61 3.33 -14.40
C TYR A 171 -21.02 4.76 -14.05
N GLY A 172 -21.18 5.03 -12.75
CA GLY A 172 -21.38 6.38 -12.28
C GLY A 172 -22.80 6.90 -12.34
N ARG A 173 -23.75 6.16 -11.76
CA ARG A 173 -25.15 6.61 -11.76
C ARG A 173 -25.42 7.67 -10.69
N ASP A 174 -24.56 7.78 -9.68
CA ASP A 174 -24.75 8.79 -8.64
C ASP A 174 -24.69 10.19 -9.25
N ILE A 175 -23.74 10.43 -10.14
CA ILE A 175 -23.64 11.72 -10.81
C ILE A 175 -24.94 12.03 -11.54
N VAL A 176 -25.48 11.04 -12.25
CA VAL A 176 -26.69 11.26 -13.04
C VAL A 176 -27.85 11.62 -12.12
N GLU A 177 -28.02 10.87 -11.04
CA GLU A 177 -29.12 11.13 -10.11
C GLU A 177 -29.01 12.53 -9.52
N ALA A 178 -27.81 12.88 -9.04
CA ALA A 178 -27.63 14.19 -8.42
C ALA A 178 -27.90 15.32 -9.41
N HIS A 179 -27.40 15.18 -10.64
CA HIS A 179 -27.63 16.21 -11.65
C HIS A 179 -29.11 16.37 -11.96
N TYR A 180 -29.82 15.23 -12.11
CA TYR A 180 -31.26 15.29 -12.37
C TYR A 180 -31.98 16.05 -11.27
N ARG A 181 -31.73 15.68 -10.02
CA ARG A 181 -32.44 16.32 -8.92
C ARG A 181 -32.09 17.79 -8.80
N ALA A 182 -30.82 18.14 -9.00
CA ALA A 182 -30.41 19.53 -8.93
C ALA A 182 -31.08 20.35 -10.02
N CYS A 183 -31.18 19.82 -11.24
CA CYS A 183 -31.86 20.54 -12.30
C CYS A 183 -33.34 20.73 -11.96
N LEU A 184 -33.98 19.70 -11.42
CA LEU A 184 -35.40 19.83 -11.06
C LEU A 184 -35.59 20.92 -10.01
N TYR A 185 -34.70 20.96 -9.01
CA TYR A 185 -34.80 22.02 -8.01
C TYR A 185 -34.55 23.41 -8.61
N ALA A 186 -33.55 23.52 -9.50
CA ALA A 186 -33.21 24.81 -10.05
C ALA A 186 -34.34 25.38 -10.90
N GLY A 187 -34.99 24.53 -11.69
CA GLY A 187 -36.09 24.99 -12.52
C GLY A 187 -35.85 24.78 -14.00
N VAL A 188 -34.74 24.13 -14.34
CA VAL A 188 -34.47 23.78 -15.73
C VAL A 188 -35.48 22.72 -16.16
N LYS A 189 -35.88 22.79 -17.43
CA LYS A 189 -36.84 21.84 -18.00
C LYS A 189 -36.10 20.61 -18.50
N ILE A 190 -35.74 19.73 -17.57
CA ILE A 190 -35.13 18.45 -17.90
C ILE A 190 -36.22 17.41 -18.10
N ALA A 191 -36.08 16.60 -19.15
CA ALA A 191 -37.15 15.70 -19.59
C ALA A 191 -36.86 14.22 -19.40
N GLY A 192 -35.60 13.82 -19.25
CA GLY A 192 -35.30 12.42 -19.05
C GLY A 192 -33.82 12.14 -19.25
N THR A 193 -33.46 10.89 -18.98
CA THR A 193 -32.07 10.44 -19.09
C THR A 193 -32.05 8.96 -19.41
N ASN A 194 -30.90 8.49 -19.91
CA ASN A 194 -30.69 7.07 -20.17
C ASN A 194 -29.21 6.81 -20.38
N ALA A 195 -28.82 5.54 -20.20
CA ALA A 195 -27.43 5.14 -20.42
C ALA A 195 -27.22 4.79 -21.89
N GLU A 196 -25.98 5.02 -22.36
CA GLU A 196 -25.67 4.91 -23.78
C GLU A 196 -24.86 3.66 -24.08
N VAL A 197 -24.55 3.49 -25.37
CA VAL A 197 -23.98 2.23 -25.85
C VAL A 197 -22.61 1.98 -25.25
N MET A 198 -21.78 3.02 -25.16
CA MET A 198 -20.45 2.83 -24.59
C MET A 198 -20.51 2.98 -23.07
N PRO A 199 -19.83 2.12 -22.30
CA PRO A 199 -19.84 2.28 -20.85
C PRO A 199 -19.23 3.62 -20.44
N ALA A 200 -19.84 4.24 -19.42
CA ALA A 200 -19.49 5.55 -18.88
C ALA A 200 -20.02 6.69 -19.75
N GLN A 201 -20.86 6.41 -20.73
CA GLN A 201 -21.48 7.43 -21.57
C GLN A 201 -22.95 7.53 -21.22
N TRP A 202 -23.47 8.76 -21.15
CA TRP A 202 -24.84 9.01 -20.73
C TRP A 202 -25.45 10.09 -21.61
N GLU A 203 -26.74 10.34 -21.38
CA GLU A 203 -27.52 11.29 -22.16
C GLU A 203 -28.63 11.88 -21.29
N PHE A 204 -28.92 13.16 -21.48
CA PHE A 204 -30.08 13.79 -20.88
C PHE A 204 -30.73 14.73 -21.90
N GLN A 205 -32.05 14.89 -21.79
CA GLN A 205 -32.85 15.63 -22.76
C GLN A 205 -33.43 16.89 -22.12
N ILE A 206 -33.37 18.00 -22.84
CA ILE A 206 -33.91 19.27 -22.39
C ILE A 206 -34.98 19.71 -23.38
N GLY A 207 -36.16 20.05 -22.86
CA GLY A 207 -37.22 20.60 -23.67
C GLY A 207 -38.58 20.02 -23.35
N PRO A 208 -39.60 20.42 -24.13
CA PRO A 208 -39.57 21.40 -25.22
C PRO A 208 -39.57 22.85 -24.70
N CYS A 209 -38.78 23.73 -25.31
CA CYS A 209 -38.67 25.11 -24.88
C CYS A 209 -39.10 26.05 -25.98
N GLU A 210 -39.50 27.26 -25.60
CA GLU A 210 -40.08 28.24 -26.51
C GLU A 210 -39.04 29.28 -26.90
N GLY A 211 -38.73 29.36 -28.18
CA GLY A 211 -37.93 30.45 -28.69
C GLY A 211 -36.53 30.48 -28.10
N ILE A 212 -36.18 31.60 -27.46
CA ILE A 212 -34.80 31.85 -27.07
C ILE A 212 -34.40 31.15 -25.78
N SER A 213 -35.35 30.68 -24.98
CA SER A 213 -35.03 30.10 -23.68
C SER A 213 -34.30 28.76 -23.80
N MET A 214 -34.34 28.12 -24.97
CA MET A 214 -33.72 26.81 -25.13
C MET A 214 -32.21 26.88 -24.86
N GLY A 215 -31.54 27.85 -25.46
CA GLY A 215 -30.11 27.98 -25.26
C GLY A 215 -29.74 28.28 -23.82
N ASP A 216 -30.51 29.16 -23.18
CA ASP A 216 -30.23 29.48 -21.78
C ASP A 216 -30.36 28.25 -20.90
N HIS A 217 -31.44 27.48 -21.10
CA HIS A 217 -31.62 26.27 -20.30
C HIS A 217 -30.48 25.29 -20.53
N LEU A 218 -30.07 25.10 -21.78
CA LEU A 218 -29.01 24.13 -22.06
C LEU A 218 -27.69 24.57 -21.43
N TRP A 219 -27.36 25.87 -21.52
CA TRP A 219 -26.11 26.34 -20.95
C TRP A 219 -26.11 26.17 -19.42
N VAL A 220 -27.23 26.48 -18.77
CA VAL A 220 -27.28 26.33 -17.32
C VAL A 220 -27.18 24.85 -16.94
N ALA A 221 -27.79 23.97 -17.73
CA ALA A 221 -27.68 22.54 -17.46
C ALA A 221 -26.23 22.06 -17.56
N ARG A 222 -25.52 22.54 -18.58
CA ARG A 222 -24.10 22.21 -18.70
C ARG A 222 -23.32 22.67 -17.48
N PHE A 223 -23.60 23.90 -17.02
CA PHE A 223 -22.91 24.42 -15.85
C PHE A 223 -23.16 23.56 -14.62
N ILE A 224 -24.42 23.16 -14.41
CA ILE A 224 -24.75 22.35 -13.23
C ILE A 224 -24.03 21.01 -13.30
N LEU A 225 -24.00 20.40 -14.49
CA LEU A 225 -23.27 19.14 -14.64
C LEU A 225 -21.80 19.32 -14.28
N HIS A 226 -21.20 20.41 -14.74
CA HIS A 226 -19.79 20.65 -14.41
C HIS A 226 -19.58 20.76 -12.91
N ARG A 227 -20.44 21.51 -12.22
CA ARG A 227 -20.25 21.69 -10.78
C ARG A 227 -20.43 20.38 -10.03
N VAL A 228 -21.45 19.59 -10.40
CA VAL A 228 -21.68 18.31 -9.72
C VAL A 228 -20.47 17.39 -9.92
N CYS A 229 -19.99 17.30 -11.16
CA CYS A 229 -18.83 16.44 -11.42
C CYS A 229 -17.62 16.91 -10.62
N GLU A 230 -17.43 18.24 -10.52
CA GLU A 230 -16.35 18.74 -9.69
C GLU A 230 -16.50 18.28 -8.25
N ASP A 231 -17.73 18.31 -7.73
CA ASP A 231 -17.96 17.83 -6.36
C ASP A 231 -17.55 16.37 -6.22
N PHE A 232 -17.94 15.53 -7.18
CA PHE A 232 -17.59 14.11 -7.09
C PHE A 232 -16.14 13.81 -7.44
N GLY A 233 -15.46 14.71 -8.14
CA GLY A 233 -14.05 14.55 -8.44
C GLY A 233 -13.72 13.95 -9.79
N VAL A 234 -14.64 14.01 -10.75
CA VAL A 234 -14.39 13.48 -12.09
C VAL A 234 -14.56 14.62 -13.10
N ILE A 235 -14.32 14.32 -14.38
CA ILE A 235 -14.38 15.31 -15.45
C ILE A 235 -15.44 14.88 -16.45
N ALA A 236 -16.18 15.86 -16.97
CA ALA A 236 -17.14 15.64 -18.04
C ALA A 236 -16.63 16.30 -19.31
N THR A 237 -16.62 15.54 -20.40
CA THR A 237 -16.11 16.01 -21.68
C THR A 237 -17.17 15.86 -22.76
N PHE A 238 -17.29 16.87 -23.61
CA PHE A 238 -18.24 16.89 -24.70
C PHE A 238 -17.58 16.60 -26.05
N ASP A 239 -16.37 16.08 -26.06
CA ASP A 239 -15.66 15.85 -27.31
C ASP A 239 -16.45 14.85 -28.16
N PRO A 240 -16.59 15.10 -29.47
CA PRO A 240 -17.38 14.18 -30.30
C PRO A 240 -16.82 12.76 -30.38
N LYS A 241 -15.51 12.60 -30.32
CA LYS A 241 -14.89 11.27 -30.44
C LYS A 241 -13.75 11.16 -29.45
N PRO A 242 -14.03 10.71 -28.22
CA PRO A 242 -12.96 10.63 -27.22
C PRO A 242 -12.13 9.36 -27.29
N ILE A 243 -12.70 8.28 -27.83
CA ILE A 243 -11.99 7.00 -27.91
C ILE A 243 -11.98 6.52 -29.36
N PRO A 244 -10.83 6.51 -30.03
CA PRO A 244 -10.80 6.01 -31.40
C PRO A 244 -11.02 4.51 -31.47
N GLY A 245 -11.60 4.05 -32.58
CA GLY A 245 -11.83 2.64 -32.82
C GLY A 245 -13.30 2.34 -32.98
N ASN A 246 -13.67 1.10 -32.64
CA ASN A 246 -15.04 0.63 -32.78
C ASN A 246 -15.85 0.95 -31.52
N TRP A 247 -15.95 2.25 -31.25
CA TRP A 247 -16.71 2.75 -30.09
C TRP A 247 -17.55 3.93 -30.53
N ASN A 248 -18.71 4.07 -29.91
CA ASN A 248 -19.69 5.07 -30.32
C ASN A 248 -19.20 6.48 -30.05
N GLY A 249 -19.69 7.43 -30.86
CA GLY A 249 -19.41 8.83 -30.67
C GLY A 249 -20.52 9.54 -29.90
N ALA A 250 -20.42 10.86 -29.86
CA ALA A 250 -21.34 11.70 -29.11
C ALA A 250 -21.95 12.75 -30.04
N GLY A 251 -23.28 12.90 -29.98
CA GLY A 251 -24.00 13.87 -30.77
C GLY A 251 -24.87 14.77 -29.90
N CYS A 252 -25.54 15.70 -30.56
CA CYS A 252 -26.44 16.66 -29.93
C CYS A 252 -27.72 16.82 -30.74
N HIS A 253 -28.38 15.70 -31.05
CA HIS A 253 -29.57 15.71 -31.89
C HIS A 253 -30.56 16.77 -31.45
N THR A 254 -31.31 17.35 -32.40
CA THR A 254 -32.23 18.44 -32.13
C THR A 254 -33.59 18.12 -32.73
N ASN A 255 -34.65 18.44 -31.99
CA ASN A 255 -36.03 18.23 -32.43
C ASN A 255 -36.68 19.60 -32.61
N PHE A 256 -37.52 19.72 -33.64
CA PHE A 256 -38.07 21.01 -34.03
C PHE A 256 -39.49 20.87 -34.53
N SER A 257 -40.34 21.83 -34.18
CA SER A 257 -41.71 21.88 -34.68
C SER A 257 -42.27 23.28 -34.49
N THR A 258 -43.26 23.62 -35.31
CA THR A 258 -44.01 24.86 -35.19
C THR A 258 -45.48 24.57 -34.99
N LYS A 259 -46.26 25.63 -34.84
CA LYS A 259 -47.69 25.46 -34.59
C LYS A 259 -48.37 24.75 -35.75
N ALA A 260 -48.02 25.13 -36.98
CA ALA A 260 -48.61 24.48 -38.15
C ALA A 260 -48.31 22.98 -38.14
N MET A 261 -47.07 22.61 -37.85
CA MET A 261 -46.72 21.20 -37.81
C MET A 261 -47.49 20.48 -36.70
N ARG A 262 -47.61 21.12 -35.54
CA ARG A 262 -48.31 20.49 -34.43
C ARG A 262 -49.81 20.40 -34.69
N GLU A 263 -50.34 21.18 -35.63
CA GLU A 263 -51.75 21.11 -35.96
C GLU A 263 -52.03 19.86 -36.79
N GLU A 264 -53.28 19.73 -37.25
CA GLU A 264 -53.70 18.55 -37.99
C GLU A 264 -53.07 18.55 -39.38
N ASN A 265 -52.64 17.36 -39.82
CA ASN A 265 -52.04 17.18 -41.15
C ASN A 265 -50.82 18.09 -41.33
N GLY A 266 -50.02 18.21 -40.27
CA GLY A 266 -48.79 18.97 -40.35
C GLY A 266 -47.66 18.27 -41.08
N LEU A 267 -47.86 17.00 -41.44
CA LEU A 267 -46.83 16.27 -42.17
C LEU A 267 -46.49 16.99 -43.48
N LYS A 268 -47.47 17.67 -44.06
CA LYS A 268 -47.22 18.48 -45.26
C LYS A 268 -46.13 19.50 -45.01
N TYR A 269 -46.30 20.30 -43.94
CA TYR A 269 -45.31 21.33 -43.63
C TYR A 269 -43.99 20.70 -43.22
N ILE A 270 -44.03 19.56 -42.53
CA ILE A 270 -42.80 18.87 -42.16
C ILE A 270 -42.00 18.51 -43.41
N GLU A 271 -42.67 17.92 -44.39
CA GLU A 271 -41.99 17.55 -45.63
C GLU A 271 -41.50 18.78 -46.38
N GLU A 272 -42.29 19.85 -46.40
CA GLU A 272 -41.85 21.08 -47.05
C GLU A 272 -40.57 21.59 -46.40
N ALA A 273 -40.51 21.59 -45.07
CA ALA A 273 -39.31 22.05 -44.38
C ALA A 273 -38.12 21.15 -44.67
N ILE A 274 -38.35 19.84 -44.74
CA ILE A 274 -37.25 18.91 -45.04
C ILE A 274 -36.69 19.20 -46.43
N GLU A 275 -37.58 19.39 -47.41
CA GLU A 275 -37.13 19.74 -48.75
C GLU A 275 -36.36 21.05 -48.76
N LYS A 276 -36.84 22.05 -48.01
CA LYS A 276 -36.10 23.30 -47.91
C LYS A 276 -34.70 23.07 -47.35
N LEU A 277 -34.60 22.26 -46.30
CA LEU A 277 -33.31 22.03 -45.65
C LEU A 277 -32.38 21.22 -46.55
N SER A 278 -32.93 20.46 -47.50
CA SER A 278 -32.10 19.62 -48.36
C SER A 278 -31.10 20.43 -49.18
N LYS A 279 -31.29 21.74 -49.31
CA LYS A 279 -30.47 22.53 -50.22
C LYS A 279 -29.16 22.99 -49.58
N ARG A 280 -29.17 23.29 -48.28
CA ARG A 280 -28.03 23.98 -47.66
C ARG A 280 -27.32 23.09 -46.66
N HIS A 281 -27.08 21.84 -47.05
CA HIS A 281 -26.40 20.89 -46.17
C HIS A 281 -25.02 21.39 -45.78
N GLN A 282 -24.26 21.92 -46.73
CA GLN A 282 -22.91 22.40 -46.42
C GLN A 282 -22.96 23.58 -45.46
N TYR A 283 -23.87 24.52 -45.68
CA TYR A 283 -23.97 25.67 -44.79
C TYR A 283 -24.31 25.23 -43.37
N HIS A 284 -25.28 24.32 -43.23
CA HIS A 284 -25.65 23.85 -41.91
C HIS A 284 -24.49 23.10 -41.25
N ILE A 285 -23.77 22.28 -42.02
CA ILE A 285 -22.63 21.55 -41.46
C ILE A 285 -21.58 22.52 -40.96
N ARG A 286 -21.33 23.59 -41.72
CA ARG A 286 -20.37 24.60 -41.26
C ARG A 286 -20.86 25.30 -40.00
N ALA A 287 -22.16 25.54 -39.89
CA ALA A 287 -22.70 26.24 -38.72
C ALA A 287 -22.77 25.35 -37.48
N TYR A 288 -22.73 24.02 -37.64
CA TYR A 288 -22.90 23.10 -36.54
C TYR A 288 -21.58 22.71 -35.88
N ASP A 289 -20.56 23.57 -35.92
CA ASP A 289 -19.28 23.22 -35.31
C ASP A 289 -18.58 24.46 -34.79
N PRO A 290 -18.04 24.44 -33.56
CA PRO A 290 -17.27 25.60 -33.09
C PRO A 290 -16.04 25.88 -33.94
N LYS A 291 -15.39 24.85 -34.47
CA LYS A 291 -14.19 25.02 -35.29
C LYS A 291 -14.51 25.11 -36.78
N GLY A 292 -15.77 25.01 -37.18
CA GLY A 292 -16.16 25.09 -38.57
C GLY A 292 -16.48 23.76 -39.22
N GLY A 293 -16.14 22.64 -38.59
CA GLY A 293 -16.47 21.34 -39.13
C GLY A 293 -15.39 20.29 -38.94
N LEU A 294 -14.23 20.71 -38.44
CA LEU A 294 -13.13 19.76 -38.24
C LEU A 294 -13.50 18.67 -37.25
N ASP A 295 -14.14 19.06 -36.14
CA ASP A 295 -14.46 18.08 -35.10
C ASP A 295 -15.50 17.08 -35.57
N ASN A 296 -16.58 17.56 -36.18
CA ASN A 296 -17.66 16.66 -36.59
C ASN A 296 -17.19 15.67 -37.65
N ALA A 297 -16.16 16.03 -38.41
CA ALA A 297 -15.64 15.12 -39.42
C ALA A 297 -15.10 13.84 -38.79
N ARG A 298 -14.63 13.92 -37.55
CA ARG A 298 -14.09 12.74 -36.87
C ARG A 298 -15.18 11.77 -36.44
N ARG A 299 -16.43 12.23 -36.33
CA ARG A 299 -17.54 11.39 -35.88
C ARG A 299 -18.36 10.85 -37.04
N LEU A 300 -18.82 11.73 -37.92
CA LEU A 300 -19.68 11.33 -39.04
C LEU A 300 -18.85 10.58 -40.06
N THR A 301 -18.99 9.25 -40.07
CA THR A 301 -18.27 8.41 -41.02
C THR A 301 -19.13 7.32 -41.64
N GLY A 302 -20.43 7.26 -41.33
CA GLY A 302 -21.32 6.27 -41.89
C GLY A 302 -21.51 5.03 -41.05
N PHE A 303 -20.67 4.80 -40.05
CA PHE A 303 -20.76 3.63 -39.19
C PHE A 303 -21.37 4.00 -37.84
N HIS A 304 -21.70 2.97 -37.07
CA HIS A 304 -22.23 3.14 -35.72
C HIS A 304 -23.48 4.02 -35.73
N GLU A 305 -24.38 3.72 -36.66
CA GLU A 305 -25.66 4.43 -36.77
C GLU A 305 -25.47 5.93 -36.98
N THR A 306 -24.46 6.31 -37.76
CA THR A 306 -24.20 7.69 -38.11
C THR A 306 -24.25 7.87 -39.63
N SER A 307 -24.62 9.06 -40.06
CA SER A 307 -24.69 9.39 -41.47
C SER A 307 -23.35 9.95 -41.94
N ASN A 308 -23.13 9.87 -43.26
CA ASN A 308 -21.89 10.36 -43.85
C ASN A 308 -21.85 11.89 -43.85
N ILE A 309 -20.64 12.42 -43.71
CA ILE A 309 -20.47 13.87 -43.63
C ILE A 309 -20.82 14.54 -44.94
N ASN A 310 -20.57 13.86 -46.07
CA ASN A 310 -20.69 14.47 -47.39
C ASN A 310 -21.98 14.13 -48.11
N ASP A 311 -23.00 13.66 -47.37
CA ASP A 311 -24.24 13.24 -47.99
C ASP A 311 -25.42 13.72 -47.16
N PHE A 312 -26.60 13.71 -47.79
CA PHE A 312 -27.84 14.10 -47.15
C PHE A 312 -28.87 13.01 -47.37
N SER A 313 -29.68 12.73 -46.36
CA SER A 313 -30.65 11.66 -46.42
C SER A 313 -31.83 11.97 -45.52
N ALA A 314 -32.92 11.25 -45.74
CA ALA A 314 -34.13 11.40 -44.92
C ALA A 314 -34.92 10.11 -44.99
N GLY A 315 -35.82 9.94 -44.03
CA GLY A 315 -36.65 8.74 -43.99
C GLY A 315 -37.49 8.71 -42.75
N VAL A 316 -38.23 7.61 -42.62
CA VAL A 316 -39.12 7.37 -41.48
C VAL A 316 -38.55 6.19 -40.70
N ALA A 317 -38.37 6.39 -39.40
CA ALA A 317 -37.88 5.35 -38.49
C ALA A 317 -36.49 4.85 -38.89
N ASN A 318 -35.75 5.63 -39.66
CA ASN A 318 -34.39 5.27 -40.07
C ASN A 318 -33.41 6.09 -39.24
N ARG A 319 -32.64 5.40 -38.40
CA ARG A 319 -31.67 6.06 -37.53
C ARG A 319 -30.30 6.20 -38.17
N SER A 320 -30.12 5.74 -39.40
CA SER A 320 -28.88 5.90 -40.14
C SER A 320 -28.91 7.08 -41.10
N ALA A 321 -29.98 7.87 -41.10
CA ALA A 321 -30.14 8.97 -42.03
C ALA A 321 -29.77 10.30 -41.36
N SER A 322 -29.73 11.35 -42.17
CA SER A 322 -29.48 12.69 -41.64
C SER A 322 -30.71 13.25 -40.93
N ILE A 323 -31.89 12.96 -41.46
CA ILE A 323 -33.16 13.42 -40.90
C ILE A 323 -34.04 12.21 -40.66
N ARG A 324 -34.69 12.16 -39.51
CA ARG A 324 -35.57 11.07 -39.14
C ARG A 324 -36.93 11.61 -38.74
N ILE A 325 -37.98 10.90 -39.14
CA ILE A 325 -39.36 11.21 -38.74
C ILE A 325 -39.84 10.05 -37.87
N PRO A 326 -40.25 10.29 -36.63
CA PRO A 326 -40.71 9.19 -35.78
C PRO A 326 -41.89 8.45 -36.41
N ARG A 327 -41.94 7.14 -36.18
CA ARG A 327 -43.01 6.34 -36.76
C ARG A 327 -44.38 6.76 -36.24
N THR A 328 -44.46 7.10 -34.95
CA THR A 328 -45.72 7.58 -34.39
C THR A 328 -46.15 8.88 -35.06
N VAL A 329 -45.20 9.79 -35.29
CA VAL A 329 -45.51 11.03 -35.99
C VAL A 329 -46.01 10.75 -37.39
N GLY A 330 -45.35 9.83 -38.09
CA GLY A 330 -45.80 9.48 -39.44
C GLY A 330 -47.20 8.91 -39.46
N GLN A 331 -47.50 8.03 -38.51
CA GLN A 331 -48.81 7.39 -38.49
C GLN A 331 -49.91 8.36 -38.09
N GLU A 332 -49.60 9.32 -37.22
CA GLU A 332 -50.59 10.27 -36.77
C GLU A 332 -50.80 11.39 -37.79
N LYS A 333 -49.75 11.74 -38.55
CA LYS A 333 -49.76 12.81 -39.55
C LYS A 333 -49.74 14.19 -38.90
N LYS A 334 -48.90 14.34 -37.87
CA LYS A 334 -48.56 15.61 -37.26
C LYS A 334 -47.53 15.35 -36.16
N GLY A 335 -46.83 16.40 -35.75
CA GLY A 335 -45.83 16.27 -34.71
C GLY A 335 -44.57 17.06 -34.95
N TYR A 336 -43.43 16.38 -34.96
CA TYR A 336 -42.14 17.03 -35.07
C TYR A 336 -41.20 16.14 -35.88
N PHE A 337 -39.98 16.62 -36.09
CA PHE A 337 -38.95 15.84 -36.77
C PHE A 337 -37.60 16.13 -36.14
N GLU A 338 -36.66 15.22 -36.37
CA GLU A 338 -35.36 15.21 -35.69
C GLU A 338 -34.24 15.41 -36.69
N ASP A 339 -33.25 16.22 -36.32
CA ASP A 339 -32.03 16.41 -37.09
C ASP A 339 -30.86 15.84 -36.30
N ARG A 340 -30.12 14.91 -36.90
CA ARG A 340 -29.11 14.13 -36.19
C ARG A 340 -27.69 14.54 -36.53
N ARG A 341 -27.50 15.69 -37.18
CA ARG A 341 -26.18 16.13 -37.62
C ARG A 341 -25.35 16.80 -36.53
N PRO A 342 -25.92 17.69 -35.72
CA PRO A 342 -25.10 18.52 -34.84
C PRO A 342 -24.22 17.70 -33.90
N SER A 343 -23.02 18.22 -33.64
CA SER A 343 -22.05 17.56 -32.79
C SER A 343 -22.33 17.84 -31.31
N ALA A 344 -21.62 17.11 -30.44
CA ALA A 344 -21.87 17.20 -29.01
C ALA A 344 -21.53 18.59 -28.47
N ASN A 345 -20.48 19.22 -28.99
CA ASN A 345 -19.99 20.49 -28.48
C ASN A 345 -20.47 21.68 -29.31
N CYS A 346 -21.69 21.61 -29.83
CA CYS A 346 -22.22 22.68 -30.66
C CYS A 346 -22.65 23.87 -29.79
N ASP A 347 -23.18 24.90 -30.44
CA ASP A 347 -23.74 26.06 -29.75
C ASP A 347 -25.24 26.13 -30.03
N PRO A 348 -26.10 26.01 -29.01
CA PRO A 348 -27.55 25.97 -29.28
C PRO A 348 -28.05 27.22 -29.98
N PHE A 349 -27.50 28.39 -29.65
CA PHE A 349 -27.93 29.62 -30.31
C PHE A 349 -27.72 29.52 -31.82
N SER A 350 -26.52 29.11 -32.24
CA SER A 350 -26.23 28.97 -33.65
C SER A 350 -27.13 27.93 -34.29
N VAL A 351 -27.32 26.79 -33.64
CA VAL A 351 -28.12 25.72 -34.22
C VAL A 351 -29.55 26.22 -34.48
N THR A 352 -30.17 26.81 -33.46
CA THR A 352 -31.54 27.27 -33.59
C THR A 352 -31.65 28.39 -34.62
N GLU A 353 -30.70 29.32 -34.62
CA GLU A 353 -30.75 30.43 -35.56
C GLU A 353 -30.67 29.92 -37.00
N ALA A 354 -29.76 28.98 -37.26
CA ALA A 354 -29.61 28.45 -38.61
C ALA A 354 -30.89 27.73 -39.04
N LEU A 355 -31.45 26.91 -38.14
CA LEU A 355 -32.67 26.19 -38.50
C LEU A 355 -33.79 27.16 -38.85
N ILE A 356 -33.97 28.19 -38.02
CA ILE A 356 -35.06 29.14 -38.26
C ILE A 356 -34.83 29.89 -39.57
N ARG A 357 -33.60 30.34 -39.81
CA ARG A 357 -33.34 31.12 -41.02
C ARG A 357 -33.60 30.28 -42.27
N THR A 358 -33.17 29.02 -42.26
CA THR A 358 -33.36 28.19 -43.45
C THR A 358 -34.82 27.81 -43.65
N CYS A 359 -35.55 27.52 -42.57
CA CYS A 359 -36.88 26.94 -42.73
C CYS A 359 -37.99 27.98 -42.78
N LEU A 360 -37.98 28.99 -41.92
CA LEU A 360 -39.10 29.90 -41.80
C LEU A 360 -38.95 31.18 -42.63
N LEU A 361 -37.72 31.65 -42.86
CA LEU A 361 -37.49 32.88 -43.61
C LEU A 361 -37.10 32.62 -45.05
N ASN A 362 -37.05 31.36 -45.48
CA ASN A 362 -36.75 31.02 -46.88
C ASN A 362 -35.42 31.59 -47.33
N GLU A 363 -34.48 31.75 -46.40
CA GLU A 363 -33.17 32.27 -46.74
C GLU A 363 -32.43 31.32 -47.65
N THR A 364 -31.53 31.86 -48.47
CA THR A 364 -30.72 31.06 -49.37
C THR A 364 -29.38 31.76 -49.59
N GLY A 365 -28.40 30.98 -50.01
CA GLY A 365 -27.07 31.49 -50.29
C GLY A 365 -26.03 30.88 -49.38
N ASP A 366 -24.85 31.50 -49.38
CA ASP A 366 -23.73 31.04 -48.59
C ASP A 366 -23.58 31.81 -47.28
N GLU A 367 -24.05 33.06 -47.24
CA GLU A 367 -23.92 33.92 -46.07
C GLU A 367 -25.29 34.33 -45.56
N PRO A 368 -25.40 34.69 -44.28
CA PRO A 368 -26.67 35.17 -43.75
C PRO A 368 -26.97 36.59 -44.19
N PHE A 369 -28.24 36.97 -44.04
CA PHE A 369 -28.68 38.32 -44.35
C PHE A 369 -28.51 39.22 -43.13
N GLN A 370 -28.39 40.52 -43.39
CA GLN A 370 -28.10 41.50 -42.36
C GLN A 370 -29.31 42.38 -42.09
N TYR A 371 -29.61 42.59 -40.81
CA TYR A 371 -30.63 43.52 -40.35
C TYR A 371 -32.04 43.02 -40.64
N LYS A 372 -32.17 41.89 -41.33
CA LYS A 372 -33.47 41.30 -41.60
C LYS A 372 -33.24 39.97 -42.29
N ASN A 373 -34.13 39.00 -42.01
CA ASN A 373 -33.95 37.61 -42.53
C ASN A 373 -32.71 37.00 -41.83
N THR B 2 -0.39 16.34 0.03
CA THR B 2 -0.51 15.62 1.32
C THR B 2 -1.05 16.54 2.42
N THR B 3 -1.92 15.99 3.26
CA THR B 3 -2.58 16.74 4.32
C THR B 3 -2.05 16.29 5.68
N SER B 4 -2.39 17.08 6.70
CA SER B 4 -1.85 16.85 8.04
C SER B 4 -2.44 15.59 8.65
N ALA B 5 -1.76 15.09 9.69
CA ALA B 5 -2.24 13.91 10.39
C ALA B 5 -3.57 14.18 11.09
N SER B 6 -3.73 15.37 11.68
CA SER B 6 -4.95 15.68 12.40
C SER B 6 -6.18 15.57 11.50
N SER B 7 -6.01 15.81 10.20
CA SER B 7 -7.14 15.77 9.28
C SER B 7 -7.60 14.34 8.97
N HIS B 8 -6.85 13.33 9.38
CA HIS B 8 -7.22 11.94 9.12
C HIS B 8 -8.03 11.30 10.24
N LEU B 9 -8.33 12.05 11.31
CA LEU B 9 -9.17 11.52 12.37
C LEU B 9 -10.61 11.40 11.90
N ASN B 10 -11.47 10.93 12.79
CA ASN B 10 -12.89 10.74 12.49
C ASN B 10 -13.68 11.93 13.02
N LYS B 11 -14.35 12.64 12.12
CA LYS B 11 -15.04 13.89 12.47
C LYS B 11 -16.47 13.68 12.93
N GLY B 12 -17.05 12.51 12.67
CA GLY B 12 -18.37 12.22 13.21
C GLY B 12 -18.38 12.22 14.73
N ILE B 13 -17.29 11.75 15.33
CA ILE B 13 -17.18 11.78 16.79
C ILE B 13 -17.27 13.21 17.29
N LYS B 14 -16.51 14.11 16.67
CA LYS B 14 -16.53 15.51 17.09
C LYS B 14 -17.93 16.10 16.91
N GLN B 15 -18.59 15.78 15.79
CA GLN B 15 -19.93 16.32 15.60
C GLN B 15 -20.89 15.83 16.67
N VAL B 16 -20.80 14.54 17.01
CA VAL B 16 -21.63 13.99 18.07
C VAL B 16 -21.40 14.77 19.36
N TYR B 17 -20.13 15.04 19.68
CA TYR B 17 -19.84 15.79 20.91
C TYR B 17 -20.40 17.21 20.86
N MET B 18 -20.23 17.89 19.73
CA MET B 18 -20.71 19.27 19.63
C MET B 18 -22.22 19.36 19.63
N SER B 19 -22.93 18.27 19.35
CA SER B 19 -24.39 18.30 19.40
C SER B 19 -24.95 18.47 20.81
N LEU B 20 -24.12 18.32 21.86
CA LEU B 20 -24.62 18.40 23.22
C LEU B 20 -25.11 19.81 23.54
N PRO B 21 -26.20 19.96 24.28
CA PRO B 21 -26.59 21.31 24.74
C PRO B 21 -25.58 21.86 25.74
N GLN B 22 -25.48 23.19 25.76
CA GLN B 22 -24.39 23.86 26.47
C GLN B 22 -24.73 24.15 27.93
N GLY B 23 -25.78 24.92 28.18
CA GLY B 23 -26.13 25.35 29.52
C GLY B 23 -26.20 26.87 29.60
N GLU B 24 -25.71 27.41 30.73
CA GLU B 24 -25.80 28.84 30.99
C GLU B 24 -24.45 29.56 30.91
N LYS B 25 -23.35 28.84 30.72
CA LYS B 25 -22.05 29.48 30.57
C LYS B 25 -21.78 29.80 29.10
N VAL B 26 -20.83 30.70 28.88
CA VAL B 26 -20.45 31.14 27.54
C VAL B 26 -18.94 31.12 27.42
N GLN B 27 -18.45 30.96 26.20
CA GLN B 27 -17.02 30.95 25.89
C GLN B 27 -16.67 32.17 25.06
N ALA B 28 -15.49 32.76 25.34
CA ALA B 28 -14.99 33.92 24.62
C ALA B 28 -13.56 33.66 24.18
N MET B 29 -13.26 33.96 22.92
CA MET B 29 -11.95 33.75 22.33
C MET B 29 -11.30 35.09 22.05
N TYR B 30 -10.08 35.28 22.56
CA TYR B 30 -9.31 36.51 22.36
C TYR B 30 -8.27 36.30 21.28
N ILE B 31 -8.05 37.33 20.47
CA ILE B 31 -7.12 37.28 19.33
C ILE B 31 -6.24 38.52 19.35
N TRP B 32 -4.97 38.35 19.01
CA TRP B 32 -4.02 39.47 18.99
C TRP B 32 -2.88 39.16 18.03
N ILE B 33 -2.13 40.21 17.69
CA ILE B 33 -1.02 40.14 16.72
C ILE B 33 0.29 40.03 17.48
N ASP B 34 1.19 39.18 16.98
CA ASP B 34 2.43 38.87 17.68
C ASP B 34 3.55 39.81 17.27
N GLY B 35 4.77 39.50 17.70
CA GLY B 35 5.89 40.42 17.52
C GLY B 35 6.45 40.48 16.12
N THR B 36 6.23 39.45 15.30
CA THR B 36 6.68 39.50 13.92
C THR B 36 5.90 40.50 13.09
N GLY B 37 4.73 40.92 13.57
CA GLY B 37 3.90 41.85 12.84
C GLY B 37 2.98 41.21 11.83
N GLU B 38 3.05 39.90 11.63
CA GLU B 38 2.18 39.22 10.67
C GLU B 38 1.69 37.87 11.18
N GLY B 39 1.63 37.67 12.49
CA GLY B 39 1.15 36.41 13.04
C GLY B 39 0.04 36.65 14.06
N LEU B 40 -0.82 35.65 14.20
CA LEU B 40 -1.97 35.71 15.09
C LEU B 40 -1.87 34.65 16.17
N ARG B 41 -2.42 34.97 17.35
CA ARG B 41 -2.48 34.07 18.49
C ARG B 41 -3.85 34.16 19.13
N CYS B 42 -4.26 33.11 19.84
CA CYS B 42 -5.58 33.10 20.45
C CYS B 42 -5.62 32.17 21.66
N LYS B 43 -6.65 32.36 22.49
CA LYS B 43 -6.92 31.52 23.65
C LYS B 43 -8.35 31.78 24.10
N THR B 44 -8.84 30.97 25.04
CA THR B 44 -10.25 30.96 25.41
C THR B 44 -10.42 31.04 26.93
N ARG B 45 -11.54 31.64 27.35
CA ARG B 45 -11.92 31.69 28.76
C ARG B 45 -13.43 31.58 28.87
N THR B 46 -13.90 31.23 30.07
CA THR B 46 -15.31 31.01 30.34
C THR B 46 -15.92 32.23 31.01
N LEU B 47 -17.13 32.60 30.58
CA LEU B 47 -17.86 33.73 31.14
C LEU B 47 -19.19 33.26 31.71
N ASP B 48 -19.69 34.01 32.69
CA ASP B 48 -20.91 33.61 33.38
C ASP B 48 -22.14 33.86 32.52
N SER B 49 -22.21 35.00 31.84
CA SER B 49 -23.38 35.39 31.08
C SER B 49 -22.97 35.98 29.75
N GLU B 50 -23.91 35.99 28.81
CA GLU B 50 -23.66 36.48 27.47
C GLU B 50 -23.56 38.00 27.47
N PRO B 51 -22.44 38.59 27.04
CA PRO B 51 -22.37 40.05 26.95
C PRO B 51 -23.08 40.58 25.70
N LYS B 52 -23.44 41.86 25.77
CA LYS B 52 -24.14 42.53 24.68
C LYS B 52 -23.30 43.56 23.95
N CYS B 53 -22.25 44.09 24.57
CA CYS B 53 -21.40 45.09 23.93
C CYS B 53 -19.94 44.79 24.27
N VAL B 54 -19.05 45.21 23.38
CA VAL B 54 -17.63 44.93 23.56
C VAL B 54 -17.10 45.59 24.82
N GLU B 55 -17.74 46.67 25.27
CA GLU B 55 -17.20 47.46 26.37
C GLU B 55 -17.35 46.78 27.73
N GLU B 56 -18.14 45.72 27.83
CA GLU B 56 -18.39 45.06 29.10
C GLU B 56 -17.57 43.79 29.30
N LEU B 57 -16.63 43.50 28.39
CA LEU B 57 -15.74 42.36 28.60
C LEU B 57 -14.55 42.78 29.46
N PRO B 58 -13.99 41.87 30.24
CA PRO B 58 -12.86 42.22 31.11
C PRO B 58 -11.53 42.18 30.37
N GLU B 59 -10.50 42.68 31.05
CA GLU B 59 -9.14 42.67 30.53
C GLU B 59 -8.44 41.35 30.87
N TRP B 60 -7.30 41.12 30.22
CA TRP B 60 -6.55 39.88 30.38
C TRP B 60 -5.08 40.18 30.14
N ASN B 61 -4.27 39.12 30.06
CA ASN B 61 -2.84 39.25 29.90
C ASN B 61 -2.26 37.95 29.35
N PHE B 62 -1.00 38.01 28.95
CA PHE B 62 -0.30 36.83 28.45
C PHE B 62 1.20 37.01 28.64
N ASP B 63 1.94 35.97 28.30
CA ASP B 63 3.39 35.93 28.52
C ASP B 63 4.11 36.38 27.25
N GLY B 64 4.79 37.52 27.32
CA GLY B 64 5.44 38.08 26.15
C GLY B 64 6.72 37.38 25.74
N SER B 65 7.36 36.68 26.67
CA SER B 65 8.63 36.05 26.34
C SER B 65 8.45 34.92 25.33
N SER B 66 7.28 34.28 25.31
CA SER B 66 7.03 33.19 24.39
C SER B 66 6.60 33.67 23.01
N THR B 67 6.34 34.96 22.84
CA THR B 67 6.00 35.53 21.54
C THR B 67 7.05 36.51 21.06
N LEU B 68 8.26 36.47 21.62
CA LEU B 68 9.35 37.40 21.30
C LEU B 68 8.85 38.84 21.23
N GLN B 69 8.13 39.25 22.27
CA GLN B 69 7.67 40.63 22.39
C GLN B 69 8.14 41.30 23.68
N SER B 70 8.90 40.62 24.52
CA SER B 70 9.40 41.19 25.77
C SER B 70 10.49 40.27 26.31
N GLU B 71 10.94 40.57 27.51
CA GLU B 71 12.00 39.82 28.17
C GLU B 71 11.40 38.84 29.18
N GLY B 72 12.27 37.96 29.70
CA GLY B 72 11.82 36.95 30.63
C GLY B 72 11.53 37.46 32.03
N SER B 73 12.07 38.62 32.38
CA SER B 73 11.84 39.17 33.72
C SER B 73 10.50 39.90 33.80
N ASN B 74 10.34 40.94 33.00
CA ASN B 74 9.07 41.65 32.89
C ASN B 74 8.34 41.22 31.62
N SER B 75 7.91 39.96 31.62
CA SER B 75 7.36 39.32 30.43
C SER B 75 5.85 39.52 30.28
N ASP B 76 5.16 40.07 31.28
CA ASP B 76 3.72 40.19 31.20
C ASP B 76 3.30 41.31 30.27
N MET B 77 2.19 41.09 29.57
CA MET B 77 1.60 42.08 28.68
C MET B 77 0.10 42.11 28.90
N TYR B 78 -0.55 43.16 28.41
CA TYR B 78 -1.97 43.36 28.58
C TYR B 78 -2.72 43.15 27.27
N LEU B 79 -4.00 42.83 27.39
CA LEU B 79 -4.91 42.72 26.24
C LEU B 79 -6.16 43.53 26.54
N VAL B 80 -6.52 44.42 25.62
CA VAL B 80 -7.68 45.29 25.79
C VAL B 80 -8.66 45.04 24.65
N PRO B 81 -9.88 44.57 24.91
CA PRO B 81 -10.81 44.28 23.82
C PRO B 81 -11.13 45.52 23.00
N ALA B 82 -11.34 45.32 21.70
CA ALA B 82 -11.65 46.41 20.77
C ALA B 82 -12.90 46.16 19.93
N ALA B 83 -13.14 44.92 19.51
CA ALA B 83 -14.27 44.59 18.66
C ALA B 83 -14.76 43.20 18.97
N MET B 84 -16.03 42.92 18.62
CA MET B 84 -16.68 41.68 18.98
C MET B 84 -17.52 41.15 17.83
N PHE B 85 -17.49 39.83 17.64
CA PHE B 85 -18.24 39.16 16.58
C PHE B 85 -18.80 37.85 17.11
N ARG B 86 -19.73 37.28 16.36
CA ARG B 86 -20.26 35.95 16.67
C ARG B 86 -19.26 34.86 16.31
N ASP B 87 -19.40 33.70 16.95
CA ASP B 87 -18.47 32.60 16.77
C ASP B 87 -19.08 31.59 15.80
N PRO B 88 -18.51 31.40 14.60
CA PRO B 88 -19.08 30.41 13.68
C PRO B 88 -18.67 28.98 13.95
N PHE B 89 -17.61 28.75 14.72
CA PHE B 89 -17.15 27.40 15.00
C PHE B 89 -17.87 26.76 16.19
N ARG B 90 -18.41 27.56 17.11
CA ARG B 90 -19.16 27.05 18.24
C ARG B 90 -20.60 27.54 18.29
N LYS B 91 -20.99 28.47 17.43
CA LYS B 91 -22.36 28.95 17.33
C LYS B 91 -22.77 29.77 18.55
N ASP B 92 -23.91 30.44 18.47
CA ASP B 92 -24.35 31.31 19.55
C ASP B 92 -24.53 30.52 20.84
N PRO B 93 -24.35 31.16 22.00
CA PRO B 93 -24.03 32.57 22.25
C PRO B 93 -22.53 32.86 22.42
N ASN B 94 -21.63 32.02 21.93
CA ASN B 94 -20.21 32.24 22.09
C ASN B 94 -19.71 33.33 21.14
N LYS B 95 -18.58 33.94 21.49
CA LYS B 95 -18.14 35.20 20.88
C LYS B 95 -16.67 35.14 20.49
N LEU B 96 -16.30 36.02 19.55
CA LEU B 96 -14.92 36.29 19.19
C LEU B 96 -14.58 37.73 19.56
N VAL B 97 -13.35 37.97 20.01
CA VAL B 97 -12.92 39.28 20.47
C VAL B 97 -11.53 39.57 19.94
N LEU B 98 -11.34 40.75 19.34
CA LEU B 98 -10.04 41.23 18.89
C LEU B 98 -9.53 42.27 19.88
N CYS B 99 -8.23 42.23 20.16
CA CYS B 99 -7.64 42.99 21.26
C CYS B 99 -6.43 43.78 20.79
N GLU B 100 -6.11 44.83 21.57
CA GLU B 100 -4.89 45.60 21.42
C GLU B 100 -3.88 45.20 22.48
N VAL B 101 -2.60 45.25 22.13
CA VAL B 101 -1.51 44.83 23.01
C VAL B 101 -0.87 46.06 23.63
N PHE B 102 -0.61 46.00 24.94
CA PHE B 102 0.03 47.08 25.66
C PHE B 102 1.15 46.53 26.54
N LYS B 103 2.15 47.38 26.77
CA LYS B 103 3.32 46.97 27.54
C LYS B 103 3.05 47.09 29.04
N TYR B 104 3.98 46.55 29.82
CA TYR B 104 3.79 46.51 31.27
C TYR B 104 3.65 47.90 31.86
N ASN B 105 4.19 48.91 31.19
CA ASN B 105 4.10 50.29 31.64
C ASN B 105 2.95 51.05 30.97
N ARG B 106 2.00 50.33 30.39
CA ARG B 106 0.80 50.89 29.76
C ARG B 106 1.11 51.66 28.49
N ARG B 107 2.26 51.42 27.87
CA ARG B 107 2.55 52.01 26.57
C ARG B 107 2.27 51.01 25.46
N PRO B 108 1.81 51.44 24.29
CA PRO B 108 1.55 50.50 23.21
C PRO B 108 2.82 49.76 22.79
N ALA B 109 2.64 48.52 22.36
CA ALA B 109 3.76 47.72 21.90
C ALA B 109 4.23 48.22 20.53
N GLU B 110 5.39 47.69 20.10
CA GLU B 110 5.97 48.14 18.84
C GLU B 110 5.06 47.84 17.65
N THR B 111 4.43 46.66 17.65
CA THR B 111 3.58 46.23 16.54
C THR B 111 2.13 46.64 16.72
N ASN B 112 1.84 47.59 17.62
CA ASN B 112 0.50 48.10 17.83
C ASN B 112 0.35 49.39 17.04
N LEU B 113 -0.44 49.35 15.96
CA LEU B 113 -0.67 50.51 15.11
C LEU B 113 -2.10 51.01 15.11
N ARG B 114 -3.06 50.21 15.58
CA ARG B 114 -4.43 50.70 15.69
C ARG B 114 -4.53 51.92 16.59
N HIS B 115 -3.69 51.98 17.63
CA HIS B 115 -3.71 53.12 18.54
C HIS B 115 -3.45 54.42 17.80
N THR B 116 -2.41 54.45 16.98
CA THR B 116 -2.11 55.65 16.21
C THR B 116 -3.13 55.88 15.10
N CYS B 117 -3.60 54.80 14.47
CA CYS B 117 -4.55 54.95 13.37
C CYS B 117 -5.83 55.61 13.84
N LYS B 118 -6.31 55.23 15.03
CA LYS B 118 -7.62 55.68 15.48
C LYS B 118 -7.68 57.20 15.61
N ARG B 119 -6.60 57.81 16.11
CA ARG B 119 -6.61 59.25 16.32
C ARG B 119 -6.77 59.99 14.99
N ILE B 120 -6.00 59.60 13.98
CA ILE B 120 -6.11 60.24 12.68
C ILE B 120 -7.51 60.03 12.11
N MET B 121 -8.03 58.81 12.23
CA MET B 121 -9.34 58.52 11.68
C MET B 121 -10.40 59.40 12.33
N ASP B 122 -10.40 59.49 13.66
CA ASP B 122 -11.44 60.25 14.34
C ASP B 122 -11.26 61.76 14.16
N MET B 123 -10.03 62.22 13.90
CA MET B 123 -9.85 63.64 13.63
C MET B 123 -10.31 64.01 12.22
N VAL B 124 -10.18 63.09 11.25
CA VAL B 124 -10.68 63.35 9.91
C VAL B 124 -12.11 62.86 9.71
N SER B 125 -12.75 62.35 10.76
CA SER B 125 -14.09 61.78 10.70
C SER B 125 -15.06 62.47 9.75
N ASN B 126 -15.16 63.80 9.80
CA ASN B 126 -16.27 64.46 9.14
C ASN B 126 -16.29 64.28 7.63
N GLN B 127 -15.19 63.83 7.01
CA GLN B 127 -15.20 63.53 5.59
C GLN B 127 -15.87 62.21 5.25
N HIS B 128 -15.98 61.29 6.20
CA HIS B 128 -16.62 59.99 5.98
C HIS B 128 -15.89 59.15 4.94
N PRO B 129 -14.59 58.91 5.12
CA PRO B 129 -13.85 58.10 4.15
C PRO B 129 -14.32 56.66 4.15
N TRP B 130 -14.27 56.02 2.98
CA TRP B 130 -14.60 54.61 2.81
C TRP B 130 -13.40 53.87 2.23
N PHE B 131 -13.33 52.58 2.52
CA PHE B 131 -12.23 51.74 2.05
C PHE B 131 -12.73 50.39 1.58
N GLY B 132 -11.92 49.74 0.77
CA GLY B 132 -12.20 48.39 0.33
C GLY B 132 -10.91 47.72 -0.13
N MET B 133 -10.78 46.43 0.22
CA MET B 133 -9.54 45.71 0.01
C MET B 133 -9.81 44.36 -0.63
N GLU B 134 -8.82 43.87 -1.37
CA GLU B 134 -8.90 42.61 -2.11
C GLU B 134 -7.72 41.74 -1.67
N GLN B 135 -8.02 40.69 -0.92
CA GLN B 135 -6.97 39.80 -0.41
C GLN B 135 -6.74 38.65 -1.38
N GLU B 136 -5.47 38.32 -1.63
CA GLU B 136 -5.09 37.17 -2.43
C GLU B 136 -4.26 36.21 -1.58
N TYR B 137 -4.40 34.91 -1.85
CA TYR B 137 -3.71 33.90 -1.06
C TYR B 137 -3.61 32.60 -1.86
N THR B 138 -2.75 31.71 -1.39
CA THR B 138 -2.51 30.43 -2.03
C THR B 138 -2.65 29.30 -1.02
N LEU B 139 -3.20 28.18 -1.46
CA LEU B 139 -3.35 26.99 -0.64
C LEU B 139 -2.18 26.05 -0.88
N MET B 140 -1.56 25.57 0.20
CA MET B 140 -0.38 24.74 0.12
C MET B 140 -0.58 23.45 0.90
N GLY B 141 -0.02 22.37 0.40
CA GLY B 141 0.01 21.13 1.14
C GLY B 141 1.06 21.15 2.23
N THR B 142 1.02 20.13 3.08
CA THR B 142 1.94 20.08 4.22
C THR B 142 3.37 19.73 3.82
N ASP B 143 3.60 19.35 2.57
CA ASP B 143 4.94 19.01 2.10
C ASP B 143 5.64 20.19 1.42
N GLY B 144 4.99 21.33 1.30
CA GLY B 144 5.61 22.51 0.74
C GLY B 144 5.28 22.84 -0.71
N HIS B 145 4.38 22.09 -1.33
CA HIS B 145 3.96 22.35 -2.69
C HIS B 145 2.50 22.82 -2.71
N PRO B 146 2.10 23.57 -3.74
CA PRO B 146 0.71 24.02 -3.80
C PRO B 146 -0.26 22.85 -3.80
N PHE B 147 -1.38 23.03 -3.12
CA PHE B 147 -2.34 21.95 -2.98
C PHE B 147 -2.92 21.55 -4.33
N GLY B 148 -2.95 20.24 -4.60
CA GLY B 148 -3.47 19.73 -5.84
C GLY B 148 -2.49 19.66 -6.99
N TRP B 149 -1.27 20.14 -6.80
CA TRP B 149 -0.29 20.09 -7.88
C TRP B 149 0.32 18.70 -8.00
N PRO B 150 0.73 18.29 -9.20
CA PRO B 150 1.32 16.96 -9.35
C PRO B 150 2.57 16.81 -8.49
N SER B 151 2.76 15.60 -7.98
CA SER B 151 3.94 15.31 -7.18
C SER B 151 5.20 15.67 -7.94
N ASN B 152 5.93 16.66 -7.41
CA ASN B 152 7.15 17.15 -8.04
C ASN B 152 6.95 17.41 -9.53
N GLY B 153 5.86 18.12 -9.85
CA GLY B 153 5.55 18.46 -11.23
C GLY B 153 4.80 19.76 -11.35
N PHE B 154 4.25 20.03 -12.53
CA PHE B 154 3.52 21.25 -12.80
C PHE B 154 2.23 20.91 -13.56
N PRO B 155 1.22 21.76 -13.45
CA PRO B 155 0.06 21.66 -14.35
C PRO B 155 0.36 22.39 -15.66
N GLY B 156 -0.66 22.45 -16.51
CA GLY B 156 -0.50 23.08 -17.81
C GLY B 156 -0.24 24.56 -17.71
N PRO B 157 0.06 25.20 -18.84
CA PRO B 157 0.30 26.64 -18.82
C PRO B 157 -0.94 27.44 -18.47
N GLN B 158 -0.72 28.66 -18.01
CA GLN B 158 -1.80 29.50 -17.54
C GLN B 158 -2.74 29.89 -18.69
N GLY B 159 -3.96 30.27 -18.32
CA GLY B 159 -4.94 30.73 -19.27
C GLY B 159 -6.34 30.18 -19.04
N PRO B 160 -6.46 28.93 -18.63
CA PRO B 160 -7.79 28.36 -18.35
C PRO B 160 -8.24 28.38 -16.89
N TYR B 161 -7.41 28.86 -15.96
CA TYR B 161 -7.71 28.74 -14.54
C TYR B 161 -8.43 29.96 -13.97
N TYR B 162 -8.29 31.12 -14.60
CA TYR B 162 -8.93 32.32 -14.08
C TYR B 162 -10.45 32.17 -14.09
N CYS B 163 -11.06 32.28 -12.90
CA CYS B 163 -12.51 32.14 -12.76
C CYS B 163 -13.00 30.82 -13.34
N GLY B 164 -12.21 29.76 -13.13
CA GLY B 164 -12.50 28.49 -13.77
C GLY B 164 -13.52 27.65 -13.01
N VAL B 165 -14.07 26.68 -13.71
CA VAL B 165 -15.01 25.72 -13.15
C VAL B 165 -14.66 24.34 -13.69
N GLY B 166 -14.63 23.35 -12.80
CA GLY B 166 -14.33 21.99 -13.20
C GLY B 166 -13.27 21.33 -12.34
N ALA B 167 -13.20 20.00 -12.39
CA ALA B 167 -12.28 19.27 -11.53
C ALA B 167 -10.82 19.57 -11.88
N ASP B 168 -10.53 19.89 -13.14
CA ASP B 168 -9.17 20.12 -13.60
C ASP B 168 -8.86 21.61 -13.76
N ARG B 169 -9.68 22.49 -13.19
CA ARG B 169 -9.48 23.93 -13.32
C ARG B 169 -9.55 24.69 -12.00
N ALA B 170 -10.18 24.14 -10.96
CA ALA B 170 -10.28 24.81 -9.67
C ALA B 170 -9.94 23.80 -8.58
N TYR B 171 -8.98 24.16 -7.73
CA TYR B 171 -8.50 23.28 -6.67
C TYR B 171 -8.93 23.83 -5.32
N GLY B 172 -9.80 23.10 -4.63
CA GLY B 172 -10.15 23.42 -3.26
C GLY B 172 -11.26 24.42 -3.07
N ARG B 173 -12.41 24.20 -3.72
CA ARG B 173 -13.52 25.13 -3.59
C ARG B 173 -14.28 24.96 -2.27
N ASP B 174 -14.14 23.82 -1.61
CA ASP B 174 -14.82 23.61 -0.34
C ASP B 174 -14.35 24.61 0.71
N ILE B 175 -13.04 24.86 0.75
CA ILE B 175 -12.50 25.83 1.70
C ILE B 175 -13.13 27.19 1.46
N VAL B 176 -13.21 27.60 0.19
CA VAL B 176 -13.75 28.91 -0.15
C VAL B 176 -15.21 29.02 0.29
N GLU B 177 -16.01 27.99 -0.03
CA GLU B 177 -17.42 28.03 0.34
C GLU B 177 -17.60 28.10 1.85
N ALA B 178 -16.89 27.25 2.58
CA ALA B 178 -17.02 27.25 4.04
C ALA B 178 -16.60 28.59 4.62
N HIS B 179 -15.50 29.17 4.14
CA HIS B 179 -15.04 30.45 4.66
C HIS B 179 -16.08 31.54 4.39
N TYR B 180 -16.64 31.56 3.18
CA TYR B 180 -17.66 32.56 2.86
C TYR B 180 -18.83 32.46 3.83
N ARG B 181 -19.37 31.26 4.02
CA ARG B 181 -20.53 31.12 4.88
C ARG B 181 -20.21 31.45 6.33
N ALA B 182 -19.04 31.04 6.81
CA ALA B 182 -18.65 31.35 8.18
C ALA B 182 -18.50 32.85 8.38
N CYS B 183 -17.92 33.55 7.41
CA CYS B 183 -17.80 35.01 7.52
C CYS B 183 -19.18 35.66 7.57
N LEU B 184 -20.10 35.20 6.71
CA LEU B 184 -21.43 35.77 6.71
C LEU B 184 -22.11 35.57 8.06
N TYR B 185 -21.97 34.37 8.64
CA TYR B 185 -22.55 34.12 9.95
C TYR B 185 -21.91 35.00 11.02
N ALA B 186 -20.59 35.15 10.98
CA ALA B 186 -19.91 35.93 12.01
C ALA B 186 -20.33 37.38 11.97
N GLY B 187 -20.43 37.96 10.78
CA GLY B 187 -20.82 39.35 10.65
C GLY B 187 -19.77 40.21 10.00
N VAL B 188 -18.81 39.57 9.32
CA VAL B 188 -17.81 40.31 8.57
C VAL B 188 -18.43 40.78 7.25
N LYS B 189 -18.02 41.95 6.79
CA LYS B 189 -18.54 42.51 5.54
C LYS B 189 -17.73 41.96 4.36
N ILE B 190 -18.03 40.71 4.01
CA ILE B 190 -17.42 40.08 2.85
C ILE B 190 -18.23 40.41 1.61
N ALA B 191 -17.55 40.80 0.53
CA ALA B 191 -18.21 41.30 -0.66
C ALA B 191 -18.26 40.30 -1.80
N GLY B 192 -17.30 39.40 -1.91
CA GLY B 192 -17.30 38.43 -2.98
C GLY B 192 -15.96 37.75 -3.11
N THR B 193 -15.93 36.71 -3.95
CA THR B 193 -14.74 35.90 -4.13
C THR B 193 -14.68 35.39 -5.57
N ASN B 194 -13.49 35.01 -6.01
CA ASN B 194 -13.29 34.43 -7.33
C ASN B 194 -11.98 33.68 -7.36
N ALA B 195 -11.79 32.89 -8.41
CA ALA B 195 -10.58 32.13 -8.63
C ALA B 195 -9.59 32.94 -9.46
N GLU B 196 -8.30 32.75 -9.19
CA GLU B 196 -7.25 33.59 -9.75
C GLU B 196 -6.51 32.86 -10.87
N VAL B 197 -5.51 33.55 -11.44
CA VAL B 197 -4.83 33.06 -12.64
C VAL B 197 -4.06 31.78 -12.34
N MET B 198 -3.37 31.74 -11.23
CA MET B 198 -2.56 30.58 -10.87
C MET B 198 -3.44 29.51 -10.23
N PRO B 199 -3.34 28.25 -10.64
CA PRO B 199 -4.17 27.21 -10.00
C PRO B 199 -3.85 27.10 -8.51
N ALA B 200 -4.90 26.90 -7.72
CA ALA B 200 -4.87 26.86 -6.26
C ALA B 200 -4.76 28.25 -5.65
N GLN B 201 -5.01 29.31 -6.42
CA GLN B 201 -4.97 30.68 -5.94
C GLN B 201 -6.37 31.26 -5.95
N TRP B 202 -6.71 32.03 -4.92
CA TRP B 202 -8.04 32.58 -4.76
C TRP B 202 -7.97 34.00 -4.21
N GLU B 203 -9.14 34.64 -4.12
CA GLU B 203 -9.25 36.02 -3.67
C GLU B 203 -10.62 36.25 -3.06
N PHE B 204 -10.69 37.12 -2.05
CA PHE B 204 -11.95 37.61 -1.51
C PHE B 204 -11.83 39.09 -1.18
N GLN B 205 -12.95 39.80 -1.24
CA GLN B 205 -12.98 41.25 -1.09
C GLN B 205 -13.80 41.65 0.13
N ILE B 206 -13.29 42.62 0.89
CA ILE B 206 -13.94 43.10 2.11
C ILE B 206 -14.26 44.58 1.92
N GLY B 207 -15.49 44.97 2.25
CA GLY B 207 -15.88 46.35 2.22
C GLY B 207 -17.26 46.56 1.62
N PRO B 208 -17.72 47.82 1.54
CA PRO B 208 -17.06 49.05 2.01
C PRO B 208 -17.19 49.25 3.51
N CYS B 209 -16.15 49.74 4.19
CA CYS B 209 -16.14 49.90 5.62
C CYS B 209 -15.83 51.35 5.98
N GLU B 210 -16.39 51.81 7.09
CA GLU B 210 -16.25 53.20 7.52
C GLU B 210 -15.01 53.33 8.41
N GLY B 211 -13.94 53.85 7.84
CA GLY B 211 -12.80 54.25 8.65
C GLY B 211 -12.12 53.09 9.36
N ILE B 212 -12.09 53.18 10.69
CA ILE B 212 -11.24 52.29 11.48
C ILE B 212 -11.67 50.84 11.38
N SER B 213 -12.95 50.59 11.09
CA SER B 213 -13.45 49.22 11.11
C SER B 213 -12.80 48.34 10.04
N MET B 214 -12.14 48.95 9.05
CA MET B 214 -11.56 48.19 7.95
C MET B 214 -10.53 47.19 8.45
N GLY B 215 -9.58 47.65 9.27
CA GLY B 215 -8.55 46.77 9.77
C GLY B 215 -9.11 45.64 10.64
N ASP B 216 -10.08 45.97 11.49
CA ASP B 216 -10.69 44.95 12.33
C ASP B 216 -11.33 43.86 11.50
N HIS B 217 -12.14 44.26 10.51
CA HIS B 217 -12.81 43.27 9.67
C HIS B 217 -11.80 42.40 8.92
N LEU B 218 -10.75 43.03 8.37
CA LEU B 218 -9.78 42.27 7.60
C LEU B 218 -9.03 41.26 8.49
N TRP B 219 -8.62 41.68 9.68
CA TRP B 219 -7.89 40.78 10.56
C TRP B 219 -8.77 39.60 10.98
N VAL B 220 -10.04 39.87 11.29
CA VAL B 220 -10.92 38.77 11.68
C VAL B 220 -11.13 37.81 10.51
N ALA B 221 -11.25 38.34 9.29
CA ALA B 221 -11.40 37.47 8.12
C ALA B 221 -10.19 36.58 7.96
N ARG B 222 -8.99 37.12 8.14
CA ARG B 222 -7.78 36.32 8.06
C ARG B 222 -7.79 35.20 9.10
N PHE B 223 -8.20 35.53 10.33
CA PHE B 223 -8.24 34.51 11.37
C PHE B 223 -9.20 33.38 11.00
N ILE B 224 -10.38 33.74 10.50
CA ILE B 224 -11.37 32.71 10.15
C ILE B 224 -10.84 31.82 9.04
N LEU B 225 -10.17 32.42 8.05
CA LEU B 225 -9.56 31.61 6.99
C LEU B 225 -8.57 30.61 7.57
N HIS B 226 -7.72 31.08 8.49
CA HIS B 226 -6.74 30.17 9.09
C HIS B 226 -7.43 29.01 9.80
N ARG B 227 -8.48 29.30 10.56
CA ARG B 227 -9.13 28.23 11.32
C ARG B 227 -9.81 27.21 10.39
N VAL B 228 -10.50 27.68 9.35
CA VAL B 228 -11.14 26.74 8.43
C VAL B 228 -10.09 25.87 7.74
N CYS B 229 -8.99 26.47 7.29
CA CYS B 229 -7.95 25.69 6.66
C CYS B 229 -7.37 24.66 7.62
N GLU B 230 -7.20 25.04 8.88
CA GLU B 230 -6.75 24.08 9.89
C GLU B 230 -7.72 22.91 9.97
N ASP B 231 -9.02 23.19 9.95
CA ASP B 231 -10.00 22.11 9.99
C ASP B 231 -9.82 21.17 8.81
N PHE B 232 -9.62 21.71 7.61
CA PHE B 232 -9.52 20.84 6.43
C PHE B 232 -8.16 20.16 6.29
N GLY B 233 -7.11 20.68 6.92
CA GLY B 233 -5.82 20.04 6.90
C GLY B 233 -4.79 20.65 5.96
N VAL B 234 -5.03 21.84 5.43
CA VAL B 234 -4.11 22.49 4.51
C VAL B 234 -3.59 23.79 5.13
N ILE B 235 -2.70 24.47 4.42
CA ILE B 235 -2.07 25.70 4.90
C ILE B 235 -2.35 26.81 3.90
N ALA B 236 -2.58 28.02 4.41
CA ALA B 236 -2.78 29.20 3.60
C ALA B 236 -1.62 30.17 3.83
N THR B 237 -1.01 30.62 2.73
CA THR B 237 0.13 31.52 2.79
C THR B 237 -0.19 32.83 2.09
N PHE B 238 0.26 33.94 2.66
CA PHE B 238 0.10 35.26 2.09
C PHE B 238 1.39 35.79 1.46
N ASP B 239 2.36 34.92 1.19
CA ASP B 239 3.62 35.38 0.64
C ASP B 239 3.41 35.99 -0.73
N PRO B 240 4.06 37.13 -1.02
CA PRO B 240 3.83 37.77 -2.34
C PRO B 240 4.24 36.91 -3.52
N LYS B 241 5.31 36.13 -3.40
CA LYS B 241 5.84 35.33 -4.51
C LYS B 241 6.14 33.91 -4.01
N PRO B 242 5.13 33.03 -4.02
CA PRO B 242 5.34 31.69 -3.48
C PRO B 242 6.11 30.76 -4.42
N ILE B 243 5.86 30.87 -5.72
CA ILE B 243 6.47 29.99 -6.72
C ILE B 243 7.29 30.86 -7.67
N PRO B 244 8.60 30.66 -7.78
CA PRO B 244 9.38 31.44 -8.73
C PRO B 244 9.20 30.96 -10.16
N GLY B 245 9.26 31.92 -11.09
CA GLY B 245 9.17 31.63 -12.50
C GLY B 245 8.01 32.37 -13.15
N ASN B 246 7.40 31.73 -14.14
CA ASN B 246 6.32 32.33 -14.91
C ASN B 246 4.96 32.02 -14.29
N TRP B 247 4.80 32.44 -13.04
CA TRP B 247 3.55 32.25 -12.31
C TRP B 247 3.19 33.54 -11.59
N ASN B 248 1.89 33.76 -11.42
CA ASN B 248 1.40 35.03 -10.92
C ASN B 248 1.75 35.23 -9.44
N GLY B 249 1.81 36.49 -9.03
CA GLY B 249 2.08 36.85 -7.66
C GLY B 249 0.81 37.09 -6.86
N ALA B 250 0.98 37.73 -5.70
CA ALA B 250 -0.11 37.98 -4.77
C ALA B 250 -0.07 39.43 -4.31
N GLY B 251 -1.22 40.13 -4.43
CA GLY B 251 -1.31 41.52 -4.05
C GLY B 251 -2.47 41.76 -3.10
N CYS B 252 -2.56 43.01 -2.64
CA CYS B 252 -3.59 43.44 -1.68
C CYS B 252 -4.19 44.76 -2.09
N HIS B 253 -4.67 44.86 -3.33
CA HIS B 253 -5.23 46.10 -3.86
C HIS B 253 -6.20 46.74 -2.87
N THR B 254 -6.21 48.07 -2.84
CA THR B 254 -7.02 48.83 -1.89
C THR B 254 -7.77 49.92 -2.64
N ASN B 255 -9.06 50.07 -2.32
CA ASN B 255 -9.90 51.11 -2.90
C ASN B 255 -10.15 52.19 -1.87
N PHE B 256 -10.23 53.44 -2.33
CA PHE B 256 -10.32 54.60 -1.45
C PHE B 256 -11.32 55.60 -1.98
N SER B 257 -12.14 56.16 -1.08
CA SER B 257 -13.11 57.17 -1.45
C SER B 257 -13.43 58.03 -0.23
N THR B 258 -14.04 59.18 -0.49
CA THR B 258 -14.59 60.03 0.55
C THR B 258 -15.80 60.79 0.02
N LYS B 259 -16.46 61.49 0.92
CA LYS B 259 -17.51 62.41 0.51
C LYS B 259 -16.90 63.55 -0.30
N ALA B 260 -17.68 64.07 -1.25
CA ALA B 260 -17.20 65.02 -2.24
C ALA B 260 -16.40 64.33 -3.33
N MET B 261 -16.13 63.04 -3.16
CA MET B 261 -15.82 62.17 -4.29
C MET B 261 -17.00 61.29 -4.66
N ARG B 262 -17.76 60.85 -3.66
CA ARG B 262 -18.96 60.08 -3.93
C ARG B 262 -20.07 60.95 -4.50
N GLU B 263 -19.96 62.28 -4.38
CA GLU B 263 -20.98 63.18 -4.86
C GLU B 263 -20.69 63.59 -6.31
N GLU B 264 -21.65 64.31 -6.89
CA GLU B 264 -21.54 64.71 -8.29
C GLU B 264 -20.30 65.56 -8.51
N ASN B 265 -19.66 65.35 -9.65
CA ASN B 265 -18.46 66.09 -10.07
C ASN B 265 -17.27 65.84 -9.14
N GLY B 266 -17.22 64.69 -8.47
CA GLY B 266 -16.12 64.40 -7.58
C GLY B 266 -14.85 64.00 -8.29
N LEU B 267 -14.93 63.87 -9.61
CA LEU B 267 -13.75 63.45 -10.38
C LEU B 267 -12.61 64.45 -10.25
N LYS B 268 -12.92 65.74 -10.09
CA LYS B 268 -11.86 66.71 -9.89
C LYS B 268 -11.12 66.45 -8.58
N TYR B 269 -11.85 66.12 -7.51
CA TYR B 269 -11.21 65.77 -6.25
C TYR B 269 -10.40 64.50 -6.39
N ILE B 270 -10.93 63.51 -7.13
CA ILE B 270 -10.17 62.30 -7.40
C ILE B 270 -8.83 62.66 -8.05
N GLU B 271 -8.88 63.53 -9.06
CA GLU B 271 -7.67 63.89 -9.79
C GLU B 271 -6.67 64.59 -8.89
N GLU B 272 -7.12 65.60 -8.14
CA GLU B 272 -6.18 66.33 -7.29
C GLU B 272 -5.58 65.41 -6.24
N ALA B 273 -6.37 64.47 -5.72
CA ALA B 273 -5.82 63.49 -4.80
C ALA B 273 -4.72 62.68 -5.47
N ILE B 274 -4.94 62.24 -6.71
CA ILE B 274 -3.95 61.44 -7.41
C ILE B 274 -2.66 62.24 -7.59
N GLU B 275 -2.77 63.48 -8.06
CA GLU B 275 -1.59 64.31 -8.25
C GLU B 275 -0.83 64.51 -6.94
N LYS B 276 -1.52 64.88 -5.86
CA LYS B 276 -0.79 65.10 -4.61
C LYS B 276 -0.24 63.79 -4.04
N LEU B 277 -0.83 62.66 -4.43
CA LEU B 277 -0.31 61.37 -4.02
C LEU B 277 0.94 60.99 -4.80
N SER B 278 1.08 61.54 -6.02
CA SER B 278 2.20 61.17 -6.88
C SER B 278 3.56 61.58 -6.31
N LYS B 279 3.60 62.42 -5.28
CA LYS B 279 4.85 62.99 -4.80
C LYS B 279 5.54 62.18 -3.71
N ARG B 280 4.98 61.06 -3.27
CA ARG B 280 5.51 60.33 -2.12
C ARG B 280 5.59 58.83 -2.40
N HIS B 281 6.09 58.49 -3.60
CA HIS B 281 6.15 57.09 -4.01
C HIS B 281 7.03 56.27 -3.07
N GLN B 282 8.22 56.78 -2.76
CA GLN B 282 9.14 56.03 -1.90
C GLN B 282 8.57 55.85 -0.50
N TYR B 283 8.00 56.92 0.06
CA TYR B 283 7.41 56.83 1.39
C TYR B 283 6.30 55.80 1.44
N HIS B 284 5.41 55.82 0.44
CA HIS B 284 4.32 54.85 0.43
C HIS B 284 4.84 53.43 0.24
N ILE B 285 5.86 53.27 -0.60
CA ILE B 285 6.42 51.94 -0.83
C ILE B 285 7.00 51.40 0.48
N ARG B 286 7.72 52.24 1.22
CA ARG B 286 8.27 51.79 2.49
C ARG B 286 7.16 51.52 3.51
N ALA B 287 6.05 52.24 3.44
CA ALA B 287 4.97 52.04 4.41
C ALA B 287 4.19 50.76 4.12
N TYR B 288 4.09 50.37 2.85
CA TYR B 288 3.22 49.26 2.45
C TYR B 288 3.86 47.88 2.61
N ASP B 289 4.93 47.74 3.39
CA ASP B 289 5.59 46.46 3.54
C ASP B 289 5.95 46.20 5.00
N PRO B 290 5.79 44.96 5.49
CA PRO B 290 6.25 44.66 6.86
C PRO B 290 7.74 44.83 7.05
N LYS B 291 8.54 44.54 6.01
CA LYS B 291 10.00 44.59 6.12
C LYS B 291 10.60 45.76 5.36
N GLY B 292 9.80 46.78 5.06
CA GLY B 292 10.30 47.97 4.40
C GLY B 292 10.31 47.93 2.89
N GLY B 293 9.94 46.80 2.28
CA GLY B 293 9.85 46.73 0.84
C GLY B 293 10.62 45.56 0.23
N LEU B 294 11.36 44.82 1.07
CA LEU B 294 12.13 43.71 0.56
C LEU B 294 11.24 42.66 -0.08
N ASP B 295 10.12 42.34 0.57
CA ASP B 295 9.23 41.30 0.06
C ASP B 295 8.61 41.71 -1.27
N ASN B 296 8.10 42.93 -1.36
CA ASN B 296 7.38 43.36 -2.56
C ASN B 296 8.29 43.47 -3.77
N ALA B 297 9.61 43.43 -3.58
CA ALA B 297 10.52 43.51 -4.71
C ALA B 297 10.32 42.33 -5.65
N ARG B 298 10.12 41.13 -5.09
CA ARG B 298 9.95 39.94 -5.92
C ARG B 298 8.66 39.98 -6.74
N ARG B 299 7.69 40.80 -6.35
CA ARG B 299 6.41 40.85 -7.05
C ARG B 299 6.39 41.93 -8.12
N LEU B 300 6.70 43.17 -7.73
CA LEU B 300 6.63 44.31 -8.64
C LEU B 300 7.89 44.33 -9.49
N THR B 301 7.87 43.54 -10.57
CA THR B 301 8.96 43.47 -11.52
C THR B 301 8.57 43.96 -12.90
N GLY B 302 7.32 44.40 -13.10
CA GLY B 302 6.86 44.91 -14.36
C GLY B 302 6.11 43.90 -15.22
N PHE B 303 6.27 42.60 -14.94
CA PHE B 303 5.63 41.56 -15.73
C PHE B 303 4.35 41.09 -15.05
N HIS B 304 3.57 40.30 -15.80
CA HIS B 304 2.34 39.70 -15.29
C HIS B 304 1.39 40.77 -14.74
N GLU B 305 1.20 41.83 -15.52
CA GLU B 305 0.26 42.89 -15.18
C GLU B 305 0.61 43.53 -13.84
N THR B 306 1.89 43.82 -13.63
CA THR B 306 2.37 44.48 -12.43
C THR B 306 3.18 45.71 -12.82
N SER B 307 2.98 46.80 -12.08
CA SER B 307 3.76 48.01 -12.30
C SER B 307 5.16 47.85 -11.71
N ASN B 308 6.12 48.56 -12.31
CA ASN B 308 7.48 48.50 -11.81
C ASN B 308 7.58 49.12 -10.42
N ILE B 309 8.54 48.63 -9.65
CA ILE B 309 8.69 49.09 -8.27
C ILE B 309 9.05 50.56 -8.22
N ASN B 310 9.96 51.00 -9.09
CA ASN B 310 10.44 52.38 -9.03
C ASN B 310 9.51 53.35 -9.75
N ASP B 311 8.98 52.95 -10.90
CA ASP B 311 8.19 53.87 -11.71
C ASP B 311 6.81 54.09 -11.10
N PHE B 312 6.33 55.33 -11.20
CA PHE B 312 4.99 55.69 -10.78
C PHE B 312 4.18 56.04 -12.02
N SER B 313 2.96 55.53 -12.11
CA SER B 313 2.12 55.74 -13.29
C SER B 313 0.66 55.70 -12.88
N ALA B 314 -0.18 56.18 -13.80
CA ALA B 314 -1.63 56.21 -13.57
C ALA B 314 -2.33 56.09 -14.92
N GLY B 315 -3.61 55.75 -14.87
CA GLY B 315 -4.38 55.59 -16.09
C GLY B 315 -5.83 55.33 -15.78
N VAL B 316 -6.61 55.10 -16.84
CA VAL B 316 -8.04 54.85 -16.70
C VAL B 316 -8.29 53.35 -16.73
N ALA B 317 -8.00 52.71 -17.86
CA ALA B 317 -8.22 51.28 -18.01
C ALA B 317 -6.93 50.47 -17.97
N ASN B 318 -5.82 51.08 -17.57
CA ASN B 318 -4.52 50.42 -17.60
C ASN B 318 -4.39 49.50 -16.39
N ARG B 319 -4.38 48.19 -16.64
CA ARG B 319 -4.18 47.22 -15.59
C ARG B 319 -2.73 47.17 -15.11
N SER B 320 -1.80 47.74 -15.88
CA SER B 320 -0.39 47.72 -15.53
C SER B 320 0.07 49.00 -14.82
N ALA B 321 -0.84 49.92 -14.53
CA ALA B 321 -0.47 51.16 -13.88
C ALA B 321 -0.48 50.99 -12.36
N SER B 322 0.26 51.88 -11.68
CA SER B 322 0.27 51.87 -10.22
C SER B 322 -1.11 52.20 -9.67
N ILE B 323 -1.77 53.20 -10.25
CA ILE B 323 -3.12 53.60 -9.86
C ILE B 323 -4.02 53.48 -11.09
N ARG B 324 -5.24 53.01 -10.87
CA ARG B 324 -6.22 52.83 -11.92
C ARG B 324 -7.53 53.50 -11.51
N ILE B 325 -8.28 53.94 -12.51
CA ILE B 325 -9.58 54.58 -12.31
C ILE B 325 -10.62 53.76 -13.07
N PRO B 326 -11.65 53.22 -12.41
CA PRO B 326 -12.59 52.34 -13.12
C PRO B 326 -13.25 53.06 -14.31
N ARG B 327 -13.54 52.27 -15.33
CA ARG B 327 -14.11 52.83 -16.56
C ARG B 327 -15.45 53.51 -16.29
N THR B 328 -16.29 52.90 -15.46
CA THR B 328 -17.57 53.52 -15.13
C THR B 328 -17.36 54.82 -14.37
N VAL B 329 -16.38 54.85 -13.46
CA VAL B 329 -16.07 56.07 -12.73
C VAL B 329 -15.66 57.17 -13.71
N GLY B 330 -14.81 56.83 -14.67
CA GLY B 330 -14.43 57.81 -15.68
C GLY B 330 -15.61 58.28 -16.51
N GLN B 331 -16.48 57.35 -16.92
CA GLN B 331 -17.66 57.71 -17.68
C GLN B 331 -18.50 58.72 -16.93
N GLU B 332 -18.82 58.42 -15.68
CA GLU B 332 -19.43 59.39 -14.79
C GLU B 332 -18.34 60.31 -14.23
N LYS B 333 -18.70 61.09 -13.22
CA LYS B 333 -17.76 61.99 -12.57
C LYS B 333 -17.78 61.83 -11.05
N LYS B 334 -18.06 60.61 -10.59
CA LYS B 334 -18.10 60.32 -9.17
C LYS B 334 -17.82 58.83 -8.96
N GLY B 335 -17.11 58.52 -7.89
CA GLY B 335 -16.79 57.13 -7.60
C GLY B 335 -15.58 56.94 -6.71
N TYR B 336 -14.65 56.09 -7.15
CA TYR B 336 -13.52 55.66 -6.33
C TYR B 336 -12.34 55.35 -7.24
N PHE B 337 -11.18 55.20 -6.62
CA PHE B 337 -9.96 54.79 -7.33
C PHE B 337 -9.20 53.79 -6.46
N GLU B 338 -8.36 52.99 -7.11
CA GLU B 338 -7.69 51.87 -6.47
C GLU B 338 -6.17 52.02 -6.56
N ASP B 339 -5.48 51.53 -5.53
CA ASP B 339 -4.02 51.50 -5.49
C ASP B 339 -3.59 50.04 -5.47
N ARG B 340 -2.72 49.67 -6.41
CA ARG B 340 -2.36 48.27 -6.63
C ARG B 340 -0.95 47.93 -6.19
N ARG B 341 -0.31 48.79 -5.40
CA ARG B 341 1.07 48.58 -4.96
C ARG B 341 1.20 47.66 -3.75
N PRO B 342 0.33 47.75 -2.74
CA PRO B 342 0.57 47.01 -1.50
C PRO B 342 0.67 45.51 -1.71
N SER B 343 1.51 44.86 -0.90
CA SER B 343 1.74 43.43 -0.98
C SER B 343 0.66 42.66 -0.21
N ALA B 344 0.64 41.34 -0.42
CA ALA B 344 -0.41 40.51 0.16
C ALA B 344 -0.31 40.43 1.68
N ASN B 345 0.88 40.65 2.25
CA ASN B 345 1.10 40.53 3.68
C ASN B 345 1.23 41.88 4.37
N CYS B 346 0.47 42.87 3.92
CA CYS B 346 0.55 44.22 4.46
C CYS B 346 -0.33 44.38 5.69
N ASP B 347 -0.19 45.52 6.36
CA ASP B 347 -0.99 45.86 7.52
C ASP B 347 -2.03 46.90 7.15
N PRO B 348 -3.33 46.61 7.24
CA PRO B 348 -4.33 47.59 6.81
C PRO B 348 -4.27 48.89 7.60
N PHE B 349 -3.95 48.82 8.89
CA PHE B 349 -3.83 50.04 9.68
C PHE B 349 -2.80 50.99 9.05
N SER B 350 -1.62 50.46 8.76
CA SER B 350 -0.58 51.27 8.14
C SER B 350 -1.04 51.79 6.78
N VAL B 351 -1.66 50.92 5.98
CA VAL B 351 -2.05 51.32 4.62
C VAL B 351 -3.00 52.51 4.68
N THR B 352 -4.07 52.37 5.46
CA THR B 352 -5.08 53.43 5.52
C THR B 352 -4.51 54.70 6.15
N GLU B 353 -3.71 54.55 7.21
CA GLU B 353 -3.12 55.71 7.85
C GLU B 353 -2.27 56.50 6.86
N ALA B 354 -1.41 55.81 6.11
CA ALA B 354 -0.57 56.50 5.14
C ALA B 354 -1.39 57.18 4.07
N LEU B 355 -2.42 56.48 3.56
CA LEU B 355 -3.25 57.10 2.53
C LEU B 355 -3.87 58.40 3.02
N ILE B 356 -4.50 58.37 4.19
CA ILE B 356 -5.16 59.57 4.70
C ILE B 356 -4.13 60.66 4.97
N ARG B 357 -3.00 60.30 5.57
CA ARG B 357 -1.95 61.28 5.86
C ARG B 357 -1.54 62.02 4.59
N THR B 358 -1.28 61.28 3.51
CA THR B 358 -0.77 61.92 2.31
C THR B 358 -1.86 62.68 1.55
N CYS B 359 -3.09 62.19 1.58
CA CYS B 359 -4.12 62.79 0.74
C CYS B 359 -4.90 63.90 1.42
N LEU B 360 -5.44 63.67 2.63
CA LEU B 360 -6.35 64.62 3.23
C LEU B 360 -5.69 65.62 4.16
N LEU B 361 -4.60 65.23 4.83
CA LEU B 361 -3.90 66.15 5.70
C LEU B 361 -2.81 66.95 4.98
N ASN B 362 -2.54 66.62 3.72
CA ASN B 362 -1.62 67.38 2.88
C ASN B 362 -0.19 67.40 3.46
N GLU B 363 0.16 66.41 4.27
CA GLU B 363 1.49 66.37 4.83
C GLU B 363 2.51 65.94 3.77
N THR B 364 3.75 66.36 3.97
CA THR B 364 4.86 66.00 3.09
C THR B 364 6.12 65.80 3.93
N GLY B 365 7.08 65.12 3.34
CA GLY B 365 8.35 64.85 4.00
C GLY B 365 8.57 63.36 4.22
N ASP B 366 9.78 63.06 4.68
CA ASP B 366 10.15 61.66 4.92
C ASP B 366 9.48 61.11 6.17
N GLU B 367 9.42 61.90 7.24
CA GLU B 367 8.88 61.42 8.49
C GLU B 367 7.48 61.96 8.73
N PRO B 368 6.64 61.23 9.44
CA PRO B 368 5.30 61.74 9.78
C PRO B 368 5.34 62.69 10.96
N PHE B 369 4.36 63.58 11.01
CA PHE B 369 4.30 64.55 12.10
C PHE B 369 4.04 63.83 13.42
N GLN B 370 4.58 64.40 14.50
CA GLN B 370 4.75 63.63 15.73
C GLN B 370 3.42 63.36 16.43
N TYR B 371 2.75 64.41 16.89
CA TYR B 371 1.60 64.25 17.77
C TYR B 371 0.30 64.72 17.13
N LYS B 372 0.22 65.99 16.72
CA LYS B 372 -1.05 66.55 16.28
C LYS B 372 -1.47 65.96 14.94
N ASN B 373 -0.54 65.90 13.99
CA ASN B 373 -0.86 65.40 12.65
C ASN B 373 -0.16 64.05 12.43
N THR C 2 0.90 6.73 14.82
CA THR C 2 -0.21 5.82 14.41
C THR C 2 -1.32 5.82 15.45
N THR C 3 -2.50 5.35 15.04
CA THR C 3 -3.67 5.29 15.90
C THR C 3 -4.05 3.84 16.17
N SER C 4 -4.84 3.65 17.22
CA SER C 4 -5.21 2.31 17.65
C SER C 4 -6.11 1.64 16.63
N ALA C 5 -6.13 0.31 16.66
CA ALA C 5 -6.96 -0.45 15.73
C ALA C 5 -8.44 -0.15 15.95
N SER C 6 -8.85 0.04 17.21
CA SER C 6 -10.26 0.30 17.49
C SER C 6 -10.74 1.56 16.81
N SER C 7 -9.85 2.54 16.60
CA SER C 7 -10.25 3.80 15.99
C SER C 7 -10.54 3.68 14.50
N HIS C 8 -10.23 2.54 13.88
CA HIS C 8 -10.48 2.34 12.46
C HIS C 8 -11.86 1.72 12.18
N LEU C 9 -12.64 1.41 13.22
CA LEU C 9 -13.97 0.87 13.02
C LEU C 9 -14.92 1.97 12.54
N ASN C 10 -16.11 1.56 12.12
CA ASN C 10 -17.11 2.46 11.57
C ASN C 10 -17.98 3.00 12.71
N LYS C 11 -17.93 4.31 12.94
CA LYS C 11 -18.63 4.92 14.06
C LYS C 11 -20.09 5.22 13.77
N GLY C 12 -20.49 5.20 12.49
CA GLY C 12 -21.89 5.39 12.17
C GLY C 12 -22.77 4.31 12.76
N ILE C 13 -22.28 3.07 12.77
CA ILE C 13 -23.03 1.97 13.37
C ILE C 13 -23.28 2.26 14.85
N LYS C 14 -22.23 2.69 15.56
CA LYS C 14 -22.40 3.00 16.97
C LYS C 14 -23.40 4.13 17.16
N GLN C 15 -23.34 5.15 16.32
CA GLN C 15 -24.31 6.24 16.45
C GLN C 15 -25.74 5.74 16.24
N VAL C 16 -25.95 4.90 15.23
CA VAL C 16 -27.27 4.34 14.99
C VAL C 16 -27.76 3.61 16.22
N TYR C 17 -26.88 2.80 16.84
CA TYR C 17 -27.29 2.07 18.03
C TYR C 17 -27.62 3.01 19.18
N MET C 18 -26.79 4.04 19.39
CA MET C 18 -27.03 4.97 20.50
C MET C 18 -28.29 5.80 20.29
N SER C 19 -28.80 5.88 19.07
CA SER C 19 -30.03 6.63 18.84
C SER C 19 -31.27 5.95 19.42
N LEU C 20 -31.18 4.70 19.86
CA LEU C 20 -32.35 3.99 20.34
C LEU C 20 -32.87 4.62 21.63
N PRO C 21 -34.19 4.73 21.80
CA PRO C 21 -34.73 5.17 23.10
C PRO C 21 -34.41 4.17 24.19
N GLN C 22 -34.18 4.68 25.40
CA GLN C 22 -33.62 3.86 26.47
C GLN C 22 -34.71 3.09 27.22
N GLY C 23 -35.67 3.79 27.79
CA GLY C 23 -36.70 3.19 28.61
C GLY C 23 -36.71 3.76 30.02
N GLU C 24 -37.04 2.91 30.99
CA GLU C 24 -37.17 3.32 32.38
C GLU C 24 -35.94 3.02 33.23
N LYS C 25 -35.02 2.18 32.75
CA LYS C 25 -33.82 1.88 33.52
C LYS C 25 -32.76 2.96 33.31
N VAL C 26 -31.79 2.97 34.22
CA VAL C 26 -30.73 3.97 34.22
C VAL C 26 -29.39 3.27 34.44
N GLN C 27 -28.33 3.87 33.90
CA GLN C 27 -26.97 3.36 34.04
C GLN C 27 -26.15 4.29 34.91
N ALA C 28 -25.27 3.71 35.72
CA ALA C 28 -24.37 4.46 36.59
C ALA C 28 -22.97 3.87 36.48
N MET C 29 -21.96 4.75 36.38
CA MET C 29 -20.57 4.35 36.23
C MET C 29 -19.78 4.76 37.46
N TYR C 30 -19.04 3.82 38.03
CA TYR C 30 -18.22 4.05 39.23
C TYR C 30 -16.76 4.22 38.82
N ILE C 31 -16.07 5.14 39.48
CA ILE C 31 -14.67 5.45 39.19
C ILE C 31 -13.90 5.55 40.48
N TRP C 32 -12.67 5.02 40.50
CA TRP C 32 -11.84 5.04 41.69
C TRP C 32 -10.36 4.98 41.29
N ILE C 33 -9.50 5.31 42.27
CA ILE C 33 -8.05 5.33 42.07
C ILE C 33 -7.48 3.98 42.49
N ASP C 34 -6.47 3.51 41.75
CA ASP C 34 -5.91 2.19 41.95
C ASP C 34 -4.68 2.25 42.85
N GLY C 35 -3.95 1.13 42.94
CA GLY C 35 -2.86 1.01 43.89
C GLY C 35 -1.61 1.80 43.54
N THR C 36 -1.40 2.08 42.26
CA THR C 36 -0.21 2.84 41.87
C THR C 36 -0.28 4.29 42.31
N GLY C 37 -1.47 4.79 42.64
CA GLY C 37 -1.64 6.17 43.03
C GLY C 37 -1.82 7.15 41.89
N GLU C 38 -1.75 6.69 40.64
CA GLU C 38 -1.93 7.58 39.50
C GLU C 38 -2.73 6.92 38.37
N GLY C 39 -3.62 5.97 38.69
CA GLY C 39 -4.43 5.32 37.69
C GLY C 39 -5.90 5.29 38.06
N LEU C 40 -6.76 5.13 37.07
CA LEU C 40 -8.20 5.13 37.28
C LEU C 40 -8.82 3.86 36.69
N ARG C 41 -9.90 3.40 37.32
CA ARG C 41 -10.63 2.21 36.90
C ARG C 41 -12.13 2.52 36.94
N CYS C 42 -12.92 1.73 36.21
CA CYS C 42 -14.35 1.99 36.14
C CYS C 42 -15.11 0.74 35.73
N LYS C 43 -16.42 0.75 36.05
CA LYS C 43 -17.35 -0.31 35.67
C LYS C 43 -18.76 0.24 35.80
N THR C 44 -19.73 -0.48 35.24
CA THR C 44 -21.10 0.02 35.09
C THR C 44 -22.12 -0.87 35.76
N ARG C 45 -23.18 -0.25 36.28
CA ARG C 45 -24.28 -0.93 36.96
C ARG C 45 -25.61 -0.38 36.46
N THR C 46 -26.66 -1.20 36.57
CA THR C 46 -28.00 -0.82 36.19
C THR C 46 -28.85 -0.49 37.42
N LEU C 47 -29.62 0.58 37.34
CA LEU C 47 -30.46 1.05 38.42
C LEU C 47 -31.92 1.11 37.98
N ASP C 48 -32.82 1.08 38.96
CA ASP C 48 -34.25 1.05 38.67
C ASP C 48 -34.86 2.42 38.43
N SER C 49 -34.34 3.47 39.07
CA SER C 49 -34.87 4.81 38.89
C SER C 49 -33.74 5.81 39.00
N GLU C 50 -33.98 7.01 38.48
CA GLU C 50 -32.95 8.04 38.45
C GLU C 50 -32.73 8.60 39.85
N PRO C 51 -31.53 8.54 40.41
CA PRO C 51 -31.28 9.15 41.71
C PRO C 51 -31.24 10.67 41.61
N LYS C 52 -31.55 11.33 42.72
CA LYS C 52 -31.55 12.78 42.79
C LYS C 52 -30.34 13.35 43.53
N CYS C 53 -29.64 12.55 44.32
CA CYS C 53 -28.46 13.01 45.04
C CYS C 53 -27.54 11.83 45.29
N VAL C 54 -26.28 12.14 45.59
CA VAL C 54 -25.28 11.10 45.81
C VAL C 54 -25.61 10.22 47.00
N GLU C 55 -26.56 10.62 47.85
CA GLU C 55 -26.91 9.82 49.02
C GLU C 55 -27.73 8.59 48.67
N GLU C 56 -28.40 8.59 47.52
CA GLU C 56 -29.31 7.49 47.19
C GLU C 56 -28.62 6.30 46.56
N LEU C 57 -27.34 6.41 46.20
CA LEU C 57 -26.68 5.31 45.53
C LEU C 57 -26.17 4.28 46.55
N PRO C 58 -26.18 2.99 46.20
CA PRO C 58 -25.70 1.96 47.12
C PRO C 58 -24.19 1.78 47.03
N GLU C 59 -23.67 1.05 48.01
CA GLU C 59 -22.25 0.69 48.04
C GLU C 59 -22.00 -0.49 47.11
N TRP C 60 -20.71 -0.77 46.87
CA TRP C 60 -20.34 -1.87 46.00
C TRP C 60 -18.94 -2.35 46.38
N ASN C 61 -18.37 -3.23 45.57
CA ASN C 61 -17.10 -3.86 45.87
C ASN C 61 -16.43 -4.30 44.58
N PHE C 62 -15.14 -4.60 44.68
CA PHE C 62 -14.35 -5.06 43.55
C PHE C 62 -13.21 -5.92 44.06
N ASP C 63 -12.59 -6.67 43.14
CA ASP C 63 -11.52 -7.59 43.48
C ASP C 63 -10.21 -6.83 43.56
N GLY C 64 -9.67 -6.69 44.77
CA GLY C 64 -8.45 -5.94 44.98
C GLY C 64 -7.18 -6.64 44.59
N SER C 65 -7.25 -7.95 44.30
CA SER C 65 -6.06 -8.69 43.89
C SER C 65 -5.66 -8.39 42.46
N SER C 66 -6.57 -7.89 41.63
CA SER C 66 -6.28 -7.57 40.24
C SER C 66 -5.77 -6.15 40.06
N THR C 67 -5.80 -5.32 41.10
CA THR C 67 -5.28 -3.95 41.03
C THR C 67 -4.13 -3.75 42.01
N LEU C 68 -3.45 -4.83 42.41
CA LEU C 68 -2.38 -4.80 43.38
C LEU C 68 -2.69 -3.86 44.54
N GLN C 69 -3.81 -4.14 45.21
CA GLN C 69 -4.20 -3.41 46.40
C GLN C 69 -4.50 -4.31 47.59
N SER C 70 -4.44 -5.63 47.41
CA SER C 70 -4.72 -6.58 48.49
C SER C 70 -4.23 -7.95 48.04
N GLU C 71 -4.58 -8.98 48.81
CA GLU C 71 -4.19 -10.35 48.54
C GLU C 71 -5.39 -11.15 48.05
N GLY C 72 -5.10 -12.34 47.51
CA GLY C 72 -6.14 -13.17 46.92
C GLY C 72 -7.06 -13.81 47.94
N SER C 73 -6.61 -13.98 49.17
CA SER C 73 -7.45 -14.60 50.19
C SER C 73 -8.53 -13.64 50.66
N ASN C 74 -8.18 -12.37 50.89
CA ASN C 74 -9.12 -11.37 51.35
C ASN C 74 -9.18 -10.22 50.35
N SER C 75 -9.32 -10.56 49.08
CA SER C 75 -9.18 -9.57 48.01
C SER C 75 -10.31 -8.53 47.99
N ASP C 76 -11.42 -8.79 48.67
CA ASP C 76 -12.56 -7.90 48.55
C ASP C 76 -12.25 -6.51 49.09
N MET C 77 -12.76 -5.50 48.40
CA MET C 77 -12.65 -4.10 48.82
C MET C 77 -13.99 -3.43 48.59
N TYR C 78 -14.20 -2.30 49.26
CA TYR C 78 -15.47 -1.58 49.21
C TYR C 78 -15.34 -0.29 48.42
N LEU C 79 -16.48 0.18 47.91
CA LEU C 79 -16.58 1.45 47.20
C LEU C 79 -17.69 2.27 47.84
N VAL C 80 -17.38 3.50 48.23
CA VAL C 80 -18.35 4.39 48.86
C VAL C 80 -18.51 5.64 48.00
N PRO C 81 -19.69 5.89 47.42
CA PRO C 81 -19.84 7.07 46.55
C PRO C 81 -19.57 8.37 47.29
N ALA C 82 -19.01 9.34 46.56
CA ALA C 82 -18.66 10.64 47.12
C ALA C 82 -19.21 11.82 46.33
N ALA C 83 -19.27 11.72 45.00
CA ALA C 83 -19.75 12.83 44.18
C ALA C 83 -20.43 12.28 42.93
N MET C 84 -21.29 13.09 42.34
CA MET C 84 -22.11 12.69 41.21
C MET C 84 -22.11 13.76 40.13
N PHE C 85 -22.16 13.33 38.87
CA PHE C 85 -22.17 14.22 37.73
C PHE C 85 -23.01 13.59 36.61
N ARG C 86 -23.41 14.41 35.65
CA ARG C 86 -24.09 13.92 34.47
C ARG C 86 -23.10 13.24 33.53
N ASP C 87 -23.60 12.27 32.76
CA ASP C 87 -22.75 11.49 31.86
C ASP C 87 -22.78 12.09 30.47
N PRO C 88 -21.66 12.58 29.94
CA PRO C 88 -21.69 13.16 28.58
C PRO C 88 -21.63 12.14 27.46
N PHE C 89 -21.22 10.91 27.73
CA PHE C 89 -21.09 9.90 26.69
C PHE C 89 -22.39 9.15 26.44
N ARG C 90 -23.25 9.05 27.46
CA ARG C 90 -24.55 8.40 27.32
C ARG C 90 -25.72 9.36 27.51
N LYS C 91 -25.48 10.58 27.97
CA LYS C 91 -26.49 11.62 28.10
C LYS C 91 -27.47 11.31 29.22
N ASP C 92 -28.34 12.27 29.54
CA ASP C 92 -29.27 12.11 30.64
C ASP C 92 -30.23 10.95 30.34
N PRO C 93 -30.74 10.27 31.38
CA PRO C 93 -30.53 10.50 32.82
C PRO C 93 -29.39 9.68 33.43
N ASN C 94 -28.45 9.18 32.64
CA ASN C 94 -27.36 8.39 33.18
C ASN C 94 -26.34 9.27 33.91
N LYS C 95 -25.56 8.66 34.80
CA LYS C 95 -24.78 9.39 35.79
C LYS C 95 -23.34 8.88 35.84
N LEU C 96 -22.47 9.73 36.40
CA LEU C 96 -21.09 9.38 36.76
C LEU C 96 -20.92 9.50 38.26
N VAL C 97 -20.15 8.60 38.86
CA VAL C 97 -19.97 8.56 40.31
C VAL C 97 -18.51 8.34 40.63
N LEU C 98 -17.97 9.19 41.52
CA LEU C 98 -16.60 9.04 42.03
C LEU C 98 -16.67 8.53 43.46
N CYS C 99 -15.86 7.52 43.78
CA CYS C 99 -15.98 6.77 45.03
C CYS C 99 -14.65 6.71 45.75
N GLU C 100 -14.73 6.48 47.07
CA GLU C 100 -13.58 6.23 47.91
C GLU C 100 -13.40 4.72 48.09
N VAL C 101 -12.20 4.34 48.52
CA VAL C 101 -11.82 2.94 48.65
C VAL C 101 -11.56 2.61 50.11
N PHE C 102 -12.02 1.44 50.55
CA PHE C 102 -11.84 0.98 51.91
C PHE C 102 -11.40 -0.47 51.92
N LYS C 103 -10.72 -0.86 53.00
CA LYS C 103 -10.23 -2.21 53.17
C LYS C 103 -11.32 -3.11 53.74
N TYR C 104 -11.07 -4.42 53.73
CA TYR C 104 -12.09 -5.37 54.17
C TYR C 104 -12.47 -5.15 55.63
N ASN C 105 -11.58 -4.57 56.43
CA ASN C 105 -11.86 -4.26 57.82
C ASN C 105 -12.40 -2.85 58.01
N ARG C 106 -12.72 -2.14 56.92
CA ARG C 106 -13.31 -0.81 56.94
C ARG C 106 -12.30 0.28 57.29
N ARG C 107 -11.01 0.04 57.06
CA ARG C 107 -10.03 1.10 57.19
C ARG C 107 -9.68 1.67 55.81
N PRO C 108 -9.34 2.96 55.73
CA PRO C 108 -9.04 3.54 54.42
C PRO C 108 -7.84 2.86 53.78
N ALA C 109 -7.86 2.81 52.45
CA ALA C 109 -6.77 2.18 51.70
C ALA C 109 -5.52 3.05 51.74
N GLU C 110 -4.42 2.48 51.26
CA GLU C 110 -3.15 3.20 51.27
C GLU C 110 -3.21 4.45 50.41
N THR C 111 -3.83 4.37 49.25
CA THR C 111 -3.92 5.49 48.31
C THR C 111 -5.24 6.25 48.45
N ASN C 112 -5.81 6.28 49.65
CA ASN C 112 -7.03 7.02 49.94
C ASN C 112 -6.65 8.20 50.83
N LEU C 113 -6.47 9.38 50.22
CA LEU C 113 -6.12 10.59 50.94
C LEU C 113 -7.29 11.54 51.12
N ARG C 114 -8.37 11.35 50.36
CA ARG C 114 -9.55 12.18 50.54
C ARG C 114 -10.08 12.10 51.96
N HIS C 115 -9.91 10.95 52.62
CA HIS C 115 -10.43 10.80 53.97
C HIS C 115 -9.82 11.83 54.92
N THR C 116 -8.50 11.93 54.93
CA THR C 116 -7.83 12.92 55.79
C THR C 116 -8.05 14.34 55.27
N CYS C 117 -8.03 14.51 53.94
CA CYS C 117 -8.21 15.84 53.37
C CYS C 117 -9.53 16.45 53.78
N LYS C 118 -10.59 15.64 53.83
CA LYS C 118 -11.91 16.17 54.17
C LYS C 118 -11.92 16.71 55.59
N ARG C 119 -11.35 15.98 56.54
CA ARG C 119 -11.30 16.47 57.91
C ARG C 119 -10.48 17.74 58.01
N ILE C 120 -9.33 17.77 57.35
CA ILE C 120 -8.46 18.95 57.40
C ILE C 120 -9.21 20.16 56.86
N MET C 121 -9.90 19.99 55.73
CA MET C 121 -10.63 21.10 55.13
C MET C 121 -11.81 21.51 55.99
N ASP C 122 -12.43 20.55 56.69
CA ASP C 122 -13.58 20.87 57.53
C ASP C 122 -13.16 21.70 58.74
N MET C 123 -11.97 21.47 59.28
CA MET C 123 -11.60 22.20 60.48
C MET C 123 -11.29 23.67 60.22
N VAL C 124 -11.22 24.11 58.96
CA VAL C 124 -10.87 25.49 58.65
C VAL C 124 -11.94 26.10 57.75
N SER C 125 -13.19 25.66 57.91
CA SER C 125 -14.25 26.07 57.00
C SER C 125 -14.50 27.58 57.05
N ASN C 126 -14.08 28.25 58.12
CA ASN C 126 -14.40 29.66 58.27
C ASN C 126 -13.74 30.52 57.20
N GLN C 127 -12.49 30.20 56.86
CA GLN C 127 -11.72 31.08 55.96
C GLN C 127 -12.25 31.05 54.53
N HIS C 128 -12.96 30.00 54.14
CA HIS C 128 -13.48 29.88 52.79
C HIS C 128 -12.36 29.87 51.76
N PRO C 129 -11.41 28.93 51.84
CA PRO C 129 -10.32 28.91 50.86
C PRO C 129 -10.81 28.56 49.46
N TRP C 130 -10.15 29.13 48.46
CA TRP C 130 -10.41 28.85 47.06
C TRP C 130 -9.13 28.35 46.39
N PHE C 131 -9.28 27.44 45.43
CA PHE C 131 -8.15 26.84 44.75
C PHE C 131 -8.35 26.89 43.23
N GLY C 132 -7.24 26.82 42.50
CA GLY C 132 -7.28 26.76 41.05
C GLY C 132 -6.04 26.09 40.49
N MET C 133 -6.21 25.12 39.60
CA MET C 133 -5.11 24.32 39.09
C MET C 133 -4.99 24.48 37.58
N GLU C 134 -3.77 24.33 37.09
CA GLU C 134 -3.47 24.40 35.66
C GLU C 134 -2.82 23.08 35.24
N GLN C 135 -3.54 22.28 34.47
CA GLN C 135 -3.10 20.94 34.08
C GLN C 135 -2.55 20.98 32.67
N GLU C 136 -1.31 20.51 32.50
CA GLU C 136 -0.65 20.41 31.21
C GLU C 136 -0.45 18.94 30.84
N TYR C 137 -0.55 18.63 29.56
CA TYR C 137 -0.47 17.25 29.10
C TYR C 137 -0.01 17.22 27.64
N THR C 138 0.37 16.03 27.20
CA THR C 138 0.84 15.81 25.83
C THR C 138 0.10 14.63 25.20
N LEU C 139 -0.15 14.73 23.90
CA LEU C 139 -0.82 13.68 23.16
C LEU C 139 0.22 12.81 22.45
N MET C 140 0.01 11.50 22.51
CA MET C 140 0.95 10.53 21.95
C MET C 140 0.21 9.54 21.07
N GLY C 141 0.92 9.02 20.07
CA GLY C 141 0.41 7.93 19.28
C GLY C 141 0.71 6.58 19.94
N THR C 142 0.16 5.53 19.35
CA THR C 142 0.36 4.19 19.90
C THR C 142 1.77 3.67 19.68
N ASP C 143 2.55 4.31 18.82
CA ASP C 143 3.93 3.90 18.56
C ASP C 143 4.93 4.52 19.53
N GLY C 144 4.50 5.41 20.40
CA GLY C 144 5.36 5.98 21.42
C GLY C 144 5.91 7.36 21.13
N HIS C 145 5.53 7.98 20.03
CA HIS C 145 5.98 9.32 19.69
C HIS C 145 4.84 10.32 19.80
N PRO C 146 5.14 11.60 20.02
CA PRO C 146 4.07 12.60 20.12
C PRO C 146 3.24 12.64 18.85
N PHE C 147 1.94 12.89 19.03
CA PHE C 147 1.01 12.84 17.91
C PHE C 147 1.29 13.96 16.91
N GLY C 148 1.37 13.61 15.63
CA GLY C 148 1.59 14.58 14.58
C GLY C 148 3.04 14.87 14.27
N TRP C 149 3.98 14.35 15.06
CA TRP C 149 5.38 14.61 14.80
C TRP C 149 5.86 13.77 13.60
N PRO C 150 6.88 14.23 12.88
CA PRO C 150 7.39 13.44 11.75
C PRO C 150 7.89 12.08 12.23
N SER C 151 7.72 11.09 11.37
CA SER C 151 8.11 9.72 11.71
C SER C 151 9.59 9.67 12.06
N ASN C 152 9.91 9.40 13.33
CA ASN C 152 11.27 9.30 13.82
C ASN C 152 12.04 10.61 13.73
N GLY C 153 11.34 11.74 13.61
CA GLY C 153 12.00 13.02 13.46
C GLY C 153 11.50 14.08 14.43
N PHE C 154 11.76 15.34 14.14
CA PHE C 154 11.37 16.46 14.97
C PHE C 154 10.73 17.55 14.13
N PRO C 155 9.88 18.38 14.72
CA PRO C 155 9.43 19.60 14.05
C PRO C 155 10.45 20.71 14.22
N GLY C 156 10.11 21.90 13.74
CA GLY C 156 11.00 23.01 13.78
C GLY C 156 11.27 23.49 15.19
N PRO C 157 12.16 24.46 15.34
CA PRO C 157 12.49 24.99 16.67
C PRO C 157 11.32 25.71 17.29
N GLN C 158 11.37 25.81 18.61
CA GLN C 158 10.27 26.41 19.37
C GLN C 158 10.16 27.91 19.10
N GLY C 159 8.96 28.43 19.33
CA GLY C 159 8.71 29.85 19.21
C GLY C 159 7.40 30.21 18.54
N PRO C 160 7.00 29.47 17.50
CA PRO C 160 5.72 29.75 16.83
C PRO C 160 4.52 28.94 17.30
N TYR C 161 4.69 28.02 18.25
CA TYR C 161 3.62 27.11 18.62
C TYR C 161 2.78 27.62 19.79
N TYR C 162 3.34 28.45 20.65
CA TYR C 162 2.59 28.94 21.80
C TYR C 162 1.35 29.69 21.35
N CYS C 163 0.20 29.26 21.87
CA CYS C 163 -1.09 29.87 21.53
C CYS C 163 -1.26 29.97 20.01
N GLY C 164 -0.79 28.95 19.30
CA GLY C 164 -0.73 29.01 17.86
C GLY C 164 -2.06 28.72 17.19
N VAL C 165 -2.11 29.02 15.88
CA VAL C 165 -3.27 28.74 15.05
C VAL C 165 -2.78 28.40 13.65
N GLY C 166 -3.34 27.36 13.05
CA GLY C 166 -2.93 26.93 11.74
C GLY C 166 -2.55 25.47 11.69
N ALA C 167 -2.61 24.86 10.50
CA ALA C 167 -2.38 23.43 10.39
C ALA C 167 -0.94 23.03 10.69
N ASP C 168 0.00 23.97 10.64
CA ASP C 168 1.40 23.67 10.86
C ASP C 168 1.92 24.17 12.20
N ARG C 169 1.04 24.65 13.08
CA ARG C 169 1.47 25.09 14.41
C ARG C 169 0.52 24.70 15.52
N ALA C 170 -0.43 23.79 15.28
CA ALA C 170 -1.34 23.32 16.32
C ALA C 170 -1.84 21.94 15.93
N TYR C 171 -1.54 20.94 16.75
CA TYR C 171 -1.84 19.55 16.45
C TYR C 171 -2.93 19.04 17.39
N GLY C 172 -4.04 18.57 16.81
CA GLY C 172 -5.08 17.90 17.56
C GLY C 172 -6.00 18.80 18.36
N ARG C 173 -6.66 19.76 17.71
CA ARG C 173 -7.56 20.66 18.41
C ARG C 173 -8.95 20.06 18.62
N ASP C 174 -9.32 19.05 17.82
CA ASP C 174 -10.63 18.44 17.97
C ASP C 174 -10.80 17.81 19.33
N ILE C 175 -9.76 17.14 19.83
CA ILE C 175 -9.81 16.55 21.16
C ILE C 175 -10.06 17.61 22.21
N VAL C 176 -9.37 18.74 22.10
CA VAL C 176 -9.53 19.82 23.07
C VAL C 176 -10.96 20.35 23.04
N GLU C 177 -11.50 20.57 21.85
CA GLU C 177 -12.87 21.09 21.74
C GLU C 177 -13.86 20.11 22.35
N ALA C 178 -13.73 18.82 22.02
CA ALA C 178 -14.67 17.84 22.54
C ALA C 178 -14.59 17.75 24.05
N HIS C 179 -13.38 17.76 24.60
CA HIS C 179 -13.21 17.70 26.05
C HIS C 179 -13.85 18.91 26.73
N TYR C 180 -13.64 20.10 26.16
CA TYR C 180 -14.24 21.30 26.73
C TYR C 180 -15.75 21.19 26.78
N ARG C 181 -16.36 20.83 25.65
CA ARG C 181 -17.81 20.76 25.59
C ARG C 181 -18.36 19.68 26.53
N ALA C 182 -17.68 18.53 26.58
CA ALA C 182 -18.14 17.45 27.46
C ALA C 182 -18.06 17.87 28.92
N CYS C 183 -16.99 18.55 29.32
CA CYS C 183 -16.89 19.04 30.69
C CYS C 183 -18.01 20.03 31.00
N LEU C 184 -18.29 20.93 30.08
CA LEU C 184 -19.36 21.90 30.31
C LEU C 184 -20.69 21.18 30.50
N TYR C 185 -20.97 20.18 29.67
CA TYR C 185 -22.23 19.44 29.81
C TYR C 185 -22.27 18.68 31.14
N ALA C 186 -21.15 18.06 31.53
CA ALA C 186 -21.14 17.27 32.75
C ALA C 186 -21.36 18.13 33.99
N GLY C 187 -20.74 19.31 34.02
CA GLY C 187 -20.94 20.21 35.15
C GLY C 187 -19.68 20.52 35.91
N VAL C 188 -18.52 20.24 35.32
CA VAL C 188 -17.24 20.56 35.92
C VAL C 188 -16.95 22.04 35.71
N LYS C 189 -16.25 22.65 36.67
CA LYS C 189 -15.90 24.07 36.61
C LYS C 189 -14.61 24.24 35.82
N ILE C 190 -14.73 24.22 34.50
CA ILE C 190 -13.60 24.40 33.61
C ILE C 190 -13.54 25.86 33.19
N ALA C 191 -12.36 26.47 33.32
CA ALA C 191 -12.21 27.92 33.18
C ALA C 191 -11.62 28.35 31.85
N GLY C 192 -10.74 27.55 31.23
CA GLY C 192 -10.17 27.94 29.97
C GLY C 192 -9.13 26.94 29.50
N THR C 193 -8.67 27.15 28.27
CA THR C 193 -7.65 26.29 27.66
C THR C 193 -6.80 27.12 26.71
N ASN C 194 -5.61 26.60 26.41
CA ASN C 194 -4.73 27.23 25.42
C ASN C 194 -3.67 26.23 25.00
N ALA C 195 -3.02 26.53 23.87
CA ALA C 195 -1.91 25.72 23.38
C ALA C 195 -0.60 26.17 24.01
N GLU C 196 0.33 25.23 24.14
CA GLU C 196 1.56 25.41 24.90
C GLU C 196 2.78 25.48 23.96
N VAL C 197 3.95 25.66 24.58
CA VAL C 197 5.16 25.97 23.83
C VAL C 197 5.55 24.81 22.91
N MET C 198 5.46 23.60 23.40
CA MET C 198 5.83 22.44 22.60
C MET C 198 4.64 22.02 21.73
N PRO C 199 4.85 21.74 20.44
CA PRO C 199 3.72 21.25 19.63
C PRO C 199 3.18 19.94 20.16
N ALA C 200 1.85 19.81 20.11
CA ALA C 200 1.09 18.69 20.65
C ALA C 200 0.92 18.79 22.16
N GLN C 201 1.28 19.91 22.77
CA GLN C 201 1.11 20.14 24.20
C GLN C 201 0.00 21.14 24.43
N TRP C 202 -0.82 20.90 25.46
CA TRP C 202 -1.99 21.72 25.72
C TRP C 202 -2.15 21.92 27.23
N GLU C 203 -3.12 22.76 27.60
CA GLU C 203 -3.39 23.08 28.98
C GLU C 203 -4.87 23.40 29.15
N PHE C 204 -5.41 23.09 30.33
CA PHE C 204 -6.75 23.51 30.72
C PHE C 204 -6.76 23.84 32.21
N GLN C 205 -7.60 24.79 32.60
CA GLN C 205 -7.63 25.33 33.95
C GLN C 205 -8.95 24.99 34.63
N ILE C 206 -8.88 24.55 35.88
CA ILE C 206 -10.06 24.19 36.68
C ILE C 206 -10.12 25.12 37.89
N GLY C 207 -11.28 25.73 38.10
CA GLY C 207 -11.51 26.56 39.27
C GLY C 207 -12.28 27.81 38.96
N PRO C 208 -12.50 28.66 39.98
CA PRO C 208 -12.12 28.48 41.39
C PRO C 208 -13.08 27.55 42.14
N CYS C 209 -12.56 26.63 42.94
CA CYS C 209 -13.37 25.71 43.72
C CYS C 209 -13.06 25.87 45.21
N GLU C 210 -14.02 25.53 46.05
CA GLU C 210 -13.92 25.72 47.49
C GLU C 210 -13.72 24.38 48.19
N GLY C 211 -12.70 24.31 49.04
CA GLY C 211 -12.54 23.16 49.91
C GLY C 211 -12.29 21.87 49.16
N ILE C 212 -13.05 20.84 49.51
CA ILE C 212 -12.76 19.48 49.06
C ILE C 212 -13.21 19.23 47.62
N SER C 213 -14.01 20.11 47.04
CA SER C 213 -14.54 19.86 45.70
C SER C 213 -13.47 19.98 44.62
N MET C 214 -12.34 20.63 44.91
CA MET C 214 -11.33 20.84 43.88
C MET C 214 -10.78 19.50 43.38
N GLY C 215 -10.42 18.61 44.30
CA GLY C 215 -9.88 17.32 43.89
C GLY C 215 -10.87 16.50 43.10
N ASP C 216 -12.13 16.49 43.53
CA ASP C 216 -13.16 15.76 42.80
C ASP C 216 -13.28 16.27 41.37
N HIS C 217 -13.35 17.59 41.21
CA HIS C 217 -13.49 18.16 39.87
C HIS C 217 -12.28 17.80 39.00
N LEU C 218 -11.08 17.90 39.57
CA LEU C 218 -9.88 17.62 38.77
C LEU C 218 -9.84 16.15 38.34
N TRP C 219 -10.16 15.23 39.26
CA TRP C 219 -10.12 13.81 38.92
C TRP C 219 -11.14 13.48 37.84
N VAL C 220 -12.35 14.04 37.96
CA VAL C 220 -13.37 13.76 36.94
C VAL C 220 -12.94 14.33 35.59
N ALA C 221 -12.28 15.50 35.61
CA ALA C 221 -11.79 16.08 34.35
C ALA C 221 -10.76 15.16 33.70
N ARG C 222 -9.85 14.62 34.51
CA ARG C 222 -8.86 13.69 33.96
C ARG C 222 -9.54 12.48 33.34
N PHE C 223 -10.55 11.93 34.03
CA PHE C 223 -11.25 10.77 33.50
C PHE C 223 -11.91 11.08 32.15
N ILE C 224 -12.58 12.24 32.05
CA ILE C 224 -13.26 12.59 30.81
C ILE C 224 -12.24 12.75 29.68
N LEU C 225 -11.10 13.37 29.98
CA LEU C 225 -10.05 13.49 28.97
C LEU C 225 -9.62 12.12 28.46
N HIS C 226 -9.41 11.18 29.39
CA HIS C 226 -8.99 9.85 28.99
C HIS C 226 -10.03 9.19 28.08
N ARG C 227 -11.31 9.31 28.43
CA ARG C 227 -12.34 8.68 27.61
C ARG C 227 -12.40 9.29 26.21
N VAL C 228 -12.31 10.61 26.12
CA VAL C 228 -12.35 11.25 24.80
C VAL C 228 -11.16 10.82 23.96
N CYS C 229 -9.96 10.79 24.55
CA CYS C 229 -8.79 10.35 23.82
C CYS C 229 -8.93 8.91 23.37
N GLU C 230 -9.52 8.06 24.21
CA GLU C 230 -9.78 6.67 23.79
C GLU C 230 -10.70 6.64 22.58
N ASP C 231 -11.75 7.48 22.58
CA ASP C 231 -12.64 7.53 21.43
C ASP C 231 -11.88 7.91 20.16
N PHE C 232 -10.96 8.88 20.28
CA PHE C 232 -10.26 9.33 19.09
C PHE C 232 -9.10 8.43 18.68
N GLY C 233 -8.64 7.55 19.56
CA GLY C 233 -7.59 6.61 19.23
C GLY C 233 -6.18 7.02 19.64
N VAL C 234 -6.03 8.03 20.48
CA VAL C 234 -4.72 8.52 20.90
C VAL C 234 -4.60 8.39 22.42
N ILE C 235 -3.39 8.61 22.91
CA ILE C 235 -3.07 8.49 24.33
C ILE C 235 -2.72 9.85 24.88
N ALA C 236 -3.10 10.07 26.14
CA ALA C 236 -2.76 11.28 26.88
C ALA C 236 -1.86 10.92 28.04
N THR C 237 -0.72 11.59 28.15
CA THR C 237 0.28 11.29 29.16
C THR C 237 0.53 12.52 30.02
N PHE C 238 0.67 12.30 31.33
CA PHE C 238 0.97 13.35 32.29
C PHE C 238 2.42 13.30 32.77
N ASP C 239 3.31 12.64 32.04
CA ASP C 239 4.69 12.53 32.46
C ASP C 239 5.34 13.92 32.50
N PRO C 240 6.07 14.27 33.56
CA PRO C 240 6.64 15.62 33.63
C PRO C 240 7.60 15.95 32.49
N LYS C 241 8.40 15.00 32.04
CA LYS C 241 9.39 15.22 30.99
C LYS C 241 9.29 14.11 29.96
N PRO C 242 8.33 14.20 29.03
CA PRO C 242 8.15 13.10 28.08
C PRO C 242 9.23 13.00 27.02
N ILE C 243 9.84 14.12 26.62
CA ILE C 243 10.87 14.14 25.59
C ILE C 243 12.11 14.79 26.17
N PRO C 244 13.26 14.12 26.20
CA PRO C 244 14.48 14.75 26.73
C PRO C 244 15.12 15.68 25.71
N GLY C 245 15.81 16.69 26.23
CA GLY C 245 16.54 17.64 25.41
C GLY C 245 16.00 19.05 25.57
N ASN C 246 16.00 19.79 24.47
CA ASN C 246 15.58 21.20 24.48
C ASN C 246 14.09 21.32 24.13
N TRP C 247 13.26 20.76 25.02
CA TRP C 247 11.82 20.81 24.86
C TRP C 247 11.18 21.02 26.23
N ASN C 248 10.03 21.66 26.24
CA ASN C 248 9.40 22.08 27.48
C ASN C 248 8.85 20.89 28.25
N GLY C 249 8.74 21.05 29.57
CA GLY C 249 8.15 20.05 30.44
C GLY C 249 6.68 20.31 30.68
N ALA C 250 6.17 19.73 31.77
CA ALA C 250 4.77 19.85 32.14
C ALA C 250 4.64 20.02 33.63
N GLY C 251 3.82 20.98 34.06
CA GLY C 251 3.61 21.27 35.47
C GLY C 251 2.13 21.35 35.81
N CYS C 252 1.87 21.56 37.09
CA CYS C 252 0.51 21.64 37.63
C CYS C 252 0.39 22.81 38.61
N HIS C 253 0.80 24.00 38.15
CA HIS C 253 0.74 25.19 39.00
C HIS C 253 -0.60 25.31 39.71
N THR C 254 -0.55 25.77 40.96
CA THR C 254 -1.74 25.89 41.81
C THR C 254 -1.90 27.32 42.29
N ASN C 255 -3.13 27.83 42.25
CA ASN C 255 -3.46 29.17 42.70
C ASN C 255 -4.30 29.07 43.96
N PHE C 256 -4.05 29.96 44.92
CA PHE C 256 -4.62 29.84 46.25
C PHE C 256 -4.95 31.21 46.83
N SER C 257 -6.05 31.28 47.58
CA SER C 257 -6.41 32.50 48.29
C SER C 257 -7.45 32.16 49.35
N THR C 258 -7.56 33.05 50.34
CA THR C 258 -8.59 32.98 51.36
C THR C 258 -9.41 34.27 51.35
N LYS C 259 -10.41 34.32 52.23
CA LYS C 259 -11.27 35.50 52.29
C LYS C 259 -10.48 36.74 52.70
N ALA C 260 -9.57 36.58 53.67
CA ALA C 260 -8.77 37.72 54.12
C ALA C 260 -7.93 38.26 52.98
N MET C 261 -7.30 37.37 52.20
CA MET C 261 -6.50 37.82 51.06
C MET C 261 -7.39 38.46 50.00
N ARG C 262 -8.57 37.91 49.77
CA ARG C 262 -9.47 38.46 48.76
C ARG C 262 -10.03 39.81 49.19
N GLU C 263 -10.01 40.13 50.47
CA GLU C 263 -10.49 41.43 50.94
C GLU C 263 -9.42 42.50 50.71
N GLU C 264 -9.80 43.74 51.00
CA GLU C 264 -8.91 44.87 50.77
C GLU C 264 -7.67 44.76 51.64
N ASN C 265 -6.53 45.19 51.09
CA ASN C 265 -5.23 45.11 51.77
C ASN C 265 -4.88 43.68 52.17
N GLY C 266 -5.23 42.71 51.33
CA GLY C 266 -4.84 41.33 51.58
C GLY C 266 -3.40 41.02 51.21
N LEU C 267 -2.69 41.97 50.61
CA LEU C 267 -1.31 41.73 50.22
C LEU C 267 -0.45 41.43 51.43
N LYS C 268 -0.77 42.03 52.58
CA LYS C 268 -0.04 41.72 53.80
C LYS C 268 -0.18 40.23 54.16
N TYR C 269 -1.41 39.72 54.11
CA TYR C 269 -1.63 38.31 54.40
C TYR C 269 -0.92 37.43 53.37
N ILE C 270 -0.96 37.82 52.11
CA ILE C 270 -0.25 37.06 51.07
C ILE C 270 1.23 36.99 51.38
N GLU C 271 1.82 38.14 51.76
CA GLU C 271 3.24 38.20 52.01
C GLU C 271 3.62 37.34 53.21
N GLU C 272 2.85 37.41 54.29
CA GLU C 272 3.18 36.59 55.46
C GLU C 272 3.00 35.11 55.16
N ALA C 273 1.99 34.76 54.35
CA ALA C 273 1.82 33.37 53.96
C ALA C 273 3.03 32.88 53.17
N ILE C 274 3.51 33.68 52.22
CA ILE C 274 4.70 33.31 51.46
C ILE C 274 5.89 33.16 52.39
N GLU C 275 6.03 34.07 53.35
CA GLU C 275 7.12 34.01 54.31
C GLU C 275 7.10 32.65 55.03
N LYS C 276 5.99 32.35 55.71
CA LYS C 276 5.93 31.12 56.48
C LYS C 276 6.00 29.89 55.58
N LEU C 277 5.67 30.03 54.30
CA LEU C 277 5.82 28.92 53.37
C LEU C 277 7.27 28.70 52.98
N SER C 278 8.09 29.75 53.03
CA SER C 278 9.48 29.65 52.59
C SER C 278 10.35 28.75 53.47
N LYS C 279 9.80 28.13 54.52
CA LYS C 279 10.60 27.34 55.44
C LYS C 279 10.52 25.84 55.23
N ARG C 280 9.48 25.35 54.55
CA ARG C 280 9.23 23.91 54.42
C ARG C 280 9.36 23.46 52.97
N HIS C 281 10.42 23.94 52.30
CA HIS C 281 10.61 23.66 50.88
C HIS C 281 10.76 22.16 50.63
N GLN C 282 11.61 21.49 51.42
CA GLN C 282 11.83 20.07 51.20
C GLN C 282 10.57 19.25 51.48
N TYR C 283 9.85 19.58 52.55
CA TYR C 283 8.62 18.87 52.85
C TYR C 283 7.61 19.03 51.72
N HIS C 284 7.44 20.25 51.21
CA HIS C 284 6.49 20.46 50.14
C HIS C 284 6.93 19.75 48.86
N ILE C 285 8.24 19.76 48.58
CA ILE C 285 8.73 19.05 47.40
C ILE C 285 8.42 17.57 47.50
N ARG C 286 8.65 16.98 48.67
CA ARG C 286 8.36 15.57 48.86
C ARG C 286 6.88 15.28 48.73
N ALA C 287 6.03 16.19 49.23
CA ALA C 287 4.59 15.96 49.16
C ALA C 287 4.06 16.12 47.74
N TYR C 288 4.70 16.95 46.92
CA TYR C 288 4.21 17.26 45.58
C TYR C 288 4.50 16.18 44.55
N ASP C 289 4.96 15.00 44.97
CA ASP C 289 5.31 13.95 44.02
C ASP C 289 4.63 12.64 44.38
N PRO C 290 4.07 11.93 43.41
CA PRO C 290 3.45 10.62 43.72
C PRO C 290 4.45 9.61 44.26
N LYS C 291 5.71 9.67 43.82
CA LYS C 291 6.73 8.71 44.23
C LYS C 291 7.66 9.23 45.31
N GLY C 292 7.85 10.55 45.40
CA GLY C 292 8.72 11.10 46.42
C GLY C 292 9.52 12.30 45.95
N GLY C 293 9.67 12.46 44.64
CA GLY C 293 10.35 13.62 44.10
C GLY C 293 11.30 13.30 42.97
N LEU C 294 11.71 12.03 42.86
CA LEU C 294 12.64 11.65 41.81
C LEU C 294 12.10 11.99 40.42
N ASP C 295 10.78 11.98 40.24
CA ASP C 295 10.19 12.31 38.95
C ASP C 295 10.32 13.80 38.64
N ASN C 296 10.03 14.66 39.63
CA ASN C 296 10.11 16.09 39.40
C ASN C 296 11.55 16.56 39.18
N ALA C 297 12.52 15.74 39.59
CA ALA C 297 13.92 16.11 39.40
C ALA C 297 14.29 16.21 37.92
N ARG C 298 13.54 15.53 37.05
CA ARG C 298 13.82 15.57 35.62
C ARG C 298 13.30 16.83 34.94
N ARG C 299 12.43 17.59 35.60
CA ARG C 299 11.84 18.80 35.03
C ARG C 299 12.45 20.07 35.62
N LEU C 300 12.51 20.18 36.94
CA LEU C 300 13.04 21.38 37.58
C LEU C 300 14.56 21.40 37.52
N THR C 301 15.12 22.15 36.55
CA THR C 301 16.56 22.25 36.41
C THR C 301 17.02 23.68 36.14
N GLY C 302 16.14 24.68 36.27
CA GLY C 302 16.50 26.05 36.03
C GLY C 302 16.32 26.52 34.60
N PHE C 303 15.99 25.63 33.68
CA PHE C 303 15.84 25.97 32.27
C PHE C 303 14.39 26.00 31.85
N HIS C 304 14.14 26.60 30.69
CA HIS C 304 12.82 26.71 30.08
C HIS C 304 11.75 27.07 31.13
N GLU C 305 11.94 28.24 31.72
CA GLU C 305 10.98 28.86 32.63
C GLU C 305 10.70 28.01 33.87
N THR C 306 11.71 27.32 34.39
CA THR C 306 11.57 26.55 35.62
C THR C 306 12.65 26.96 36.62
N SER C 307 12.32 26.85 37.89
CA SER C 307 13.26 27.12 38.97
C SER C 307 14.01 25.85 39.33
N ASN C 308 15.18 26.02 39.94
CA ASN C 308 15.97 24.87 40.37
C ASN C 308 15.28 24.15 41.52
N ILE C 309 15.45 22.83 41.55
CA ILE C 309 14.76 22.02 42.55
C ILE C 309 15.26 22.33 43.96
N ASN C 310 16.52 22.72 44.10
CA ASN C 310 17.14 22.87 45.41
C ASN C 310 17.07 24.30 45.96
N ASP C 311 16.40 25.22 45.28
CA ASP C 311 16.37 26.61 45.70
C ASP C 311 14.94 27.12 45.76
N PHE C 312 14.69 28.03 46.70
CA PHE C 312 13.39 28.66 46.87
C PHE C 312 13.52 30.15 46.57
N SER C 313 12.60 30.68 45.77
CA SER C 313 12.62 32.09 45.41
C SER C 313 11.20 32.56 45.15
N ALA C 314 11.01 33.88 45.23
CA ALA C 314 9.70 34.48 45.01
C ALA C 314 9.89 35.81 44.29
N GLY C 315 8.82 36.26 43.65
CA GLY C 315 8.85 37.51 42.90
C GLY C 315 7.46 37.94 42.52
N VAL C 316 7.39 39.07 41.83
CA VAL C 316 6.10 39.62 41.39
C VAL C 316 5.80 39.15 39.99
N ALA C 317 6.63 39.55 39.02
CA ALA C 317 6.43 39.20 37.62
C ALA C 317 7.42 38.15 37.14
N ASN C 318 8.17 37.53 38.05
CA ASN C 318 9.20 36.57 37.68
C ASN C 318 8.57 35.21 37.48
N ARG C 319 8.58 34.72 36.23
CA ARG C 319 8.10 33.38 35.94
C ARG C 319 9.16 32.32 36.08
N SER C 320 10.38 32.69 36.45
CA SER C 320 11.44 31.73 36.74
C SER C 320 11.58 31.44 38.24
N ALA C 321 10.72 32.02 39.08
CA ALA C 321 10.76 31.79 40.51
C ALA C 321 9.78 30.68 40.90
N SER C 322 9.90 30.23 42.16
CA SER C 322 9.01 29.18 42.64
C SER C 322 7.63 29.73 42.97
N ILE C 323 7.55 30.97 43.45
CA ILE C 323 6.29 31.61 43.79
C ILE C 323 6.19 32.91 43.00
N ARG C 324 4.98 33.21 42.51
CA ARG C 324 4.73 34.38 41.70
C ARG C 324 3.49 35.11 42.21
N ILE C 325 3.49 36.43 42.07
CA ILE C 325 2.36 37.27 42.44
C ILE C 325 1.94 38.08 41.23
N PRO C 326 0.73 37.90 40.70
CA PRO C 326 0.36 38.60 39.47
C PRO C 326 0.48 40.12 39.62
N ARG C 327 0.86 40.78 38.53
CA ARG C 327 1.04 42.23 38.55
C ARG C 327 -0.25 42.94 38.90
N THR C 328 -1.38 42.44 38.40
CA THR C 328 -2.67 43.03 38.74
C THR C 328 -2.92 42.94 40.24
N VAL C 329 -2.60 41.78 40.83
CA VAL C 329 -2.77 41.62 42.27
C VAL C 329 -1.87 42.60 43.01
N GLY C 330 -0.61 42.73 42.58
CA GLY C 330 0.28 43.66 43.23
C GLY C 330 -0.22 45.08 43.18
N GLN C 331 -0.75 45.50 42.02
CA GLN C 331 -1.24 46.86 41.88
C GLN C 331 -2.49 47.09 42.71
N GLU C 332 -3.42 46.14 42.71
CA GLU C 332 -4.69 46.33 43.41
C GLU C 332 -4.59 46.08 44.91
N LYS C 333 -3.50 45.47 45.38
CA LYS C 333 -3.27 45.22 46.80
C LYS C 333 -4.15 44.11 47.35
N LYS C 334 -4.72 43.27 46.50
CA LYS C 334 -5.55 42.16 46.98
C LYS C 334 -5.67 41.13 45.86
N GLY C 335 -5.93 39.89 46.27
CA GLY C 335 -6.13 38.81 45.31
C GLY C 335 -5.61 37.46 45.74
N TYR C 336 -4.76 36.86 44.92
CA TYR C 336 -4.29 35.49 45.12
C TYR C 336 -2.82 35.41 44.70
N PHE C 337 -2.20 34.28 44.98
CA PHE C 337 -0.82 34.03 44.58
C PHE C 337 -0.69 32.61 44.03
N GLU C 338 0.37 32.40 43.25
CA GLU C 338 0.55 31.19 42.46
C GLU C 338 1.75 30.40 42.95
N ASP C 339 1.64 29.07 42.88
CA ASP C 339 2.74 28.16 43.20
C ASP C 339 3.05 27.33 41.96
N ARG C 340 4.30 27.30 41.56
CA ARG C 340 4.71 26.72 40.28
C ARG C 340 5.56 25.45 40.43
N ARG C 341 5.67 24.91 41.63
CA ARG C 341 6.51 23.74 41.87
C ARG C 341 5.84 22.42 41.51
N PRO C 342 4.57 22.20 41.83
CA PRO C 342 3.99 20.86 41.70
C PRO C 342 4.10 20.31 40.27
N SER C 343 4.32 19.00 40.18
CA SER C 343 4.48 18.31 38.91
C SER C 343 3.14 18.01 38.26
N ALA C 344 3.19 17.54 37.02
CA ALA C 344 1.97 17.32 36.25
C ALA C 344 1.16 16.15 36.77
N ASN C 345 1.81 15.15 37.36
CA ASN C 345 1.15 13.92 37.81
C ASN C 345 0.98 13.91 39.34
N CYS C 346 0.68 15.06 39.92
CA CYS C 346 0.53 15.18 41.37
C CYS C 346 -0.87 14.75 41.80
N ASP C 347 -1.08 14.73 43.12
CA ASP C 347 -2.38 14.41 43.70
C ASP C 347 -2.99 15.67 44.32
N PRO C 348 -4.13 16.15 43.81
CA PRO C 348 -4.68 17.42 44.33
C PRO C 348 -4.98 17.36 45.82
N PHE C 349 -5.44 16.22 46.33
CA PHE C 349 -5.73 16.11 47.75
C PHE C 349 -4.46 16.39 48.57
N SER C 350 -3.35 15.76 48.20
CA SER C 350 -2.09 15.99 48.91
C SER C 350 -1.67 17.45 48.79
N VAL C 351 -1.76 18.01 47.58
CA VAL C 351 -1.29 19.38 47.38
C VAL C 351 -2.07 20.35 48.27
N THR C 352 -3.40 20.27 48.22
CA THR C 352 -4.23 21.18 48.98
C THR C 352 -4.04 20.97 50.49
N GLU C 353 -3.94 19.71 50.92
CA GLU C 353 -3.74 19.44 52.33
C GLU C 353 -2.44 20.06 52.83
N ALA C 354 -1.36 19.90 52.06
CA ALA C 354 -0.08 20.46 52.47
C ALA C 354 -0.15 21.98 52.54
N LEU C 355 -0.75 22.61 51.53
CA LEU C 355 -0.85 24.06 51.55
C LEU C 355 -1.62 24.54 52.77
N ILE C 356 -2.77 23.92 53.05
CA ILE C 356 -3.58 24.35 54.19
C ILE C 356 -2.80 24.17 55.48
N ARG C 357 -2.17 23.00 55.65
CA ARG C 357 -1.47 22.73 56.90
C ARG C 357 -0.34 23.72 57.13
N THR C 358 0.42 24.02 56.09
CA THR C 358 1.56 24.91 56.27
C THR C 358 1.12 26.35 56.51
N CYS C 359 0.12 26.83 55.76
CA CYS C 359 -0.20 28.25 55.82
C CYS C 359 -1.16 28.59 56.95
N LEU C 360 -2.26 27.85 57.08
CA LEU C 360 -3.31 28.24 58.02
C LEU C 360 -3.16 27.60 59.39
N LEU C 361 -2.65 26.37 59.46
CA LEU C 361 -2.55 25.67 60.74
C LEU C 361 -1.18 25.83 61.40
N ASN C 362 -0.24 26.52 60.76
CA ASN C 362 1.04 26.86 61.37
C ASN C 362 1.82 25.62 61.81
N GLU C 363 1.64 24.51 61.10
CA GLU C 363 2.40 23.32 61.42
C GLU C 363 3.87 23.49 61.02
N THR C 364 4.73 22.72 61.68
CA THR C 364 6.16 22.75 61.40
C THR C 364 6.76 21.40 61.71
N GLY C 365 7.94 21.16 61.14
CA GLY C 365 8.68 19.91 61.35
C GLY C 365 8.87 19.17 60.04
N ASP C 366 8.71 17.84 60.10
CA ASP C 366 8.89 16.99 58.94
C ASP C 366 7.71 16.05 58.76
N GLU C 367 7.04 15.65 59.84
CA GLU C 367 5.98 14.66 59.80
C GLU C 367 4.66 15.35 60.15
N PRO C 368 3.56 15.00 59.49
CA PRO C 368 2.29 15.69 59.76
C PRO C 368 1.77 15.40 61.16
N PHE C 369 1.07 16.38 61.73
CA PHE C 369 0.49 16.21 63.05
C PHE C 369 -0.58 15.13 63.00
N GLN C 370 -0.53 14.21 63.96
CA GLN C 370 -1.28 12.97 63.83
C GLN C 370 -2.78 13.19 63.83
N TYR C 371 -3.29 14.02 64.74
CA TYR C 371 -4.72 14.17 64.92
C TYR C 371 -5.13 15.63 64.82
N LYS C 372 -6.42 15.86 64.55
CA LYS C 372 -6.92 17.24 64.35
C LYS C 372 -6.15 17.84 63.17
N ASN C 373 -5.33 18.86 63.42
CA ASN C 373 -4.49 19.42 62.31
C ASN C 373 -3.55 18.32 61.82
N THR D 2 -7.76 -8.37 9.01
CA THR D 2 -8.22 -8.45 10.43
C THR D 2 -9.74 -8.43 10.52
N THR D 3 -10.36 -7.44 9.90
CA THR D 3 -11.81 -7.33 9.83
C THR D 3 -12.31 -7.90 8.52
N SER D 4 -13.57 -8.34 8.53
CA SER D 4 -14.13 -9.03 7.38
C SER D 4 -14.35 -8.07 6.22
N ALA D 5 -14.47 -8.65 5.01
CA ALA D 5 -14.69 -7.83 3.83
C ALA D 5 -16.01 -7.08 3.90
N SER D 6 -17.06 -7.75 4.38
CA SER D 6 -18.38 -7.12 4.43
C SER D 6 -18.41 -5.92 5.36
N SER D 7 -17.45 -5.79 6.26
CA SER D 7 -17.38 -4.63 7.13
C SER D 7 -16.75 -3.42 6.47
N HIS D 8 -16.20 -3.57 5.27
CA HIS D 8 -15.60 -2.46 4.53
C HIS D 8 -16.58 -1.81 3.57
N LEU D 9 -17.83 -2.24 3.53
CA LEU D 9 -18.82 -1.60 2.68
C LEU D 9 -19.25 -0.27 3.28
N ASN D 10 -20.02 0.49 2.49
CA ASN D 10 -20.49 1.80 2.90
C ASN D 10 -21.80 1.65 3.67
N LYS D 11 -21.79 2.05 4.94
CA LYS D 11 -22.93 1.86 5.83
C LYS D 11 -23.96 2.98 5.74
N GLY D 12 -23.59 4.13 5.16
CA GLY D 12 -24.56 5.19 4.96
C GLY D 12 -25.68 4.78 4.03
N ILE D 13 -25.36 3.95 3.03
CA ILE D 13 -26.40 3.46 2.11
C ILE D 13 -27.44 2.64 2.88
N LYS D 14 -26.97 1.73 3.73
CA LYS D 14 -27.90 0.94 4.52
C LYS D 14 -28.72 1.85 5.43
N GLN D 15 -28.08 2.82 6.07
CA GLN D 15 -28.83 3.72 6.95
C GLN D 15 -29.89 4.49 6.18
N VAL D 16 -29.59 4.89 4.95
CA VAL D 16 -30.59 5.54 4.10
C VAL D 16 -31.75 4.60 3.84
N TYR D 17 -31.45 3.34 3.51
CA TYR D 17 -32.52 2.40 3.17
C TYR D 17 -33.41 2.11 4.37
N MET D 18 -32.85 2.04 5.58
CA MET D 18 -33.64 1.67 6.75
C MET D 18 -34.50 2.81 7.27
N SER D 19 -34.44 3.99 6.68
CA SER D 19 -35.29 5.10 7.09
C SER D 19 -36.63 5.12 6.39
N LEU D 20 -36.86 4.22 5.43
CA LEU D 20 -38.14 4.21 4.72
C LEU D 20 -39.26 3.80 5.67
N PRO D 21 -40.43 4.44 5.58
CA PRO D 21 -41.58 3.94 6.36
C PRO D 21 -41.92 2.51 5.98
N GLN D 22 -42.36 1.74 6.97
CA GLN D 22 -42.51 0.30 6.76
C GLN D 22 -43.84 -0.03 6.10
N GLY D 23 -44.95 0.41 6.70
CA GLY D 23 -46.27 0.05 6.22
C GLY D 23 -47.07 -0.68 7.29
N GLU D 24 -47.89 -1.64 6.85
CA GLU D 24 -48.77 -2.38 7.74
C GLU D 24 -48.30 -3.80 8.05
N LYS D 25 -47.25 -4.28 7.39
CA LYS D 25 -46.74 -5.61 7.64
C LYS D 25 -45.69 -5.59 8.74
N VAL D 26 -45.39 -6.76 9.27
CA VAL D 26 -44.45 -6.92 10.38
C VAL D 26 -43.55 -8.11 10.11
N GLN D 27 -42.28 -7.99 10.47
CA GLN D 27 -41.30 -9.05 10.32
C GLN D 27 -41.06 -9.74 11.66
N ALA D 28 -40.86 -11.05 11.63
CA ALA D 28 -40.57 -11.84 12.82
C ALA D 28 -39.43 -12.81 12.51
N MET D 29 -38.44 -12.85 13.39
CA MET D 29 -37.26 -13.69 13.23
C MET D 29 -37.29 -14.83 14.25
N TYR D 30 -37.10 -16.06 13.77
CA TYR D 30 -37.08 -17.24 14.61
C TYR D 30 -35.65 -17.65 14.92
N ILE D 31 -35.42 -18.17 16.11
CA ILE D 31 -34.09 -18.55 16.58
C ILE D 31 -34.18 -19.92 17.26
N TRP D 32 -33.18 -20.77 17.01
CA TRP D 32 -33.16 -22.10 17.62
C TRP D 32 -31.73 -22.60 17.69
N ILE D 33 -31.54 -23.66 18.50
CA ILE D 33 -30.22 -24.24 18.78
C ILE D 33 -30.01 -25.47 17.91
N ASP D 34 -28.83 -25.59 17.32
CA ASP D 34 -28.56 -26.60 16.32
C ASP D 34 -28.13 -27.91 16.98
N GLY D 35 -27.66 -28.87 16.17
CA GLY D 35 -27.34 -30.20 16.66
C GLY D 35 -26.05 -30.31 17.44
N THR D 36 -25.13 -29.35 17.29
CA THR D 36 -23.89 -29.39 18.06
C THR D 36 -24.12 -29.03 19.52
N GLY D 37 -25.25 -28.42 19.85
CA GLY D 37 -25.57 -28.05 21.22
C GLY D 37 -25.07 -26.68 21.64
N GLU D 38 -24.31 -25.98 20.81
CA GLU D 38 -23.81 -24.66 21.18
C GLU D 38 -23.84 -23.67 20.00
N GLY D 39 -24.61 -23.94 18.95
CA GLY D 39 -24.71 -23.06 17.82
C GLY D 39 -26.14 -22.56 17.63
N LEU D 40 -26.27 -21.38 17.02
CA LEU D 40 -27.55 -20.74 16.82
C LEU D 40 -27.82 -20.54 15.34
N ARG D 41 -29.10 -20.59 14.97
CA ARG D 41 -29.57 -20.41 13.61
C ARG D 41 -30.79 -19.50 13.61
N CYS D 42 -31.06 -18.85 12.48
CA CYS D 42 -32.17 -17.91 12.42
C CYS D 42 -32.69 -17.76 11.00
N LYS D 43 -33.93 -17.28 10.89
CA LYS D 43 -34.56 -16.96 9.62
C LYS D 43 -35.77 -16.07 9.91
N THR D 44 -36.33 -15.48 8.84
CA THR D 44 -37.34 -14.43 8.97
C THR D 44 -38.57 -14.75 8.11
N ARG D 45 -39.74 -14.28 8.56
CA ARG D 45 -40.98 -14.39 7.81
C ARG D 45 -41.83 -13.16 8.07
N THR D 46 -42.82 -12.95 7.19
CA THR D 46 -43.69 -11.78 7.22
C THR D 46 -45.03 -12.12 7.85
N LEU D 47 -45.56 -11.18 8.65
CA LEU D 47 -46.84 -11.33 9.31
C LEU D 47 -47.76 -10.18 8.93
N ASP D 48 -49.07 -10.46 8.93
CA ASP D 48 -50.04 -9.45 8.52
C ASP D 48 -50.26 -8.40 9.59
N SER D 49 -50.26 -8.80 10.86
CA SER D 49 -50.56 -7.90 11.96
C SER D 49 -49.59 -8.13 13.11
N GLU D 50 -49.46 -7.11 13.95
CA GLU D 50 -48.55 -7.18 15.08
C GLU D 50 -49.11 -8.09 16.17
N PRO D 51 -48.39 -9.13 16.58
CA PRO D 51 -48.87 -9.97 17.68
C PRO D 51 -48.66 -9.32 19.03
N LYS D 52 -49.56 -9.63 19.96
CA LYS D 52 -49.51 -9.07 21.30
C LYS D 52 -48.92 -10.03 22.33
N CYS D 53 -48.97 -11.33 22.08
CA CYS D 53 -48.43 -12.32 23.01
C CYS D 53 -47.85 -13.48 22.22
N VAL D 54 -46.96 -14.22 22.87
CA VAL D 54 -46.25 -15.31 22.19
C VAL D 54 -47.20 -16.40 21.73
N GLU D 55 -48.40 -16.47 22.28
CA GLU D 55 -49.34 -17.52 21.92
C GLU D 55 -49.96 -17.32 20.54
N GLU D 56 -49.87 -16.11 19.98
CA GLU D 56 -50.50 -15.83 18.70
C GLU D 56 -49.66 -16.26 17.51
N LEU D 57 -48.37 -16.51 17.69
CA LEU D 57 -47.52 -16.85 16.57
C LEU D 57 -47.80 -18.26 16.09
N PRO D 58 -47.70 -18.52 14.78
CA PRO D 58 -47.91 -19.87 14.27
C PRO D 58 -46.67 -20.74 14.38
N GLU D 59 -46.83 -22.01 14.02
CA GLU D 59 -45.72 -22.94 13.99
C GLU D 59 -44.96 -22.83 12.67
N TRP D 60 -43.81 -23.51 12.60
CA TRP D 60 -42.99 -23.50 11.41
C TRP D 60 -42.12 -24.75 11.41
N ASN D 61 -41.21 -24.83 10.45
CA ASN D 61 -40.37 -26.00 10.29
C ASN D 61 -39.14 -25.64 9.48
N PHE D 62 -38.15 -26.53 9.48
CA PHE D 62 -36.92 -26.34 8.73
C PHE D 62 -36.36 -27.70 8.34
N ASP D 63 -35.23 -27.67 7.62
CA ASP D 63 -34.60 -28.88 7.09
C ASP D 63 -33.46 -29.29 8.02
N GLY D 64 -33.68 -30.35 8.79
CA GLY D 64 -32.69 -30.78 9.77
C GLY D 64 -31.47 -31.44 9.16
N SER D 65 -31.56 -31.90 7.91
CA SER D 65 -30.42 -32.54 7.27
C SER D 65 -29.24 -31.58 7.15
N SER D 66 -29.51 -30.27 7.03
CA SER D 66 -28.46 -29.29 6.89
C SER D 66 -27.88 -28.84 8.22
N THR D 67 -28.51 -29.19 9.34
CA THR D 67 -28.01 -28.85 10.66
C THR D 67 -27.54 -30.07 11.44
N LEU D 68 -27.23 -31.16 10.75
CA LEU D 68 -26.84 -32.43 11.36
C LEU D 68 -27.72 -32.75 12.57
N GLN D 69 -29.02 -32.86 12.28
CA GLN D 69 -29.99 -33.29 13.30
C GLN D 69 -30.96 -34.33 12.75
N SER D 70 -30.77 -34.80 11.52
CA SER D 70 -31.69 -35.75 10.91
C SER D 70 -31.01 -36.30 9.65
N GLU D 71 -31.77 -37.08 8.88
CA GLU D 71 -31.32 -37.64 7.62
C GLU D 71 -32.13 -37.05 6.47
N GLY D 72 -31.65 -37.29 5.25
CA GLY D 72 -32.23 -36.65 4.08
C GLY D 72 -33.64 -37.08 3.77
N SER D 73 -34.06 -38.26 4.26
CA SER D 73 -35.41 -38.74 3.96
C SER D 73 -36.45 -38.10 4.88
N ASN D 74 -36.33 -38.31 6.18
CA ASN D 74 -37.21 -37.68 7.15
C ASN D 74 -36.47 -36.51 7.82
N SER D 75 -36.28 -35.45 7.03
CA SER D 75 -35.46 -34.34 7.47
C SER D 75 -36.26 -33.26 8.20
N ASP D 76 -37.56 -33.17 7.94
CA ASP D 76 -38.35 -32.08 8.48
C ASP D 76 -38.37 -32.12 10.00
N MET D 77 -38.29 -30.93 10.60
CA MET D 77 -38.38 -30.75 12.04
C MET D 77 -39.32 -29.59 12.33
N TYR D 78 -39.83 -29.55 13.55
CA TYR D 78 -40.81 -28.54 13.94
C TYR D 78 -40.16 -27.45 14.79
N LEU D 79 -40.79 -26.28 14.78
CA LEU D 79 -40.39 -25.15 15.62
C LEU D 79 -41.61 -24.63 16.37
N VAL D 80 -41.49 -24.47 17.68
CA VAL D 80 -42.60 -24.04 18.52
C VAL D 80 -42.17 -22.80 19.31
N PRO D 81 -42.81 -21.64 19.12
CA PRO D 81 -42.40 -20.44 19.85
C PRO D 81 -42.52 -20.61 21.35
N ALA D 82 -41.59 -19.99 22.08
CA ALA D 82 -41.56 -20.04 23.53
C ALA D 82 -41.50 -18.66 24.18
N ALA D 83 -40.81 -17.69 23.57
CA ALA D 83 -40.65 -16.37 24.16
C ALA D 83 -40.55 -15.34 23.04
N MET D 84 -40.84 -14.08 23.40
CA MET D 84 -40.88 -13.00 22.43
C MET D 84 -40.19 -11.75 23.00
N PHE D 85 -39.57 -10.98 22.11
CA PHE D 85 -38.86 -9.77 22.48
C PHE D 85 -38.97 -8.76 21.35
N ARG D 86 -38.68 -7.50 21.68
CA ARG D 86 -38.61 -6.45 20.67
C ARG D 86 -37.31 -6.56 19.87
N ASP D 87 -37.37 -6.15 18.61
CA ASP D 87 -36.22 -6.27 17.71
C ASP D 87 -35.41 -4.98 17.75
N PRO D 88 -34.15 -5.02 18.19
CA PRO D 88 -33.36 -3.78 18.24
C PRO D 88 -32.72 -3.39 16.91
N PHE D 89 -32.58 -4.32 15.98
CA PHE D 89 -31.95 -4.03 14.70
C PHE D 89 -32.91 -3.45 13.67
N ARG D 90 -34.21 -3.74 13.81
CA ARG D 90 -35.23 -3.21 12.92
C ARG D 90 -36.24 -2.31 13.62
N LYS D 91 -36.23 -2.28 14.95
CA LYS D 91 -37.09 -1.39 15.73
C LYS D 91 -38.55 -1.84 15.68
N ASP D 92 -39.39 -1.23 16.52
CA ASP D 92 -40.78 -1.63 16.59
C ASP D 92 -41.48 -1.39 15.26
N PRO D 93 -42.52 -2.17 14.93
CA PRO D 93 -43.15 -3.23 15.73
C PRO D 93 -42.63 -4.63 15.41
N ASN D 94 -41.39 -4.78 14.96
CA ASN D 94 -40.84 -6.09 14.63
C ASN D 94 -40.38 -6.81 15.89
N LYS D 95 -40.28 -8.14 15.80
CA LYS D 95 -40.12 -9.00 16.97
C LYS D 95 -39.02 -10.03 16.76
N LEU D 96 -38.53 -10.56 17.90
CA LEU D 96 -37.67 -11.73 17.94
C LEU D 96 -38.39 -12.86 18.65
N VAL D 97 -38.20 -14.09 18.18
CA VAL D 97 -38.89 -15.26 18.70
C VAL D 97 -37.89 -16.38 18.95
N LEU D 98 -37.93 -16.96 20.15
CA LEU D 98 -37.12 -18.12 20.51
C LEU D 98 -38.00 -19.35 20.56
N CYS D 99 -37.54 -20.45 19.97
CA CYS D 99 -38.39 -21.62 19.72
C CYS D 99 -37.76 -22.89 20.29
N GLU D 100 -38.57 -23.92 20.39
CA GLU D 100 -38.15 -25.28 20.72
C GLU D 100 -38.16 -26.16 19.48
N VAL D 101 -37.44 -27.28 19.55
CA VAL D 101 -37.25 -28.17 18.41
C VAL D 101 -37.85 -29.53 18.74
N PHE D 102 -38.59 -30.09 17.78
CA PHE D 102 -39.14 -31.43 17.88
C PHE D 102 -38.92 -32.15 16.56
N LYS D 103 -38.92 -33.48 16.60
CA LYS D 103 -38.72 -34.30 15.42
C LYS D 103 -40.07 -34.72 14.84
N TYR D 104 -40.01 -35.44 13.71
CA TYR D 104 -41.20 -35.62 12.89
C TYR D 104 -42.31 -36.35 13.64
N ASN D 105 -41.98 -37.11 14.68
CA ASN D 105 -42.98 -37.77 15.50
C ASN D 105 -43.36 -36.94 16.73
N ARG D 106 -42.98 -35.66 16.76
CA ARG D 106 -43.47 -34.71 17.76
C ARG D 106 -42.97 -35.04 19.17
N ARG D 107 -41.66 -35.17 19.32
CA ARG D 107 -41.05 -35.30 20.63
C ARG D 107 -39.68 -34.62 20.61
N PRO D 108 -39.16 -34.27 21.78
CA PRO D 108 -37.96 -33.42 21.82
C PRO D 108 -36.78 -34.03 21.10
N ALA D 109 -35.96 -33.17 20.50
CA ALA D 109 -34.71 -33.59 19.90
C ALA D 109 -33.65 -33.78 20.98
N GLU D 110 -32.47 -34.25 20.56
CA GLU D 110 -31.43 -34.58 21.53
C GLU D 110 -30.98 -33.36 22.31
N THR D 111 -30.85 -32.22 21.63
CA THR D 111 -30.30 -31.01 22.25
C THR D 111 -31.39 -30.09 22.80
N ASN D 112 -32.59 -30.60 22.99
CA ASN D 112 -33.70 -29.81 23.54
C ASN D 112 -33.86 -30.17 25.01
N LEU D 113 -33.35 -29.31 25.90
CA LEU D 113 -33.40 -29.54 27.34
C LEU D 113 -34.40 -28.64 28.05
N ARG D 114 -34.90 -27.59 27.40
CA ARG D 114 -35.92 -26.75 28.02
C ARG D 114 -37.15 -27.56 28.37
N HIS D 115 -37.45 -28.61 27.60
CA HIS D 115 -38.64 -29.41 27.87
C HIS D 115 -38.61 -30.01 29.27
N THR D 116 -37.47 -30.60 29.65
CA THR D 116 -37.33 -31.16 30.99
C THR D 116 -37.14 -30.08 32.04
N CYS D 117 -36.38 -29.04 31.72
CA CYS D 117 -36.13 -27.98 32.69
C CYS D 117 -37.44 -27.33 33.13
N LYS D 118 -38.38 -27.15 32.20
CA LYS D 118 -39.64 -26.51 32.55
C LYS D 118 -40.43 -27.34 33.55
N ARG D 119 -40.50 -28.65 33.34
CA ARG D 119 -41.22 -29.50 34.30
C ARG D 119 -40.54 -29.48 35.66
N ILE D 120 -39.22 -29.55 35.68
CA ILE D 120 -38.50 -29.52 36.96
C ILE D 120 -38.80 -28.22 37.69
N MET D 121 -38.78 -27.09 36.97
CA MET D 121 -39.06 -25.81 37.61
C MET D 121 -40.50 -25.74 38.11
N ASP D 122 -41.44 -26.25 37.32
CA ASP D 122 -42.84 -26.25 37.74
C ASP D 122 -43.03 -27.07 39.01
N MET D 123 -42.24 -28.12 39.19
CA MET D 123 -42.38 -28.94 40.39
C MET D 123 -42.13 -28.13 41.65
N VAL D 124 -41.10 -27.28 41.65
CA VAL D 124 -40.68 -26.55 42.85
C VAL D 124 -41.05 -25.08 42.78
N SER D 125 -41.93 -24.69 41.84
CA SER D 125 -42.37 -23.31 41.72
C SER D 125 -42.60 -22.61 43.05
N ASN D 126 -43.15 -23.31 44.04
CA ASN D 126 -43.56 -22.65 45.27
C ASN D 126 -42.40 -21.99 46.01
N GLN D 127 -41.16 -22.39 45.73
CA GLN D 127 -40.00 -21.86 46.45
C GLN D 127 -39.46 -20.56 45.85
N HIS D 128 -39.83 -20.23 44.61
CA HIS D 128 -39.41 -18.97 43.98
C HIS D 128 -37.90 -18.87 43.87
N PRO D 129 -37.22 -19.81 43.22
CA PRO D 129 -35.77 -19.69 43.04
C PRO D 129 -35.40 -18.53 42.12
N TRP D 130 -34.24 -17.95 42.39
CA TRP D 130 -33.69 -16.85 41.60
C TRP D 130 -32.29 -17.22 41.12
N PHE D 131 -31.96 -16.80 39.90
CA PHE D 131 -30.67 -17.12 39.30
C PHE D 131 -30.02 -15.86 38.75
N GLY D 132 -28.70 -15.93 38.60
CA GLY D 132 -27.93 -14.87 37.99
C GLY D 132 -26.59 -15.38 37.47
N MET D 133 -26.21 -15.01 36.26
CA MET D 133 -25.03 -15.57 35.62
C MET D 133 -24.14 -14.46 35.05
N GLU D 134 -22.85 -14.74 34.99
CA GLU D 134 -21.85 -13.81 34.49
C GLU D 134 -21.18 -14.44 33.28
N GLN D 135 -21.36 -13.83 32.12
CA GLN D 135 -20.84 -14.36 30.86
C GLN D 135 -19.56 -13.64 30.48
N GLU D 136 -18.51 -14.41 30.20
CA GLU D 136 -17.24 -13.87 29.75
C GLU D 136 -16.98 -14.33 28.31
N TYR D 137 -16.30 -13.49 27.54
CA TYR D 137 -16.07 -13.78 26.12
C TYR D 137 -14.85 -13.00 25.65
N THR D 138 -14.37 -13.35 24.47
CA THR D 138 -13.20 -12.73 23.85
C THR D 138 -13.53 -12.34 22.42
N LEU D 139 -12.99 -11.21 21.98
CA LEU D 139 -13.19 -10.71 20.63
C LEU D 139 -11.98 -11.05 19.78
N MET D 140 -12.23 -11.55 18.57
CA MET D 140 -11.17 -12.00 17.68
C MET D 140 -11.34 -11.38 16.30
N GLY D 141 -10.23 -11.21 15.60
CA GLY D 141 -10.25 -10.83 14.21
C GLY D 141 -10.46 -12.03 13.31
N THR D 142 -10.57 -11.75 12.02
CA THR D 142 -10.79 -12.82 11.04
C THR D 142 -9.55 -13.66 10.77
N ASP D 143 -8.38 -13.21 11.22
CA ASP D 143 -7.14 -13.96 11.02
C ASP D 143 -6.87 -14.97 12.12
N GLY D 144 -7.67 -14.99 13.18
CA GLY D 144 -7.52 -15.96 14.25
C GLY D 144 -6.80 -15.46 15.49
N HIS D 145 -6.41 -14.20 15.54
CA HIS D 145 -5.78 -13.62 16.71
C HIS D 145 -6.74 -12.67 17.42
N PRO D 146 -6.55 -12.44 18.72
CA PRO D 146 -7.45 -11.53 19.43
C PRO D 146 -7.43 -10.14 18.82
N PHE D 147 -8.59 -9.49 18.83
CA PHE D 147 -8.73 -8.19 18.18
C PHE D 147 -7.87 -7.15 18.89
N GLY D 148 -7.12 -6.37 18.10
CA GLY D 148 -6.27 -5.32 18.63
C GLY D 148 -4.92 -5.77 19.12
N TRP D 149 -4.61 -7.06 19.05
CA TRP D 149 -3.30 -7.54 19.48
C TRP D 149 -2.24 -7.25 18.41
N PRO D 150 -1.00 -7.03 18.81
CA PRO D 150 0.06 -6.83 17.82
C PRO D 150 0.16 -8.03 16.90
N SER D 151 0.44 -7.76 15.62
CA SER D 151 0.52 -8.82 14.63
C SER D 151 1.58 -9.84 15.03
N ASN D 152 1.14 -11.05 15.37
CA ASN D 152 2.06 -12.11 15.76
C ASN D 152 2.90 -11.71 16.98
N GLY D 153 2.24 -11.16 17.99
CA GLY D 153 2.93 -10.75 19.19
C GLY D 153 1.98 -10.69 20.37
N PHE D 154 2.47 -10.16 21.47
CA PHE D 154 1.71 -10.03 22.69
C PHE D 154 1.79 -8.60 23.23
N PRO D 155 0.77 -8.16 23.96
CA PRO D 155 0.88 -6.90 24.69
C PRO D 155 1.67 -7.10 25.98
N GLY D 156 1.77 -6.03 26.76
CA GLY D 156 2.49 -6.08 28.01
C GLY D 156 1.93 -7.12 28.96
N PRO D 157 2.61 -7.34 30.09
CA PRO D 157 2.12 -8.31 31.07
C PRO D 157 0.83 -7.85 31.73
N GLN D 158 0.12 -8.81 32.32
CA GLN D 158 -1.16 -8.54 32.93
C GLN D 158 -1.01 -7.62 34.15
N GLY D 159 -2.09 -6.91 34.46
CA GLY D 159 -2.12 -6.04 35.62
C GLY D 159 -2.81 -4.71 35.39
N PRO D 160 -2.62 -4.10 34.22
CA PRO D 160 -3.25 -2.79 33.97
C PRO D 160 -4.58 -2.85 33.25
N TYR D 161 -4.98 -4.03 32.77
CA TYR D 161 -6.12 -4.14 31.87
C TYR D 161 -7.45 -4.33 32.59
N TYR D 162 -7.45 -4.94 33.77
CA TYR D 162 -8.70 -5.20 34.47
C TYR D 162 -9.42 -3.89 34.77
N CYS D 163 -10.64 -3.76 34.25
CA CYS D 163 -11.44 -2.54 34.42
C CYS D 163 -10.68 -1.30 33.95
N GLY D 164 -10.01 -1.43 32.80
CA GLY D 164 -9.13 -0.37 32.33
C GLY D 164 -9.84 0.69 31.50
N VAL D 165 -9.19 1.84 31.39
CA VAL D 165 -9.66 2.95 30.56
C VAL D 165 -8.46 3.55 29.84
N GLY D 166 -8.63 3.82 28.55
CA GLY D 166 -7.56 4.38 27.75
C GLY D 166 -7.31 3.60 26.47
N ALA D 167 -6.75 4.26 25.47
CA ALA D 167 -6.57 3.63 24.16
C ALA D 167 -5.64 2.43 24.23
N ASP D 168 -4.71 2.42 25.19
CA ASP D 168 -3.71 1.37 25.28
C ASP D 168 -4.07 0.27 26.28
N ARG D 169 -5.24 0.33 26.91
CA ARG D 169 -5.61 -0.71 27.86
C ARG D 169 -7.08 -1.10 27.78
N ALA D 170 -7.75 -0.86 26.66
CA ALA D 170 -9.14 -1.29 26.50
C ALA D 170 -9.44 -1.37 25.01
N TYR D 171 -9.66 -2.57 24.50
CA TYR D 171 -9.83 -2.81 23.07
C TYR D 171 -11.29 -3.13 22.77
N GLY D 172 -11.94 -2.24 22.01
CA GLY D 172 -13.27 -2.52 21.49
C GLY D 172 -14.42 -2.20 22.42
N ARG D 173 -14.43 -1.00 22.99
CA ARG D 173 -15.53 -0.61 23.89
C ARG D 173 -16.81 -0.25 23.12
N ASP D 174 -16.70 0.08 21.83
CA ASP D 174 -17.88 0.43 21.07
C ASP D 174 -18.84 -0.75 20.96
N ILE D 175 -18.31 -1.95 20.75
CA ILE D 175 -19.15 -3.14 20.72
C ILE D 175 -19.88 -3.32 22.03
N VAL D 176 -19.19 -3.11 23.15
CA VAL D 176 -19.81 -3.28 24.46
C VAL D 176 -20.95 -2.29 24.63
N GLU D 177 -20.70 -1.03 24.28
CA GLU D 177 -21.74 -0.01 24.43
C GLU D 177 -22.97 -0.33 23.59
N ALA D 178 -22.74 -0.69 22.32
CA ALA D 178 -23.86 -1.00 21.43
C ALA D 178 -24.65 -2.20 21.94
N HIS D 179 -23.96 -3.25 22.39
CA HIS D 179 -24.65 -4.42 22.91
C HIS D 179 -25.48 -4.07 24.14
N TYR D 180 -24.92 -3.28 25.04
CA TYR D 180 -25.65 -2.87 26.23
C TYR D 180 -26.94 -2.16 25.85
N ARG D 181 -26.84 -1.16 24.97
CA ARG D 181 -28.02 -0.38 24.61
C ARG D 181 -29.05 -1.24 23.89
N ALA D 182 -28.60 -2.13 23.00
CA ALA D 182 -29.53 -2.99 22.28
C ALA D 182 -30.26 -3.92 23.24
N CYS D 183 -29.55 -4.48 24.23
CA CYS D 183 -30.22 -5.34 25.21
C CYS D 183 -31.26 -4.56 26.00
N LEU D 184 -30.90 -3.34 26.44
CA LEU D 184 -31.87 -2.54 27.20
C LEU D 184 -33.11 -2.27 26.37
N TYR D 185 -32.94 -1.92 25.09
CA TYR D 185 -34.10 -1.67 24.24
C TYR D 185 -34.92 -2.94 24.04
N ALA D 186 -34.26 -4.08 23.83
CA ALA D 186 -34.98 -5.31 23.57
C ALA D 186 -35.83 -5.73 24.76
N GLY D 187 -35.30 -5.55 25.97
CA GLY D 187 -36.00 -5.94 27.17
C GLY D 187 -35.36 -7.08 27.94
N VAL D 188 -34.10 -7.38 27.69
CA VAL D 188 -33.37 -8.37 28.46
C VAL D 188 -32.93 -7.74 29.77
N LYS D 189 -32.94 -8.53 30.84
CA LYS D 189 -32.53 -8.05 32.17
C LYS D 189 -31.01 -8.13 32.27
N ILE D 190 -30.35 -7.12 31.71
CA ILE D 190 -28.91 -6.99 31.80
C ILE D 190 -28.58 -6.10 32.98
N ALA D 191 -27.60 -6.52 33.79
CA ALA D 191 -27.32 -5.88 35.06
C ALA D 191 -26.03 -5.07 35.09
N GLY D 192 -25.08 -5.32 34.19
CA GLY D 192 -23.84 -4.56 34.19
C GLY D 192 -22.78 -5.24 33.35
N THR D 193 -21.64 -4.55 33.24
CA THR D 193 -20.53 -5.03 32.44
C THR D 193 -19.22 -4.51 33.02
N ASN D 194 -18.12 -5.14 32.64
CA ASN D 194 -16.79 -4.67 33.03
C ASN D 194 -15.74 -5.31 32.13
N ALA D 195 -14.57 -4.70 32.11
CA ALA D 195 -13.42 -5.24 31.37
C ALA D 195 -12.66 -6.24 32.24
N GLU D 196 -12.09 -7.25 31.59
CA GLU D 196 -11.50 -8.40 32.27
C GLU D 196 -9.97 -8.33 32.23
N VAL D 197 -9.35 -9.32 32.88
CA VAL D 197 -7.91 -9.29 33.12
C VAL D 197 -7.13 -9.30 31.82
N MET D 198 -7.55 -10.12 30.86
CA MET D 198 -6.82 -10.15 29.60
C MET D 198 -7.34 -9.07 28.65
N PRO D 199 -6.47 -8.37 27.93
CA PRO D 199 -6.96 -7.37 26.97
C PRO D 199 -7.82 -8.01 25.90
N ALA D 200 -8.89 -7.31 25.52
CA ALA D 200 -9.89 -7.74 24.55
C ALA D 200 -10.88 -8.73 25.15
N GLN D 201 -10.88 -8.93 26.46
CA GLN D 201 -11.81 -9.82 27.14
C GLN D 201 -12.78 -8.99 27.98
N TRP D 202 -14.07 -9.32 27.91
CA TRP D 202 -15.11 -8.55 28.56
C TRP D 202 -16.08 -9.49 29.26
N GLU D 203 -17.08 -8.91 29.92
CA GLU D 203 -18.05 -9.67 30.70
C GLU D 203 -19.32 -8.86 30.86
N PHE D 204 -20.47 -9.56 30.86
CA PHE D 204 -21.74 -8.94 31.19
C PHE D 204 -22.56 -9.87 32.07
N GLN D 205 -23.45 -9.28 32.87
CA GLN D 205 -24.21 -10.00 33.89
C GLN D 205 -25.70 -9.95 33.57
N ILE D 206 -26.36 -11.09 33.66
CA ILE D 206 -27.79 -11.23 33.40
C ILE D 206 -28.46 -11.72 34.68
N GLY D 207 -29.45 -10.98 35.17
CA GLY D 207 -30.23 -11.40 36.30
C GLY D 207 -30.73 -10.24 37.14
N PRO D 208 -31.47 -10.54 38.22
CA PRO D 208 -31.89 -11.86 38.69
C PRO D 208 -33.20 -12.33 38.06
N CYS D 209 -33.19 -13.47 37.37
CA CYS D 209 -34.39 -14.02 36.75
C CYS D 209 -34.94 -15.16 37.62
N GLU D 210 -36.23 -15.42 37.42
CA GLU D 210 -36.94 -16.43 38.20
C GLU D 210 -37.27 -17.63 37.34
N GLY D 211 -36.90 -18.81 37.81
CA GLY D 211 -37.34 -20.03 37.14
C GLY D 211 -36.74 -20.19 35.76
N ILE D 212 -37.62 -20.45 34.79
CA ILE D 212 -37.18 -20.86 33.45
C ILE D 212 -36.76 -19.71 32.56
N SER D 213 -37.06 -18.47 32.94
CA SER D 213 -36.73 -17.33 32.07
C SER D 213 -35.23 -17.07 31.98
N MET D 214 -34.44 -17.64 32.90
CA MET D 214 -32.99 -17.41 32.89
C MET D 214 -32.37 -17.86 31.58
N GLY D 215 -32.67 -19.10 31.16
CA GLY D 215 -32.08 -19.62 29.94
C GLY D 215 -32.50 -18.82 28.72
N ASP D 216 -33.78 -18.47 28.64
CA ASP D 216 -34.27 -17.69 27.51
C ASP D 216 -33.53 -16.36 27.41
N HIS D 217 -33.41 -15.65 28.54
CA HIS D 217 -32.73 -14.36 28.53
C HIS D 217 -31.28 -14.51 28.10
N LEU D 218 -30.59 -15.52 28.63
CA LEU D 218 -29.18 -15.68 28.30
C LEU D 218 -28.99 -16.01 26.82
N TRP D 219 -29.83 -16.90 26.27
CA TRP D 219 -29.71 -17.24 24.86
C TRP D 219 -29.95 -16.03 23.96
N VAL D 220 -30.98 -15.23 24.29
CA VAL D 220 -31.25 -14.05 23.47
C VAL D 220 -30.09 -13.06 23.55
N ALA D 221 -29.49 -12.91 24.74
CA ALA D 221 -28.35 -12.03 24.87
C ALA D 221 -27.17 -12.50 24.01
N ARG D 222 -26.92 -13.80 24.00
CA ARG D 222 -25.85 -14.34 23.15
C ARG D 222 -26.12 -14.02 21.68
N PHE D 223 -27.37 -14.20 21.24
CA PHE D 223 -27.71 -13.92 19.85
C PHE D 223 -27.46 -12.45 19.52
N ILE D 224 -27.87 -11.55 20.42
CA ILE D 224 -27.70 -10.12 20.16
C ILE D 224 -26.22 -9.77 20.05
N LEU D 225 -25.41 -10.35 20.94
CA LEU D 225 -23.97 -10.10 20.86
C LEU D 225 -23.42 -10.56 19.51
N HIS D 226 -23.84 -11.73 19.04
CA HIS D 226 -23.37 -12.21 17.75
C HIS D 226 -23.73 -11.26 16.63
N ARG D 227 -24.98 -10.77 16.62
CA ARG D 227 -25.40 -9.89 15.53
C ARG D 227 -24.63 -8.57 15.56
N VAL D 228 -24.42 -7.99 16.74
CA VAL D 228 -23.68 -6.74 16.82
C VAL D 228 -22.26 -6.94 16.31
N CYS D 229 -21.60 -8.01 16.77
CA CYS D 229 -20.24 -8.26 16.32
C CYS D 229 -20.19 -8.44 14.80
N GLU D 230 -21.19 -9.13 14.24
CA GLU D 230 -21.27 -9.25 12.79
C GLU D 230 -21.34 -7.89 12.13
N ASP D 231 -22.13 -6.98 12.71
CA ASP D 231 -22.20 -5.63 12.16
C ASP D 231 -20.82 -4.96 12.16
N PHE D 232 -20.06 -5.13 13.25
CA PHE D 232 -18.77 -4.46 13.34
C PHE D 232 -17.65 -5.19 12.58
N GLY D 233 -17.85 -6.44 12.20
CA GLY D 233 -16.85 -7.16 11.44
C GLY D 233 -15.89 -8.01 12.25
N VAL D 234 -16.24 -8.36 13.49
CA VAL D 234 -15.38 -9.16 14.35
C VAL D 234 -16.15 -10.41 14.77
N ILE D 235 -15.44 -11.31 15.45
CA ILE D 235 -16.00 -12.59 15.90
C ILE D 235 -15.93 -12.66 17.42
N ALA D 236 -16.98 -13.17 18.04
CA ALA D 236 -17.02 -13.40 19.47
C ALA D 236 -16.97 -14.90 19.74
N THR D 237 -16.05 -15.32 20.60
CA THR D 237 -15.84 -16.73 20.91
C THR D 237 -16.00 -16.97 22.40
N PHE D 238 -16.66 -18.09 22.73
CA PHE D 238 -16.90 -18.49 24.11
C PHE D 238 -15.99 -19.63 24.57
N ASP D 239 -14.90 -19.87 23.85
CA ASP D 239 -14.02 -20.97 24.21
C ASP D 239 -13.43 -20.74 25.61
N PRO D 240 -13.32 -21.78 26.44
CA PRO D 240 -12.81 -21.57 27.80
C PRO D 240 -11.33 -21.19 27.87
N LYS D 241 -10.54 -21.55 26.87
CA LYS D 241 -9.10 -21.25 26.87
C LYS D 241 -8.64 -20.96 25.46
N PRO D 242 -8.80 -19.72 24.99
CA PRO D 242 -8.43 -19.40 23.60
C PRO D 242 -6.94 -19.20 23.40
N ILE D 243 -6.23 -18.72 24.42
CA ILE D 243 -4.80 -18.45 24.32
C ILE D 243 -4.05 -19.25 25.39
N PRO D 244 -3.30 -20.29 25.02
CA PRO D 244 -2.54 -21.03 26.04
C PRO D 244 -1.41 -20.20 26.62
N GLY D 245 -1.08 -20.50 27.87
CA GLY D 245 0.02 -19.85 28.56
C GLY D 245 -0.45 -19.13 29.82
N ASN D 246 0.25 -18.04 30.14
CA ASN D 246 -0.02 -17.26 31.34
C ASN D 246 -1.09 -16.20 31.06
N TRP D 247 -2.25 -16.66 30.59
CA TRP D 247 -3.38 -15.81 30.28
C TRP D 247 -4.65 -16.41 30.84
N ASN D 248 -5.57 -15.55 31.25
CA ASN D 248 -6.77 -15.99 31.96
C ASN D 248 -7.72 -16.72 31.02
N GLY D 249 -8.57 -17.55 31.63
CA GLY D 249 -9.62 -18.25 30.92
C GLY D 249 -10.96 -17.56 31.06
N ALA D 250 -12.01 -18.25 30.60
CA ALA D 250 -13.36 -17.72 30.58
C ALA D 250 -14.30 -18.65 31.33
N GLY D 251 -15.10 -18.09 32.23
CA GLY D 251 -16.06 -18.87 33.00
C GLY D 251 -17.46 -18.28 32.88
N CYS D 252 -18.41 -18.99 33.50
CA CYS D 252 -19.83 -18.63 33.45
C CYS D 252 -20.44 -18.72 34.84
N HIS D 253 -19.79 -18.11 35.83
CA HIS D 253 -20.23 -18.21 37.21
C HIS D 253 -21.73 -18.03 37.33
N THR D 254 -22.32 -18.69 38.32
CA THR D 254 -23.76 -18.68 38.53
C THR D 254 -24.07 -18.38 39.99
N ASN D 255 -25.14 -17.61 40.22
CA ASN D 255 -25.58 -17.24 41.55
C ASN D 255 -27.00 -17.76 41.77
N PHE D 256 -27.27 -18.26 42.98
CA PHE D 256 -28.51 -18.97 43.26
C PHE D 256 -29.06 -18.55 44.61
N SER D 257 -30.40 -18.54 44.71
CA SER D 257 -31.08 -18.23 45.96
C SER D 257 -32.50 -18.75 45.91
N THR D 258 -33.09 -18.89 47.09
CA THR D 258 -34.51 -19.19 47.25
C THR D 258 -35.11 -18.22 48.26
N LYS D 259 -36.43 -18.31 48.45
CA LYS D 259 -37.10 -17.41 49.37
C LYS D 259 -36.59 -17.59 50.79
N ALA D 260 -36.36 -18.83 51.21
CA ALA D 260 -35.84 -19.08 52.55
C ALA D 260 -34.48 -18.42 52.74
N MET D 261 -33.59 -18.56 51.76
CA MET D 261 -32.28 -17.92 51.85
C MET D 261 -32.40 -16.42 51.87
N ARG D 262 -33.30 -15.86 51.05
CA ARG D 262 -33.48 -14.42 51.01
C ARG D 262 -34.02 -13.88 52.32
N GLU D 263 -34.86 -14.66 53.01
CA GLU D 263 -35.45 -14.20 54.26
C GLU D 263 -34.39 -14.21 55.37
N GLU D 264 -34.81 -13.80 56.56
CA GLU D 264 -33.88 -13.65 57.67
C GLU D 264 -33.27 -14.98 58.06
N ASN D 265 -31.99 -14.94 58.44
CA ASN D 265 -31.26 -16.12 58.91
C ASN D 265 -31.27 -17.23 57.85
N GLY D 266 -30.99 -16.85 56.61
CA GLY D 266 -30.85 -17.80 55.53
C GLY D 266 -29.51 -18.49 55.44
N LEU D 267 -28.56 -18.09 56.30
CA LEU D 267 -27.23 -18.69 56.26
C LEU D 267 -27.28 -20.18 56.52
N LYS D 268 -28.19 -20.61 57.40
CA LYS D 268 -28.32 -22.04 57.69
C LYS D 268 -28.70 -22.81 56.44
N TYR D 269 -29.67 -22.31 55.68
CA TYR D 269 -30.05 -22.97 54.44
C TYR D 269 -28.94 -22.90 53.41
N ILE D 270 -28.22 -21.79 53.36
CA ILE D 270 -27.12 -21.66 52.40
C ILE D 270 -26.07 -22.72 52.67
N GLU D 271 -25.64 -22.85 53.92
CA GLU D 271 -24.62 -23.84 54.26
C GLU D 271 -25.15 -25.26 54.12
N GLU D 272 -26.43 -25.48 54.42
CA GLU D 272 -27.01 -26.80 54.18
C GLU D 272 -26.91 -27.18 52.72
N ALA D 273 -27.27 -26.24 51.82
CA ALA D 273 -27.18 -26.53 50.40
C ALA D 273 -25.73 -26.75 49.96
N ILE D 274 -24.80 -25.98 50.53
CA ILE D 274 -23.40 -26.15 50.18
C ILE D 274 -22.91 -27.55 50.54
N GLU D 275 -23.20 -27.98 51.77
CA GLU D 275 -22.80 -29.33 52.19
C GLU D 275 -23.48 -30.39 51.33
N LYS D 276 -24.74 -30.16 50.96
CA LYS D 276 -25.44 -31.11 50.10
C LYS D 276 -24.75 -31.22 48.74
N LEU D 277 -24.31 -30.09 48.20
CA LEU D 277 -23.61 -30.09 46.91
C LEU D 277 -22.23 -30.70 47.00
N SER D 278 -21.61 -30.67 48.18
CA SER D 278 -20.21 -31.09 48.33
C SER D 278 -19.97 -32.56 48.02
N LYS D 279 -21.00 -33.32 47.64
CA LYS D 279 -20.85 -34.76 47.42
C LYS D 279 -21.35 -35.21 46.06
N ARG D 280 -21.44 -34.31 45.07
CA ARG D 280 -21.82 -34.67 43.71
C ARG D 280 -20.94 -33.94 42.71
N HIS D 281 -19.64 -33.84 43.04
CA HIS D 281 -18.72 -33.05 42.24
C HIS D 281 -18.59 -33.59 40.83
N GLN D 282 -18.43 -34.91 40.68
CA GLN D 282 -18.26 -35.49 39.36
C GLN D 282 -19.52 -35.33 38.51
N TYR D 283 -20.68 -35.56 39.12
CA TYR D 283 -21.94 -35.40 38.38
C TYR D 283 -22.09 -33.97 37.89
N HIS D 284 -21.83 -32.99 38.75
CA HIS D 284 -21.98 -31.60 38.34
C HIS D 284 -20.95 -31.22 37.28
N ILE D 285 -19.72 -31.71 37.40
CA ILE D 285 -18.71 -31.43 36.39
C ILE D 285 -19.13 -32.01 35.04
N ARG D 286 -19.73 -33.21 35.05
CA ARG D 286 -20.23 -33.78 33.81
C ARG D 286 -21.36 -32.94 33.23
N ALA D 287 -22.23 -32.42 34.09
CA ALA D 287 -23.38 -31.65 33.60
C ALA D 287 -22.98 -30.27 33.10
N TYR D 288 -21.89 -29.70 33.61
CA TYR D 288 -21.52 -28.33 33.31
C TYR D 288 -20.71 -28.17 32.03
N ASP D 289 -20.77 -29.14 31.12
CA ASP D 289 -20.01 -29.07 29.89
C ASP D 289 -20.83 -29.62 28.74
N PRO D 290 -20.62 -29.14 27.51
CA PRO D 290 -21.31 -29.72 26.36
C PRO D 290 -20.71 -31.02 25.85
N LYS D 291 -19.52 -31.40 26.31
CA LYS D 291 -18.85 -32.61 25.84
C LYS D 291 -18.25 -33.38 27.00
N GLY D 292 -18.98 -33.49 28.10
CA GLY D 292 -18.57 -34.32 29.22
C GLY D 292 -17.46 -33.76 30.07
N GLY D 293 -17.04 -32.52 29.85
CA GLY D 293 -16.03 -31.90 30.67
C GLY D 293 -14.64 -31.85 30.07
N LEU D 294 -14.46 -32.28 28.82
CA LEU D 294 -13.14 -32.23 28.21
C LEU D 294 -12.65 -30.79 28.09
N ASP D 295 -13.53 -29.88 27.68
CA ASP D 295 -13.12 -28.49 27.48
C ASP D 295 -12.72 -27.84 28.80
N ASN D 296 -13.56 -28.00 29.82
CA ASN D 296 -13.30 -27.33 31.10
C ASN D 296 -12.00 -27.80 31.74
N ALA D 297 -11.52 -28.99 31.39
CA ALA D 297 -10.26 -29.47 31.96
C ALA D 297 -9.10 -28.55 31.59
N ARG D 298 -9.19 -27.86 30.46
CA ARG D 298 -8.12 -26.98 30.02
C ARG D 298 -8.09 -25.66 30.78
N ARG D 299 -9.18 -25.31 31.47
CA ARG D 299 -9.27 -24.05 32.21
C ARG D 299 -8.94 -24.23 33.68
N LEU D 300 -9.57 -25.20 34.34
CA LEU D 300 -9.39 -25.40 35.78
C LEU D 300 -8.05 -26.10 36.02
N THR D 301 -7.08 -25.35 36.54
CA THR D 301 -5.75 -25.87 36.78
C THR D 301 -5.18 -25.50 38.14
N GLY D 302 -5.89 -24.68 38.92
CA GLY D 302 -5.50 -24.36 40.28
C GLY D 302 -4.99 -22.94 40.47
N PHE D 303 -4.51 -22.30 39.42
CA PHE D 303 -4.00 -20.94 39.49
C PHE D 303 -4.84 -20.03 38.59
N HIS D 304 -4.44 -18.76 38.51
CA HIS D 304 -5.21 -17.74 37.80
C HIS D 304 -6.63 -17.63 38.38
N GLU D 305 -6.73 -17.72 39.71
CA GLU D 305 -8.00 -17.60 40.42
C GLU D 305 -8.99 -18.65 39.92
N THR D 306 -8.52 -19.89 39.79
CA THR D 306 -9.36 -21.02 39.43
C THR D 306 -9.08 -22.17 40.39
N SER D 307 -10.12 -22.96 40.64
CA SER D 307 -10.01 -24.14 41.49
C SER D 307 -9.59 -25.35 40.66
N ASN D 308 -9.12 -26.38 41.34
CA ASN D 308 -8.70 -27.60 40.66
C ASN D 308 -9.90 -28.42 40.23
N ILE D 309 -9.74 -29.15 39.13
CA ILE D 309 -10.84 -29.92 38.56
C ILE D 309 -11.22 -31.07 39.49
N ASN D 310 -10.24 -31.68 40.15
CA ASN D 310 -10.45 -32.90 40.93
C ASN D 310 -10.73 -32.63 42.40
N ASP D 311 -10.93 -31.38 42.80
CA ASP D 311 -11.11 -31.04 44.20
C ASP D 311 -12.36 -30.18 44.38
N PHE D 312 -12.90 -30.21 45.59
CA PHE D 312 -14.03 -29.39 45.98
C PHE D 312 -13.65 -28.56 47.18
N SER D 313 -14.12 -27.30 47.21
CA SER D 313 -13.74 -26.38 48.27
C SER D 313 -14.85 -25.35 48.46
N ALA D 314 -14.78 -24.64 49.58
CA ALA D 314 -15.74 -23.58 49.88
C ALA D 314 -15.08 -22.61 50.85
N GLY D 315 -15.66 -21.42 50.94
CA GLY D 315 -15.11 -20.40 51.81
C GLY D 315 -15.85 -19.10 51.64
N VAL D 316 -15.43 -18.13 52.45
CA VAL D 316 -16.01 -16.78 52.46
C VAL D 316 -14.99 -15.82 51.87
N ALA D 317 -15.39 -15.09 50.83
CA ALA D 317 -14.54 -14.10 50.19
C ALA D 317 -13.31 -14.72 49.56
N ASN D 318 -13.34 -16.03 49.28
CA ASN D 318 -12.24 -16.72 48.65
C ASN D 318 -12.58 -16.98 47.19
N ARG D 319 -11.81 -16.36 46.29
CA ARG D 319 -12.03 -16.52 44.86
C ARG D 319 -11.23 -17.66 44.26
N SER D 320 -10.47 -18.40 45.06
CA SER D 320 -9.75 -19.57 44.60
C SER D 320 -10.48 -20.87 44.89
N ALA D 321 -11.67 -20.80 45.48
CA ALA D 321 -12.43 -21.99 45.85
C ALA D 321 -13.45 -22.33 44.77
N SER D 322 -14.04 -23.52 44.92
CA SER D 322 -15.10 -23.94 43.99
C SER D 322 -16.39 -23.21 44.28
N ILE D 323 -16.66 -22.87 45.54
CA ILE D 323 -17.84 -22.13 45.94
C ILE D 323 -17.39 -20.94 46.77
N ARG D 324 -18.21 -19.89 46.77
CA ARG D 324 -17.88 -18.68 47.51
C ARG D 324 -19.16 -18.05 48.04
N ILE D 325 -19.07 -17.47 49.23
CA ILE D 325 -20.14 -16.71 49.85
C ILE D 325 -19.68 -15.25 49.93
N PRO D 326 -20.43 -14.30 49.36
CA PRO D 326 -19.98 -12.91 49.40
C PRO D 326 -19.77 -12.42 50.82
N ARG D 327 -18.77 -11.56 51.00
CA ARG D 327 -18.50 -11.01 52.32
C ARG D 327 -19.70 -10.23 52.85
N THR D 328 -20.43 -9.54 51.97
CA THR D 328 -21.64 -8.86 52.41
C THR D 328 -22.66 -9.83 52.96
N VAL D 329 -22.85 -10.96 52.28
CA VAL D 329 -23.79 -11.98 52.76
C VAL D 329 -23.32 -12.53 54.11
N GLY D 330 -22.02 -12.77 54.23
CA GLY D 330 -21.50 -13.27 55.50
C GLY D 330 -21.72 -12.29 56.63
N GLN D 331 -21.44 -11.01 56.39
CA GLN D 331 -21.67 -9.99 57.42
C GLN D 331 -23.15 -9.93 57.79
N GLU D 332 -24.04 -9.99 56.81
CA GLU D 332 -25.46 -10.13 57.06
C GLU D 332 -25.74 -11.62 57.29
N LYS D 333 -27.01 -12.00 57.38
CA LYS D 333 -27.39 -13.39 57.57
C LYS D 333 -28.36 -13.86 56.50
N LYS D 334 -28.27 -13.29 55.30
CA LYS D 334 -29.16 -13.65 54.20
C LYS D 334 -28.51 -13.25 52.89
N GLY D 335 -28.99 -13.86 51.81
CA GLY D 335 -28.50 -13.52 50.49
C GLY D 335 -28.41 -14.66 49.51
N TYR D 336 -27.22 -14.86 48.94
CA TYR D 336 -27.01 -15.82 47.87
C TYR D 336 -25.59 -16.34 47.97
N PHE D 337 -25.31 -17.39 47.19
CA PHE D 337 -23.96 -17.93 47.08
C PHE D 337 -23.62 -18.17 45.62
N GLU D 338 -22.33 -18.27 45.34
CA GLU D 338 -21.80 -18.27 43.98
C GLU D 338 -21.08 -19.58 43.69
N ASP D 339 -21.34 -20.14 42.51
CA ASP D 339 -20.66 -21.34 42.04
C ASP D 339 -19.81 -20.98 40.82
N ARG D 340 -18.53 -21.30 40.87
CA ARG D 340 -17.56 -20.83 39.88
C ARG D 340 -17.04 -21.94 38.97
N ARG D 341 -17.70 -23.10 38.96
CA ARG D 341 -17.24 -24.24 38.16
C ARG D 341 -17.62 -24.16 36.68
N PRO D 342 -18.83 -23.74 36.33
CA PRO D 342 -19.28 -23.87 34.93
C PRO D 342 -18.38 -23.14 33.96
N SER D 343 -18.26 -23.70 32.76
CA SER D 343 -17.43 -23.16 31.69
C SER D 343 -18.20 -22.10 30.91
N ALA D 344 -17.47 -21.38 30.05
CA ALA D 344 -18.06 -20.26 29.32
C ALA D 344 -19.07 -20.73 28.28
N ASN D 345 -18.89 -21.92 27.71
CA ASN D 345 -19.77 -22.45 26.68
C ASN D 345 -20.79 -23.43 27.25
N CYS D 346 -21.24 -23.21 28.48
CA CYS D 346 -22.18 -24.12 29.13
C CYS D 346 -23.60 -23.90 28.60
N ASP D 347 -24.53 -24.70 29.11
CA ASP D 347 -25.95 -24.58 28.76
C ASP D 347 -26.74 -24.18 30.00
N PRO D 348 -27.38 -23.00 30.01
CA PRO D 348 -28.08 -22.57 31.22
C PRO D 348 -29.17 -23.53 31.66
N PHE D 349 -29.88 -24.14 30.71
CA PHE D 349 -30.92 -25.09 31.09
C PHE D 349 -30.35 -26.24 31.91
N SER D 350 -29.27 -26.86 31.42
CA SER D 350 -28.65 -27.95 32.15
C SER D 350 -28.14 -27.48 33.51
N VAL D 351 -27.49 -26.31 33.56
CA VAL D 351 -26.93 -25.84 34.82
C VAL D 351 -28.03 -25.66 35.86
N THR D 352 -29.10 -24.95 35.48
CA THR D 352 -30.18 -24.69 36.42
C THR D 352 -30.87 -25.99 36.84
N GLU D 353 -31.10 -26.90 35.90
CA GLU D 353 -31.75 -28.16 36.24
C GLU D 353 -30.92 -28.96 37.23
N ALA D 354 -29.62 -29.05 37.00
CA ALA D 354 -28.76 -29.80 37.91
C ALA D 354 -28.76 -29.17 39.30
N LEU D 355 -28.65 -27.85 39.37
CA LEU D 355 -28.65 -27.19 40.68
C LEU D 355 -29.95 -27.46 41.42
N ILE D 356 -31.09 -27.31 40.74
CA ILE D 356 -32.37 -27.54 41.38
C ILE D 356 -32.47 -28.98 41.87
N ARG D 357 -32.10 -29.94 41.01
CA ARG D 357 -32.24 -31.34 41.38
C ARG D 357 -31.39 -31.68 42.59
N THR D 358 -30.16 -31.18 42.63
CA THR D 358 -29.28 -31.56 43.74
C THR D 358 -29.62 -30.83 45.03
N CYS D 359 -30.13 -29.60 44.96
CA CYS D 359 -30.29 -28.81 46.18
C CYS D 359 -31.71 -28.79 46.73
N LEU D 360 -32.73 -29.03 45.93
CA LEU D 360 -34.10 -28.96 46.40
C LEU D 360 -34.87 -30.27 46.29
N LEU D 361 -34.34 -31.26 45.57
CA LEU D 361 -34.99 -32.56 45.45
C LEU D 361 -34.23 -33.67 46.15
N ASN D 362 -33.07 -33.36 46.72
CA ASN D 362 -32.30 -34.34 47.50
C ASN D 362 -32.03 -35.61 46.69
N GLU D 363 -31.69 -35.44 45.43
CA GLU D 363 -31.39 -36.58 44.58
C GLU D 363 -29.98 -37.09 44.86
N THR D 364 -29.73 -38.32 44.43
CA THR D 364 -28.44 -38.96 44.64
C THR D 364 -28.17 -39.92 43.48
N GLY D 365 -26.91 -40.34 43.37
CA GLY D 365 -26.50 -41.20 42.28
C GLY D 365 -25.92 -40.43 41.12
N ASP D 366 -25.48 -41.18 40.11
CA ASP D 366 -24.88 -40.61 38.92
C ASP D 366 -25.82 -40.59 37.72
N GLU D 367 -27.12 -40.80 37.94
CA GLU D 367 -28.12 -40.69 36.89
C GLU D 367 -29.26 -39.81 37.38
N PRO D 368 -29.97 -39.16 36.46
CA PRO D 368 -31.13 -38.35 36.87
C PRO D 368 -32.36 -39.20 37.08
N PHE D 369 -33.12 -38.86 38.13
CA PHE D 369 -34.37 -39.55 38.39
C PHE D 369 -35.36 -39.30 37.26
N GLN D 370 -36.09 -40.34 36.90
CA GLN D 370 -37.01 -40.26 35.77
C GLN D 370 -38.37 -39.71 36.20
N TYR D 371 -39.09 -39.17 35.23
CA TYR D 371 -40.40 -38.57 35.48
C TYR D 371 -40.29 -37.52 36.58
N LYS D 372 -41.39 -37.26 37.28
CA LYS D 372 -41.39 -36.23 38.31
C LYS D 372 -40.29 -36.52 39.33
N ASN D 373 -39.27 -35.66 39.38
CA ASN D 373 -38.11 -35.88 40.23
C ASN D 373 -37.50 -37.25 39.93
N THR E 2 -13.04 -7.84 -4.75
CA THR E 2 -12.94 -6.37 -4.95
C THR E 2 -14.29 -5.79 -5.39
N THR E 3 -14.49 -4.51 -5.12
CA THR E 3 -15.72 -3.81 -5.46
C THR E 3 -15.47 -2.81 -6.59
N SER E 4 -16.56 -2.37 -7.21
CA SER E 4 -16.46 -1.51 -8.37
C SER E 4 -15.92 -0.13 -7.99
N ALA E 5 -15.42 0.57 -9.00
CA ALA E 5 -14.88 1.91 -8.77
C ALA E 5 -15.95 2.88 -8.31
N SER E 6 -17.18 2.73 -8.82
CA SER E 6 -18.26 3.64 -8.46
C SER E 6 -18.60 3.60 -6.98
N SER E 7 -18.18 2.55 -6.27
CA SER E 7 -18.55 2.37 -4.87
C SER E 7 -17.63 3.10 -3.90
N HIS E 8 -16.63 3.83 -4.40
CA HIS E 8 -15.70 4.58 -3.56
C HIS E 8 -15.87 6.08 -3.74
N LEU E 9 -17.11 6.56 -3.87
CA LEU E 9 -17.37 7.91 -4.36
C LEU E 9 -18.03 8.83 -3.33
N ASN E 10 -17.89 8.55 -2.04
CA ASN E 10 -18.32 9.50 -1.00
C ASN E 10 -19.81 9.82 -1.13
N LYS E 11 -20.62 8.82 -0.81
CA LYS E 11 -22.06 8.86 -1.01
C LYS E 11 -22.77 9.91 -0.15
N GLY E 12 -22.09 10.51 0.83
CA GLY E 12 -22.70 11.58 1.59
C GLY E 12 -23.08 12.77 0.73
N ILE E 13 -22.27 13.07 -0.28
CA ILE E 13 -22.59 14.15 -1.21
C ILE E 13 -23.90 13.85 -1.92
N LYS E 14 -24.06 12.62 -2.38
CA LYS E 14 -25.31 12.24 -3.05
C LYS E 14 -26.49 12.38 -2.10
N GLN E 15 -26.31 11.98 -0.84
CA GLN E 15 -27.41 12.13 0.11
C GLN E 15 -27.80 13.59 0.28
N VAL E 16 -26.79 14.46 0.39
CA VAL E 16 -27.07 15.89 0.51
C VAL E 16 -27.87 16.37 -0.70
N TYR E 17 -27.50 15.93 -1.89
CA TYR E 17 -28.24 16.34 -3.08
C TYR E 17 -29.67 15.81 -3.06
N MET E 18 -29.86 14.55 -2.67
CA MET E 18 -31.20 13.97 -2.64
C MET E 18 -32.07 14.55 -1.55
N SER E 19 -31.52 15.28 -0.59
CA SER E 19 -32.35 15.92 0.42
C SER E 19 -33.14 17.11 -0.11
N LEU E 20 -32.87 17.58 -1.32
CA LEU E 20 -33.56 18.77 -1.84
C LEU E 20 -35.05 18.47 -2.07
N PRO E 21 -35.94 19.41 -1.75
CA PRO E 21 -37.36 19.22 -2.11
C PRO E 21 -37.55 19.20 -3.62
N GLN E 22 -38.53 18.42 -4.06
CA GLN E 22 -38.66 18.12 -5.48
C GLN E 22 -39.42 19.20 -6.23
N GLY E 23 -40.67 19.45 -5.85
CA GLY E 23 -41.54 20.36 -6.56
C GLY E 23 -42.80 19.66 -7.05
N GLU E 24 -43.34 20.15 -8.16
CA GLU E 24 -44.60 19.66 -8.69
C GLU E 24 -44.43 18.59 -9.78
N LYS E 25 -43.20 18.29 -10.19
CA LYS E 25 -42.96 17.30 -11.23
C LYS E 25 -42.71 15.93 -10.60
N VAL E 26 -42.88 14.89 -11.42
CA VAL E 26 -42.76 13.51 -10.98
C VAL E 26 -41.93 12.73 -12.00
N GLN E 27 -41.12 11.80 -11.51
CA GLN E 27 -40.32 10.92 -12.37
C GLN E 27 -40.96 9.55 -12.46
N ALA E 28 -40.73 8.88 -13.59
CA ALA E 28 -41.24 7.53 -13.82
C ALA E 28 -40.19 6.72 -14.55
N MET E 29 -39.98 5.49 -14.10
CA MET E 29 -38.96 4.59 -14.64
C MET E 29 -39.64 3.40 -15.32
N TYR E 30 -39.24 3.12 -16.57
CA TYR E 30 -39.79 2.02 -17.34
C TYR E 30 -38.80 0.86 -17.36
N ILE E 31 -39.31 -0.36 -17.31
CA ILE E 31 -38.51 -1.58 -17.27
C ILE E 31 -39.09 -2.59 -18.24
N TRP E 32 -38.22 -3.30 -18.97
CA TRP E 32 -38.67 -4.33 -19.89
C TRP E 32 -37.59 -5.40 -20.05
N ILE E 33 -37.98 -6.53 -20.60
CA ILE E 33 -37.08 -7.67 -20.78
C ILE E 33 -36.47 -7.61 -22.18
N ASP E 34 -35.18 -7.93 -22.28
CA ASP E 34 -34.44 -7.74 -23.52
C ASP E 34 -34.48 -9.00 -24.38
N GLY E 35 -33.64 -9.04 -25.42
CA GLY E 35 -33.72 -10.10 -26.40
C GLY E 35 -33.18 -11.43 -25.93
N THR E 36 -32.20 -11.43 -25.02
CA THR E 36 -31.63 -12.68 -24.56
C THR E 36 -32.61 -13.48 -23.71
N GLY E 37 -33.68 -12.87 -23.24
CA GLY E 37 -34.64 -13.55 -22.40
C GLY E 37 -34.28 -13.61 -20.94
N GLU E 38 -33.16 -12.99 -20.54
CA GLU E 38 -32.73 -13.01 -19.14
C GLU E 38 -32.36 -11.64 -18.59
N GLY E 39 -32.19 -10.61 -19.44
CA GLY E 39 -31.76 -9.31 -18.96
C GLY E 39 -32.91 -8.32 -18.80
N LEU E 40 -32.59 -7.18 -18.19
CA LEU E 40 -33.53 -6.10 -17.98
C LEU E 40 -32.90 -4.78 -18.40
N ARG E 41 -33.73 -3.84 -18.85
CA ARG E 41 -33.30 -2.52 -19.25
C ARG E 41 -34.23 -1.49 -18.66
N CYS E 42 -33.76 -0.24 -18.54
CA CYS E 42 -34.56 0.79 -17.92
C CYS E 42 -34.15 2.18 -18.41
N LYS E 43 -35.10 3.12 -18.32
CA LYS E 43 -34.85 4.53 -18.62
C LYS E 43 -35.97 5.35 -18.00
N THR E 44 -35.71 6.66 -17.84
CA THR E 44 -36.55 7.54 -17.04
C THR E 44 -37.10 8.70 -17.88
N ARG E 45 -38.30 9.17 -17.53
CA ARG E 45 -38.92 10.34 -18.15
C ARG E 45 -39.69 11.12 -17.10
N THR E 46 -39.94 12.39 -17.40
CA THR E 46 -40.62 13.31 -16.49
C THR E 46 -42.11 13.40 -16.81
N LEU E 47 -42.92 13.56 -15.77
CA LEU E 47 -44.36 13.70 -15.90
C LEU E 47 -44.84 14.94 -15.17
N ASP E 48 -45.96 15.49 -15.63
CA ASP E 48 -46.46 16.75 -15.09
C ASP E 48 -47.16 16.55 -13.74
N SER E 49 -47.88 15.44 -13.57
CA SER E 49 -48.64 15.21 -12.35
C SER E 49 -48.53 13.75 -11.95
N GLU E 50 -48.79 13.49 -10.68
CA GLU E 50 -48.69 12.13 -10.15
C GLU E 50 -49.85 11.28 -10.64
N PRO E 51 -49.62 10.15 -11.31
CA PRO E 51 -50.72 9.28 -11.69
C PRO E 51 -51.19 8.44 -10.52
N LYS E 52 -52.38 7.84 -10.69
CA LYS E 52 -52.97 6.99 -9.67
C LYS E 52 -53.44 5.65 -10.21
N CYS E 53 -53.22 5.35 -11.49
CA CYS E 53 -53.56 4.05 -12.05
C CYS E 53 -52.65 3.78 -13.23
N VAL E 54 -52.38 2.50 -13.47
CA VAL E 54 -51.47 2.13 -14.54
C VAL E 54 -52.02 2.51 -15.91
N GLU E 55 -53.34 2.68 -16.02
CA GLU E 55 -53.96 2.90 -17.32
C GLU E 55 -53.78 4.33 -17.81
N GLU E 56 -53.37 5.26 -16.95
CA GLU E 56 -53.22 6.67 -17.34
C GLU E 56 -51.76 7.06 -17.56
N LEU E 57 -50.91 6.11 -17.97
CA LEU E 57 -49.56 6.46 -18.38
C LEU E 57 -49.43 6.33 -19.90
N PRO E 58 -48.58 7.14 -20.53
CA PRO E 58 -48.44 7.07 -21.99
C PRO E 58 -47.57 5.91 -22.44
N GLU E 59 -47.65 5.62 -23.74
CA GLU E 59 -46.77 4.64 -24.34
C GLU E 59 -45.42 5.27 -24.65
N TRP E 60 -44.45 4.42 -25.01
CA TRP E 60 -43.10 4.86 -25.32
C TRP E 60 -42.49 3.91 -26.32
N ASN E 61 -41.19 4.08 -26.58
CA ASN E 61 -40.48 3.27 -27.55
C ASN E 61 -39.00 3.31 -27.28
N PHE E 62 -38.26 2.41 -27.94
CA PHE E 62 -36.81 2.33 -27.77
C PHE E 62 -36.21 1.72 -29.04
N ASP E 63 -34.89 1.84 -29.15
CA ASP E 63 -34.16 1.38 -30.32
C ASP E 63 -33.85 -0.11 -30.15
N GLY E 64 -34.49 -0.94 -30.96
CA GLY E 64 -34.34 -2.38 -30.82
C GLY E 64 -33.02 -2.91 -31.33
N SER E 65 -32.36 -2.18 -32.24
CA SER E 65 -31.10 -2.66 -32.80
C SER E 65 -30.01 -2.73 -31.74
N SER E 66 -30.08 -1.88 -30.71
CA SER E 66 -29.07 -1.88 -29.67
C SER E 66 -29.31 -2.95 -28.61
N THR E 67 -30.50 -3.56 -28.59
CA THR E 67 -30.82 -4.61 -27.62
C THR E 67 -30.96 -5.97 -28.28
N LEU E 68 -30.45 -6.15 -29.49
CA LEU E 68 -30.48 -7.44 -30.18
C LEU E 68 -31.92 -7.93 -30.32
N GLN E 69 -32.80 -7.05 -30.83
CA GLN E 69 -34.20 -7.38 -30.99
C GLN E 69 -34.80 -6.94 -32.33
N SER E 70 -34.08 -6.17 -33.15
CA SER E 70 -34.63 -5.72 -34.42
C SER E 70 -33.49 -5.24 -35.30
N GLU E 71 -33.85 -4.86 -36.53
CA GLU E 71 -32.89 -4.37 -37.50
C GLU E 71 -32.81 -2.85 -37.45
N GLY E 72 -31.64 -2.32 -37.84
CA GLY E 72 -31.40 -0.89 -37.78
C GLY E 72 -32.36 -0.07 -38.63
N SER E 73 -32.94 -0.66 -39.67
CA SER E 73 -33.89 0.07 -40.51
C SER E 73 -35.26 0.15 -39.84
N ASN E 74 -35.88 -1.01 -39.60
CA ASN E 74 -37.13 -1.08 -38.83
C ASN E 74 -36.81 -1.41 -37.37
N SER E 75 -36.16 -0.44 -36.70
CA SER E 75 -35.60 -0.70 -35.38
C SER E 75 -36.58 -0.36 -34.26
N ASP E 76 -37.49 0.59 -34.47
CA ASP E 76 -38.34 1.06 -33.39
C ASP E 76 -39.19 -0.08 -32.82
N MET E 77 -39.36 -0.07 -31.51
CA MET E 77 -40.23 -1.01 -30.80
C MET E 77 -41.11 -0.22 -29.84
N TYR E 78 -42.18 -0.86 -29.36
CA TYR E 78 -43.16 -0.19 -28.52
C TYR E 78 -43.15 -0.77 -27.11
N LEU E 79 -43.41 0.10 -26.13
CA LEU E 79 -43.52 -0.28 -24.73
C LEU E 79 -44.93 0.05 -24.25
N VAL E 80 -45.60 -0.94 -23.70
CA VAL E 80 -46.98 -0.81 -23.20
C VAL E 80 -46.97 -1.06 -21.71
N PRO E 81 -47.32 -0.07 -20.87
CA PRO E 81 -47.29 -0.30 -19.42
C PRO E 81 -48.24 -1.42 -18.99
N ALA E 82 -47.82 -2.16 -17.96
CA ALA E 82 -48.57 -3.30 -17.46
C ALA E 82 -48.82 -3.24 -15.95
N ALA E 83 -47.88 -2.75 -15.16
CA ALA E 83 -48.03 -2.72 -13.71
C ALA E 83 -47.25 -1.54 -13.14
N MET E 84 -47.66 -1.09 -11.96
CA MET E 84 -47.08 0.09 -11.32
C MET E 84 -46.78 -0.19 -9.85
N PHE E 85 -45.70 0.40 -9.35
CA PHE E 85 -45.30 0.28 -7.96
C PHE E 85 -44.66 1.59 -7.50
N ARG E 86 -44.56 1.76 -6.19
CA ARG E 86 -43.85 2.91 -5.64
C ARG E 86 -42.34 2.75 -5.85
N ASP E 87 -41.64 3.88 -5.81
CA ASP E 87 -40.21 3.91 -6.09
C ASP E 87 -39.44 4.01 -4.78
N PRO E 88 -38.68 2.99 -4.37
CA PRO E 88 -37.95 3.08 -3.10
C PRO E 88 -36.67 3.88 -3.18
N PHE E 89 -36.10 4.09 -4.37
CA PHE E 89 -34.84 4.80 -4.50
C PHE E 89 -35.00 6.31 -4.55
N ARG E 90 -36.16 6.80 -5.01
CA ARG E 90 -36.45 8.22 -5.04
C ARG E 90 -37.63 8.61 -4.15
N LYS E 91 -38.37 7.63 -3.63
CA LYS E 91 -39.47 7.87 -2.68
C LYS E 91 -40.66 8.52 -3.36
N ASP E 92 -41.77 8.63 -2.63
CA ASP E 92 -42.99 9.17 -3.21
C ASP E 92 -42.77 10.61 -3.65
N PRO E 93 -43.48 11.08 -4.69
CA PRO E 93 -44.52 10.38 -5.47
C PRO E 93 -44.01 9.68 -6.73
N ASN E 94 -42.72 9.40 -6.84
CA ASN E 94 -42.18 8.78 -8.04
C ASN E 94 -42.57 7.30 -8.11
N LYS E 95 -42.53 6.74 -9.32
CA LYS E 95 -43.14 5.45 -9.60
C LYS E 95 -42.20 4.54 -10.40
N LEU E 96 -42.51 3.24 -10.34
CA LEU E 96 -41.89 2.22 -11.19
C LEU E 96 -42.97 1.59 -12.07
N VAL E 97 -42.62 1.30 -13.33
CA VAL E 97 -43.55 0.78 -14.31
C VAL E 97 -42.92 -0.40 -15.03
N LEU E 98 -43.66 -1.51 -15.12
CA LEU E 98 -43.25 -2.68 -15.88
C LEU E 98 -44.01 -2.71 -17.19
N CYS E 99 -43.31 -2.96 -18.30
CA CYS E 99 -43.84 -2.75 -19.64
C CYS E 99 -43.76 -4.03 -20.47
N GLU E 100 -44.61 -4.09 -21.49
CA GLU E 100 -44.65 -5.17 -22.45
C GLU E 100 -44.10 -4.70 -23.79
N VAL E 101 -43.50 -5.61 -24.54
CA VAL E 101 -42.76 -5.28 -25.75
C VAL E 101 -43.56 -5.73 -26.98
N PHE E 102 -43.61 -4.86 -28.00
CA PHE E 102 -44.24 -5.17 -29.27
C PHE E 102 -43.37 -4.70 -30.41
N LYS E 103 -43.54 -5.33 -31.57
CA LYS E 103 -42.73 -5.01 -32.73
C LYS E 103 -43.37 -3.88 -33.55
N TYR E 104 -42.66 -3.44 -34.60
CA TYR E 104 -43.09 -2.27 -35.35
C TYR E 104 -44.48 -2.47 -35.94
N ASN E 105 -44.82 -3.69 -36.36
CA ASN E 105 -46.15 -4.00 -36.85
C ASN E 105 -47.12 -4.31 -35.72
N ARG E 106 -46.69 -4.14 -34.47
CA ARG E 106 -47.54 -4.33 -33.29
C ARG E 106 -47.90 -5.80 -33.08
N ARG E 107 -46.99 -6.69 -33.43
CA ARG E 107 -47.08 -8.07 -32.98
C ARG E 107 -46.17 -8.28 -31.78
N PRO E 108 -46.49 -9.23 -30.89
CA PRO E 108 -45.64 -9.45 -29.73
C PRO E 108 -44.22 -9.84 -30.13
N ALA E 109 -43.26 -9.41 -29.33
CA ALA E 109 -41.87 -9.74 -29.59
C ALA E 109 -41.60 -11.20 -29.27
N GLU E 110 -40.40 -11.66 -29.67
CA GLU E 110 -40.07 -13.07 -29.51
C GLU E 110 -40.02 -13.49 -28.06
N THR E 111 -39.43 -12.67 -27.20
CA THR E 111 -39.29 -12.97 -25.78
C THR E 111 -40.43 -12.40 -24.94
N ASN E 112 -41.62 -12.24 -25.53
CA ASN E 112 -42.80 -11.74 -24.84
C ASN E 112 -43.74 -12.93 -24.61
N LEU E 113 -43.83 -13.39 -23.37
CA LEU E 113 -44.70 -14.50 -23.00
C LEU E 113 -45.88 -14.07 -22.13
N ARG E 114 -45.81 -12.89 -21.51
CA ARG E 114 -46.94 -12.41 -20.73
C ARG E 114 -48.20 -12.35 -21.57
N HIS E 115 -48.06 -12.09 -22.87
CA HIS E 115 -49.23 -11.96 -23.73
C HIS E 115 -50.05 -13.25 -23.75
N THR E 116 -49.38 -14.40 -23.93
CA THR E 116 -50.09 -15.67 -23.95
C THR E 116 -50.48 -16.11 -22.54
N CYS E 117 -49.61 -15.86 -21.56
CA CYS E 117 -49.94 -16.22 -20.19
C CYS E 117 -51.20 -15.51 -19.73
N LYS E 118 -51.42 -14.28 -20.20
CA LYS E 118 -52.61 -13.53 -19.84
C LYS E 118 -53.88 -14.28 -20.26
N ARG E 119 -53.94 -14.69 -21.52
CA ARG E 119 -55.10 -15.42 -22.01
C ARG E 119 -55.28 -16.72 -21.26
N ILE E 120 -54.18 -17.46 -21.05
CA ILE E 120 -54.29 -18.76 -20.39
C ILE E 120 -54.84 -18.58 -18.98
N MET E 121 -54.32 -17.60 -18.23
CA MET E 121 -54.80 -17.37 -16.88
C MET E 121 -56.25 -16.90 -16.88
N ASP E 122 -56.61 -16.05 -17.84
CA ASP E 122 -57.96 -15.50 -17.87
C ASP E 122 -58.99 -16.61 -18.12
N MET E 123 -58.64 -17.59 -18.94
CA MET E 123 -59.63 -18.60 -19.31
C MET E 123 -59.88 -19.64 -18.21
N VAL E 124 -59.15 -19.60 -17.09
CA VAL E 124 -59.40 -20.51 -15.98
C VAL E 124 -59.55 -19.72 -14.68
N SER E 125 -60.06 -18.49 -14.79
CA SER E 125 -60.03 -17.57 -13.65
C SER E 125 -60.92 -18.04 -12.50
N ASN E 126 -61.92 -18.88 -12.74
CA ASN E 126 -62.89 -19.20 -11.71
C ASN E 126 -62.36 -20.15 -10.64
N GLN E 127 -61.19 -20.75 -10.86
CA GLN E 127 -60.62 -21.70 -9.89
C GLN E 127 -59.62 -21.07 -8.94
N HIS E 128 -59.29 -19.79 -9.13
CA HIS E 128 -58.46 -19.03 -8.20
C HIS E 128 -57.13 -19.73 -7.89
N PRO E 129 -56.34 -20.07 -8.90
CA PRO E 129 -55.02 -20.68 -8.63
C PRO E 129 -54.10 -19.72 -7.90
N TRP E 130 -53.27 -20.26 -7.02
CA TRP E 130 -52.27 -19.50 -6.28
C TRP E 130 -50.89 -20.05 -6.58
N PHE E 131 -49.88 -19.18 -6.55
CA PHE E 131 -48.51 -19.57 -6.82
C PHE E 131 -47.58 -18.97 -5.77
N GLY E 132 -46.49 -19.70 -5.50
CA GLY E 132 -45.43 -19.21 -4.64
C GLY E 132 -44.09 -19.72 -5.12
N MET E 133 -43.07 -18.85 -5.15
CA MET E 133 -41.79 -19.20 -5.74
C MET E 133 -40.66 -18.82 -4.78
N GLU E 134 -39.59 -19.61 -4.81
CA GLU E 134 -38.42 -19.40 -3.97
C GLU E 134 -37.22 -19.16 -4.89
N GLN E 135 -36.61 -17.98 -4.77
CA GLN E 135 -35.53 -17.56 -5.66
C GLN E 135 -34.21 -17.64 -4.90
N GLU E 136 -33.21 -18.29 -5.51
CA GLU E 136 -31.88 -18.42 -4.94
C GLU E 136 -30.86 -17.70 -5.81
N TYR E 137 -29.85 -17.11 -5.18
CA TYR E 137 -28.86 -16.31 -5.91
C TYR E 137 -27.57 -16.25 -5.11
N THR E 138 -26.50 -15.85 -5.79
CA THR E 138 -25.17 -15.76 -5.21
C THR E 138 -24.58 -14.39 -5.46
N LEU E 139 -23.90 -13.83 -4.45
CA LEU E 139 -23.25 -12.54 -4.57
C LEU E 139 -21.81 -12.74 -5.03
N MET E 140 -21.41 -11.96 -6.04
CA MET E 140 -20.10 -12.09 -6.65
C MET E 140 -19.37 -10.76 -6.59
N GLY E 141 -18.05 -10.83 -6.41
CA GLY E 141 -17.23 -9.65 -6.53
C GLY E 141 -16.98 -9.28 -7.97
N THR E 142 -16.38 -8.11 -8.17
CA THR E 142 -16.12 -7.63 -9.52
C THR E 142 -14.93 -8.32 -10.18
N ASP E 143 -14.18 -9.13 -9.43
CA ASP E 143 -13.06 -9.88 -9.98
C ASP E 143 -13.44 -11.29 -10.41
N GLY E 144 -14.71 -11.67 -10.30
CA GLY E 144 -15.17 -12.96 -10.77
C GLY E 144 -15.23 -14.05 -9.74
N HIS E 145 -15.12 -13.73 -8.45
CA HIS E 145 -15.19 -14.70 -7.38
C HIS E 145 -16.34 -14.37 -6.44
N PRO E 146 -16.86 -15.36 -5.70
CA PRO E 146 -17.92 -15.07 -4.72
C PRO E 146 -17.45 -14.04 -3.71
N PHE E 147 -18.37 -13.17 -3.31
CA PHE E 147 -18.02 -12.05 -2.43
C PHE E 147 -17.64 -12.56 -1.05
N GLY E 148 -16.49 -12.09 -0.55
CA GLY E 148 -16.01 -12.45 0.76
C GLY E 148 -15.17 -13.71 0.83
N TRP E 149 -15.05 -14.46 -0.27
CA TRP E 149 -14.24 -15.66 -0.25
C TRP E 149 -12.77 -15.30 -0.22
N PRO E 150 -11.91 -16.19 0.30
CA PRO E 150 -10.47 -15.89 0.32
C PRO E 150 -9.93 -15.73 -1.09
N SER E 151 -8.91 -14.89 -1.21
CA SER E 151 -8.25 -14.68 -2.49
C SER E 151 -7.77 -16.01 -3.06
N ASN E 152 -8.35 -16.39 -4.20
CA ASN E 152 -7.99 -17.63 -4.90
C ASN E 152 -7.97 -18.83 -3.95
N GLY E 153 -8.97 -18.91 -3.08
CA GLY E 153 -9.09 -20.00 -2.13
C GLY E 153 -10.52 -20.38 -1.86
N PHE E 154 -10.74 -21.16 -0.80
CA PHE E 154 -12.06 -21.63 -0.41
C PHE E 154 -12.26 -21.42 1.08
N PRO E 155 -13.50 -21.30 1.52
CA PRO E 155 -13.80 -21.39 2.95
C PRO E 155 -13.92 -22.85 3.37
N GLY E 156 -14.19 -23.06 4.65
CA GLY E 156 -14.29 -24.40 5.20
C GLY E 156 -15.35 -25.23 4.52
N PRO E 157 -15.44 -26.51 4.88
CA PRO E 157 -16.48 -27.37 4.30
C PRO E 157 -17.87 -26.97 4.79
N GLN E 158 -18.86 -27.38 4.01
CA GLN E 158 -20.24 -26.98 4.28
C GLN E 158 -20.76 -27.63 5.55
N GLY E 159 -21.85 -27.07 6.07
CA GLY E 159 -22.48 -27.56 7.27
C GLY E 159 -22.83 -26.48 8.28
N PRO E 160 -21.94 -25.52 8.50
CA PRO E 160 -22.23 -24.43 9.46
C PRO E 160 -22.83 -23.16 8.86
N TYR E 161 -23.00 -23.07 7.55
CA TYR E 161 -23.43 -21.83 6.91
C TYR E 161 -24.93 -21.73 6.73
N TYR E 162 -25.65 -22.85 6.74
CA TYR E 162 -27.09 -22.82 6.54
C TYR E 162 -27.75 -22.05 7.69
N CYS E 163 -28.48 -21.00 7.35
CA CYS E 163 -29.19 -20.19 8.35
C CYS E 163 -28.23 -19.69 9.43
N GLY E 164 -27.00 -19.38 9.04
CA GLY E 164 -25.97 -19.03 9.99
C GLY E 164 -26.04 -17.58 10.46
N VAL E 165 -25.27 -17.30 11.51
CA VAL E 165 -25.17 -15.95 12.06
C VAL E 165 -23.74 -15.78 12.60
N GLY E 166 -23.13 -14.64 12.27
CA GLY E 166 -21.77 -14.36 12.71
C GLY E 166 -20.89 -13.88 11.57
N ALA E 167 -19.77 -13.24 11.92
CA ALA E 167 -18.90 -12.68 10.90
C ALA E 167 -18.28 -13.75 10.01
N ASP E 168 -18.13 -14.97 10.53
CA ASP E 168 -17.51 -16.06 9.78
C ASP E 168 -18.52 -17.06 9.25
N ARG E 169 -19.81 -16.73 9.27
CA ARG E 169 -20.86 -17.62 8.81
C ARG E 169 -21.73 -17.04 7.71
N ALA E 170 -21.98 -15.74 7.71
CA ALA E 170 -22.84 -15.10 6.72
C ALA E 170 -22.12 -13.91 6.10
N TYR E 171 -22.13 -13.83 4.78
CA TYR E 171 -21.44 -12.79 4.04
C TYR E 171 -22.45 -11.87 3.37
N GLY E 172 -22.42 -10.60 3.73
CA GLY E 172 -23.23 -9.59 3.05
C GLY E 172 -24.69 -9.55 3.45
N ARG E 173 -24.98 -9.42 4.74
CA ARG E 173 -26.37 -9.34 5.18
C ARG E 173 -26.98 -7.96 4.97
N ASP E 174 -26.14 -6.93 4.80
CA ASP E 174 -26.66 -5.58 4.58
C ASP E 174 -27.48 -5.52 3.30
N ILE E 175 -27.00 -6.18 2.24
CA ILE E 175 -27.76 -6.21 0.98
C ILE E 175 -29.11 -6.86 1.19
N VAL E 176 -29.15 -7.98 1.93
CA VAL E 176 -30.41 -8.68 2.16
C VAL E 176 -31.38 -7.79 2.91
N GLU E 177 -30.89 -7.13 3.97
CA GLU E 177 -31.76 -6.26 4.77
C GLU E 177 -32.31 -5.11 3.93
N ALA E 178 -31.45 -4.45 3.17
CA ALA E 178 -31.89 -3.33 2.35
C ALA E 178 -32.90 -3.77 1.31
N HIS E 179 -32.65 -4.90 0.66
CA HIS E 179 -33.59 -5.41 -0.33
C HIS E 179 -34.94 -5.71 0.29
N TYR E 180 -34.94 -6.37 1.45
CA TYR E 180 -36.21 -6.68 2.12
C TYR E 180 -37.00 -5.41 2.40
N ARG E 181 -36.35 -4.42 3.01
CA ARG E 181 -37.06 -3.20 3.38
C ARG E 181 -37.56 -2.46 2.14
N ALA E 182 -36.73 -2.39 1.09
CA ALA E 182 -37.14 -1.70 -0.13
C ALA E 182 -38.33 -2.38 -0.78
N CYS E 183 -38.33 -3.72 -0.82
CA CYS E 183 -39.47 -4.43 -1.38
C CYS E 183 -40.74 -4.15 -0.58
N LEU E 184 -40.62 -4.17 0.75
CA LEU E 184 -41.77 -3.86 1.59
C LEU E 184 -42.33 -2.47 1.26
N TYR E 185 -41.44 -1.49 1.16
CA TYR E 185 -41.89 -0.13 0.86
C TYR E 185 -42.53 -0.05 -0.52
N ALA E 186 -41.96 -0.75 -1.51
CA ALA E 186 -42.48 -0.68 -2.87
C ALA E 186 -43.86 -1.29 -2.96
N GLY E 187 -44.10 -2.39 -2.26
CA GLY E 187 -45.37 -3.07 -2.30
C GLY E 187 -45.35 -4.45 -2.91
N VAL E 188 -44.18 -5.07 -3.04
CA VAL E 188 -44.08 -6.45 -3.50
C VAL E 188 -44.43 -7.38 -2.35
N LYS E 189 -45.05 -8.52 -2.67
CA LYS E 189 -45.46 -9.49 -1.66
C LYS E 189 -44.29 -10.42 -1.34
N ILE E 190 -43.31 -9.89 -0.63
CA ILE E 190 -42.19 -10.67 -0.16
C ILE E 190 -42.58 -11.37 1.14
N ALA E 191 -42.21 -12.64 1.27
CA ALA E 191 -42.69 -13.48 2.38
C ALA E 191 -41.61 -13.85 3.38
N GLY E 192 -40.33 -13.83 3.01
CA GLY E 192 -39.28 -14.17 3.95
C GLY E 192 -37.96 -14.38 3.24
N THR E 193 -36.92 -14.58 4.05
CA THR E 193 -35.57 -14.78 3.54
C THR E 193 -34.80 -15.68 4.49
N ASN E 194 -33.74 -16.30 3.97
CA ASN E 194 -32.84 -17.09 4.81
C ASN E 194 -31.51 -17.27 4.08
N ALA E 195 -30.50 -17.66 4.84
CA ALA E 195 -29.18 -17.95 4.30
C ALA E 195 -29.09 -19.41 3.88
N GLU E 196 -28.35 -19.67 2.81
CA GLU E 196 -28.33 -20.99 2.18
C GLU E 196 -27.07 -21.77 2.55
N VAL E 197 -26.97 -22.98 2.00
CA VAL E 197 -25.92 -23.91 2.41
C VAL E 197 -24.54 -23.38 2.04
N MET E 198 -24.40 -22.83 0.87
CA MET E 198 -23.12 -22.30 0.40
C MET E 198 -22.93 -20.88 0.90
N PRO E 199 -21.79 -20.55 1.52
CA PRO E 199 -21.59 -19.18 2.00
C PRO E 199 -21.65 -18.19 0.85
N ALA E 200 -22.25 -17.03 1.11
CA ALA E 200 -22.53 -15.97 0.14
C ALA E 200 -23.73 -16.31 -0.73
N GLN E 201 -24.52 -17.31 -0.36
CA GLN E 201 -25.73 -17.69 -1.07
C GLN E 201 -26.94 -17.40 -0.19
N TRP E 202 -28.00 -16.90 -0.81
CA TRP E 202 -29.20 -16.50 -0.08
C TRP E 202 -30.44 -16.90 -0.86
N GLU E 203 -31.60 -16.62 -0.28
CA GLU E 203 -32.89 -16.95 -0.88
C GLU E 203 -33.96 -16.02 -0.33
N PHE E 204 -34.94 -15.68 -1.16
CA PHE E 204 -36.13 -14.96 -0.72
C PHE E 204 -37.36 -15.56 -1.40
N GLN E 205 -38.51 -15.37 -0.76
CA GLN E 205 -39.76 -16.00 -1.18
C GLN E 205 -40.79 -14.94 -1.55
N ILE E 206 -41.48 -15.15 -2.66
CA ILE E 206 -42.54 -14.27 -3.13
C ILE E 206 -43.83 -15.07 -3.20
N GLY E 207 -44.90 -14.54 -2.59
CA GLY E 207 -46.20 -15.16 -2.67
C GLY E 207 -46.93 -15.17 -1.35
N PRO E 208 -48.14 -15.74 -1.34
CA PRO E 208 -48.87 -16.32 -2.49
C PRO E 208 -49.53 -15.26 -3.36
N CYS E 209 -49.40 -15.37 -4.68
CA CYS E 209 -49.93 -14.39 -5.61
C CYS E 209 -51.01 -15.03 -6.48
N GLU E 210 -51.99 -14.22 -6.87
CA GLU E 210 -53.14 -14.69 -7.63
C GLU E 210 -52.87 -14.55 -9.13
N GLY E 211 -52.79 -15.68 -9.82
CA GLY E 211 -52.78 -15.65 -11.27
C GLY E 211 -51.58 -14.91 -11.84
N ILE E 212 -51.86 -13.91 -12.69
CA ILE E 212 -50.84 -13.30 -13.53
C ILE E 212 -49.88 -12.40 -12.74
N SER E 213 -50.24 -11.99 -11.52
CA SER E 213 -49.40 -11.07 -10.78
C SER E 213 -48.10 -11.71 -10.29
N MET E 214 -48.00 -13.03 -10.32
CA MET E 214 -46.81 -13.72 -9.85
C MET E 214 -45.58 -13.28 -10.63
N GLY E 215 -45.66 -13.34 -11.97
CA GLY E 215 -44.53 -12.97 -12.78
C GLY E 215 -44.14 -11.51 -12.60
N ASP E 216 -45.14 -10.63 -12.52
CA ASP E 216 -44.86 -9.20 -12.34
C ASP E 216 -44.09 -8.97 -11.04
N HIS E 217 -44.58 -9.54 -9.94
CA HIS E 217 -43.92 -9.34 -8.66
C HIS E 217 -42.51 -9.90 -8.68
N LEU E 218 -42.32 -11.09 -9.26
CA LEU E 218 -40.99 -11.68 -9.29
C LEU E 218 -40.01 -10.82 -10.10
N TRP E 219 -40.44 -10.36 -11.27
CA TRP E 219 -39.56 -9.55 -12.10
C TRP E 219 -39.18 -8.25 -11.41
N VAL E 220 -40.15 -7.60 -10.76
CA VAL E 220 -39.85 -6.36 -10.06
C VAL E 220 -38.87 -6.61 -8.92
N ALA E 221 -39.04 -7.73 -8.22
CA ALA E 221 -38.11 -8.07 -7.13
C ALA E 221 -36.71 -8.25 -7.67
N ARG E 222 -36.57 -8.93 -8.81
CA ARG E 222 -35.25 -9.09 -9.41
C ARG E 222 -34.62 -7.74 -9.74
N PHE E 223 -35.42 -6.84 -10.32
CA PHE E 223 -34.89 -5.52 -10.66
C PHE E 223 -34.42 -4.78 -9.42
N ILE E 224 -35.20 -4.80 -8.34
CA ILE E 224 -34.81 -4.09 -7.13
C ILE E 224 -33.53 -4.68 -6.55
N LEU E 225 -33.40 -6.00 -6.58
CA LEU E 225 -32.17 -6.62 -6.12
C LEU E 225 -30.97 -6.12 -6.92
N HIS E 226 -31.12 -6.05 -8.25
CA HIS E 226 -30.03 -5.56 -9.08
C HIS E 226 -29.64 -4.14 -8.72
N ARG E 227 -30.63 -3.26 -8.52
CA ARG E 227 -30.31 -1.86 -8.21
C ARG E 227 -29.60 -1.73 -6.86
N VAL E 228 -30.08 -2.46 -5.85
CA VAL E 228 -29.42 -2.38 -4.54
C VAL E 228 -27.99 -2.88 -4.63
N CYS E 229 -27.78 -4.01 -5.32
CA CYS E 229 -26.42 -4.52 -5.47
C CYS E 229 -25.54 -3.51 -6.18
N GLU E 230 -26.07 -2.85 -7.22
CA GLU E 230 -25.29 -1.81 -7.89
C GLU E 230 -24.92 -0.69 -6.93
N ASP E 231 -25.84 -0.31 -6.05
CA ASP E 231 -25.52 0.72 -5.07
C ASP E 231 -24.37 0.29 -4.18
N PHE E 232 -24.38 -0.95 -3.71
CA PHE E 232 -23.32 -1.39 -2.82
C PHE E 232 -22.00 -1.68 -3.54
N GLY E 233 -22.07 -2.05 -4.81
CA GLY E 233 -20.89 -2.30 -5.60
C GLY E 233 -20.57 -3.76 -5.90
N VAL E 234 -21.56 -4.65 -5.80
CA VAL E 234 -21.36 -6.08 -6.05
C VAL E 234 -22.34 -6.53 -7.12
N ILE E 235 -22.15 -7.77 -7.57
CA ILE E 235 -22.94 -8.35 -8.65
C ILE E 235 -23.76 -9.51 -8.10
N ALA E 236 -25.00 -9.61 -8.54
CA ALA E 236 -25.88 -10.74 -8.20
C ALA E 236 -26.06 -11.59 -9.44
N THR E 237 -25.82 -12.90 -9.29
CA THR E 237 -25.84 -13.83 -10.41
C THR E 237 -26.87 -14.92 -10.15
N PHE E 238 -27.61 -15.28 -11.20
CA PHE E 238 -28.61 -16.34 -11.13
C PHE E 238 -28.17 -17.62 -11.83
N ASP E 239 -26.87 -17.80 -12.03
CA ASP E 239 -26.37 -18.99 -12.72
C ASP E 239 -26.69 -20.23 -11.90
N PRO E 240 -27.25 -21.29 -12.50
CA PRO E 240 -27.58 -22.48 -11.72
C PRO E 240 -26.39 -23.11 -11.02
N LYS E 241 -25.21 -23.12 -11.64
CA LYS E 241 -24.02 -23.76 -11.10
C LYS E 241 -22.85 -22.79 -11.17
N PRO E 242 -22.79 -21.82 -10.25
CA PRO E 242 -21.70 -20.83 -10.32
C PRO E 242 -20.32 -21.42 -10.07
N ILE E 243 -20.20 -22.35 -9.13
CA ILE E 243 -18.92 -22.93 -8.75
C ILE E 243 -18.98 -24.43 -8.97
N PRO E 244 -18.14 -25.00 -9.84
CA PRO E 244 -18.16 -26.46 -10.02
C PRO E 244 -17.56 -27.18 -8.83
N GLY E 245 -17.98 -28.43 -8.66
CA GLY E 245 -17.45 -29.27 -7.60
C GLY E 245 -18.46 -29.59 -6.53
N ASN E 246 -17.98 -29.84 -5.31
CA ASN E 246 -18.84 -30.24 -4.19
C ASN E 246 -19.38 -28.98 -3.51
N TRP E 247 -20.23 -28.27 -4.25
CA TRP E 247 -20.90 -27.09 -3.73
C TRP E 247 -22.31 -27.03 -4.29
N ASN E 248 -23.19 -26.37 -3.55
CA ASN E 248 -24.61 -26.38 -3.88
C ASN E 248 -24.90 -25.50 -5.11
N GLY E 249 -26.01 -25.79 -5.77
CA GLY E 249 -26.47 -25.03 -6.91
C GLY E 249 -27.54 -24.02 -6.54
N ALA E 250 -28.36 -23.66 -7.52
CA ALA E 250 -29.42 -22.69 -7.34
C ALA E 250 -30.67 -23.14 -8.07
N GLY E 251 -31.83 -23.03 -7.41
CA GLY E 251 -33.09 -23.43 -7.99
C GLY E 251 -34.15 -22.35 -7.83
N CYS E 252 -35.33 -22.64 -8.39
CA CYS E 252 -36.47 -21.73 -8.36
C CYS E 252 -37.75 -22.49 -8.02
N HIS E 253 -37.72 -23.23 -6.91
CA HIS E 253 -38.86 -24.05 -6.50
C HIS E 253 -40.16 -23.27 -6.58
N THR E 254 -41.22 -23.93 -7.04
CA THR E 254 -42.52 -23.31 -7.25
C THR E 254 -43.59 -24.10 -6.51
N ASN E 255 -44.46 -23.38 -5.80
CA ASN E 255 -45.58 -23.99 -5.07
C ASN E 255 -46.87 -23.64 -5.79
N PHE E 256 -47.77 -24.63 -5.87
CA PHE E 256 -48.99 -24.51 -6.66
C PHE E 256 -50.18 -24.98 -5.84
N SER E 257 -51.34 -24.36 -6.07
CA SER E 257 -52.55 -24.70 -5.33
C SER E 257 -53.76 -24.10 -6.02
N THR E 258 -54.90 -24.79 -5.92
CA THR E 258 -56.18 -24.28 -6.38
C THR E 258 -57.18 -24.26 -5.23
N LYS E 259 -58.35 -23.69 -5.49
CA LYS E 259 -59.37 -23.59 -4.45
C LYS E 259 -59.83 -24.97 -3.99
N ALA E 260 -60.02 -25.89 -4.92
CA ALA E 260 -60.41 -27.25 -4.55
C ALA E 260 -59.36 -27.90 -3.67
N MET E 261 -58.08 -27.74 -4.03
CA MET E 261 -57.01 -28.25 -3.19
C MET E 261 -57.00 -27.62 -1.81
N ARG E 262 -57.34 -26.32 -1.73
CA ARG E 262 -57.38 -25.65 -0.43
C ARG E 262 -58.62 -26.03 0.38
N GLU E 263 -59.64 -26.61 -0.26
CA GLU E 263 -60.83 -27.05 0.45
C GLU E 263 -60.56 -28.40 1.14
N GLU E 264 -61.58 -28.91 1.81
CA GLU E 264 -61.46 -30.19 2.50
C GLU E 264 -61.19 -31.30 1.50
N ASN E 265 -60.47 -32.34 1.96
CA ASN E 265 -60.26 -33.56 1.21
C ASN E 265 -59.32 -33.32 0.01
N GLY E 266 -58.91 -32.06 -0.19
CA GLY E 266 -58.23 -31.67 -1.42
C GLY E 266 -56.99 -32.47 -1.73
N LEU E 267 -56.48 -33.22 -0.76
CA LEU E 267 -55.30 -34.05 -1.02
C LEU E 267 -55.58 -35.00 -2.19
N LYS E 268 -56.84 -35.42 -2.36
CA LYS E 268 -57.19 -36.26 -3.50
C LYS E 268 -56.96 -35.52 -4.81
N TYR E 269 -57.36 -34.23 -4.85
CA TYR E 269 -57.14 -33.41 -6.03
C TYR E 269 -55.67 -33.11 -6.26
N ILE E 270 -54.86 -33.16 -5.20
CA ILE E 270 -53.42 -33.04 -5.36
C ILE E 270 -52.86 -34.30 -6.00
N GLU E 271 -53.34 -35.47 -5.57
CA GLU E 271 -52.73 -36.73 -5.98
C GLU E 271 -52.83 -36.94 -7.49
N GLU E 272 -54.03 -36.80 -8.05
CA GLU E 272 -54.19 -37.03 -9.48
C GLU E 272 -53.59 -35.90 -10.30
N ALA E 273 -53.46 -34.69 -9.74
CA ALA E 273 -52.70 -33.66 -10.42
C ALA E 273 -51.24 -34.07 -10.56
N ILE E 274 -50.65 -34.62 -9.49
CA ILE E 274 -49.30 -35.15 -9.58
C ILE E 274 -49.25 -36.26 -10.62
N GLU E 275 -50.24 -37.15 -10.60
CA GLU E 275 -50.28 -38.25 -11.57
C GLU E 275 -50.24 -37.70 -12.99
N LYS E 276 -51.07 -36.72 -13.29
CA LYS E 276 -51.08 -36.13 -14.63
C LYS E 276 -49.73 -35.50 -14.96
N LEU E 277 -49.13 -34.80 -13.99
CA LEU E 277 -47.81 -34.23 -14.22
C LEU E 277 -46.77 -35.29 -14.50
N SER E 278 -47.00 -36.53 -14.07
CA SER E 278 -46.00 -37.59 -14.23
C SER E 278 -45.82 -38.04 -15.67
N LYS E 279 -46.50 -37.41 -16.64
CA LYS E 279 -46.45 -37.87 -18.02
C LYS E 279 -45.65 -36.97 -18.94
N ARG E 280 -45.45 -35.71 -18.61
CA ARG E 280 -44.84 -34.73 -19.49
C ARG E 280 -43.52 -34.21 -18.93
N HIS E 281 -42.72 -35.13 -18.39
CA HIS E 281 -41.45 -34.75 -17.77
C HIS E 281 -40.53 -34.04 -18.76
N GLN E 282 -40.39 -34.60 -19.97
CA GLN E 282 -39.49 -34.01 -20.95
C GLN E 282 -39.99 -32.63 -21.39
N TYR E 283 -41.29 -32.50 -21.61
CA TYR E 283 -41.84 -31.21 -22.02
C TYR E 283 -41.62 -30.15 -20.95
N HIS E 284 -41.85 -30.52 -19.68
CA HIS E 284 -41.64 -29.55 -18.60
C HIS E 284 -40.17 -29.18 -18.48
N ILE E 285 -39.27 -30.16 -18.61
CA ILE E 285 -37.85 -29.86 -18.54
C ILE E 285 -37.46 -28.90 -19.66
N ARG E 286 -38.00 -29.12 -20.85
CA ARG E 286 -37.72 -28.23 -21.97
C ARG E 286 -38.27 -26.83 -21.73
N ALA E 287 -39.44 -26.73 -21.10
CA ALA E 287 -40.06 -25.42 -20.88
C ALA E 287 -39.48 -24.68 -19.67
N TYR E 288 -38.75 -25.35 -18.80
CA TYR E 288 -38.26 -24.74 -17.57
C TYR E 288 -36.85 -24.17 -17.72
N ASP E 289 -36.36 -24.00 -18.94
CA ASP E 289 -35.03 -23.46 -19.16
C ASP E 289 -35.06 -22.42 -20.28
N PRO E 290 -34.27 -21.35 -20.17
CA PRO E 290 -34.24 -20.36 -21.25
C PRO E 290 -33.46 -20.80 -22.49
N LYS E 291 -32.71 -21.91 -22.41
CA LYS E 291 -31.93 -22.40 -23.53
C LYS E 291 -32.23 -23.86 -23.85
N GLY E 292 -33.42 -24.35 -23.51
CA GLY E 292 -33.80 -25.70 -23.82
C GLY E 292 -33.39 -26.75 -22.82
N GLY E 293 -32.68 -26.36 -21.76
CA GLY E 293 -32.28 -27.28 -20.70
C GLY E 293 -30.80 -27.51 -20.57
N LEU E 294 -29.97 -26.82 -21.34
CA LEU E 294 -28.52 -27.02 -21.24
C LEU E 294 -28.02 -26.62 -19.85
N ASP E 295 -28.50 -25.49 -19.34
CA ASP E 295 -28.02 -25.01 -18.04
C ASP E 295 -28.43 -25.94 -16.91
N ASN E 296 -29.69 -26.40 -16.91
CA ASN E 296 -30.17 -27.21 -15.80
C ASN E 296 -29.42 -28.54 -15.70
N ALA E 297 -28.82 -28.99 -16.81
CA ALA E 297 -28.05 -30.23 -16.76
C ALA E 297 -26.88 -30.13 -15.79
N ARG E 298 -26.32 -28.92 -15.62
CA ARG E 298 -25.21 -28.74 -14.70
C ARG E 298 -25.63 -28.92 -13.25
N ARG E 299 -26.90 -28.65 -12.93
CA ARG E 299 -27.38 -28.69 -11.55
C ARG E 299 -27.97 -30.06 -11.20
N LEU E 300 -28.91 -30.54 -12.01
CA LEU E 300 -29.63 -31.79 -11.71
C LEU E 300 -28.71 -32.96 -12.04
N THR E 301 -27.97 -33.41 -11.02
CA THR E 301 -27.09 -34.56 -11.15
C THR E 301 -27.42 -35.68 -10.18
N GLY E 302 -28.36 -35.48 -9.26
CA GLY E 302 -28.72 -36.48 -8.28
C GLY E 302 -28.04 -36.31 -6.93
N PHE E 303 -27.02 -35.48 -6.84
CA PHE E 303 -26.28 -35.26 -5.60
C PHE E 303 -26.67 -33.94 -4.96
N HIS E 304 -26.17 -33.73 -3.74
CA HIS E 304 -26.40 -32.49 -3.01
C HIS E 304 -27.89 -32.17 -2.91
N GLU E 305 -28.69 -33.19 -2.60
CA GLU E 305 -30.13 -33.04 -2.42
C GLU E 305 -30.78 -32.48 -3.69
N THR E 306 -30.46 -33.10 -4.82
CA THR E 306 -31.03 -32.73 -6.11
C THR E 306 -31.53 -33.98 -6.82
N SER E 307 -32.60 -33.82 -7.59
CA SER E 307 -33.16 -34.92 -8.35
C SER E 307 -32.41 -35.08 -9.67
N ASN E 308 -32.29 -36.32 -10.12
CA ASN E 308 -31.62 -36.59 -11.39
C ASN E 308 -32.43 -36.03 -12.55
N ILE E 309 -31.74 -35.64 -13.61
CA ILE E 309 -32.38 -34.98 -14.74
C ILE E 309 -33.42 -35.90 -15.37
N ASN E 310 -33.08 -37.17 -15.53
CA ASN E 310 -33.97 -38.13 -16.19
C ASN E 310 -34.92 -38.83 -15.23
N ASP E 311 -34.90 -38.48 -13.95
CA ASP E 311 -35.73 -39.13 -12.95
C ASP E 311 -36.98 -38.32 -12.68
N PHE E 312 -38.10 -39.00 -12.54
CA PHE E 312 -39.34 -38.42 -12.01
C PHE E 312 -39.78 -39.24 -10.82
N SER E 313 -40.10 -38.55 -9.71
CA SER E 313 -40.49 -39.22 -8.49
C SER E 313 -41.35 -38.27 -7.66
N ALA E 314 -41.87 -38.79 -6.56
CA ALA E 314 -42.70 -38.00 -5.66
C ALA E 314 -42.68 -38.65 -4.29
N GLY E 315 -43.12 -37.89 -3.29
CA GLY E 315 -43.15 -38.40 -1.94
C GLY E 315 -43.56 -37.31 -0.96
N VAL E 316 -43.58 -37.67 0.32
CA VAL E 316 -43.93 -36.73 1.38
C VAL E 316 -42.66 -36.27 2.08
N ALA E 317 -41.95 -37.22 2.68
CA ALA E 317 -40.69 -36.93 3.36
C ALA E 317 -39.52 -37.30 2.43
N ASN E 318 -39.29 -36.42 1.45
CA ASN E 318 -38.22 -36.64 0.48
C ASN E 318 -37.82 -35.30 -0.11
N ARG E 319 -36.64 -34.82 0.25
CA ARG E 319 -36.09 -33.61 -0.35
C ARG E 319 -35.42 -33.89 -1.68
N SER E 320 -35.16 -35.15 -2.02
CA SER E 320 -34.50 -35.51 -3.27
C SER E 320 -35.47 -35.84 -4.39
N ALA E 321 -36.77 -35.83 -4.13
CA ALA E 321 -37.75 -36.14 -5.16
C ALA E 321 -37.99 -34.92 -6.05
N SER E 322 -38.54 -35.19 -7.23
CA SER E 322 -38.90 -34.10 -8.14
C SER E 322 -40.13 -33.35 -7.65
N ILE E 323 -41.02 -34.03 -6.92
CA ILE E 323 -42.21 -33.41 -6.34
C ILE E 323 -42.26 -33.79 -4.87
N ARG E 324 -42.59 -32.83 -4.02
CA ARG E 324 -42.68 -33.06 -2.58
C ARG E 324 -44.02 -32.55 -2.07
N ILE E 325 -44.53 -33.21 -1.05
CA ILE E 325 -45.75 -32.81 -0.34
C ILE E 325 -45.37 -32.54 1.12
N PRO E 326 -45.59 -31.33 1.64
CA PRO E 326 -45.28 -31.08 3.05
C PRO E 326 -46.04 -32.04 3.96
N ARG E 327 -45.38 -32.45 5.04
CA ARG E 327 -45.99 -33.43 5.93
C ARG E 327 -47.22 -32.86 6.62
N THR E 328 -47.22 -31.55 6.89
CA THR E 328 -48.41 -30.92 7.45
C THR E 328 -49.58 -31.03 6.47
N VAL E 329 -49.31 -30.79 5.19
CA VAL E 329 -50.35 -30.92 4.17
C VAL E 329 -50.85 -32.36 4.13
N GLY E 330 -49.93 -33.32 4.16
CA GLY E 330 -50.33 -34.71 4.15
C GLY E 330 -51.21 -35.07 5.33
N GLN E 331 -50.87 -34.57 6.51
CA GLN E 331 -51.65 -34.86 7.70
C GLN E 331 -53.04 -34.24 7.62
N GLU E 332 -53.12 -32.97 7.20
CA GLU E 332 -54.39 -32.27 7.21
C GLU E 332 -55.27 -32.56 5.98
N LYS E 333 -54.73 -33.22 4.96
CA LYS E 333 -55.47 -33.55 3.75
C LYS E 333 -55.90 -32.31 2.97
N LYS E 334 -55.14 -31.22 3.07
CA LYS E 334 -55.44 -30.00 2.34
C LYS E 334 -54.18 -29.15 2.27
N GLY E 335 -54.08 -28.33 1.22
CA GLY E 335 -52.95 -27.44 1.08
C GLY E 335 -52.40 -27.31 -0.32
N TYR E 336 -51.11 -27.59 -0.49
CA TYR E 336 -50.40 -27.32 -1.72
C TYR E 336 -49.28 -28.35 -1.87
N PHE E 337 -48.59 -28.30 -3.01
CA PHE E 337 -47.44 -29.14 -3.26
C PHE E 337 -46.36 -28.35 -3.98
N GLU E 338 -45.15 -28.90 -3.98
CA GLU E 338 -43.96 -28.18 -4.41
C GLU E 338 -43.29 -28.91 -5.58
N ASP E 339 -42.81 -28.14 -6.55
CA ASP E 339 -42.04 -28.64 -7.68
C ASP E 339 -40.63 -28.06 -7.60
N ARG E 340 -39.63 -28.94 -7.66
CA ARG E 340 -38.24 -28.55 -7.40
C ARG E 340 -37.36 -28.65 -8.64
N ARG E 341 -37.94 -28.78 -9.83
CA ARG E 341 -37.16 -28.96 -11.05
C ARG E 341 -36.59 -27.67 -11.63
N PRO E 342 -37.40 -26.61 -11.80
CA PRO E 342 -36.91 -25.44 -12.56
C PRO E 342 -35.72 -24.77 -11.89
N SER E 343 -34.87 -24.19 -12.73
CA SER E 343 -33.61 -23.58 -12.28
C SER E 343 -33.79 -22.11 -11.94
N ALA E 344 -32.69 -21.49 -11.50
CA ALA E 344 -32.75 -20.14 -10.96
C ALA E 344 -33.05 -19.10 -12.04
N ASN E 345 -32.62 -19.33 -13.28
CA ASN E 345 -32.77 -18.36 -14.36
C ASN E 345 -33.97 -18.65 -15.25
N CYS E 346 -35.06 -19.13 -14.67
CA CYS E 346 -36.26 -19.47 -15.42
C CYS E 346 -37.13 -18.23 -15.65
N ASP E 347 -38.19 -18.42 -16.44
CA ASP E 347 -39.16 -17.36 -16.70
C ASP E 347 -40.49 -17.70 -16.03
N PRO E 348 -40.94 -16.91 -15.05
CA PRO E 348 -42.18 -17.28 -14.34
C PRO E 348 -43.39 -17.41 -15.23
N PHE E 349 -43.50 -16.58 -16.26
CA PHE E 349 -44.65 -16.68 -17.17
C PHE E 349 -44.72 -18.06 -17.80
N SER E 350 -43.60 -18.51 -18.36
CA SER E 350 -43.55 -19.82 -18.99
C SER E 350 -43.82 -20.92 -17.98
N VAL E 351 -43.23 -20.82 -16.78
CA VAL E 351 -43.40 -21.87 -15.78
C VAL E 351 -44.88 -22.01 -15.41
N THR E 352 -45.52 -20.89 -15.07
CA THR E 352 -46.91 -20.92 -14.66
C THR E 352 -47.81 -21.40 -15.80
N GLU E 353 -47.54 -20.95 -17.03
CA GLU E 353 -48.34 -21.37 -18.16
C GLU E 353 -48.26 -22.88 -18.37
N ALA E 354 -47.04 -23.43 -18.29
CA ALA E 354 -46.87 -24.87 -18.46
C ALA E 354 -47.63 -25.64 -17.39
N LEU E 355 -47.51 -25.21 -16.13
CA LEU E 355 -48.22 -25.90 -15.06
C LEU E 355 -49.72 -25.87 -15.30
N ILE E 356 -50.26 -24.70 -15.64
CA ILE E 356 -51.70 -24.58 -15.85
C ILE E 356 -52.15 -25.48 -16.98
N ARG E 357 -51.43 -25.45 -18.11
CA ARG E 357 -51.81 -26.27 -19.25
C ARG E 357 -51.82 -27.74 -18.88
N THR E 358 -50.76 -28.22 -18.23
CA THR E 358 -50.66 -29.64 -17.94
C THR E 358 -51.72 -30.09 -16.95
N CYS E 359 -51.98 -29.28 -15.91
CA CYS E 359 -52.83 -29.75 -14.82
C CYS E 359 -54.31 -29.47 -15.05
N LEU E 360 -54.68 -28.23 -15.39
CA LEU E 360 -56.09 -27.85 -15.41
C LEU E 360 -56.74 -28.01 -16.78
N LEU E 361 -55.99 -27.93 -17.88
CA LEU E 361 -56.56 -28.03 -19.21
C LEU E 361 -56.36 -29.40 -19.84
N ASN E 362 -55.63 -30.30 -19.19
CA ASN E 362 -55.50 -31.69 -19.64
C ASN E 362 -54.97 -31.77 -21.07
N GLU E 363 -53.97 -30.95 -21.39
CA GLU E 363 -53.33 -31.04 -22.69
C GLU E 363 -52.36 -32.21 -22.72
N THR E 364 -52.09 -32.69 -23.95
CA THR E 364 -51.21 -33.82 -24.15
C THR E 364 -50.27 -33.52 -25.31
N GLY E 365 -49.30 -34.40 -25.50
CA GLY E 365 -48.30 -34.20 -26.54
C GLY E 365 -47.07 -33.48 -26.01
N ASP E 366 -46.30 -32.92 -26.95
CA ASP E 366 -45.08 -32.20 -26.60
C ASP E 366 -45.02 -30.83 -27.26
N GLU E 367 -46.15 -30.33 -27.73
CA GLU E 367 -46.25 -28.96 -28.21
C GLU E 367 -47.55 -28.34 -27.72
N PRO E 368 -47.57 -27.04 -27.45
CA PRO E 368 -48.78 -26.43 -26.90
C PRO E 368 -49.86 -26.28 -27.95
N PHE E 369 -51.11 -26.50 -27.54
CA PHE E 369 -52.24 -26.26 -28.42
C PHE E 369 -52.33 -24.78 -28.72
N GLN E 370 -52.66 -24.46 -29.97
CA GLN E 370 -52.30 -23.14 -30.51
C GLN E 370 -53.11 -22.02 -29.87
N TYR E 371 -54.44 -22.04 -30.04
CA TYR E 371 -55.25 -20.87 -29.68
C TYR E 371 -55.87 -21.02 -28.29
N LYS E 372 -56.77 -21.99 -28.14
CA LYS E 372 -57.47 -22.19 -26.85
C LYS E 372 -56.72 -23.26 -26.03
N ASN E 373 -57.47 -24.14 -25.37
CA ASN E 373 -56.85 -25.20 -24.53
C ASN E 373 -56.68 -26.48 -25.36
N THR F 2 2.58 1.53 -14.48
CA THR F 2 3.68 2.27 -15.17
C THR F 2 4.45 1.33 -16.08
N THR F 3 4.96 0.24 -15.52
CA THR F 3 5.66 -0.79 -16.27
C THR F 3 4.81 -2.05 -16.34
N SER F 4 5.14 -2.91 -17.31
CA SER F 4 4.33 -4.09 -17.58
C SER F 4 4.46 -5.12 -16.47
N ALA F 5 3.53 -6.08 -16.46
CA ALA F 5 3.56 -7.15 -15.48
C ALA F 5 4.74 -8.08 -15.69
N SER F 6 5.14 -8.31 -16.95
CA SER F 6 6.27 -9.18 -17.22
C SER F 6 7.56 -8.65 -16.62
N SER F 7 7.68 -7.32 -16.49
CA SER F 7 8.89 -6.73 -15.93
C SER F 7 9.03 -6.96 -14.44
N HIS F 8 7.99 -7.43 -13.76
CA HIS F 8 8.04 -7.67 -12.32
C HIS F 8 8.45 -9.08 -11.96
N LEU F 9 8.76 -9.93 -12.94
CA LEU F 9 9.24 -11.27 -12.66
C LEU F 9 10.71 -11.23 -12.23
N ASN F 10 11.19 -12.35 -11.70
CA ASN F 10 12.56 -12.46 -11.24
C ASN F 10 13.48 -12.78 -12.42
N LYS F 11 14.51 -11.96 -12.62
CA LYS F 11 15.40 -12.13 -13.76
C LYS F 11 16.64 -12.96 -13.43
N GLY F 12 16.97 -13.12 -12.16
CA GLY F 12 18.05 -14.03 -11.79
C GLY F 12 17.77 -15.45 -12.25
N ILE F 13 16.50 -15.87 -12.18
CA ILE F 13 16.12 -17.20 -12.64
C ILE F 13 16.41 -17.35 -14.14
N LYS F 14 16.04 -16.34 -14.93
CA LYS F 14 16.30 -16.39 -16.36
C LYS F 14 17.80 -16.44 -16.63
N GLN F 15 18.58 -15.65 -15.91
CA GLN F 15 20.03 -15.69 -16.10
C GLN F 15 20.58 -17.08 -15.79
N VAL F 16 20.11 -17.68 -14.69
CA VAL F 16 20.57 -19.02 -14.33
C VAL F 16 20.27 -20.01 -15.45
N TYR F 17 19.06 -19.94 -16.00
CA TYR F 17 18.71 -20.86 -17.08
C TYR F 17 19.53 -20.60 -18.33
N MET F 18 19.82 -19.33 -18.63
CA MET F 18 20.56 -18.99 -19.84
C MET F 18 22.06 -19.20 -19.70
N SER F 19 22.56 -19.52 -18.50
CA SER F 19 23.99 -19.68 -18.30
C SER F 19 24.51 -21.07 -18.67
N LEU F 20 23.64 -22.02 -19.15
CA LEU F 20 24.16 -23.36 -19.39
C LEU F 20 24.39 -23.61 -20.88
N PRO F 21 25.32 -24.49 -21.22
CA PRO F 21 25.63 -24.73 -22.64
C PRO F 21 24.49 -25.41 -23.37
N GLN F 22 24.41 -25.13 -24.68
CA GLN F 22 23.29 -25.61 -25.50
C GLN F 22 23.64 -26.80 -26.38
N GLY F 23 24.91 -27.04 -26.66
CA GLY F 23 25.32 -28.20 -27.44
C GLY F 23 25.73 -27.83 -28.85
N GLU F 24 25.23 -28.58 -29.83
CA GLU F 24 25.65 -28.44 -31.22
C GLU F 24 24.62 -27.75 -32.12
N LYS F 25 23.39 -27.54 -31.65
CA LYS F 25 22.35 -26.96 -32.48
C LYS F 25 22.31 -25.45 -32.33
N VAL F 26 21.79 -24.79 -33.36
CA VAL F 26 21.82 -23.33 -33.49
C VAL F 26 20.41 -22.83 -33.70
N GLN F 27 20.09 -21.70 -33.07
CA GLN F 27 18.79 -21.05 -33.24
C GLN F 27 18.90 -19.86 -34.20
N ALA F 28 17.83 -19.62 -34.95
CA ALA F 28 17.77 -18.50 -35.89
C ALA F 28 16.39 -17.86 -35.79
N MET F 29 16.35 -16.53 -35.84
CA MET F 29 15.13 -15.75 -35.74
C MET F 29 14.88 -15.04 -37.06
N TYR F 30 13.70 -15.24 -37.63
CA TYR F 30 13.30 -14.59 -38.87
C TYR F 30 12.47 -13.35 -38.57
N ILE F 31 12.72 -12.27 -39.31
CA ILE F 31 12.07 -10.99 -39.10
C ILE F 31 11.56 -10.45 -40.43
N TRP F 32 10.35 -9.89 -40.42
CA TRP F 32 9.77 -9.32 -41.63
C TRP F 32 8.74 -8.25 -41.26
N ILE F 33 8.40 -7.42 -42.26
CA ILE F 33 7.48 -6.31 -42.09
C ILE F 33 6.06 -6.75 -42.45
N ASP F 34 5.08 -6.26 -41.69
CA ASP F 34 3.70 -6.72 -41.83
C ASP F 34 2.95 -5.85 -42.84
N GLY F 35 1.62 -6.02 -42.89
CA GLY F 35 0.82 -5.37 -43.91
C GLY F 35 0.50 -3.91 -43.66
N THR F 36 0.68 -3.44 -42.43
CA THR F 36 0.44 -2.03 -42.13
C THR F 36 1.58 -1.13 -42.57
N GLY F 37 2.71 -1.69 -42.99
CA GLY F 37 3.82 -0.91 -43.46
C GLY F 37 4.71 -0.33 -42.38
N GLU F 38 4.40 -0.56 -41.10
CA GLU F 38 5.21 -0.02 -40.03
C GLU F 38 5.39 -0.99 -38.85
N GLY F 39 4.89 -2.22 -38.96
CA GLY F 39 5.03 -3.19 -37.90
C GLY F 39 6.09 -4.25 -38.20
N LEU F 40 6.43 -5.02 -37.17
CA LEU F 40 7.42 -6.07 -37.27
C LEU F 40 6.88 -7.36 -36.67
N ARG F 41 7.34 -8.49 -37.21
CA ARG F 41 6.95 -9.81 -36.75
C ARG F 41 8.18 -10.71 -36.74
N CYS F 42 8.14 -11.75 -35.91
CA CYS F 42 9.29 -12.64 -35.81
C CYS F 42 8.88 -14.00 -35.24
N LYS F 43 9.67 -15.02 -35.57
CA LYS F 43 9.54 -16.34 -34.98
C LYS F 43 10.83 -17.12 -35.20
N THR F 44 11.04 -18.14 -34.38
CA THR F 44 12.34 -18.80 -34.25
C THR F 44 12.32 -20.20 -34.85
N ARG F 45 13.51 -20.70 -35.19
CA ARG F 45 13.68 -21.99 -35.84
C ARG F 45 15.00 -22.59 -35.37
N THR F 46 15.09 -23.92 -35.43
CA THR F 46 16.29 -24.65 -35.03
C THR F 46 17.02 -25.18 -36.26
N LEU F 47 18.33 -24.99 -36.29
CA LEU F 47 19.17 -25.47 -37.38
C LEU F 47 20.15 -26.51 -36.85
N ASP F 48 20.74 -27.27 -37.77
CA ASP F 48 21.65 -28.36 -37.38
C ASP F 48 23.09 -27.90 -37.28
N SER F 49 23.48 -26.85 -38.00
CA SER F 49 24.87 -26.42 -38.03
C SER F 49 24.94 -24.91 -38.13
N GLU F 50 26.12 -24.38 -37.86
CA GLU F 50 26.36 -22.95 -37.93
C GLU F 50 26.33 -22.50 -39.39
N PRO F 51 25.49 -21.53 -39.75
CA PRO F 51 25.56 -20.99 -41.12
C PRO F 51 26.74 -20.04 -41.27
N LYS F 52 27.33 -20.07 -42.48
CA LYS F 52 28.48 -19.24 -42.79
C LYS F 52 28.13 -18.01 -43.60
N CYS F 53 27.04 -18.04 -44.36
CA CYS F 53 26.62 -16.91 -45.17
C CYS F 53 25.12 -16.94 -45.35
N VAL F 54 24.56 -15.82 -45.80
CA VAL F 54 23.12 -15.71 -45.97
C VAL F 54 22.62 -16.69 -47.02
N GLU F 55 23.47 -17.08 -47.98
CA GLU F 55 23.01 -17.87 -49.11
C GLU F 55 22.62 -19.29 -48.72
N GLU F 56 23.09 -19.79 -47.58
CA GLU F 56 22.85 -21.17 -47.18
C GLU F 56 21.81 -21.28 -46.06
N LEU F 57 20.79 -20.42 -46.09
CA LEU F 57 19.68 -20.53 -45.16
C LEU F 57 18.42 -21.00 -45.89
N PRO F 58 17.60 -21.86 -45.30
CA PRO F 58 16.40 -22.32 -46.00
C PRO F 58 15.33 -21.24 -46.05
N GLU F 59 14.39 -21.43 -46.98
CA GLU F 59 13.22 -20.58 -47.05
C GLU F 59 12.16 -21.06 -46.07
N TRP F 60 11.15 -20.23 -45.84
CA TRP F 60 10.10 -20.53 -44.88
C TRP F 60 8.82 -19.83 -45.33
N ASN F 61 7.78 -19.92 -44.51
CA ASN F 61 6.46 -19.40 -44.84
C ASN F 61 5.72 -19.06 -43.57
N PHE F 62 4.62 -18.32 -43.73
CA PHE F 62 3.79 -17.91 -42.61
C PHE F 62 2.37 -17.68 -43.08
N ASP F 63 1.45 -17.58 -42.13
CA ASP F 63 0.02 -17.43 -42.41
C ASP F 63 -0.30 -15.94 -42.57
N GLY F 64 -0.70 -15.54 -43.78
CA GLY F 64 -0.94 -14.15 -44.07
C GLY F 64 -2.26 -13.60 -43.57
N SER F 65 -3.23 -14.47 -43.29
CA SER F 65 -4.53 -14.01 -42.84
C SER F 65 -4.42 -13.30 -41.48
N SER F 66 -3.58 -13.83 -40.60
CA SER F 66 -3.40 -13.21 -39.28
C SER F 66 -2.57 -11.93 -39.36
N THR F 67 -1.83 -11.72 -40.44
CA THR F 67 -0.97 -10.55 -40.60
C THR F 67 -1.60 -9.48 -41.49
N LEU F 68 -2.85 -9.66 -41.92
CA LEU F 68 -3.57 -8.63 -42.68
C LEU F 68 -2.96 -8.42 -44.06
N GLN F 69 -2.62 -9.51 -44.74
CA GLN F 69 -2.04 -9.42 -46.08
C GLN F 69 -2.61 -10.45 -47.04
N SER F 70 -3.65 -11.18 -46.67
CA SER F 70 -4.25 -12.20 -47.53
C SER F 70 -5.60 -12.59 -46.93
N GLU F 71 -6.20 -13.64 -47.47
CA GLU F 71 -7.47 -14.18 -46.99
C GLU F 71 -7.28 -15.61 -46.51
N GLY F 72 -8.37 -16.19 -45.99
CA GLY F 72 -8.25 -17.47 -45.30
C GLY F 72 -7.82 -18.60 -46.21
N SER F 73 -8.43 -18.70 -47.39
CA SER F 73 -8.18 -19.83 -48.29
C SER F 73 -6.73 -19.87 -48.74
N ASN F 74 -6.28 -18.86 -49.47
CA ASN F 74 -4.90 -18.76 -49.93
C ASN F 74 -4.09 -17.85 -49.02
N SER F 75 -3.94 -18.29 -47.77
CA SER F 75 -3.23 -17.50 -46.78
C SER F 75 -1.72 -17.71 -46.82
N ASP F 76 -1.24 -18.73 -47.53
CA ASP F 76 0.18 -19.04 -47.52
C ASP F 76 0.99 -17.89 -48.12
N MET F 77 2.08 -17.54 -47.45
CA MET F 77 3.02 -16.53 -47.93
C MET F 77 4.44 -17.04 -47.73
N TYR F 78 5.34 -16.63 -48.62
CA TYR F 78 6.74 -16.99 -48.51
C TYR F 78 7.54 -15.86 -47.88
N LEU F 79 8.76 -16.20 -47.43
CA LEU F 79 9.71 -15.19 -47.00
C LEU F 79 11.11 -15.70 -47.28
N VAL F 80 11.96 -14.83 -47.81
CA VAL F 80 13.28 -15.20 -48.33
C VAL F 80 14.33 -14.41 -47.54
N PRO F 81 15.34 -15.07 -46.96
CA PRO F 81 16.35 -14.32 -46.19
C PRO F 81 17.10 -13.32 -47.06
N ALA F 82 17.47 -12.20 -46.45
CA ALA F 82 18.16 -11.12 -47.16
C ALA F 82 19.45 -10.68 -46.49
N ALA F 83 19.52 -10.68 -45.16
CA ALA F 83 20.72 -10.27 -44.46
C ALA F 83 20.81 -11.02 -43.13
N MET F 84 22.02 -11.09 -42.58
CA MET F 84 22.28 -11.88 -41.39
C MET F 84 23.16 -11.10 -40.42
N PHE F 85 22.95 -11.33 -39.12
CA PHE F 85 23.70 -10.65 -38.07
C PHE F 85 23.85 -11.60 -36.89
N ARG F 86 24.77 -11.25 -35.98
CA ARG F 86 24.93 -11.99 -34.74
C ARG F 86 23.79 -11.66 -33.78
N ASP F 87 23.48 -12.60 -32.90
CA ASP F 87 22.35 -12.47 -31.99
C ASP F 87 22.84 -12.04 -30.62
N PRO F 88 22.47 -10.84 -30.14
CA PRO F 88 22.97 -10.41 -28.82
C PRO F 88 22.16 -10.95 -27.65
N PHE F 89 20.95 -11.44 -27.88
CA PHE F 89 20.10 -11.90 -26.78
C PHE F 89 20.40 -13.35 -26.38
N ARG F 90 21.11 -14.10 -27.21
CA ARG F 90 21.54 -15.44 -26.81
C ARG F 90 22.98 -15.72 -27.24
N LYS F 91 23.71 -14.73 -27.73
CA LYS F 91 25.15 -14.83 -27.97
C LYS F 91 25.47 -15.87 -29.03
N ASP F 92 26.75 -16.00 -29.37
CA ASP F 92 27.16 -16.92 -30.41
C ASP F 92 26.84 -18.35 -30.02
N PRO F 93 26.60 -19.24 -30.99
CA PRO F 93 26.61 -19.02 -32.45
C PRO F 93 25.23 -18.72 -33.04
N ASN F 94 24.29 -18.19 -32.26
CA ASN F 94 22.95 -17.92 -32.76
C ASN F 94 22.94 -16.67 -33.62
N LYS F 95 21.91 -16.56 -34.47
CA LYS F 95 21.85 -15.50 -35.47
C LYS F 95 20.41 -15.01 -35.63
N LEU F 96 20.26 -13.89 -36.32
CA LEU F 96 18.95 -13.37 -36.70
C LEU F 96 18.98 -12.93 -38.17
N VAL F 97 17.83 -13.05 -38.83
CA VAL F 97 17.74 -12.95 -40.29
C VAL F 97 16.60 -12.02 -40.65
N LEU F 98 16.85 -11.13 -41.62
CA LEU F 98 15.84 -10.25 -42.19
C LEU F 98 15.43 -10.78 -43.56
N CYS F 99 14.13 -10.79 -43.83
CA CYS F 99 13.59 -11.46 -45.01
C CYS F 99 12.67 -10.55 -45.79
N GLU F 100 12.51 -10.85 -47.08
CA GLU F 100 11.52 -10.24 -47.94
C GLU F 100 10.24 -11.08 -47.94
N VAL F 101 9.15 -10.49 -48.44
CA VAL F 101 7.85 -11.13 -48.45
C VAL F 101 7.36 -11.24 -49.89
N PHE F 102 6.93 -12.43 -50.28
CA PHE F 102 6.32 -12.69 -51.57
C PHE F 102 4.98 -13.38 -51.36
N LYS F 103 3.93 -12.87 -52.00
CA LYS F 103 2.63 -13.50 -51.88
C LYS F 103 2.62 -14.82 -52.64
N TYR F 104 1.52 -15.56 -52.49
CA TYR F 104 1.39 -16.83 -53.21
C TYR F 104 1.68 -16.61 -54.68
N ASN F 105 2.18 -17.67 -55.33
CA ASN F 105 2.99 -17.53 -56.55
C ASN F 105 4.24 -16.76 -56.11
N ARG F 106 4.90 -16.04 -57.00
CA ARG F 106 6.18 -15.40 -56.67
C ARG F 106 6.19 -13.93 -57.08
N ARG F 107 5.14 -13.19 -56.72
CA ARG F 107 5.13 -11.76 -56.93
C ARG F 107 5.33 -11.01 -55.62
N PRO F 108 6.09 -9.91 -55.62
CA PRO F 108 6.30 -9.17 -54.36
C PRO F 108 4.99 -8.65 -53.79
N ALA F 109 4.92 -8.60 -52.47
CA ALA F 109 3.75 -8.09 -51.78
C ALA F 109 3.72 -6.56 -51.83
N GLU F 110 2.58 -6.00 -51.43
CA GLU F 110 2.38 -4.56 -51.54
C GLU F 110 3.39 -3.79 -50.69
N THR F 111 3.64 -4.26 -49.48
CA THR F 111 4.53 -3.55 -48.57
C THR F 111 6.01 -3.80 -48.86
N ASN F 112 6.32 -4.72 -49.76
CA ASN F 112 7.71 -5.05 -50.07
C ASN F 112 8.26 -4.04 -51.07
N LEU F 113 9.12 -3.13 -50.60
CA LEU F 113 9.78 -2.16 -51.46
C LEU F 113 11.25 -2.48 -51.70
N ARG F 114 11.81 -3.43 -50.95
CA ARG F 114 13.21 -3.78 -51.12
C ARG F 114 13.50 -4.26 -52.53
N HIS F 115 12.56 -4.96 -53.16
CA HIS F 115 12.78 -5.45 -54.52
C HIS F 115 13.13 -4.31 -55.47
N THR F 116 12.22 -3.34 -55.59
CA THR F 116 12.45 -2.22 -56.49
C THR F 116 13.64 -1.39 -56.04
N CYS F 117 13.81 -1.18 -54.74
CA CYS F 117 14.94 -0.38 -54.27
C CYS F 117 16.26 -1.03 -54.67
N LYS F 118 16.37 -2.35 -54.51
CA LYS F 118 17.58 -3.06 -54.93
C LYS F 118 17.78 -2.95 -56.43
N ARG F 119 16.71 -3.13 -57.20
CA ARG F 119 16.84 -3.05 -58.66
C ARG F 119 17.39 -1.68 -59.08
N ILE F 120 16.88 -0.61 -58.47
CA ILE F 120 17.33 0.73 -58.84
C ILE F 120 18.76 0.97 -58.35
N MET F 121 19.08 0.51 -57.14
CA MET F 121 20.45 0.69 -56.64
C MET F 121 21.45 -0.05 -57.51
N ASP F 122 21.03 -1.12 -58.18
CA ASP F 122 21.97 -1.92 -58.97
C ASP F 122 22.59 -1.11 -60.10
N MET F 123 21.81 -0.25 -60.76
CA MET F 123 22.24 0.38 -62.00
C MET F 123 23.09 1.62 -61.78
N VAL F 124 23.30 2.06 -60.54
CA VAL F 124 24.06 3.28 -60.27
C VAL F 124 25.22 2.96 -59.35
N SER F 125 25.77 1.75 -59.47
CA SER F 125 26.83 1.32 -58.57
C SER F 125 28.08 2.18 -58.70
N ASN F 126 28.34 2.71 -59.90
CA ASN F 126 29.58 3.44 -60.13
C ASN F 126 29.67 4.69 -59.26
N GLN F 127 28.54 5.32 -58.96
CA GLN F 127 28.57 6.56 -58.18
C GLN F 127 29.00 6.32 -56.75
N HIS F 128 28.74 5.13 -56.20
CA HIS F 128 29.03 4.83 -54.81
C HIS F 128 28.26 5.79 -53.90
N PRO F 129 26.93 5.71 -53.86
CA PRO F 129 26.18 6.58 -52.95
C PRO F 129 26.32 6.14 -51.51
N TRP F 130 26.34 7.13 -50.62
CA TRP F 130 26.39 6.89 -49.18
C TRP F 130 25.21 7.57 -48.51
N PHE F 131 24.69 6.95 -47.45
CA PHE F 131 23.55 7.46 -46.71
C PHE F 131 23.83 7.42 -45.22
N GLY F 132 23.17 8.31 -44.49
CA GLY F 132 23.21 8.32 -43.05
C GLY F 132 21.91 8.86 -42.50
N MET F 133 21.35 8.21 -41.49
CA MET F 133 20.03 8.57 -40.97
C MET F 133 20.08 8.69 -39.45
N GLU F 134 19.25 9.58 -38.93
CA GLU F 134 19.15 9.83 -37.49
C GLU F 134 17.73 9.50 -37.05
N GLN F 135 17.59 8.59 -36.08
CA GLN F 135 16.30 8.15 -35.61
C GLN F 135 15.96 8.82 -34.29
N GLU F 136 14.69 9.22 -34.15
CA GLU F 136 14.18 9.79 -32.91
C GLU F 136 13.02 8.95 -32.42
N TYR F 137 12.86 8.90 -31.10
CA TYR F 137 11.83 8.07 -30.49
C TYR F 137 11.51 8.59 -29.10
N THR F 138 10.36 8.15 -28.58
CA THR F 138 9.91 8.54 -27.25
C THR F 138 9.62 7.28 -26.43
N LEU F 139 10.04 7.31 -25.17
CA LEU F 139 9.81 6.20 -24.25
C LEU F 139 8.52 6.43 -23.48
N MET F 140 7.63 5.44 -23.51
CA MET F 140 6.31 5.55 -22.92
C MET F 140 6.07 4.41 -21.94
N GLY F 141 5.32 4.70 -20.89
CA GLY F 141 4.85 3.67 -19.98
C GLY F 141 3.64 2.94 -20.55
N THR F 142 3.18 1.95 -19.80
CA THR F 142 2.03 1.17 -20.24
C THR F 142 0.70 1.89 -20.01
N ASP F 143 0.70 3.02 -19.32
CA ASP F 143 -0.51 3.78 -19.05
C ASP F 143 -0.78 4.86 -20.09
N GLY F 144 0.09 5.02 -21.08
CA GLY F 144 -0.13 6.01 -22.12
C GLY F 144 0.53 7.35 -21.91
N HIS F 145 1.44 7.47 -20.96
CA HIS F 145 2.16 8.71 -20.71
C HIS F 145 3.65 8.50 -20.84
N PRO F 146 4.42 9.54 -21.19
CA PRO F 146 5.87 9.36 -21.34
C PRO F 146 6.50 8.87 -20.06
N PHE F 147 7.50 7.99 -20.21
CA PHE F 147 8.14 7.38 -19.06
C PHE F 147 8.80 8.43 -18.18
N GLY F 148 8.54 8.34 -16.87
CA GLY F 148 9.15 9.22 -15.91
C GLY F 148 8.45 10.55 -15.70
N TRP F 149 7.41 10.84 -16.48
CA TRP F 149 6.69 12.09 -16.30
C TRP F 149 5.81 12.01 -15.06
N PRO F 150 5.59 13.14 -14.37
CA PRO F 150 4.67 13.11 -13.23
C PRO F 150 3.29 12.67 -13.65
N SER F 151 2.65 11.88 -12.79
CA SER F 151 1.32 11.37 -13.11
C SER F 151 0.35 12.52 -13.33
N ASN F 152 -0.30 12.53 -14.50
CA ASN F 152 -1.28 13.54 -14.86
C ASN F 152 -0.71 14.95 -14.87
N GLY F 153 0.61 15.09 -14.99
CA GLY F 153 1.24 16.40 -14.98
C GLY F 153 2.33 16.57 -16.01
N PHE F 154 3.09 17.66 -15.90
CA PHE F 154 4.17 17.97 -16.81
C PHE F 154 5.42 18.33 -16.01
N PRO F 155 6.60 18.12 -16.58
CA PRO F 155 7.83 18.65 -15.98
C PRO F 155 8.01 20.12 -16.38
N GLY F 156 9.06 20.72 -15.86
CA GLY F 156 9.34 22.12 -16.12
C GLY F 156 9.44 22.41 -17.61
N PRO F 157 9.51 23.68 -17.96
CA PRO F 157 9.64 24.05 -19.38
C PRO F 157 10.99 23.62 -19.95
N GLN F 158 11.03 23.54 -21.28
CA GLN F 158 12.22 23.06 -21.96
C GLN F 158 13.39 24.03 -21.78
N GLY F 159 14.58 23.56 -22.13
CA GLY F 159 15.78 24.34 -22.05
C GLY F 159 16.95 23.62 -21.40
N PRO F 160 16.69 22.90 -20.30
CA PRO F 160 17.76 22.14 -19.64
C PRO F 160 17.88 20.67 -20.00
N TYR F 161 16.98 20.13 -20.82
CA TYR F 161 16.93 18.69 -21.07
C TYR F 161 17.75 18.24 -22.26
N TYR F 162 18.25 19.17 -23.08
CA TYR F 162 19.00 18.79 -24.27
C TYR F 162 20.43 18.42 -23.89
N CYS F 163 20.82 17.18 -24.18
CA CYS F 163 22.14 16.66 -23.83
C CYS F 163 22.40 16.76 -22.33
N GLY F 164 21.36 16.54 -21.53
CA GLY F 164 21.46 16.74 -20.10
C GLY F 164 22.04 15.55 -19.35
N VAL F 165 22.47 15.81 -18.13
CA VAL F 165 22.99 14.78 -17.23
C VAL F 165 22.44 15.02 -15.84
N GLY F 166 21.98 13.94 -15.19
CA GLY F 166 21.43 14.04 -13.85
C GLY F 166 20.09 13.35 -13.71
N ALA F 167 19.71 13.05 -12.47
CA ALA F 167 18.47 12.32 -12.23
C ALA F 167 17.24 13.15 -12.56
N ASP F 168 17.35 14.48 -12.56
CA ASP F 168 16.23 15.36 -12.86
C ASP F 168 16.27 15.91 -14.28
N ARG F 169 17.16 15.39 -15.13
CA ARG F 169 17.33 15.90 -16.48
C ARG F 169 17.33 14.84 -17.57
N ALA F 170 17.53 13.56 -17.24
CA ALA F 170 17.54 12.49 -18.23
C ALA F 170 16.80 11.29 -17.67
N TYR F 171 15.84 10.77 -18.43
CA TYR F 171 15.02 9.65 -18.02
C TYR F 171 15.32 8.44 -18.90
N GLY F 172 15.76 7.35 -18.28
CA GLY F 172 15.90 6.08 -18.97
C GLY F 172 17.19 5.88 -19.75
N ARG F 173 18.33 6.18 -19.14
CA ARG F 173 19.61 6.00 -19.82
C ARG F 173 20.04 4.53 -19.89
N ASP F 174 19.51 3.68 -19.03
CA ASP F 174 19.87 2.27 -19.06
C ASP F 174 19.49 1.63 -20.38
N ILE F 175 18.29 1.94 -20.89
CA ILE F 175 17.86 1.42 -22.17
C ILE F 175 18.83 1.85 -23.25
N VAL F 176 19.24 3.11 -23.24
CA VAL F 176 20.13 3.63 -24.28
C VAL F 176 21.47 2.90 -24.24
N GLU F 177 22.04 2.74 -23.04
CA GLU F 177 23.33 2.07 -22.93
C GLU F 177 23.25 0.62 -23.42
N ALA F 178 22.22 -0.10 -22.98
CA ALA F 178 22.07 -1.49 -23.37
C ALA F 178 21.88 -1.61 -24.88
N HIS F 179 21.07 -0.73 -25.47
CA HIS F 179 20.84 -0.75 -26.92
C HIS F 179 22.13 -0.50 -27.67
N TYR F 180 22.93 0.47 -27.20
CA TYR F 180 24.21 0.77 -27.83
C TYR F 180 25.11 -0.47 -27.86
N ARG F 181 25.29 -1.10 -26.70
CA ARG F 181 26.17 -2.27 -26.65
C ARG F 181 25.62 -3.41 -27.49
N ALA F 182 24.30 -3.62 -27.47
CA ALA F 182 23.71 -4.70 -28.25
C ALA F 182 23.94 -4.50 -29.73
N CYS F 183 23.73 -3.27 -30.23
CA CYS F 183 23.98 -3.00 -31.64
C CYS F 183 25.44 -3.22 -32.00
N LEU F 184 26.35 -2.73 -31.16
CA LEU F 184 27.78 -2.95 -31.45
C LEU F 184 28.10 -4.43 -31.53
N TYR F 185 27.59 -5.22 -30.59
CA TYR F 185 27.87 -6.66 -30.62
C TYR F 185 27.27 -7.31 -31.86
N ALA F 186 26.04 -6.94 -32.22
CA ALA F 186 25.39 -7.56 -33.37
C ALA F 186 26.14 -7.27 -34.66
N GLY F 187 26.62 -6.04 -34.81
CA GLY F 187 27.30 -5.64 -36.03
C GLY F 187 26.60 -4.55 -36.82
N VAL F 188 25.56 -3.93 -36.27
CA VAL F 188 24.97 -2.76 -36.89
C VAL F 188 25.97 -1.61 -36.85
N LYS F 189 25.93 -0.75 -37.86
CA LYS F 189 26.87 0.36 -37.95
C LYS F 189 26.29 1.59 -37.25
N ILE F 190 26.26 1.51 -35.92
CA ILE F 190 25.78 2.60 -35.10
C ILE F 190 26.88 3.64 -34.92
N ALA F 191 26.51 4.91 -34.95
CA ALA F 191 27.46 6.01 -34.97
C ALA F 191 27.47 6.85 -33.69
N GLY F 192 26.34 6.97 -32.99
CA GLY F 192 26.31 7.76 -31.78
C GLY F 192 24.90 7.93 -31.28
N THR F 193 24.79 8.63 -30.15
CA THR F 193 23.51 8.86 -29.49
C THR F 193 23.55 10.19 -28.74
N ASN F 194 22.37 10.72 -28.42
CA ASN F 194 22.26 11.90 -27.59
C ASN F 194 20.81 12.04 -27.12
N ALA F 195 20.64 12.87 -26.08
CA ALA F 195 19.32 13.20 -25.57
C ALA F 195 18.76 14.41 -26.33
N GLU F 196 17.43 14.47 -26.41
CA GLU F 196 16.74 15.45 -27.25
C GLU F 196 16.06 16.50 -26.39
N VAL F 197 15.35 17.42 -27.06
CA VAL F 197 14.82 18.61 -26.40
C VAL F 197 13.78 18.22 -25.36
N MET F 198 12.87 17.33 -25.71
CA MET F 198 11.81 16.92 -24.79
C MET F 198 12.35 15.87 -23.82
N PRO F 199 12.08 15.99 -22.52
CA PRO F 199 12.53 14.94 -21.59
C PRO F 199 11.91 13.60 -21.94
N ALA F 200 12.71 12.54 -21.77
CA ALA F 200 12.36 11.17 -22.14
C ALA F 200 12.35 10.95 -23.65
N GLN F 201 13.05 11.80 -24.41
CA GLN F 201 13.18 11.68 -25.84
C GLN F 201 14.66 11.56 -26.21
N TRP F 202 14.98 10.61 -27.08
CA TRP F 202 16.38 10.32 -27.42
C TRP F 202 16.58 10.21 -28.93
N GLU F 203 17.77 9.80 -29.35
CA GLU F 203 18.08 9.65 -30.77
C GLU F 203 19.39 8.89 -30.93
N PHE F 204 19.49 8.12 -32.02
CA PHE F 204 20.72 7.45 -32.38
C PHE F 204 20.91 7.55 -33.90
N GLN F 205 22.16 7.43 -34.33
CA GLN F 205 22.54 7.59 -35.73
C GLN F 205 23.19 6.32 -36.25
N ILE F 206 22.90 5.99 -37.51
CA ILE F 206 23.46 4.82 -38.19
C ILE F 206 24.53 5.30 -39.16
N GLY F 207 25.74 4.77 -39.01
CA GLY F 207 26.89 5.25 -39.74
C GLY F 207 26.68 5.23 -41.24
N PRO F 208 27.63 5.80 -41.98
CA PRO F 208 27.49 5.87 -43.45
C PRO F 208 27.43 4.49 -44.07
N CYS F 209 26.30 4.19 -44.70
CA CYS F 209 26.05 2.89 -45.33
C CYS F 209 25.95 3.07 -46.84
N GLU F 210 26.46 2.09 -47.58
CA GLU F 210 26.49 2.15 -49.03
C GLU F 210 25.32 1.36 -49.62
N GLY F 211 24.61 1.98 -50.56
CA GLY F 211 23.62 1.26 -51.32
C GLY F 211 22.49 0.73 -50.47
N ILE F 212 22.18 -0.56 -50.66
CA ILE F 212 20.98 -1.17 -50.07
C ILE F 212 21.14 -1.51 -48.61
N SER F 213 22.35 -1.48 -48.06
CA SER F 213 22.55 -1.88 -46.67
C SER F 213 21.89 -0.94 -45.68
N MET F 214 21.61 0.31 -46.09
CA MET F 214 21.05 1.29 -45.17
C MET F 214 19.71 0.82 -44.61
N GLY F 215 18.82 0.36 -45.48
CA GLY F 215 17.49 -0.02 -45.03
C GLY F 215 17.52 -1.16 -44.04
N ASP F 216 18.29 -2.21 -44.35
CA ASP F 216 18.33 -3.36 -43.47
C ASP F 216 19.02 -3.03 -42.15
N HIS F 217 20.09 -2.22 -42.19
CA HIS F 217 20.71 -1.81 -40.94
C HIS F 217 19.71 -1.07 -40.06
N LEU F 218 18.96 -0.13 -40.64
CA LEU F 218 18.01 0.64 -39.85
C LEU F 218 16.90 -0.25 -39.29
N TRP F 219 16.37 -1.16 -40.11
CA TRP F 219 15.29 -2.03 -39.64
C TRP F 219 15.76 -2.93 -38.51
N VAL F 220 16.97 -3.48 -38.62
CA VAL F 220 17.49 -4.34 -37.57
C VAL F 220 17.71 -3.54 -36.28
N ALA F 221 18.19 -2.30 -36.41
CA ALA F 221 18.35 -1.46 -35.22
C ALA F 221 17.01 -1.23 -34.54
N ARG F 222 15.96 -0.96 -35.32
CA ARG F 222 14.64 -0.77 -34.74
C ARG F 222 14.16 -2.02 -34.02
N PHE F 223 14.36 -3.19 -34.63
CA PHE F 223 13.95 -4.44 -33.98
C PHE F 223 14.68 -4.62 -32.66
N ILE F 224 15.99 -4.36 -32.64
CA ILE F 224 16.75 -4.53 -31.40
C ILE F 224 16.25 -3.56 -30.33
N LEU F 225 15.93 -2.33 -30.72
CA LEU F 225 15.40 -1.38 -29.75
C LEU F 225 14.10 -1.88 -29.14
N HIS F 226 13.20 -2.39 -29.99
CA HIS F 226 11.93 -2.90 -29.48
C HIS F 226 12.17 -4.06 -28.51
N ARG F 227 13.09 -4.96 -28.85
CA ARG F 227 13.35 -6.11 -27.99
C ARG F 227 13.91 -5.69 -26.63
N VAL F 228 14.86 -4.74 -26.63
CA VAL F 228 15.44 -4.29 -25.37
C VAL F 228 14.39 -3.59 -24.52
N CYS F 229 13.57 -2.75 -25.14
CA CYS F 229 12.51 -2.08 -24.40
C CYS F 229 11.52 -3.10 -23.83
N GLU F 230 11.25 -4.17 -24.57
CA GLU F 230 10.39 -5.23 -24.04
C GLU F 230 11.03 -5.86 -22.81
N ASP F 231 12.33 -6.10 -22.86
CA ASP F 231 13.02 -6.65 -21.69
C ASP F 231 12.84 -5.74 -20.47
N PHE F 232 12.97 -4.43 -20.67
CA PHE F 232 12.88 -3.51 -19.53
C PHE F 232 11.45 -3.18 -19.13
N GLY F 233 10.46 -3.50 -19.97
CA GLY F 233 9.07 -3.29 -19.60
C GLY F 233 8.46 -1.96 -20.03
N VAL F 234 9.02 -1.29 -21.03
CA VAL F 234 8.50 -0.01 -21.50
C VAL F 234 8.23 -0.11 -23.00
N ILE F 235 7.61 0.94 -23.54
CA ILE F 235 7.21 1.00 -24.94
C ILE F 235 7.98 2.11 -25.63
N ALA F 236 8.42 1.85 -26.85
CA ALA F 236 9.08 2.84 -27.70
C ALA F 236 8.19 3.14 -28.90
N THR F 237 7.94 4.43 -29.15
CA THR F 237 7.02 4.86 -30.18
C THR F 237 7.74 5.79 -31.16
N PHE F 238 7.38 5.68 -32.44
CA PHE F 238 7.94 6.52 -33.49
C PHE F 238 6.92 7.55 -34.00
N ASP F 239 5.89 7.85 -33.22
CA ASP F 239 4.86 8.77 -33.67
C ASP F 239 5.46 10.17 -33.87
N PRO F 240 5.14 10.86 -34.97
CA PRO F 240 5.74 12.19 -35.19
C PRO F 240 5.42 13.20 -34.09
N LYS F 241 4.20 13.18 -33.56
CA LYS F 241 3.76 14.16 -32.56
C LYS F 241 3.09 13.43 -31.41
N PRO F 242 3.85 12.85 -30.49
CA PRO F 242 3.22 12.09 -29.40
C PRO F 242 2.51 12.95 -28.38
N ILE F 243 2.98 14.17 -28.12
CA ILE F 243 2.39 15.03 -27.11
C ILE F 243 1.98 16.35 -27.74
N PRO F 244 0.68 16.66 -27.86
CA PRO F 244 0.29 17.95 -28.42
C PRO F 244 0.64 19.11 -27.50
N GLY F 245 0.88 20.27 -28.11
CA GLY F 245 1.17 21.48 -27.37
C GLY F 245 2.55 22.02 -27.69
N ASN F 246 3.16 22.64 -26.69
CA ASN F 246 4.48 23.27 -26.84
C ASN F 246 5.62 22.28 -26.56
N TRP F 247 5.61 21.15 -27.26
CA TRP F 247 6.64 20.14 -27.12
C TRP F 247 7.10 19.70 -28.51
N ASN F 248 8.38 19.36 -28.61
CA ASN F 248 8.98 19.08 -29.91
C ASN F 248 8.44 17.78 -30.50
N GLY F 249 8.54 17.68 -31.82
CA GLY F 249 8.15 16.49 -32.54
C GLY F 249 9.33 15.56 -32.80
N ALA F 250 9.06 14.53 -33.59
CA ALA F 250 10.05 13.50 -33.90
C ALA F 250 10.20 13.35 -35.41
N GLY F 251 11.44 13.36 -35.89
CA GLY F 251 11.71 13.23 -37.31
C GLY F 251 12.91 12.33 -37.54
N CYS F 252 13.16 12.05 -38.83
CA CYS F 252 14.24 11.15 -39.25
C CYS F 252 15.07 11.85 -40.32
N HIS F 253 16.06 12.63 -39.90
CA HIS F 253 16.94 13.31 -40.85
C HIS F 253 17.78 12.29 -41.61
N THR F 254 17.95 12.53 -42.91
CA THR F 254 18.71 11.64 -43.78
C THR F 254 19.79 12.45 -44.49
N ASN F 255 21.01 11.92 -44.50
CA ASN F 255 22.14 12.54 -45.17
C ASN F 255 22.47 11.76 -46.44
N PHE F 256 22.98 12.47 -47.44
CA PHE F 256 23.24 11.91 -48.76
C PHE F 256 24.57 12.42 -49.28
N SER F 257 25.22 11.59 -50.09
CA SER F 257 26.52 11.94 -50.67
C SER F 257 26.82 10.98 -51.81
N THR F 258 27.84 11.34 -52.60
CA THR F 258 28.31 10.49 -53.68
C THR F 258 29.79 10.76 -53.89
N LYS F 259 30.42 9.95 -54.74
CA LYS F 259 31.86 10.05 -54.93
C LYS F 259 32.25 11.43 -55.47
N ALA F 260 31.47 11.95 -56.42
CA ALA F 260 31.78 13.26 -56.97
C ALA F 260 31.76 14.34 -55.89
N MET F 261 30.73 14.34 -55.04
CA MET F 261 30.67 15.32 -53.97
C MET F 261 31.79 15.11 -52.96
N ARG F 262 32.20 13.86 -52.74
CA ARG F 262 33.31 13.60 -51.82
C ARG F 262 34.62 14.11 -52.39
N GLU F 263 34.79 14.08 -53.71
CA GLU F 263 36.00 14.58 -54.32
C GLU F 263 36.11 16.09 -54.14
N GLU F 264 37.28 16.62 -54.50
CA GLU F 264 37.55 18.03 -54.27
C GLU F 264 36.57 18.91 -55.05
N ASN F 265 36.09 19.97 -54.40
CA ASN F 265 35.18 20.93 -55.00
C ASN F 265 33.90 20.25 -55.49
N GLY F 266 33.29 19.44 -54.62
CA GLY F 266 32.01 18.85 -54.90
C GLY F 266 30.82 19.73 -54.60
N LEU F 267 31.07 20.95 -54.10
CA LEU F 267 29.98 21.84 -53.76
C LEU F 267 29.10 22.14 -54.96
N LYS F 268 29.67 22.16 -56.17
CA LYS F 268 28.85 22.46 -57.34
C LYS F 268 27.89 21.31 -57.62
N TYR F 269 28.35 20.07 -57.45
CA TYR F 269 27.43 18.93 -57.55
C TYR F 269 26.35 19.01 -56.49
N ILE F 270 26.74 19.35 -55.26
CA ILE F 270 25.75 19.47 -54.18
C ILE F 270 24.69 20.49 -54.56
N GLU F 271 25.12 21.64 -55.08
CA GLU F 271 24.18 22.70 -55.44
C GLU F 271 23.27 22.27 -56.57
N GLU F 272 23.82 21.64 -57.60
CA GLU F 272 22.97 21.22 -58.73
C GLU F 272 21.94 20.20 -58.26
N ALA F 273 22.34 19.29 -57.37
CA ALA F 273 21.38 18.34 -56.81
C ALA F 273 20.29 19.06 -56.01
N ILE F 274 20.67 20.09 -55.26
CA ILE F 274 19.67 20.84 -54.47
C ILE F 274 18.67 21.51 -55.39
N GLU F 275 19.16 22.18 -56.45
CA GLU F 275 18.24 22.77 -57.42
C GLU F 275 17.34 21.72 -58.07
N LYS F 276 17.88 20.54 -58.37
CA LYS F 276 17.01 19.48 -58.89
C LYS F 276 15.92 19.14 -57.88
N LEU F 277 16.28 19.03 -56.60
CA LEU F 277 15.29 18.76 -55.56
C LEU F 277 14.25 19.87 -55.47
N SER F 278 14.62 21.09 -55.86
CA SER F 278 13.77 22.25 -55.58
C SER F 278 12.36 22.12 -56.16
N LYS F 279 12.16 21.32 -57.21
CA LYS F 279 10.87 21.25 -57.89
C LYS F 279 10.29 19.84 -57.88
N ARG F 280 10.37 19.15 -56.73
CA ARG F 280 9.74 17.85 -56.55
C ARG F 280 9.12 17.73 -55.16
N HIS F 281 8.63 18.86 -54.62
CA HIS F 281 8.27 18.92 -53.21
C HIS F 281 7.11 18.01 -52.89
N GLN F 282 6.02 18.09 -53.67
CA GLN F 282 4.85 17.28 -53.37
C GLN F 282 5.16 15.79 -53.53
N TYR F 283 5.90 15.42 -54.57
CA TYR F 283 6.26 14.03 -54.77
C TYR F 283 7.06 13.51 -53.57
N HIS F 284 8.06 14.28 -53.13
CA HIS F 284 8.88 13.81 -52.01
C HIS F 284 8.08 13.76 -50.72
N ILE F 285 7.19 14.73 -50.49
CA ILE F 285 6.37 14.71 -49.29
C ILE F 285 5.47 13.49 -49.29
N ARG F 286 4.91 13.14 -50.44
CA ARG F 286 4.10 11.93 -50.54
C ARG F 286 4.94 10.69 -50.24
N ALA F 287 6.18 10.67 -50.74
CA ALA F 287 7.02 9.50 -50.55
C ALA F 287 7.47 9.33 -49.10
N TYR F 288 7.69 10.43 -48.38
CA TYR F 288 8.30 10.40 -47.05
C TYR F 288 7.33 10.00 -45.95
N ASP F 289 6.17 9.43 -46.25
CA ASP F 289 5.21 9.10 -45.20
C ASP F 289 4.42 7.84 -45.56
N PRO F 290 4.23 6.91 -44.62
CA PRO F 290 3.44 5.72 -44.93
C PRO F 290 1.97 6.01 -45.20
N LYS F 291 1.45 7.16 -44.77
CA LYS F 291 0.06 7.52 -44.98
C LYS F 291 -0.12 8.69 -45.93
N GLY F 292 0.93 9.08 -46.66
CA GLY F 292 0.80 10.14 -47.64
C GLY F 292 0.96 11.54 -47.10
N GLY F 293 1.51 11.71 -45.90
CA GLY F 293 1.77 13.02 -45.34
C GLY F 293 0.82 13.44 -44.24
N LEU F 294 -0.26 12.71 -44.03
CA LEU F 294 -1.22 13.08 -42.98
C LEU F 294 -0.53 13.14 -41.62
N ASP F 295 0.27 12.12 -41.30
CA ASP F 295 0.96 12.10 -40.02
C ASP F 295 1.97 13.23 -39.92
N ASN F 296 2.78 13.42 -40.97
CA ASN F 296 3.80 14.47 -40.94
C ASN F 296 3.19 15.85 -40.89
N ALA F 297 1.91 16.00 -41.26
CA ALA F 297 1.28 17.31 -41.20
C ALA F 297 1.28 17.88 -39.78
N ARG F 298 1.21 17.01 -38.77
CA ARG F 298 1.15 17.48 -37.39
C ARG F 298 2.50 17.98 -36.87
N ARG F 299 3.61 17.57 -37.48
CA ARG F 299 4.92 17.98 -37.03
C ARG F 299 5.42 19.23 -37.76
N LEU F 300 5.44 19.16 -39.09
CA LEU F 300 5.95 20.27 -39.90
C LEU F 300 4.96 21.42 -39.84
N THR F 301 5.26 22.40 -38.99
CA THR F 301 4.37 23.55 -38.78
C THR F 301 5.09 24.90 -38.85
N GLY F 302 6.42 24.92 -38.78
CA GLY F 302 7.19 26.15 -38.82
C GLY F 302 7.76 26.56 -37.48
N PHE F 303 7.28 25.98 -36.38
CA PHE F 303 7.80 26.25 -35.05
C PHE F 303 8.68 25.12 -34.58
N HIS F 304 9.31 25.33 -33.43
CA HIS F 304 10.19 24.32 -32.83
C HIS F 304 11.28 23.90 -33.81
N GLU F 305 11.81 24.87 -34.55
CA GLU F 305 12.87 24.62 -35.53
C GLU F 305 12.43 23.58 -36.56
N THR F 306 11.22 23.76 -37.09
CA THR F 306 10.67 22.88 -38.10
C THR F 306 10.38 23.65 -39.38
N SER F 307 10.49 22.96 -40.51
CA SER F 307 10.17 23.55 -41.80
C SER F 307 8.68 23.44 -42.07
N ASN F 308 8.15 24.42 -42.81
CA ASN F 308 6.73 24.42 -43.15
C ASN F 308 6.42 23.29 -44.13
N ILE F 309 5.20 22.74 -44.00
CA ILE F 309 4.81 21.60 -44.82
C ILE F 309 4.55 21.99 -46.27
N ASN F 310 4.31 23.27 -46.54
CA ASN F 310 3.84 23.70 -47.86
C ASN F 310 4.96 24.14 -48.80
N ASP F 311 5.95 24.89 -48.30
CA ASP F 311 6.96 25.50 -49.16
C ASP F 311 8.31 24.79 -48.99
N PHE F 312 9.24 25.17 -49.86
CA PHE F 312 10.58 24.61 -49.91
C PHE F 312 11.59 25.70 -49.60
N SER F 313 12.71 25.31 -49.00
CA SER F 313 13.75 26.26 -48.65
C SER F 313 15.07 25.51 -48.51
N ALA F 314 16.16 26.29 -48.51
CA ALA F 314 17.50 25.74 -48.36
C ALA F 314 18.40 26.83 -47.83
N GLY F 315 19.55 26.42 -47.30
CA GLY F 315 20.51 27.37 -46.76
C GLY F 315 21.68 26.66 -46.13
N VAL F 316 22.57 27.47 -45.57
CA VAL F 316 23.78 26.99 -44.90
C VAL F 316 23.65 27.27 -43.42
N ALA F 317 23.83 26.23 -42.60
CA ALA F 317 23.76 26.34 -41.14
C ALA F 317 22.39 26.80 -40.66
N ASN F 318 21.38 26.70 -41.52
CA ASN F 318 20.01 27.08 -41.18
C ASN F 318 19.23 25.83 -40.81
N ARG F 319 18.89 25.71 -39.52
CA ARG F 319 18.14 24.57 -39.03
C ARG F 319 16.63 24.73 -39.19
N SER F 320 16.17 25.89 -39.68
CA SER F 320 14.76 26.10 -39.97
C SER F 320 14.41 25.83 -41.42
N ALA F 321 15.38 25.53 -42.26
CA ALA F 321 15.14 25.27 -43.67
C ALA F 321 14.78 23.80 -43.89
N SER F 322 14.25 23.52 -45.09
CA SER F 322 13.95 22.14 -45.47
C SER F 322 15.21 21.35 -45.81
N ILE F 323 16.30 22.04 -46.16
CA ILE F 323 17.58 21.40 -46.42
C ILE F 323 18.67 22.27 -45.82
N ARG F 324 19.65 21.63 -45.20
CA ARG F 324 20.74 22.33 -44.52
C ARG F 324 22.07 21.85 -45.07
N ILE F 325 23.04 22.76 -45.10
CA ILE F 325 24.40 22.47 -45.51
C ILE F 325 25.30 22.72 -44.31
N PRO F 326 26.02 21.72 -43.79
CA PRO F 326 26.87 21.97 -42.62
C PRO F 326 27.88 23.08 -42.88
N ARG F 327 28.13 23.86 -41.83
CA ARG F 327 29.14 24.92 -41.94
C ARG F 327 30.49 24.37 -42.33
N THR F 328 30.86 23.21 -41.79
CA THR F 328 32.16 22.62 -42.09
C THR F 328 32.27 22.26 -43.57
N VAL F 329 31.23 21.63 -44.12
CA VAL F 329 31.29 21.24 -45.53
C VAL F 329 31.26 22.47 -46.42
N GLY F 330 30.49 23.50 -46.03
CA GLY F 330 30.50 24.73 -46.79
C GLY F 330 31.87 25.38 -46.80
N GLN F 331 32.55 25.40 -45.66
CA GLN F 331 33.88 25.98 -45.58
C GLN F 331 34.89 25.17 -46.38
N GLU F 332 34.81 23.84 -46.31
CA GLU F 332 35.82 22.97 -46.89
C GLU F 332 35.56 22.63 -48.35
N LYS F 333 34.40 22.98 -48.90
CA LYS F 333 34.03 22.74 -50.28
C LYS F 333 33.82 21.26 -50.59
N LYS F 334 33.73 20.41 -49.57
CA LYS F 334 33.46 18.98 -49.75
C LYS F 334 32.55 18.50 -48.65
N GLY F 335 31.85 17.40 -48.91
CA GLY F 335 31.03 16.78 -47.88
C GLY F 335 29.68 16.24 -48.35
N TYR F 336 28.61 16.72 -47.71
CA TYR F 336 27.28 16.15 -47.89
C TYR F 336 26.26 17.21 -47.51
N PHE F 337 24.99 16.89 -47.73
CA PHE F 337 23.89 17.76 -47.33
C PHE F 337 22.81 16.95 -46.63
N GLU F 338 22.05 17.62 -45.77
CA GLU F 338 21.07 16.98 -44.89
C GLU F 338 19.66 17.39 -45.30
N ASP F 339 18.80 16.40 -45.52
CA ASP F 339 17.39 16.61 -45.77
C ASP F 339 16.60 16.23 -44.52
N ARG F 340 15.75 17.14 -44.04
CA ARG F 340 15.09 16.97 -42.75
C ARG F 340 13.57 17.07 -42.86
N ARG F 341 13.03 16.65 -44.01
CA ARG F 341 11.58 16.54 -44.18
C ARG F 341 11.00 15.23 -43.63
N PRO F 342 11.65 14.08 -43.83
CA PRO F 342 10.99 12.81 -43.49
C PRO F 342 10.60 12.71 -42.03
N SER F 343 9.51 12.00 -41.77
CA SER F 343 9.00 11.80 -40.42
C SER F 343 9.68 10.62 -39.75
N ALA F 344 9.41 10.47 -38.45
CA ALA F 344 10.07 9.45 -37.65
C ALA F 344 9.67 8.04 -38.06
N ASN F 345 8.44 7.86 -38.56
CA ASN F 345 7.94 6.54 -38.94
C ASN F 345 8.04 6.29 -40.43
N CYS F 346 9.06 6.85 -41.09
CA CYS F 346 9.22 6.69 -42.52
C CYS F 346 9.71 5.29 -42.86
N ASP F 347 9.97 5.05 -44.14
CA ASP F 347 10.52 3.79 -44.63
C ASP F 347 11.80 4.07 -45.40
N PRO F 348 12.96 3.58 -44.92
CA PRO F 348 14.22 3.91 -45.60
C PRO F 348 14.27 3.46 -47.05
N PHE F 349 13.67 2.32 -47.40
CA PHE F 349 13.71 1.88 -48.79
C PHE F 349 13.06 2.93 -49.70
N SER F 350 11.85 3.34 -49.36
CA SER F 350 11.16 4.34 -50.18
C SER F 350 11.93 5.65 -50.18
N VAL F 351 12.42 6.09 -49.02
CA VAL F 351 13.11 7.37 -48.96
C VAL F 351 14.34 7.37 -49.88
N THR F 352 15.18 6.35 -49.75
CA THR F 352 16.41 6.31 -50.52
C THR F 352 16.12 6.13 -52.00
N GLU F 353 15.13 5.31 -52.35
CA GLU F 353 14.79 5.14 -53.76
C GLU F 353 14.33 6.46 -54.36
N ALA F 354 13.46 7.19 -53.67
CA ALA F 354 13.00 8.47 -54.18
C ALA F 354 14.17 9.44 -54.36
N LEU F 355 15.05 9.50 -53.36
CA LEU F 355 16.18 10.42 -53.45
C LEU F 355 17.06 10.10 -54.65
N ILE F 356 17.39 8.81 -54.82
CA ILE F 356 18.27 8.42 -55.92
C ILE F 356 17.62 8.74 -57.25
N ARG F 357 16.34 8.36 -57.42
CA ARG F 357 15.71 8.54 -58.72
C ARG F 357 15.45 10.00 -59.03
N THR F 358 15.37 10.87 -58.02
CA THR F 358 15.21 12.29 -58.30
C THR F 358 16.54 13.01 -58.52
N CYS F 359 17.63 12.52 -57.94
CA CYS F 359 18.91 13.20 -58.10
C CYS F 359 19.73 12.61 -59.25
N LEU F 360 20.07 11.33 -59.16
CA LEU F 360 21.10 10.78 -60.05
C LEU F 360 20.60 10.68 -61.49
N LEU F 361 19.40 10.14 -61.70
CA LEU F 361 18.87 9.94 -63.05
C LEU F 361 17.81 10.97 -63.41
N ASN F 362 17.67 12.03 -62.61
CA ASN F 362 16.86 13.21 -62.94
C ASN F 362 15.55 12.84 -63.63
N GLU F 363 14.71 12.11 -62.89
CA GLU F 363 13.34 11.91 -63.33
C GLU F 363 12.51 13.16 -63.04
N THR F 364 11.34 13.23 -63.66
CA THR F 364 10.44 14.35 -63.46
C THR F 364 9.01 13.88 -63.64
N GLY F 365 8.09 14.65 -63.09
CA GLY F 365 6.67 14.36 -63.17
C GLY F 365 6.08 14.02 -61.81
N ASP F 366 4.96 13.29 -61.86
CA ASP F 366 4.24 12.87 -60.67
C ASP F 366 4.46 11.40 -60.37
N GLU F 367 4.37 10.53 -61.37
CA GLU F 367 4.53 9.10 -61.17
C GLU F 367 5.93 8.65 -61.57
N PRO F 368 6.44 7.59 -60.97
CA PRO F 368 7.79 7.11 -61.32
C PRO F 368 7.78 6.31 -62.61
N PHE F 369 8.94 6.27 -63.26
CA PHE F 369 9.07 5.50 -64.49
C PHE F 369 9.01 4.03 -64.11
N GLN F 370 8.17 3.26 -64.81
CA GLN F 370 7.84 1.92 -64.35
C GLN F 370 9.07 1.00 -64.34
N TYR F 371 9.78 0.91 -65.46
CA TYR F 371 10.82 -0.08 -65.67
C TYR F 371 12.20 0.56 -65.64
N LYS F 372 13.13 -0.07 -64.95
CA LYS F 372 14.51 0.44 -64.90
C LYS F 372 14.46 1.88 -64.38
N ASN F 373 15.35 2.72 -64.92
CA ASN F 373 15.36 4.16 -64.53
C ASN F 373 14.10 4.82 -65.07
N THR G 2 -1.73 -11.82 -10.58
CA THR G 2 -0.94 -12.11 -9.35
C THR G 2 -0.18 -13.43 -9.50
N THR G 3 0.96 -13.51 -8.82
CA THR G 3 1.79 -14.71 -8.81
C THR G 3 1.79 -15.34 -7.43
N SER G 4 2.28 -16.57 -7.36
CA SER G 4 2.20 -17.35 -6.14
C SER G 4 3.15 -16.80 -5.07
N ALA G 5 2.89 -17.20 -3.83
CA ALA G 5 3.71 -16.74 -2.71
C ALA G 5 5.13 -17.27 -2.79
N SER G 6 5.30 -18.51 -3.26
CA SER G 6 6.64 -19.08 -3.35
C SER G 6 7.54 -18.26 -4.26
N SER G 7 6.97 -17.60 -5.27
CA SER G 7 7.76 -16.81 -6.20
C SER G 7 8.31 -15.53 -5.57
N HIS G 8 7.83 -15.16 -4.38
CA HIS G 8 8.29 -13.95 -3.71
C HIS G 8 9.46 -14.21 -2.76
N LEU G 9 9.90 -15.45 -2.63
CA LEU G 9 11.08 -15.74 -1.83
C LEU G 9 12.35 -15.32 -2.56
N ASN G 10 13.42 -15.11 -1.79
CA ASN G 10 14.68 -14.72 -2.37
C ASN G 10 15.33 -15.89 -3.11
N LYS G 11 15.77 -15.65 -4.33
CA LYS G 11 16.36 -16.70 -5.17
C LYS G 11 17.89 -16.71 -5.15
N GLY G 12 18.51 -15.61 -4.75
CA GLY G 12 19.95 -15.62 -4.57
C GLY G 12 20.39 -16.65 -3.54
N ILE G 13 19.60 -16.83 -2.49
CA ILE G 13 19.89 -17.84 -1.48
C ILE G 13 19.92 -19.23 -2.12
N LYS G 14 18.91 -19.53 -2.94
CA LYS G 14 18.85 -20.82 -3.61
C LYS G 14 20.05 -21.02 -4.52
N GLN G 15 20.41 -19.97 -5.28
CA GLN G 15 21.57 -20.09 -6.15
C GLN G 15 22.84 -20.37 -5.36
N VAL G 16 23.01 -19.68 -4.23
CA VAL G 16 24.19 -19.90 -3.39
C VAL G 16 24.24 -21.36 -2.94
N TYR G 17 23.10 -21.89 -2.50
CA TYR G 17 23.07 -23.28 -2.04
C TYR G 17 23.37 -24.24 -3.19
N MET G 18 22.84 -23.97 -4.38
CA MET G 18 23.04 -24.85 -5.52
C MET G 18 24.44 -24.74 -6.12
N SER G 19 25.22 -23.73 -5.73
CA SER G 19 26.53 -23.56 -6.34
C SER G 19 27.61 -24.48 -5.77
N LEU G 20 27.37 -25.12 -4.63
CA LEU G 20 28.47 -25.87 -4.01
C LEU G 20 28.61 -27.26 -4.61
N PRO G 21 29.82 -27.84 -4.56
CA PRO G 21 30.04 -29.14 -5.21
C PRO G 21 29.22 -30.24 -4.59
N GLN G 22 28.89 -31.24 -5.42
CA GLN G 22 27.97 -32.30 -5.04
C GLN G 22 28.67 -33.46 -4.33
N GLY G 23 29.65 -34.07 -4.99
CA GLY G 23 30.35 -35.23 -4.46
C GLY G 23 30.28 -36.40 -5.43
N GLU G 24 30.18 -37.60 -4.87
CA GLU G 24 30.15 -38.82 -5.67
C GLU G 24 28.74 -39.37 -5.90
N LYS G 25 27.77 -39.00 -5.08
CA LYS G 25 26.41 -39.49 -5.23
C LYS G 25 25.70 -38.73 -6.35
N VAL G 26 24.65 -39.36 -6.89
CA VAL G 26 23.85 -38.79 -7.96
C VAL G 26 22.37 -38.98 -7.63
N GLN G 27 21.54 -38.09 -8.14
CA GLN G 27 20.10 -38.12 -7.88
C GLN G 27 19.33 -38.26 -9.19
N ALA G 28 18.20 -38.97 -9.12
CA ALA G 28 17.36 -39.21 -10.28
C ALA G 28 15.91 -39.00 -9.90
N MET G 29 15.14 -38.39 -10.79
CA MET G 29 13.74 -38.07 -10.56
C MET G 29 12.86 -38.92 -11.46
N TYR G 30 11.88 -39.59 -10.87
CA TYR G 30 10.97 -40.48 -11.58
C TYR G 30 9.67 -39.75 -11.89
N ILE G 31 9.18 -39.91 -13.12
CA ILE G 31 7.99 -39.23 -13.61
C ILE G 31 7.05 -40.24 -14.24
N TRP G 32 5.75 -40.09 -13.97
CA TRP G 32 4.75 -40.99 -14.54
C TRP G 32 3.42 -40.27 -14.68
N ILE G 33 2.53 -40.85 -15.50
CA ILE G 33 1.24 -40.26 -15.83
C ILE G 33 0.21 -40.65 -14.78
N ASP G 34 -0.76 -39.75 -14.57
CA ASP G 34 -1.72 -39.86 -13.49
C ASP G 34 -2.96 -40.65 -13.92
N GLY G 35 -3.80 -40.97 -12.94
CA GLY G 35 -5.02 -41.72 -13.21
C GLY G 35 -6.08 -40.95 -13.95
N THR G 36 -6.06 -39.62 -13.89
CA THR G 36 -7.00 -38.81 -14.65
C THR G 36 -6.68 -38.78 -16.13
N GLY G 37 -5.51 -39.27 -16.54
CA GLY G 37 -5.13 -39.31 -17.93
C GLY G 37 -4.49 -38.05 -18.46
N GLU G 38 -4.38 -36.99 -17.66
CA GLU G 38 -3.78 -35.76 -18.12
C GLU G 38 -2.91 -35.08 -17.06
N GLY G 39 -2.59 -35.76 -15.96
CA GLY G 39 -1.74 -35.21 -14.92
C GLY G 39 -0.36 -35.85 -14.92
N LEU G 40 0.51 -35.30 -14.07
CA LEU G 40 1.87 -35.79 -13.92
C LEU G 40 2.25 -35.77 -12.46
N ARG G 41 3.11 -36.72 -12.07
CA ARG G 41 3.60 -36.84 -10.71
C ARG G 41 5.08 -37.19 -10.75
N CYS G 42 5.77 -36.96 -9.63
CA CYS G 42 7.21 -37.22 -9.61
C CYS G 42 7.71 -37.33 -8.18
N LYS G 43 8.90 -37.92 -8.04
CA LYS G 43 9.65 -37.94 -6.80
C LYS G 43 11.07 -38.41 -7.11
N THR G 44 11.98 -38.23 -6.15
CA THR G 44 13.41 -38.38 -6.38
C THR G 44 14.04 -39.29 -5.33
N ARG G 45 15.19 -39.85 -5.68
CA ARG G 45 15.96 -40.69 -4.77
C ARG G 45 17.41 -40.73 -5.25
N THR G 46 18.29 -41.19 -4.36
CA THR G 46 19.73 -41.13 -4.57
C THR G 46 20.28 -42.44 -5.11
N LEU G 47 21.34 -42.33 -5.92
CA LEU G 47 22.02 -43.46 -6.51
C LEU G 47 23.51 -43.37 -6.22
N ASP G 48 24.18 -44.52 -6.27
CA ASP G 48 25.60 -44.59 -5.90
C ASP G 48 26.52 -44.18 -7.05
N SER G 49 26.10 -44.35 -8.30
CA SER G 49 26.95 -44.04 -9.44
C SER G 49 26.08 -43.59 -10.61
N GLU G 50 26.71 -42.90 -11.54
CA GLU G 50 26.00 -42.35 -12.69
C GLU G 50 25.61 -43.46 -13.65
N PRO G 51 24.33 -43.64 -13.99
CA PRO G 51 23.98 -44.65 -14.99
C PRO G 51 24.47 -44.28 -16.37
N LYS G 52 24.74 -45.29 -17.19
CA LYS G 52 25.15 -45.09 -18.57
C LYS G 52 24.02 -45.35 -19.56
N CYS G 53 22.99 -46.08 -19.17
CA CYS G 53 21.86 -46.32 -20.04
C CYS G 53 20.62 -46.61 -19.19
N VAL G 54 19.45 -46.51 -19.81
CA VAL G 54 18.20 -46.64 -19.08
C VAL G 54 18.02 -48.03 -18.48
N GLU G 55 18.75 -49.03 -18.98
CA GLU G 55 18.56 -50.40 -18.50
C GLU G 55 19.17 -50.64 -17.13
N GLU G 56 20.07 -49.77 -16.68
CA GLU G 56 20.75 -49.97 -15.40
C GLU G 56 19.93 -49.49 -14.21
N LEU G 57 18.87 -48.73 -14.43
CA LEU G 57 18.12 -48.18 -13.31
C LEU G 57 17.22 -49.25 -12.68
N PRO G 58 17.04 -49.21 -11.37
CA PRO G 58 16.15 -50.16 -10.70
C PRO G 58 14.69 -49.70 -10.70
N GLU G 59 13.81 -50.69 -10.56
CA GLU G 59 12.39 -50.40 -10.49
C GLU G 59 12.03 -49.77 -9.15
N TRP G 60 10.83 -49.21 -9.07
CA TRP G 60 10.35 -48.55 -7.86
C TRP G 60 8.84 -48.73 -7.78
N ASN G 61 8.21 -48.06 -6.83
CA ASN G 61 6.78 -48.25 -6.59
C ASN G 61 6.21 -47.02 -5.90
N PHE G 62 4.88 -46.98 -5.86
CA PHE G 62 4.15 -45.91 -5.18
C PHE G 62 2.76 -46.45 -4.85
N ASP G 63 2.05 -45.72 -3.97
CA ASP G 63 0.72 -46.12 -3.55
C ASP G 63 -0.32 -45.39 -4.39
N GLY G 64 -1.18 -46.16 -5.05
CA GLY G 64 -2.18 -45.58 -5.94
C GLY G 64 -3.44 -45.09 -5.28
N SER G 65 -3.60 -45.33 -3.98
CA SER G 65 -4.81 -44.88 -3.29
C SER G 65 -4.92 -43.37 -3.31
N SER G 66 -3.80 -42.66 -3.26
CA SER G 66 -3.81 -41.20 -3.27
C SER G 66 -3.71 -40.61 -4.67
N THR G 67 -3.48 -41.42 -5.70
CA THR G 67 -3.49 -40.96 -7.08
C THR G 67 -4.74 -41.39 -7.83
N LEU G 68 -5.70 -42.00 -7.15
CA LEU G 68 -7.02 -42.27 -7.71
C LEU G 68 -7.00 -43.42 -8.73
N GLN G 69 -6.12 -44.40 -8.56
CA GLN G 69 -6.11 -45.55 -9.45
C GLN G 69 -5.81 -46.85 -8.70
N SER G 70 -6.23 -46.95 -7.44
CA SER G 70 -6.02 -48.16 -6.66
C SER G 70 -6.87 -48.07 -5.40
N GLU G 71 -6.66 -49.01 -4.47
CA GLU G 71 -7.35 -49.04 -3.19
C GLU G 71 -6.34 -49.14 -2.06
N GLY G 72 -6.71 -48.60 -0.91
CA GLY G 72 -5.77 -48.50 0.19
C GLY G 72 -5.26 -49.84 0.68
N SER G 73 -6.16 -50.84 0.75
CA SER G 73 -5.77 -52.14 1.29
C SER G 73 -4.68 -52.79 0.45
N ASN G 74 -4.75 -52.62 -0.87
CA ASN G 74 -3.80 -53.23 -1.81
C ASN G 74 -3.29 -52.16 -2.78
N SER G 75 -2.84 -51.04 -2.23
CA SER G 75 -2.54 -49.85 -3.01
C SER G 75 -1.25 -49.95 -3.82
N ASP G 76 -0.36 -50.87 -3.50
CA ASP G 76 0.96 -50.88 -4.12
C ASP G 76 0.85 -50.94 -5.63
N MET G 77 1.62 -50.06 -6.30
CA MET G 77 1.67 -49.98 -7.75
C MET G 77 3.12 -49.85 -8.17
N TYR G 78 3.49 -50.55 -9.25
CA TYR G 78 4.86 -50.53 -9.73
C TYR G 78 5.04 -49.50 -10.83
N LEU G 79 6.29 -49.11 -11.07
CA LEU G 79 6.64 -48.29 -12.20
C LEU G 79 8.01 -48.71 -12.72
N VAL G 80 8.16 -48.72 -14.04
CA VAL G 80 9.32 -49.29 -14.72
C VAL G 80 9.92 -48.20 -15.61
N PRO G 81 11.23 -47.93 -15.52
CA PRO G 81 11.82 -46.89 -16.38
C PRO G 81 11.68 -47.23 -17.87
N ALA G 82 11.48 -46.18 -18.67
CA ALA G 82 11.29 -46.32 -20.11
C ALA G 82 12.24 -45.45 -20.94
N ALA G 83 12.53 -44.23 -20.49
CA ALA G 83 13.42 -43.34 -21.23
C ALA G 83 14.13 -42.42 -20.26
N MET G 84 15.30 -41.93 -20.67
CA MET G 84 16.18 -41.18 -19.79
C MET G 84 16.72 -39.95 -20.49
N PHE G 85 16.79 -38.84 -19.76
CA PHE G 85 17.37 -37.60 -20.24
C PHE G 85 18.24 -37.00 -19.14
N ARG G 86 18.94 -35.92 -19.45
CA ARG G 86 19.78 -35.26 -18.46
C ARG G 86 19.06 -34.05 -17.89
N ASP G 87 19.28 -33.82 -16.59
CA ASP G 87 18.47 -32.89 -15.81
C ASP G 87 18.94 -31.45 -16.02
N PRO G 88 18.08 -30.53 -16.45
CA PRO G 88 18.52 -29.13 -16.58
C PRO G 88 18.47 -28.35 -15.28
N PHE G 89 17.70 -28.79 -14.29
CA PHE G 89 17.53 -28.07 -13.04
C PHE G 89 18.62 -28.37 -12.04
N ARG G 90 19.30 -29.52 -12.16
CA ARG G 90 20.41 -29.85 -11.27
C ARG G 90 21.72 -30.09 -12.01
N LYS G 91 21.71 -30.09 -13.34
CA LYS G 91 22.93 -30.25 -14.14
C LYS G 91 23.54 -31.63 -13.96
N ASP G 92 24.56 -31.93 -14.76
CA ASP G 92 25.18 -33.24 -14.72
C ASP G 92 25.80 -33.50 -13.35
N PRO G 93 25.91 -34.76 -12.94
CA PRO G 93 25.52 -35.99 -13.63
C PRO G 93 24.08 -36.42 -13.35
N ASN G 94 23.25 -35.55 -12.79
CA ASN G 94 21.89 -35.93 -12.44
C ASN G 94 21.04 -36.14 -13.70
N LYS G 95 19.93 -36.86 -13.52
CA LYS G 95 19.09 -37.26 -14.65
C LYS G 95 17.64 -37.38 -14.20
N LEU G 96 16.74 -37.43 -15.18
CA LEU G 96 15.33 -37.68 -14.93
C LEU G 96 14.83 -38.76 -15.89
N VAL G 97 13.89 -39.58 -15.40
CA VAL G 97 13.46 -40.79 -16.09
C VAL G 97 11.94 -40.82 -16.16
N LEU G 98 11.43 -41.21 -17.33
CA LEU G 98 10.00 -41.41 -17.54
C LEU G 98 9.66 -42.88 -17.38
N CYS G 99 8.64 -43.17 -16.59
CA CYS G 99 8.32 -44.54 -16.20
C CYS G 99 6.96 -44.96 -16.75
N GLU G 100 6.71 -46.26 -16.68
CA GLU G 100 5.46 -46.88 -17.10
C GLU G 100 4.83 -47.59 -15.91
N VAL G 101 3.51 -47.44 -15.75
CA VAL G 101 2.81 -47.88 -14.55
C VAL G 101 2.20 -49.27 -14.79
N PHE G 102 2.28 -50.12 -13.77
CA PHE G 102 1.69 -51.44 -13.79
C PHE G 102 0.96 -51.69 -12.47
N LYS G 103 -0.04 -52.57 -12.53
CA LYS G 103 -0.76 -52.99 -11.34
C LYS G 103 -0.03 -54.13 -10.64
N TYR G 104 -0.43 -54.40 -9.40
CA TYR G 104 -0.03 -55.63 -8.77
C TYR G 104 -0.55 -56.81 -9.57
N ASN G 105 0.28 -57.83 -9.73
CA ASN G 105 0.12 -58.95 -10.67
C ASN G 105 0.57 -58.56 -12.07
N ARG G 106 1.12 -57.36 -12.25
CA ARG G 106 1.85 -57.00 -13.48
C ARG G 106 0.93 -56.80 -14.67
N ARG G 107 -0.26 -56.23 -14.44
CA ARG G 107 -1.10 -55.84 -15.56
C ARG G 107 -1.00 -54.34 -15.82
N PRO G 108 -0.93 -53.91 -17.07
CA PRO G 108 -0.84 -52.46 -17.33
C PRO G 108 -2.06 -51.72 -16.78
N ALA G 109 -1.81 -50.51 -16.29
CA ALA G 109 -2.87 -49.70 -15.72
C ALA G 109 -3.83 -49.20 -16.81
N GLU G 110 -4.94 -48.61 -16.37
CA GLU G 110 -5.94 -48.14 -17.31
C GLU G 110 -5.38 -47.04 -18.22
N THR G 111 -4.64 -46.10 -17.66
CA THR G 111 -4.10 -44.97 -18.40
C THR G 111 -2.72 -45.24 -19.00
N ASN G 112 -2.36 -46.51 -19.15
CA ASN G 112 -1.07 -46.90 -19.71
C ASN G 112 -1.30 -47.40 -21.13
N LEU G 113 -1.00 -46.53 -22.11
CA LEU G 113 -1.17 -46.86 -23.52
C LEU G 113 0.14 -47.10 -24.26
N ARG G 114 1.27 -46.68 -23.67
CA ARG G 114 2.56 -46.94 -24.28
C ARG G 114 2.77 -48.42 -24.55
N HIS G 115 2.25 -49.29 -23.68
CA HIS G 115 2.50 -50.71 -23.79
C HIS G 115 2.04 -51.25 -25.15
N THR G 116 0.79 -50.98 -25.52
CA THR G 116 0.29 -51.42 -26.82
C THR G 116 0.80 -50.55 -27.96
N CYS G 117 1.03 -49.26 -27.69
CA CYS G 117 1.51 -48.37 -28.75
C CYS G 117 2.85 -48.87 -29.29
N LYS G 118 3.76 -49.27 -28.42
CA LYS G 118 5.08 -49.69 -28.88
C LYS G 118 4.99 -50.98 -29.69
N ARG G 119 4.12 -51.90 -29.29
CA ARG G 119 3.94 -53.12 -30.06
C ARG G 119 3.44 -52.81 -31.46
N ILE G 120 2.43 -51.94 -31.56
CA ILE G 120 1.90 -51.59 -32.88
C ILE G 120 2.97 -50.88 -33.70
N MET G 121 3.80 -50.06 -33.07
CA MET G 121 4.86 -49.36 -33.79
C MET G 121 5.86 -50.36 -34.36
N ASP G 122 6.38 -51.26 -33.52
CA ASP G 122 7.37 -52.22 -34.00
C ASP G 122 6.77 -53.19 -35.00
N MET G 123 5.44 -53.33 -35.02
CA MET G 123 4.83 -54.15 -36.07
C MET G 123 5.07 -53.57 -37.46
N VAL G 124 4.97 -52.24 -37.60
CA VAL G 124 5.15 -51.58 -38.89
C VAL G 124 6.50 -50.89 -39.01
N SER G 125 7.42 -51.16 -38.09
CA SER G 125 8.75 -50.54 -38.10
C SER G 125 9.33 -50.33 -39.50
N ASN G 126 9.16 -51.30 -40.40
CA ASN G 126 9.83 -51.23 -41.70
C ASN G 126 9.49 -49.95 -42.44
N GLN G 127 8.30 -49.39 -42.21
CA GLN G 127 7.87 -48.22 -42.97
C GLN G 127 8.64 -46.96 -42.56
N HIS G 128 9.25 -46.95 -41.38
CA HIS G 128 9.96 -45.78 -40.88
C HIS G 128 9.03 -44.58 -40.79
N PRO G 129 8.02 -44.62 -39.92
CA PRO G 129 7.13 -43.46 -39.79
C PRO G 129 7.75 -42.35 -38.95
N TRP G 130 7.43 -41.12 -39.30
CA TRP G 130 7.91 -39.93 -38.59
C TRP G 130 6.73 -39.09 -38.15
N PHE G 131 6.87 -38.42 -37.01
CA PHE G 131 5.82 -37.58 -36.44
C PHE G 131 6.39 -36.24 -36.00
N GLY G 132 5.52 -35.24 -36.01
CA GLY G 132 5.85 -33.91 -35.51
C GLY G 132 4.62 -33.21 -35.02
N MET G 133 4.65 -32.67 -33.81
CA MET G 133 3.48 -32.09 -33.17
C MET G 133 3.78 -30.68 -32.70
N GLU G 134 2.78 -29.81 -32.76
CA GLU G 134 2.88 -28.42 -32.32
C GLU G 134 1.90 -28.21 -31.18
N GLN G 135 2.43 -27.91 -29.99
CA GLN G 135 1.64 -27.79 -28.78
C GLN G 135 1.37 -26.33 -28.48
N GLU G 136 0.12 -26.02 -28.16
CA GLU G 136 -0.29 -24.67 -27.78
C GLU G 136 -0.71 -24.63 -26.32
N TYR G 137 -0.57 -23.47 -25.70
CA TYR G 137 -0.90 -23.31 -24.29
C TYR G 137 -1.11 -21.84 -23.98
N THR G 138 -1.74 -21.59 -22.84
CA THR G 138 -2.02 -20.25 -22.34
C THR G 138 -1.42 -20.09 -20.96
N LEU G 139 -0.78 -18.95 -20.71
CA LEU G 139 -0.20 -18.63 -19.42
C LEU G 139 -1.25 -17.94 -18.56
N MET G 140 -1.49 -18.46 -17.36
CA MET G 140 -2.52 -17.96 -16.47
C MET G 140 -1.91 -17.51 -15.16
N GLY G 141 -2.48 -16.46 -14.58
CA GLY G 141 -2.11 -16.05 -13.25
C GLY G 141 -2.72 -16.92 -12.18
N THR G 142 -2.32 -16.68 -10.94
CA THR G 142 -2.82 -17.45 -9.81
C THR G 142 -4.27 -17.12 -9.47
N ASP G 143 -4.80 -16.01 -9.96
CA ASP G 143 -6.17 -15.60 -9.67
C ASP G 143 -7.18 -16.09 -10.69
N GLY G 144 -6.77 -16.86 -11.68
CA GLY G 144 -7.68 -17.42 -12.65
C GLY G 144 -7.84 -16.63 -13.93
N HIS G 145 -7.05 -15.59 -14.14
CA HIS G 145 -7.11 -14.80 -15.36
C HIS G 145 -5.82 -14.94 -16.15
N PRO G 146 -5.85 -14.74 -17.47
CA PRO G 146 -4.62 -14.86 -18.26
C PRO G 146 -3.54 -13.89 -17.75
N PHE G 147 -2.31 -14.36 -17.78
CA PHE G 147 -1.21 -13.56 -17.24
C PHE G 147 -1.05 -12.27 -18.03
N GLY G 148 -0.95 -11.16 -17.30
CA GLY G 148 -0.72 -9.86 -17.90
C GLY G 148 -1.94 -9.14 -18.42
N TRP G 149 -3.11 -9.77 -18.40
CA TRP G 149 -4.32 -9.11 -18.85
C TRP G 149 -4.76 -8.07 -17.83
N PRO G 150 -5.49 -7.04 -18.25
CA PRO G 150 -6.00 -6.06 -17.29
C PRO G 150 -6.88 -6.73 -16.25
N SER G 151 -6.76 -6.26 -15.00
CA SER G 151 -7.57 -6.80 -13.93
C SER G 151 -9.06 -6.62 -14.23
N ASN G 152 -9.76 -7.72 -14.43
CA ASN G 152 -11.19 -7.76 -14.71
C ASN G 152 -11.54 -7.18 -16.08
N GLY G 153 -10.55 -6.94 -16.94
CA GLY G 153 -10.80 -6.38 -18.25
C GLY G 153 -10.26 -7.22 -19.39
N PHE G 154 -10.15 -6.62 -20.56
CA PHE G 154 -9.64 -7.28 -21.76
C PHE G 154 -8.63 -6.37 -22.44
N PRO G 155 -7.71 -6.94 -23.21
CA PRO G 155 -6.85 -6.12 -24.08
C PRO G 155 -7.58 -5.80 -25.38
N GLY G 156 -6.90 -5.04 -26.24
CA GLY G 156 -7.46 -4.65 -27.51
C GLY G 156 -7.89 -5.84 -28.35
N PRO G 157 -8.59 -5.58 -29.45
CA PRO G 157 -9.03 -6.67 -30.32
C PRO G 157 -7.87 -7.33 -31.03
N GLN G 158 -8.14 -8.52 -31.58
CA GLN G 158 -7.10 -9.34 -32.19
C GLN G 158 -6.61 -8.71 -33.49
N GLY G 159 -5.44 -9.18 -33.94
CA GLY G 159 -4.87 -8.75 -35.19
C GLY G 159 -3.39 -8.38 -35.10
N PRO G 160 -3.00 -7.67 -34.05
CA PRO G 160 -1.58 -7.29 -33.90
C PRO G 160 -0.74 -8.19 -33.00
N TYR G 161 -1.27 -9.31 -32.49
CA TYR G 161 -0.55 -10.12 -31.52
C TYR G 161 0.14 -11.33 -32.11
N TYR G 162 -0.19 -11.73 -33.34
CA TYR G 162 0.40 -12.92 -33.94
C TYR G 162 1.85 -12.64 -34.32
N CYS G 163 2.78 -13.35 -33.67
CA CYS G 163 4.22 -13.19 -33.91
C CYS G 163 4.69 -11.77 -33.58
N GLY G 164 4.05 -11.12 -32.62
CA GLY G 164 4.35 -9.74 -32.33
C GLY G 164 5.60 -9.57 -31.46
N VAL G 165 6.10 -8.34 -31.43
CA VAL G 165 7.26 -7.97 -30.62
C VAL G 165 6.98 -6.64 -29.96
N GLY G 166 7.33 -6.53 -28.68
CA GLY G 166 7.12 -5.31 -27.93
C GLY G 166 6.43 -5.54 -26.61
N ALA G 167 6.53 -4.58 -25.69
CA ALA G 167 5.94 -4.74 -24.37
C ALA G 167 4.42 -4.78 -24.40
N ASP G 168 3.80 -4.25 -25.46
CA ASP G 168 2.35 -4.20 -25.57
C ASP G 168 1.80 -5.23 -26.54
N ARG G 169 2.60 -6.21 -26.96
CA ARG G 169 2.16 -7.20 -27.93
C ARG G 169 2.52 -8.63 -27.55
N ALA G 170 3.40 -8.86 -26.59
CA ALA G 170 3.79 -10.20 -26.20
C ALA G 170 3.99 -10.26 -24.69
N TYR G 171 3.37 -11.24 -24.05
CA TYR G 171 3.42 -11.39 -22.60
C TYR G 171 4.15 -12.69 -22.25
N GLY G 172 5.19 -12.59 -21.44
CA GLY G 172 5.85 -13.76 -20.88
C GLY G 172 6.90 -14.42 -21.77
N ARG G 173 7.80 -13.62 -22.34
CA ARG G 173 8.84 -14.18 -23.19
C ARG G 173 9.94 -14.86 -22.37
N ASP G 174 10.11 -14.48 -21.10
CA ASP G 174 11.14 -15.08 -20.28
C ASP G 174 10.91 -16.58 -20.12
N ILE G 175 9.67 -16.97 -19.84
CA ILE G 175 9.34 -18.38 -19.70
C ILE G 175 9.67 -19.13 -20.99
N VAL G 176 9.31 -18.55 -22.13
CA VAL G 176 9.53 -19.22 -23.41
C VAL G 176 11.02 -19.43 -23.65
N GLU G 177 11.82 -18.39 -23.42
CA GLU G 177 13.26 -18.50 -23.66
C GLU G 177 13.88 -19.55 -22.74
N ALA G 178 13.52 -19.50 -21.46
CA ALA G 178 14.07 -20.48 -20.52
C ALA G 178 13.67 -21.89 -20.92
N HIS G 179 12.41 -22.09 -21.33
CA HIS G 179 11.95 -23.41 -21.74
C HIS G 179 12.75 -23.91 -22.94
N TYR G 180 12.95 -23.06 -23.93
CA TYR G 180 13.71 -23.45 -25.12
C TYR G 180 15.11 -23.91 -24.75
N ARG G 181 15.83 -23.09 -23.97
CA ARG G 181 17.19 -23.44 -23.61
C ARG G 181 17.24 -24.71 -22.77
N ALA G 182 16.32 -24.86 -21.83
CA ALA G 182 16.31 -26.05 -20.98
C ALA G 182 16.05 -27.30 -21.78
N CYS G 183 15.11 -27.25 -22.73
CA CYS G 183 14.85 -28.42 -23.58
C CYS G 183 16.08 -28.77 -24.39
N LEU G 184 16.74 -27.76 -24.97
CA LEU G 184 17.94 -28.05 -25.75
C LEU G 184 19.00 -28.73 -24.88
N TYR G 185 19.19 -28.23 -23.66
CA TYR G 185 20.17 -28.85 -22.77
C TYR G 185 19.79 -30.28 -22.44
N ALA G 186 18.51 -30.54 -22.12
CA ALA G 186 18.10 -31.88 -21.74
C ALA G 186 18.25 -32.86 -22.89
N GLY G 187 18.05 -32.42 -24.12
CA GLY G 187 18.14 -33.28 -25.27
C GLY G 187 16.83 -33.59 -25.96
N VAL G 188 15.75 -32.88 -25.64
CA VAL G 188 14.50 -33.02 -26.38
C VAL G 188 14.67 -32.43 -27.77
N LYS G 189 13.93 -32.98 -28.74
CA LYS G 189 14.05 -32.57 -30.14
C LYS G 189 13.08 -31.43 -30.43
N ILE G 190 13.39 -30.27 -29.85
CA ILE G 190 12.57 -29.07 -30.03
C ILE G 190 12.93 -28.42 -31.36
N ALA G 191 11.92 -27.97 -32.10
CA ALA G 191 12.13 -27.44 -33.44
C ALA G 191 11.90 -25.94 -33.57
N GLY G 192 11.10 -25.32 -32.72
CA GLY G 192 10.86 -23.90 -32.82
C GLY G 192 9.73 -23.44 -31.91
N THR G 193 9.45 -22.14 -32.00
CA THR G 193 8.42 -21.50 -31.19
C THR G 193 7.88 -20.28 -31.92
N ASN G 194 6.73 -19.80 -31.45
CA ASN G 194 6.17 -18.55 -31.94
C ASN G 194 5.01 -18.12 -31.04
N ALA G 195 4.64 -16.84 -31.14
CA ALA G 195 3.50 -16.32 -30.42
C ALA G 195 2.23 -16.47 -31.25
N GLU G 196 1.10 -16.57 -30.57
CA GLU G 196 -0.16 -16.97 -31.18
C GLU G 196 -1.13 -15.79 -31.28
N VAL G 197 -2.33 -16.08 -31.78
CA VAL G 197 -3.25 -15.04 -32.23
C VAL G 197 -3.67 -14.14 -31.07
N MET G 198 -3.99 -14.74 -29.91
CA MET G 198 -4.41 -13.90 -28.80
C MET G 198 -3.28 -13.71 -27.80
N PRO G 199 -3.28 -12.61 -27.06
CA PRO G 199 -2.13 -12.32 -26.17
C PRO G 199 -2.00 -13.36 -25.07
N ALA G 200 -0.76 -13.59 -24.66
CA ALA G 200 -0.39 -14.56 -23.63
C ALA G 200 -0.60 -16.00 -24.09
N GLN G 201 -0.62 -16.24 -25.39
CA GLN G 201 -0.76 -17.58 -25.96
C GLN G 201 0.43 -17.86 -26.86
N TRP G 202 1.06 -19.02 -26.67
CA TRP G 202 2.29 -19.37 -27.37
C TRP G 202 2.18 -20.78 -27.95
N GLU G 203 3.27 -21.22 -28.59
CA GLU G 203 3.33 -22.54 -29.19
C GLU G 203 4.79 -22.96 -29.35
N PHE G 204 5.03 -24.26 -29.27
CA PHE G 204 6.32 -24.84 -29.59
C PHE G 204 6.13 -26.14 -30.35
N GLN G 205 7.14 -26.51 -31.13
CA GLN G 205 7.07 -27.66 -32.03
C GLN G 205 8.16 -28.66 -31.69
N ILE G 206 7.84 -29.95 -31.83
CA ILE G 206 8.76 -31.04 -31.53
C ILE G 206 9.16 -31.69 -32.85
N GLY G 207 10.46 -31.73 -33.12
CA GLY G 207 10.96 -32.11 -34.42
C GLY G 207 10.53 -33.49 -34.86
N PRO G 208 10.95 -33.90 -36.06
CA PRO G 208 10.59 -35.24 -36.54
C PRO G 208 11.13 -36.34 -35.65
N CYS G 209 10.22 -37.09 -35.02
CA CYS G 209 10.58 -38.18 -34.12
C CYS G 209 10.05 -39.49 -34.69
N GLU G 210 10.86 -40.54 -34.57
CA GLU G 210 10.54 -41.84 -35.17
C GLU G 210 9.89 -42.77 -34.15
N GLY G 211 8.76 -43.34 -34.52
CA GLY G 211 8.15 -44.39 -33.72
C GLY G 211 7.74 -43.92 -32.34
N ILE G 212 8.08 -44.71 -31.33
CA ILE G 212 7.61 -44.47 -29.97
C ILE G 212 8.27 -43.26 -29.33
N SER G 213 9.31 -42.70 -29.94
CA SER G 213 10.03 -41.59 -29.34
C SER G 213 9.15 -40.35 -29.21
N MET G 214 8.13 -40.22 -30.07
CA MET G 214 7.32 -39.02 -30.09
C MET G 214 6.65 -38.76 -28.75
N GLY G 215 6.00 -39.79 -28.19
CA GLY G 215 5.29 -39.61 -26.94
C GLY G 215 6.22 -39.24 -25.80
N ASP G 216 7.35 -39.94 -25.71
CA ASP G 216 8.32 -39.63 -24.65
C ASP G 216 8.78 -38.19 -24.74
N HIS G 217 9.19 -37.76 -25.94
CA HIS G 217 9.69 -36.40 -26.09
C HIS G 217 8.62 -35.38 -25.72
N LEU G 218 7.38 -35.58 -26.19
CA LEU G 218 6.33 -34.62 -25.90
C LEU G 218 6.02 -34.55 -24.41
N TRP G 219 5.91 -35.71 -23.75
CA TRP G 219 5.57 -35.72 -22.33
C TRP G 219 6.67 -35.06 -21.51
N VAL G 220 7.93 -35.34 -21.84
CA VAL G 220 9.02 -34.73 -21.10
C VAL G 220 9.05 -33.22 -21.32
N ALA G 221 8.75 -32.78 -22.54
CA ALA G 221 8.66 -31.34 -22.79
C ALA G 221 7.58 -30.70 -21.93
N ARG G 222 6.42 -31.36 -21.81
CA ARG G 222 5.35 -30.84 -20.98
C ARG G 222 5.79 -30.74 -19.52
N PHE G 223 6.49 -31.77 -19.02
CA PHE G 223 6.97 -31.73 -17.65
C PHE G 223 7.95 -30.57 -17.44
N ILE G 224 8.86 -30.37 -18.39
CA ILE G 224 9.82 -29.27 -18.27
C ILE G 224 9.10 -27.93 -18.23
N LEU G 225 8.09 -27.77 -19.09
CA LEU G 225 7.33 -26.52 -19.10
C LEU G 225 6.68 -26.28 -17.76
N HIS G 226 6.04 -27.30 -17.18
CA HIS G 226 5.38 -27.12 -15.90
C HIS G 226 6.39 -26.75 -14.82
N ARG G 227 7.56 -27.39 -14.82
CA ARG G 227 8.57 -27.09 -13.81
C ARG G 227 9.09 -25.67 -13.92
N VAL G 228 9.37 -25.20 -15.14
CA VAL G 228 9.90 -23.84 -15.29
C VAL G 228 8.82 -22.81 -14.95
N CYS G 229 7.58 -23.07 -15.33
CA CYS G 229 6.50 -22.16 -14.96
C CYS G 229 6.33 -22.12 -13.44
N GLU G 230 6.50 -23.26 -12.77
CA GLU G 230 6.46 -23.26 -11.32
C GLU G 230 7.58 -22.40 -10.74
N ASP G 231 8.78 -22.52 -11.30
CA ASP G 231 9.88 -21.67 -10.83
C ASP G 231 9.51 -20.20 -10.93
N PHE G 232 8.93 -19.79 -12.06
CA PHE G 232 8.62 -18.37 -12.24
C PHE G 232 7.40 -17.92 -11.44
N GLY G 233 6.47 -18.82 -11.15
CA GLY G 233 5.31 -18.51 -10.35
C GLY G 233 4.01 -18.31 -11.10
N VAL G 234 3.83 -18.97 -12.24
CA VAL G 234 2.60 -18.87 -13.02
C VAL G 234 2.16 -20.28 -13.41
N ILE G 235 0.98 -20.35 -14.02
CA ILE G 235 0.35 -21.62 -14.39
C ILE G 235 0.26 -21.70 -15.91
N ALA G 236 0.55 -22.88 -16.45
CA ALA G 236 0.38 -23.17 -17.87
C ALA G 236 -0.79 -24.12 -18.05
N THR G 237 -1.66 -23.81 -19.00
CA THR G 237 -2.91 -24.53 -19.19
C THR G 237 -3.04 -25.05 -20.60
N PHE G 238 -3.54 -26.28 -20.75
CA PHE G 238 -3.78 -26.90 -22.05
C PHE G 238 -5.27 -26.99 -22.37
N ASP G 239 -6.11 -26.24 -21.69
CA ASP G 239 -7.55 -26.33 -21.93
C ASP G 239 -7.87 -25.88 -23.36
N PRO G 240 -8.73 -26.62 -24.08
CA PRO G 240 -8.99 -26.25 -25.48
C PRO G 240 -9.62 -24.87 -25.66
N LYS G 241 -10.46 -24.41 -24.73
CA LYS G 241 -11.15 -23.13 -24.84
C LYS G 241 -11.01 -22.38 -23.52
N PRO G 242 -9.83 -21.82 -23.24
CA PRO G 242 -9.64 -21.17 -21.94
C PRO G 242 -10.58 -20.00 -21.68
N ILE G 243 -10.89 -19.20 -22.71
CA ILE G 243 -11.69 -18.01 -22.54
C ILE G 243 -12.87 -18.07 -23.51
N PRO G 244 -14.11 -17.97 -23.06
CA PRO G 244 -15.23 -17.99 -23.99
C PRO G 244 -15.37 -16.68 -24.74
N GLY G 245 -16.00 -16.75 -25.91
CA GLY G 245 -16.26 -15.58 -26.71
C GLY G 245 -15.49 -15.56 -28.02
N ASN G 246 -15.09 -14.36 -28.45
CA ASN G 246 -14.39 -14.19 -29.73
C ASN G 246 -12.89 -14.20 -29.51
N TRP G 247 -12.39 -15.30 -28.96
CA TRP G 247 -10.97 -15.53 -28.76
C TRP G 247 -10.62 -16.93 -29.24
N ASN G 248 -9.39 -17.08 -29.72
CA ASN G 248 -8.97 -18.31 -30.37
C ASN G 248 -8.86 -19.46 -29.36
N GLY G 249 -8.99 -20.68 -29.87
CA GLY G 249 -8.79 -21.87 -29.08
C GLY G 249 -7.40 -22.46 -29.26
N ALA G 250 -7.18 -23.60 -28.61
CA ALA G 250 -5.88 -24.24 -28.58
C ALA G 250 -5.98 -25.64 -29.18
N GLY G 251 -5.03 -25.98 -30.07
CA GLY G 251 -5.01 -27.26 -30.73
C GLY G 251 -3.63 -27.89 -30.68
N CYS G 252 -3.56 -29.10 -31.24
CA CYS G 252 -2.35 -29.92 -31.25
C CYS G 252 -2.12 -30.54 -32.62
N HIS G 253 -2.13 -29.72 -33.66
CA HIS G 253 -1.95 -30.24 -35.02
C HIS G 253 -0.74 -31.17 -35.10
N THR G 254 -0.91 -32.29 -35.78
CA THR G 254 0.11 -33.32 -35.90
C THR G 254 0.45 -33.56 -37.36
N ASN G 255 1.73 -33.82 -37.62
CA ASN G 255 2.24 -34.06 -38.97
C ASN G 255 2.70 -35.50 -39.07
N PHE G 256 2.48 -36.13 -40.23
CA PHE G 256 2.75 -37.54 -40.42
C PHE G 256 3.30 -37.80 -41.81
N SER G 257 4.26 -38.72 -41.90
CA SER G 257 4.81 -39.13 -43.18
C SER G 257 5.51 -40.48 -43.02
N THR G 258 5.76 -41.12 -44.15
CA THR G 258 6.49 -42.38 -44.21
C THR G 258 7.54 -42.31 -45.31
N LYS G 259 8.44 -43.29 -45.34
CA LYS G 259 9.50 -43.28 -46.32
C LYS G 259 8.95 -43.34 -47.74
N ALA G 260 7.87 -44.11 -47.94
CA ALA G 260 7.30 -44.24 -49.27
C ALA G 260 6.86 -42.88 -49.82
N MET G 261 6.17 -42.08 -48.99
CA MET G 261 5.73 -40.77 -49.42
C MET G 261 6.78 -39.70 -49.23
N ARG G 262 7.94 -40.04 -48.67
CA ARG G 262 9.04 -39.09 -48.54
C ARG G 262 10.01 -39.16 -49.71
N GLU G 263 10.25 -40.36 -50.24
CA GLU G 263 11.34 -40.54 -51.20
C GLU G 263 11.08 -39.81 -52.51
N GLU G 264 10.00 -40.13 -53.21
CA GLU G 264 9.76 -39.54 -54.52
C GLU G 264 8.31 -39.77 -54.95
N ASN G 265 7.69 -38.72 -55.48
CA ASN G 265 6.33 -38.81 -56.01
C ASN G 265 5.38 -39.42 -54.99
N GLY G 266 5.50 -38.98 -53.74
CA GLY G 266 4.68 -39.49 -52.66
C GLY G 266 3.29 -38.88 -52.58
N LEU G 267 2.99 -37.91 -53.44
CA LEU G 267 1.69 -37.26 -53.37
C LEU G 267 0.56 -38.26 -53.56
N LYS G 268 0.76 -39.26 -54.42
CA LYS G 268 -0.26 -40.29 -54.60
C LYS G 268 -0.52 -41.05 -53.31
N TYR G 269 0.55 -41.43 -52.60
CA TYR G 269 0.37 -42.10 -51.32
C TYR G 269 -0.32 -41.19 -50.31
N ILE G 270 0.02 -39.91 -50.31
CA ILE G 270 -0.62 -38.97 -49.40
C ILE G 270 -2.12 -38.91 -49.68
N GLU G 271 -2.48 -38.81 -50.96
CA GLU G 271 -3.89 -38.76 -51.33
C GLU G 271 -4.61 -40.04 -50.95
N GLU G 272 -3.97 -41.19 -51.14
CA GLU G 272 -4.56 -42.45 -50.72
C GLU G 272 -4.81 -42.48 -49.22
N ALA G 273 -3.83 -42.00 -48.44
CA ALA G 273 -3.99 -41.98 -46.99
C ALA G 273 -5.14 -41.07 -46.57
N ILE G 274 -5.25 -39.90 -47.20
CA ILE G 274 -6.34 -38.99 -46.87
C ILE G 274 -7.68 -39.62 -47.23
N GLU G 275 -7.75 -40.29 -48.38
CA GLU G 275 -8.98 -40.97 -48.76
C GLU G 275 -9.37 -42.02 -47.74
N LYS G 276 -8.39 -42.79 -47.26
CA LYS G 276 -8.67 -43.78 -46.22
C LYS G 276 -9.17 -43.09 -44.94
N LEU G 277 -8.52 -42.00 -44.55
CA LEU G 277 -8.92 -41.30 -43.33
C LEU G 277 -10.32 -40.72 -43.44
N SER G 278 -10.78 -40.45 -44.66
CA SER G 278 -12.04 -39.74 -44.84
C SER G 278 -13.24 -40.47 -44.25
N LYS G 279 -13.13 -41.77 -43.97
CA LYS G 279 -14.28 -42.58 -43.57
C LYS G 279 -14.14 -43.15 -42.15
N ARG G 280 -13.40 -42.47 -41.28
CA ARG G 280 -13.30 -42.86 -39.88
C ARG G 280 -13.33 -41.63 -38.97
N HIS G 281 -14.14 -40.65 -39.36
CA HIS G 281 -14.16 -39.38 -38.67
C HIS G 281 -14.59 -39.52 -37.22
N GLN G 282 -15.69 -40.24 -36.98
CA GLN G 282 -16.17 -40.40 -35.61
C GLN G 282 -15.19 -41.18 -34.75
N TYR G 283 -14.60 -42.24 -35.31
CA TYR G 283 -13.63 -43.02 -34.56
C TYR G 283 -12.44 -42.17 -34.16
N HIS G 284 -11.92 -41.36 -35.08
CA HIS G 284 -10.77 -40.52 -34.75
C HIS G 284 -11.15 -39.45 -33.73
N ILE G 285 -12.34 -38.87 -33.87
CA ILE G 285 -12.80 -37.86 -32.91
C ILE G 285 -12.85 -38.46 -31.52
N ARG G 286 -13.37 -39.68 -31.41
CA ARG G 286 -13.38 -40.36 -30.12
C ARG G 286 -11.96 -40.63 -29.64
N ALA G 287 -11.06 -41.00 -30.54
CA ALA G 287 -9.70 -41.32 -30.15
C ALA G 287 -9.01 -40.12 -29.51
N TYR G 288 -9.18 -38.94 -30.10
CA TYR G 288 -8.62 -37.73 -29.50
C TYR G 288 -9.44 -37.33 -28.28
N ASP G 289 -9.08 -36.20 -27.67
CA ASP G 289 -9.91 -35.64 -26.60
C ASP G 289 -10.20 -36.66 -25.50
N PRO G 290 -9.27 -36.90 -24.56
CA PRO G 290 -9.41 -38.04 -23.65
C PRO G 290 -10.78 -38.23 -23.05
N LYS G 291 -11.52 -37.15 -22.79
CA LYS G 291 -12.87 -37.27 -22.24
C LYS G 291 -13.84 -37.91 -23.22
N GLY G 292 -13.48 -38.06 -24.49
CA GLY G 292 -14.33 -38.66 -25.48
C GLY G 292 -15.00 -37.69 -26.43
N GLY G 293 -14.34 -36.59 -26.78
CA GLY G 293 -14.88 -35.61 -27.69
C GLY G 293 -15.71 -34.53 -27.05
N LEU G 294 -16.01 -34.63 -25.76
CA LEU G 294 -16.81 -33.61 -25.09
C LEU G 294 -16.03 -32.31 -24.98
N ASP G 295 -14.77 -32.38 -24.54
CA ASP G 295 -13.98 -31.17 -24.35
C ASP G 295 -13.73 -30.44 -25.66
N ASN G 296 -13.41 -31.19 -26.72
CA ASN G 296 -13.12 -30.57 -28.01
C ASN G 296 -14.35 -29.94 -28.65
N ALA G 297 -15.55 -30.27 -28.16
CA ALA G 297 -16.76 -29.68 -28.72
C ALA G 297 -16.81 -28.18 -28.52
N ARG G 298 -16.11 -27.65 -27.53
CA ARG G 298 -16.10 -26.21 -27.28
C ARG G 298 -15.16 -25.45 -28.21
N ARG G 299 -14.28 -26.14 -28.92
CA ARG G 299 -13.30 -25.50 -29.79
C ARG G 299 -13.69 -25.59 -31.26
N LEU G 300 -14.01 -26.78 -31.74
CA LEU G 300 -14.33 -26.99 -33.15
C LEU G 300 -15.74 -26.51 -33.44
N THR G 301 -15.85 -25.30 -34.00
CA THR G 301 -17.15 -24.72 -34.33
C THR G 301 -17.18 -24.06 -35.69
N GLY G 302 -16.10 -24.10 -36.47
CA GLY G 302 -16.07 -23.52 -37.79
C GLY G 302 -15.58 -22.09 -37.85
N PHE G 303 -15.43 -21.42 -36.70
CA PHE G 303 -14.95 -20.04 -36.65
C PHE G 303 -13.50 -19.99 -36.20
N HIS G 304 -12.89 -18.82 -36.39
CA HIS G 304 -11.50 -18.60 -35.99
C HIS G 304 -10.57 -19.62 -36.62
N GLU G 305 -10.78 -19.91 -37.90
CA GLU G 305 -9.96 -20.88 -38.63
C GLU G 305 -9.97 -22.24 -37.95
N THR G 306 -11.14 -22.67 -37.50
CA THR G 306 -11.31 -23.97 -36.86
C THR G 306 -12.18 -24.86 -37.73
N SER G 307 -11.84 -26.15 -37.78
CA SER G 307 -12.62 -27.10 -38.55
C SER G 307 -13.94 -27.39 -37.87
N ASN G 308 -14.97 -27.63 -38.68
CA ASN G 308 -16.27 -28.00 -38.13
C ASN G 308 -16.23 -29.40 -37.53
N ILE G 309 -17.05 -29.61 -36.51
CA ILE G 309 -16.89 -30.78 -35.65
C ILE G 309 -17.23 -32.08 -36.39
N ASN G 310 -18.29 -32.06 -37.20
CA ASN G 310 -18.93 -33.29 -37.67
C ASN G 310 -19.00 -33.35 -39.19
N ASP G 311 -17.86 -33.11 -39.85
CA ASP G 311 -17.78 -33.29 -41.29
C ASP G 311 -16.32 -33.22 -41.71
N PHE G 312 -15.93 -34.15 -42.57
CA PHE G 312 -14.55 -34.23 -43.04
C PHE G 312 -14.32 -33.29 -44.21
N SER G 313 -13.10 -32.79 -44.33
CA SER G 313 -12.72 -31.91 -45.42
C SER G 313 -11.22 -32.04 -45.67
N ALA G 314 -10.80 -31.62 -46.86
CA ALA G 314 -9.40 -31.66 -47.23
C ALA G 314 -9.13 -30.62 -48.30
N GLY G 315 -7.85 -30.27 -48.45
CA GLY G 315 -7.47 -29.29 -49.44
C GLY G 315 -5.99 -28.97 -49.33
N VAL G 316 -5.55 -28.05 -50.18
CA VAL G 316 -4.17 -27.60 -50.22
C VAL G 316 -4.15 -26.13 -49.83
N ALA G 317 -3.31 -25.78 -48.85
CA ALA G 317 -3.13 -24.43 -48.33
C ALA G 317 -4.38 -23.93 -47.62
N ASN G 318 -5.42 -24.73 -47.48
CA ASN G 318 -6.65 -24.30 -46.82
C ASN G 318 -6.53 -24.55 -45.33
N ARG G 319 -6.45 -23.46 -44.55
CA ARG G 319 -6.30 -23.57 -43.11
C ARG G 319 -7.63 -23.78 -42.39
N SER G 320 -8.76 -23.63 -43.09
CA SER G 320 -10.06 -23.86 -42.49
C SER G 320 -10.55 -25.30 -42.66
N ALA G 321 -9.84 -26.11 -43.43
CA ALA G 321 -10.24 -27.49 -43.63
C ALA G 321 -9.85 -28.34 -42.41
N SER G 322 -10.14 -29.64 -42.50
CA SER G 322 -9.79 -30.57 -41.44
C SER G 322 -8.44 -31.23 -41.67
N ILE G 323 -8.05 -31.42 -42.92
CA ILE G 323 -6.73 -31.92 -43.29
C ILE G 323 -6.12 -30.94 -44.28
N ARG G 324 -4.84 -30.62 -44.09
CA ARG G 324 -4.16 -29.63 -44.91
C ARG G 324 -2.93 -30.24 -45.56
N ILE G 325 -2.63 -29.76 -46.77
CA ILE G 325 -1.43 -30.16 -47.51
C ILE G 325 -0.62 -28.89 -47.78
N PRO G 326 0.64 -28.81 -47.36
CA PRO G 326 1.41 -27.57 -47.59
C PRO G 326 1.57 -27.28 -49.07
N ARG G 327 1.63 -25.97 -49.38
CA ARG G 327 1.76 -25.55 -50.77
C ARG G 327 3.05 -26.06 -51.39
N THR G 328 4.16 -25.97 -50.66
CA THR G 328 5.42 -26.47 -51.19
C THR G 328 5.38 -27.98 -51.39
N VAL G 329 4.71 -28.69 -50.48
CA VAL G 329 4.55 -30.13 -50.62
C VAL G 329 3.79 -30.45 -51.90
N GLY G 330 2.71 -29.70 -52.16
CA GLY G 330 1.98 -29.89 -53.40
C GLY G 330 2.83 -29.57 -54.61
N GLN G 331 3.63 -28.52 -54.53
CA GLN G 331 4.45 -28.11 -55.66
C GLN G 331 5.47 -29.19 -56.01
N GLU G 332 6.12 -29.77 -55.00
CA GLU G 332 7.21 -30.72 -55.24
C GLU G 332 6.74 -32.18 -55.22
N LYS G 333 5.46 -32.43 -54.97
CA LYS G 333 4.93 -33.79 -54.96
C LYS G 333 5.69 -34.68 -53.99
N LYS G 334 6.11 -34.10 -52.87
CA LYS G 334 6.85 -34.82 -51.84
C LYS G 334 6.56 -34.19 -50.48
N GLY G 335 6.73 -34.98 -49.43
CA GLY G 335 6.69 -34.45 -48.07
C GLY G 335 5.71 -35.14 -47.13
N TYR G 336 4.76 -34.38 -46.62
CA TYR G 336 3.92 -34.82 -45.51
C TYR G 336 2.57 -34.10 -45.60
N PHE G 337 1.68 -34.43 -44.67
CA PHE G 337 0.39 -33.76 -44.55
C PHE G 337 0.06 -33.55 -43.07
N GLU G 338 -0.79 -32.56 -42.82
CA GLU G 338 -1.09 -32.09 -41.47
C GLU G 338 -2.52 -32.41 -41.09
N ASP G 339 -2.72 -32.91 -39.87
CA ASP G 339 -4.04 -33.14 -39.31
C ASP G 339 -4.30 -32.10 -38.23
N ARG G 340 -5.44 -31.40 -38.35
CA ARG G 340 -5.72 -30.23 -37.52
C ARG G 340 -6.84 -30.47 -36.51
N ARG G 341 -7.29 -31.71 -36.34
CA ARG G 341 -8.40 -32.02 -35.45
C ARG G 341 -8.02 -32.15 -33.98
N PRO G 342 -6.90 -32.79 -33.65
CA PRO G 342 -6.62 -33.11 -32.23
C PRO G 342 -6.60 -31.85 -31.36
N SER G 343 -7.07 -32.00 -30.12
CA SER G 343 -7.13 -30.89 -29.19
C SER G 343 -5.83 -30.76 -28.41
N ALA G 344 -5.73 -29.67 -27.64
CA ALA G 344 -4.48 -29.34 -26.96
C ALA G 344 -4.12 -30.36 -25.88
N ASN G 345 -5.14 -30.90 -25.18
CA ASN G 345 -4.90 -31.82 -24.08
C ASN G 345 -4.98 -33.28 -24.50
N CYS G 346 -4.60 -33.60 -25.74
CA CYS G 346 -4.69 -34.95 -26.25
C CYS G 346 -3.60 -35.83 -25.64
N ASP G 347 -3.53 -37.07 -26.10
CA ASP G 347 -2.50 -38.02 -25.68
C ASP G 347 -1.72 -38.49 -26.91
N PRO G 348 -0.42 -38.18 -27.01
CA PRO G 348 0.30 -38.53 -28.25
C PRO G 348 0.30 -40.02 -28.55
N PHE G 349 0.38 -40.88 -27.53
CA PHE G 349 0.34 -42.31 -27.78
C PHE G 349 -0.94 -42.70 -28.50
N SER G 350 -2.08 -42.26 -27.98
CA SER G 350 -3.37 -42.57 -28.60
C SER G 350 -3.44 -42.00 -30.01
N VAL G 351 -3.00 -40.76 -30.19
CA VAL G 351 -3.12 -40.11 -31.49
C VAL G 351 -2.31 -40.89 -32.54
N THR G 352 -1.05 -41.17 -32.23
CA THR G 352 -0.19 -41.87 -33.17
C THR G 352 -0.69 -43.29 -33.44
N GLU G 353 -1.16 -43.97 -32.40
CA GLU G 353 -1.69 -45.33 -32.59
C GLU G 353 -2.87 -45.32 -33.54
N ALA G 354 -3.82 -44.40 -33.33
CA ALA G 354 -4.99 -44.33 -34.21
C ALA G 354 -4.56 -44.02 -35.64
N LEU G 355 -3.64 -43.07 -35.80
CA LEU G 355 -3.18 -42.71 -37.14
C LEU G 355 -2.62 -43.93 -37.87
N ILE G 356 -1.70 -44.64 -37.21
CA ILE G 356 -1.05 -45.77 -37.87
C ILE G 356 -2.07 -46.87 -38.16
N ARG G 357 -2.96 -47.14 -37.20
CA ARG G 357 -3.95 -48.20 -37.40
C ARG G 357 -4.83 -47.90 -38.61
N THR G 358 -5.29 -46.66 -38.73
CA THR G 358 -6.20 -46.34 -39.83
C THR G 358 -5.48 -46.23 -41.16
N CYS G 359 -4.20 -45.85 -41.17
CA CYS G 359 -3.53 -45.57 -42.43
C CYS G 359 -2.75 -46.77 -42.96
N LEU G 360 -1.91 -47.40 -42.13
CA LEU G 360 -0.96 -48.39 -42.62
C LEU G 360 -1.48 -49.82 -42.52
N LEU G 361 -2.49 -50.10 -41.70
CA LEU G 361 -3.01 -51.45 -41.54
C LEU G 361 -4.44 -51.59 -42.07
N ASN G 362 -4.98 -50.56 -42.70
CA ASN G 362 -6.28 -50.64 -43.37
C ASN G 362 -7.38 -51.12 -42.44
N GLU G 363 -7.18 -50.97 -41.13
CA GLU G 363 -8.20 -51.38 -40.18
C GLU G 363 -9.46 -50.53 -40.35
N THR G 364 -10.61 -51.14 -40.12
CA THR G 364 -11.87 -50.45 -40.24
C THR G 364 -12.86 -51.03 -39.23
N GLY G 365 -13.90 -50.25 -38.94
CA GLY G 365 -14.93 -50.63 -37.99
C GLY G 365 -15.07 -49.60 -36.89
N ASP G 366 -15.54 -50.08 -35.73
CA ASP G 366 -15.75 -49.23 -34.56
C ASP G 366 -14.73 -49.45 -33.46
N GLU G 367 -14.36 -50.71 -33.20
CA GLU G 367 -13.41 -51.03 -32.14
C GLU G 367 -12.11 -51.54 -32.73
N PRO G 368 -10.98 -51.32 -32.04
CA PRO G 368 -9.71 -51.81 -32.57
C PRO G 368 -9.61 -53.33 -32.47
N PHE G 369 -8.79 -53.90 -33.34
CA PHE G 369 -8.57 -55.34 -33.39
C PHE G 369 -7.68 -55.71 -32.21
N GLN G 370 -8.26 -56.39 -31.21
CA GLN G 370 -7.59 -56.54 -29.92
C GLN G 370 -6.28 -57.30 -30.03
N TYR G 371 -6.19 -58.26 -30.95
CA TYR G 371 -5.00 -59.10 -31.01
C TYR G 371 -3.90 -58.52 -31.90
N LYS G 372 -4.26 -58.11 -33.12
CA LYS G 372 -3.27 -57.64 -34.07
C LYS G 372 -3.96 -56.80 -35.13
N ASN G 373 -3.16 -56.15 -35.96
CA ASN G 373 -3.68 -55.32 -37.05
C ASN G 373 -4.46 -54.14 -36.50
N THR H 2 3.65 -12.70 7.02
CA THR H 2 3.81 -14.05 6.41
C THR H 2 5.21 -14.57 6.71
N THR H 3 6.22 -13.90 6.15
CA THR H 3 7.61 -14.23 6.40
C THR H 3 8.22 -13.26 7.41
N SER H 4 9.32 -13.68 8.01
CA SER H 4 9.94 -12.94 9.09
C SER H 4 10.60 -11.65 8.58
N ALA H 5 10.86 -10.74 9.52
CA ALA H 5 11.50 -9.47 9.17
C ALA H 5 12.93 -9.69 8.68
N SER H 6 13.66 -10.62 9.30
CA SER H 6 15.03 -10.87 8.88
C SER H 6 15.11 -11.27 7.42
N SER H 7 14.08 -11.95 6.91
CA SER H 7 14.09 -12.39 5.52
C SER H 7 13.99 -11.23 4.53
N HIS H 8 13.66 -10.03 4.99
CA HIS H 8 13.51 -8.88 4.10
C HIS H 8 14.79 -8.06 3.96
N LEU H 9 15.89 -8.48 4.57
CA LEU H 9 17.16 -7.81 4.38
C LEU H 9 17.77 -8.19 3.03
N ASN H 10 18.79 -7.44 2.63
CA ASN H 10 19.46 -7.66 1.35
C ASN H 10 20.53 -8.73 1.50
N LYS H 11 20.39 -9.83 0.75
CA LYS H 11 21.29 -10.96 0.86
C LYS H 11 22.53 -10.85 -0.01
N GLY H 12 22.53 -9.93 -0.98
CA GLY H 12 23.75 -9.68 -1.74
C GLY H 12 24.87 -9.19 -0.86
N ILE H 13 24.55 -8.34 0.13
CA ILE H 13 25.56 -7.89 1.08
C ILE H 13 26.16 -9.06 1.83
N LYS H 14 25.30 -9.99 2.27
CA LYS H 14 25.76 -11.16 2.99
C LYS H 14 26.69 -12.00 2.12
N GLN H 15 26.31 -12.22 0.86
CA GLN H 15 27.17 -12.99 -0.03
C GLN H 15 28.52 -12.31 -0.23
N VAL H 16 28.51 -10.99 -0.41
CA VAL H 16 29.75 -10.26 -0.59
C VAL H 16 30.65 -10.45 0.62
N TYR H 17 30.09 -10.35 1.82
CA TYR H 17 30.90 -10.51 3.03
C TYR H 17 31.38 -11.95 3.20
N MET H 18 30.61 -12.90 2.69
CA MET H 18 31.03 -14.33 2.75
C MET H 18 31.99 -14.62 1.60
N SER H 19 32.24 -13.64 0.73
CA SER H 19 33.13 -13.85 -0.44
C SER H 19 34.55 -13.35 -0.13
N LEU H 20 34.97 -13.43 1.13
CA LEU H 20 36.35 -13.04 1.50
C LEU H 20 37.09 -14.29 2.01
N PRO H 21 38.40 -14.47 1.73
CA PRO H 21 39.14 -15.62 2.28
C PRO H 21 39.21 -15.58 3.79
N GLN H 22 39.31 -16.77 4.39
CA GLN H 22 39.27 -16.89 5.84
C GLN H 22 40.64 -16.64 6.46
N GLY H 23 41.63 -17.46 6.11
CA GLY H 23 42.94 -17.37 6.73
C GLY H 23 43.42 -18.71 7.23
N GLU H 24 43.97 -18.74 8.45
CA GLU H 24 44.50 -19.97 9.03
C GLU H 24 43.61 -20.58 10.10
N LYS H 25 42.74 -19.80 10.72
CA LYS H 25 41.89 -20.29 11.80
C LYS H 25 40.60 -20.88 11.24
N VAL H 26 39.99 -21.76 12.04
CA VAL H 26 38.82 -22.53 11.62
C VAL H 26 37.75 -22.42 12.69
N GLN H 27 36.50 -22.61 12.28
CA GLN H 27 35.33 -22.43 13.14
C GLN H 27 34.65 -23.77 13.38
N ALA H 28 34.12 -23.94 14.59
CA ALA H 28 33.40 -25.14 14.97
C ALA H 28 32.12 -24.75 15.70
N MET H 29 31.02 -25.42 15.36
CA MET H 29 29.71 -25.14 15.94
C MET H 29 29.26 -26.35 16.75
N TYR H 30 28.98 -26.12 18.03
CA TYR H 30 28.52 -27.19 18.92
C TYR H 30 26.99 -27.21 18.96
N ILE H 31 26.44 -28.42 18.99
CA ILE H 31 24.99 -28.61 18.99
C ILE H 31 24.63 -29.64 20.06
N TRP H 32 23.52 -29.40 20.76
CA TRP H 32 23.04 -30.33 21.78
C TRP H 32 21.54 -30.18 21.97
N ILE H 33 20.94 -31.14 22.68
CA ILE H 33 19.50 -31.21 22.91
C ILE H 33 19.19 -30.64 24.27
N ASP H 34 18.14 -29.82 24.36
CA ASP H 34 17.82 -29.07 25.56
C ASP H 34 16.95 -29.91 26.50
N GLY H 35 16.42 -29.27 27.54
CA GLY H 35 15.71 -29.97 28.60
C GLY H 35 14.29 -30.36 28.29
N THR H 36 13.70 -29.84 27.23
CA THR H 36 12.34 -30.23 26.86
C THR H 36 12.31 -31.53 26.07
N GLY H 37 13.46 -32.04 25.62
CA GLY H 37 13.50 -33.26 24.85
C GLY H 37 13.23 -33.10 23.37
N GLU H 38 12.96 -31.88 22.90
CA GLU H 38 12.66 -31.65 21.49
C GLU H 38 13.38 -30.45 20.89
N GLY H 39 13.96 -29.56 21.68
CA GLY H 39 14.62 -28.40 21.15
C GLY H 39 16.11 -28.60 20.93
N LEU H 40 16.70 -27.72 20.12
CA LEU H 40 18.13 -27.76 19.82
C LEU H 40 18.74 -26.39 20.11
N ARG H 41 20.01 -26.40 20.48
CA ARG H 41 20.75 -25.18 20.78
C ARG H 41 22.13 -25.30 20.14
N CYS H 42 22.80 -24.15 19.97
CA CYS H 42 24.10 -24.16 19.31
C CYS H 42 24.97 -23.00 19.78
N LYS H 43 26.28 -23.17 19.61
CA LYS H 43 27.29 -22.17 19.94
C LYS H 43 28.46 -22.35 18.99
N THR H 44 29.29 -21.30 18.89
CA THR H 44 30.43 -21.30 17.96
C THR H 44 31.70 -20.89 18.69
N ARG H 45 32.83 -21.48 18.27
CA ARG H 45 34.14 -21.10 18.78
C ARG H 45 35.18 -21.31 17.68
N THR H 46 36.33 -20.68 17.85
CA THR H 46 37.41 -20.78 16.89
C THR H 46 38.50 -21.71 17.38
N LEU H 47 39.15 -22.39 16.44
CA LEU H 47 40.26 -23.29 16.72
C LEU H 47 41.50 -22.85 15.95
N ASP H 48 42.67 -23.30 16.42
CA ASP H 48 43.92 -22.92 15.80
C ASP H 48 44.20 -23.69 14.52
N SER H 49 43.68 -24.91 14.39
CA SER H 49 43.98 -25.74 13.24
C SER H 49 42.81 -26.67 12.96
N GLU H 50 42.78 -27.20 11.75
CA GLU H 50 41.68 -28.06 11.32
C GLU H 50 41.77 -29.43 11.98
N PRO H 51 40.74 -29.88 12.71
CA PRO H 51 40.79 -31.23 13.27
C PRO H 51 40.70 -32.29 12.19
N LYS H 52 41.28 -33.45 12.47
CA LYS H 52 41.23 -34.59 11.56
C LYS H 52 40.23 -35.65 11.98
N CYS H 53 39.93 -35.75 13.27
CA CYS H 53 38.94 -36.70 13.76
C CYS H 53 38.25 -36.12 14.98
N VAL H 54 37.11 -36.71 15.32
CA VAL H 54 36.29 -36.19 16.41
C VAL H 54 37.02 -36.26 17.75
N GLU H 55 38.09 -37.04 17.84
CA GLU H 55 38.81 -37.21 19.10
C GLU H 55 39.73 -36.04 19.43
N GLU H 56 39.93 -35.10 18.49
CA GLU H 56 40.84 -33.99 18.70
C GLU H 56 40.15 -32.73 19.23
N LEU H 57 38.84 -32.79 19.49
CA LEU H 57 38.16 -31.58 19.89
C LEU H 57 38.10 -31.46 21.42
N PRO H 58 38.30 -30.27 21.98
CA PRO H 58 38.17 -30.12 23.44
C PRO H 58 36.73 -30.11 23.87
N GLU H 59 36.52 -30.36 25.16
CA GLU H 59 35.19 -30.26 25.74
C GLU H 59 34.86 -28.80 26.05
N TRP H 60 33.61 -28.57 26.46
CA TRP H 60 33.13 -27.22 26.70
C TRP H 60 32.04 -27.29 27.78
N ASN H 61 31.33 -26.18 27.98
CA ASN H 61 30.31 -26.10 29.01
C ASN H 61 29.36 -24.96 28.68
N PHE H 62 28.20 -24.98 29.33
CA PHE H 62 27.19 -23.94 29.14
C PHE H 62 26.42 -23.78 30.45
N ASP H 63 25.50 -22.80 30.45
CA ASP H 63 24.73 -22.45 31.63
C ASP H 63 23.39 -23.18 31.58
N GLY H 64 23.17 -24.12 32.50
CA GLY H 64 22.00 -24.97 32.46
C GLY H 64 20.71 -24.29 32.91
N SER H 65 20.82 -23.22 33.69
CA SER H 65 19.61 -22.54 34.15
C SER H 65 18.85 -21.90 33.01
N SER H 66 19.55 -21.45 31.96
CA SER H 66 18.89 -20.84 30.82
C SER H 66 18.18 -21.88 29.96
N THR H 67 18.70 -23.10 29.91
CA THR H 67 18.11 -24.17 29.11
C THR H 67 17.13 -25.02 29.89
N LEU H 68 16.86 -24.70 31.15
CA LEU H 68 15.87 -25.41 31.95
C LEU H 68 16.34 -26.83 32.27
N GLN H 69 17.59 -26.96 32.71
CA GLN H 69 18.13 -28.26 33.07
C GLN H 69 18.93 -28.23 34.37
N SER H 70 18.93 -27.13 35.11
CA SER H 70 19.75 -27.00 36.31
C SER H 70 19.27 -25.78 37.08
N GLU H 71 20.02 -25.39 38.10
CA GLU H 71 19.74 -24.22 38.91
C GLU H 71 20.95 -23.28 38.89
N GLY H 72 20.69 -22.00 39.20
CA GLY H 72 21.73 -21.00 39.13
C GLY H 72 22.90 -21.26 40.06
N SER H 73 22.68 -21.98 41.16
CA SER H 73 23.77 -22.27 42.09
C SER H 73 24.82 -23.18 41.44
N ASN H 74 24.37 -24.21 40.73
CA ASN H 74 25.26 -25.17 40.07
C ASN H 74 24.79 -25.41 38.64
N SER H 75 24.52 -24.32 37.92
CA SER H 75 23.97 -24.42 36.58
C SER H 75 24.94 -25.06 35.60
N ASP H 76 26.24 -24.91 35.83
CA ASP H 76 27.23 -25.33 34.84
C ASP H 76 27.05 -26.81 34.48
N MET H 77 27.08 -27.09 33.18
CA MET H 77 27.00 -28.43 32.63
C MET H 77 28.24 -28.70 31.78
N TYR H 78 28.27 -29.86 31.13
CA TYR H 78 29.40 -30.27 30.32
C TYR H 78 28.94 -30.65 28.91
N LEU H 79 29.82 -30.42 27.94
CA LEU H 79 29.61 -30.81 26.55
C LEU H 79 30.80 -31.63 26.09
N VAL H 80 30.53 -32.84 25.59
CA VAL H 80 31.58 -33.73 25.10
C VAL H 80 31.25 -34.12 23.66
N PRO H 81 32.12 -33.85 22.69
CA PRO H 81 31.79 -34.16 21.29
C PRO H 81 31.58 -35.64 21.06
N ALA H 82 30.70 -35.96 20.11
CA ALA H 82 30.35 -37.33 19.76
C ALA H 82 30.48 -37.64 18.28
N ALA H 83 30.17 -36.69 17.40
CA ALA H 83 30.26 -36.91 15.97
C ALA H 83 30.57 -35.59 15.27
N MET H 84 31.12 -35.68 14.06
CA MET H 84 31.59 -34.52 13.34
C MET H 84 31.19 -34.58 11.87
N PHE H 85 30.79 -33.43 11.33
CA PHE H 85 30.51 -33.26 9.91
C PHE H 85 31.11 -31.95 9.45
N ARG H 86 31.09 -31.72 8.14
CA ARG H 86 31.63 -30.49 7.57
C ARG H 86 30.52 -29.52 7.20
N ASP H 87 30.75 -28.24 7.46
CA ASP H 87 29.69 -27.25 7.49
C ASP H 87 29.30 -26.82 6.09
N PRO H 88 28.03 -26.92 5.69
CA PRO H 88 27.61 -26.42 4.38
C PRO H 88 27.27 -24.93 4.34
N PHE H 89 27.12 -24.28 5.49
CA PHE H 89 26.84 -22.85 5.51
C PHE H 89 28.10 -22.00 5.47
N ARG H 90 29.25 -22.56 5.84
CA ARG H 90 30.51 -21.84 5.83
C ARG H 90 31.57 -22.49 4.94
N LYS H 91 31.28 -23.66 4.36
CA LYS H 91 32.20 -24.33 3.46
C LYS H 91 33.46 -24.78 4.20
N ASP H 92 34.34 -25.48 3.50
CA ASP H 92 35.55 -25.99 4.12
C ASP H 92 36.48 -24.84 4.50
N PRO H 93 37.34 -25.04 5.51
CA PRO H 93 37.51 -26.24 6.34
C PRO H 93 36.74 -26.20 7.66
N ASN H 94 35.60 -25.52 7.72
CA ASN H 94 34.83 -25.41 8.94
C ASN H 94 34.02 -26.69 9.18
N LYS H 95 33.53 -26.83 10.42
CA LYS H 95 32.88 -28.07 10.83
C LYS H 95 31.78 -27.77 11.83
N LEU H 96 30.87 -28.73 11.99
CA LEU H 96 29.87 -28.71 13.05
C LEU H 96 29.90 -30.05 13.77
N VAL H 97 29.70 -30.01 15.08
CA VAL H 97 29.93 -31.15 15.96
C VAL H 97 28.72 -31.36 16.86
N LEU H 98 28.33 -32.63 17.02
CA LEU H 98 27.21 -33.01 17.87
C LEU H 98 27.74 -33.56 19.20
N CYS H 99 27.17 -33.08 20.30
CA CYS H 99 27.65 -33.39 21.64
C CYS H 99 26.51 -33.90 22.50
N GLU H 100 26.86 -34.63 23.56
CA GLU H 100 25.91 -35.06 24.57
C GLU H 100 26.29 -34.42 25.91
N VAL H 101 25.29 -34.28 26.78
CA VAL H 101 25.41 -33.43 27.96
C VAL H 101 25.48 -34.29 29.22
N PHE H 102 26.22 -33.78 30.22
CA PHE H 102 26.37 -34.43 31.51
C PHE H 102 26.13 -33.40 32.61
N LYS H 103 25.77 -33.91 33.79
CA LYS H 103 25.57 -33.03 34.94
C LYS H 103 26.91 -32.71 35.60
N TYR H 104 26.86 -31.84 36.60
CA TYR H 104 28.07 -31.41 37.28
C TYR H 104 28.71 -32.53 38.09
N ASN H 105 28.02 -33.65 38.29
CA ASN H 105 28.64 -34.85 38.87
C ASN H 105 29.38 -35.68 37.84
N ARG H 106 29.39 -35.27 36.57
CA ARG H 106 30.00 -36.06 35.49
C ARG H 106 29.17 -37.31 35.19
N ARG H 107 27.86 -37.15 35.17
CA ARG H 107 26.93 -38.23 34.87
C ARG H 107 25.89 -37.73 33.88
N PRO H 108 25.27 -38.63 33.12
CA PRO H 108 24.35 -38.20 32.07
C PRO H 108 23.14 -37.45 32.63
N ALA H 109 22.61 -36.54 31.81
CA ALA H 109 21.44 -35.77 32.18
C ALA H 109 20.17 -36.55 31.86
N GLU H 110 19.02 -35.94 32.21
CA GLU H 110 17.74 -36.64 32.08
C GLU H 110 17.42 -36.93 30.61
N THR H 111 17.68 -35.98 29.73
CA THR H 111 17.32 -36.10 28.32
C THR H 111 18.41 -36.74 27.47
N ASN H 112 19.49 -37.21 28.08
CA ASN H 112 20.57 -37.86 27.37
C ASN H 112 20.28 -39.36 27.29
N LEU H 113 19.96 -39.84 26.09
CA LEU H 113 19.68 -41.25 25.87
C LEU H 113 20.74 -41.97 25.07
N ARG H 114 21.61 -41.23 24.37
CA ARG H 114 22.69 -41.86 23.62
C ARG H 114 23.56 -42.71 24.53
N HIS H 115 23.70 -42.31 25.79
CA HIS H 115 24.59 -43.02 26.71
C HIS H 115 24.22 -44.49 26.81
N THR H 116 22.94 -44.77 27.10
CA THR H 116 22.50 -46.16 27.18
C THR H 116 22.31 -46.77 25.79
N CYS H 117 21.90 -45.96 24.81
CA CYS H 117 21.67 -46.50 23.47
C CYS H 117 22.94 -47.12 22.90
N LYS H 118 24.06 -46.41 23.01
CA LYS H 118 25.32 -46.93 22.47
C LYS H 118 25.75 -48.21 23.20
N ARG H 119 25.59 -48.21 24.52
CA ARG H 119 25.97 -49.39 25.30
C ARG H 119 25.18 -50.61 24.87
N ILE H 120 23.88 -50.42 24.61
CA ILE H 120 23.07 -51.55 24.16
C ILE H 120 23.45 -51.95 22.74
N MET H 121 23.71 -50.97 21.87
CA MET H 121 24.04 -51.27 20.47
C MET H 121 25.29 -52.13 20.39
N ASP H 122 26.34 -51.73 21.10
CA ASP H 122 27.61 -52.46 20.99
C ASP H 122 27.51 -53.86 21.58
N MET H 123 26.46 -54.15 22.34
CA MET H 123 26.28 -55.48 22.93
C MET H 123 25.67 -56.47 21.93
N VAL H 124 25.12 -55.99 20.82
CA VAL H 124 24.58 -56.84 19.77
C VAL H 124 25.20 -56.53 18.41
N SER H 125 26.19 -55.64 18.37
CA SER H 125 26.87 -55.27 17.14
C SER H 125 27.08 -56.44 16.18
N ASN H 126 27.39 -57.63 16.71
CA ASN H 126 27.71 -58.76 15.86
C ASN H 126 26.59 -59.05 14.86
N GLN H 127 25.34 -58.74 15.23
CA GLN H 127 24.21 -59.04 14.36
C GLN H 127 24.03 -58.03 13.23
N HIS H 128 24.71 -56.88 13.29
CA HIS H 128 24.66 -55.88 12.22
C HIS H 128 23.23 -55.41 11.97
N PRO H 129 22.62 -54.69 12.92
CA PRO H 129 21.29 -54.12 12.66
C PRO H 129 21.37 -52.84 11.82
N TRP H 130 20.37 -52.66 10.97
CA TRP H 130 20.26 -51.49 10.11
C TRP H 130 18.92 -50.81 10.34
N PHE H 131 18.92 -49.48 10.27
CA PHE H 131 17.71 -48.69 10.48
C PHE H 131 17.54 -47.66 9.38
N GLY H 132 16.29 -47.35 9.06
CA GLY H 132 15.95 -46.30 8.13
C GLY H 132 14.67 -45.61 8.56
N MET H 133 14.61 -44.28 8.43
CA MET H 133 13.47 -43.53 8.95
C MET H 133 13.04 -42.47 7.94
N GLU H 134 11.72 -42.30 7.80
CA GLU H 134 11.13 -41.31 6.93
C GLU H 134 10.53 -40.21 7.79
N GLN H 135 11.05 -38.99 7.65
CA GLN H 135 10.62 -37.86 8.47
C GLN H 135 9.82 -36.90 7.61
N GLU H 136 8.67 -36.45 8.13
CA GLU H 136 7.83 -35.50 7.42
C GLU H 136 7.50 -34.32 8.32
N TYR H 137 7.19 -33.20 7.68
CA TYR H 137 7.08 -31.92 8.38
C TYR H 137 6.12 -31.02 7.62
N THR H 138 5.80 -29.88 8.23
CA THR H 138 4.91 -28.89 7.65
C THR H 138 5.57 -27.53 7.67
N LEU H 139 5.54 -26.83 6.54
CA LEU H 139 6.07 -25.49 6.43
C LEU H 139 5.01 -24.48 6.82
N MET H 140 5.34 -23.60 7.77
CA MET H 140 4.38 -22.66 8.33
C MET H 140 4.90 -21.23 8.20
N GLY H 141 3.99 -20.30 7.94
CA GLY H 141 4.33 -18.90 7.93
C GLY H 141 4.51 -18.36 9.34
N THR H 142 4.98 -17.12 9.41
CA THR H 142 5.26 -16.49 10.70
C THR H 142 3.99 -16.10 11.46
N ASP H 143 2.83 -16.19 10.83
CA ASP H 143 1.57 -15.80 11.46
C ASP H 143 0.76 -16.98 11.99
N GLY H 144 1.30 -18.20 11.91
CA GLY H 144 0.62 -19.37 12.43
C GLY H 144 -0.19 -20.16 11.45
N HIS H 145 -0.11 -19.85 10.15
CA HIS H 145 -0.82 -20.61 9.14
C HIS H 145 0.17 -21.33 8.22
N PRO H 146 -0.23 -22.42 7.58
CA PRO H 146 0.68 -23.12 6.66
C PRO H 146 1.12 -22.20 5.54
N PHE H 147 2.39 -22.33 5.15
CA PHE H 147 2.96 -21.44 4.14
C PHE H 147 2.23 -21.58 2.82
N GLY H 148 1.87 -20.45 2.23
CA GLY H 148 1.24 -20.42 0.93
C GLY H 148 -0.25 -20.66 0.92
N TRP H 149 -0.86 -20.97 2.06
CA TRP H 149 -2.29 -21.18 2.11
C TRP H 149 -3.02 -19.84 1.98
N PRO H 150 -4.23 -19.83 1.44
CA PRO H 150 -4.99 -18.57 1.37
C PRO H 150 -5.18 -17.98 2.74
N SER H 151 -5.07 -16.66 2.82
CA SER H 151 -5.22 -15.98 4.10
C SER H 151 -6.57 -16.31 4.71
N ASN H 152 -6.54 -16.96 5.88
CA ASN H 152 -7.72 -17.37 6.63
C ASN H 152 -8.59 -18.37 5.88
N GLY H 153 -8.11 -18.93 4.77
CA GLY H 153 -8.89 -19.86 3.99
C GLY H 153 -8.22 -21.20 3.78
N PHE H 154 -8.75 -22.00 2.87
CA PHE H 154 -8.23 -23.33 2.56
C PHE H 154 -8.07 -23.49 1.06
N PRO H 155 -7.15 -24.34 0.62
CA PRO H 155 -7.12 -24.74 -0.78
C PRO H 155 -8.14 -25.83 -1.04
N GLY H 156 -8.23 -26.26 -2.30
CA GLY H 156 -9.18 -27.27 -2.69
C GLY H 156 -9.04 -28.55 -1.88
N PRO H 157 -9.98 -29.48 -2.05
CA PRO H 157 -9.90 -30.76 -1.34
C PRO H 157 -8.75 -31.60 -1.84
N GLN H 158 -8.33 -32.54 -0.98
CA GLN H 158 -7.16 -33.35 -1.26
C GLN H 158 -7.37 -34.22 -2.51
N GLY H 159 -6.27 -34.77 -3.01
CA GLY H 159 -6.29 -35.68 -4.12
C GLY H 159 -5.30 -35.35 -5.22
N PRO H 160 -5.10 -34.07 -5.51
CA PRO H 160 -4.10 -33.68 -6.52
C PRO H 160 -2.75 -33.23 -5.99
N TYR H 161 -2.53 -33.20 -4.67
CA TYR H 161 -1.31 -32.64 -4.11
C TYR H 161 -0.22 -33.66 -3.83
N TYR H 162 -0.55 -34.95 -3.83
CA TYR H 162 0.45 -35.99 -3.56
C TYR H 162 1.38 -36.11 -4.75
N CYS H 163 2.63 -35.65 -4.59
CA CYS H 163 3.64 -35.67 -5.65
C CYS H 163 3.28 -34.74 -6.80
N GLY H 164 2.70 -33.59 -6.48
CA GLY H 164 2.30 -32.64 -7.51
C GLY H 164 3.50 -31.90 -8.10
N VAL H 165 3.31 -31.38 -9.31
CA VAL H 165 4.39 -30.78 -10.08
C VAL H 165 4.05 -29.41 -10.66
N GLY H 166 3.10 -28.70 -10.04
CA GLY H 166 2.68 -27.42 -10.56
C GLY H 166 2.81 -26.31 -9.54
N ALA H 167 2.59 -25.08 -10.00
CA ALA H 167 2.59 -23.92 -9.11
C ALA H 167 1.35 -23.87 -8.23
N ASP H 168 0.28 -24.55 -8.64
CA ASP H 168 -0.92 -24.66 -7.82
C ASP H 168 -1.01 -26.01 -7.11
N ARG H 169 0.07 -26.78 -7.10
CA ARG H 169 0.08 -28.10 -6.48
C ARG H 169 1.19 -28.31 -5.46
N ALA H 170 2.28 -27.56 -5.53
CA ALA H 170 3.39 -27.71 -4.59
C ALA H 170 3.81 -26.33 -4.09
N TYR H 171 3.99 -26.22 -2.77
CA TYR H 171 4.38 -24.97 -2.13
C TYR H 171 5.74 -25.13 -1.47
N GLY H 172 6.71 -24.34 -1.93
CA GLY H 172 8.00 -24.24 -1.26
C GLY H 172 9.01 -25.32 -1.63
N ARG H 173 9.28 -25.49 -2.93
CA ARG H 173 10.28 -26.47 -3.35
C ARG H 173 11.71 -25.95 -3.26
N ASP H 174 11.90 -24.64 -3.18
CA ASP H 174 13.24 -24.09 -3.04
C ASP H 174 13.91 -24.59 -1.77
N ILE H 175 13.17 -24.56 -0.66
CA ILE H 175 13.69 -25.06 0.60
C ILE H 175 14.08 -26.52 0.48
N VAL H 176 13.23 -27.32 -0.18
CA VAL H 176 13.48 -28.74 -0.30
C VAL H 176 14.77 -28.99 -1.08
N GLU H 177 14.93 -28.30 -2.21
CA GLU H 177 16.13 -28.50 -3.03
C GLU H 177 17.39 -28.08 -2.28
N ALA H 178 17.33 -26.92 -1.62
CA ALA H 178 18.49 -26.45 -0.88
C ALA H 178 18.86 -27.41 0.24
N HIS H 179 17.85 -27.93 0.97
CA HIS H 179 18.12 -28.87 2.05
C HIS H 179 18.75 -30.14 1.51
N TYR H 180 18.25 -30.66 0.39
CA TYR H 180 18.82 -31.86 -0.22
C TYR H 180 20.30 -31.64 -0.51
N ARG H 181 20.62 -30.56 -1.22
CA ARG H 181 22.01 -30.31 -1.60
C ARG H 181 22.89 -30.10 -0.37
N ALA H 182 22.38 -29.38 0.63
CA ALA H 182 23.17 -29.14 1.84
C ALA H 182 23.49 -30.43 2.58
N CYS H 183 22.50 -31.32 2.70
CA CYS H 183 22.76 -32.60 3.37
C CYS H 183 23.79 -33.41 2.59
N LEU H 184 23.67 -33.44 1.26
CA LEU H 184 24.64 -34.19 0.47
C LEU H 184 26.05 -33.64 0.66
N TYR H 185 26.19 -32.32 0.66
CA TYR H 185 27.52 -31.73 0.85
C TYR H 185 28.06 -32.03 2.25
N ALA H 186 27.21 -31.93 3.27
CA ALA H 186 27.68 -32.15 4.64
C ALA H 186 28.13 -33.58 4.84
N GLY H 187 27.41 -34.55 4.28
CA GLY H 187 27.74 -35.95 4.43
C GLY H 187 26.69 -36.77 5.15
N VAL H 188 25.49 -36.23 5.35
CA VAL H 188 24.40 -37.01 5.90
C VAL H 188 23.96 -38.04 4.87
N LYS H 189 23.44 -39.17 5.36
CA LYS H 189 23.02 -40.27 4.50
C LYS H 189 21.56 -40.07 4.06
N ILE H 190 21.36 -39.05 3.23
CA ILE H 190 20.03 -38.73 2.71
C ILE H 190 19.75 -39.62 1.50
N ALA H 191 18.49 -40.05 1.37
CA ALA H 191 18.13 -41.06 0.37
C ALA H 191 17.02 -40.65 -0.57
N GLY H 192 16.21 -39.64 -0.26
CA GLY H 192 15.16 -39.23 -1.18
C GLY H 192 14.18 -38.30 -0.52
N THR H 193 13.29 -37.74 -1.34
CA THR H 193 12.27 -36.81 -0.89
C THR H 193 11.03 -36.94 -1.77
N ASN H 194 9.90 -36.43 -1.27
CA ASN H 194 8.67 -36.38 -2.04
C ASN H 194 7.66 -35.50 -1.31
N ALA H 195 6.69 -35.01 -2.06
CA ALA H 195 5.61 -34.21 -1.50
C ALA H 195 4.51 -35.11 -0.94
N GLU H 196 3.76 -34.57 0.02
CA GLU H 196 2.82 -35.36 0.80
C GLU H 196 1.39 -35.01 0.44
N VAL H 197 0.45 -35.66 1.14
CA VAL H 197 -0.96 -35.60 0.76
C VAL H 197 -1.52 -34.19 0.90
N MET H 198 -1.18 -33.50 1.97
CA MET H 198 -1.74 -32.17 2.19
C MET H 198 -0.78 -31.11 1.66
N PRO H 199 -1.29 -30.01 1.10
CA PRO H 199 -0.39 -29.00 0.54
C PRO H 199 0.53 -28.42 1.59
N ALA H 200 1.76 -28.10 1.17
CA ALA H 200 2.80 -27.56 2.03
C ALA H 200 3.35 -28.59 3.01
N GLN H 201 3.21 -29.87 2.71
CA GLN H 201 3.73 -30.96 3.53
C GLN H 201 4.69 -31.80 2.72
N TRP H 202 5.83 -32.14 3.30
CA TRP H 202 6.90 -32.84 2.59
C TRP H 202 7.46 -33.94 3.48
N GLU H 203 8.47 -34.65 2.96
CA GLU H 203 9.09 -35.75 3.67
C GLU H 203 10.44 -36.04 3.03
N PHE H 204 11.40 -36.49 3.85
CA PHE H 204 12.68 -36.95 3.35
C PHE H 204 13.08 -38.22 4.07
N GLN H 205 13.91 -39.03 3.42
CA GLN H 205 14.33 -40.32 3.93
C GLN H 205 15.82 -40.33 4.21
N ILE H 206 16.22 -41.07 5.24
CA ILE H 206 17.62 -41.19 5.64
C ILE H 206 17.91 -42.65 5.97
N GLY H 207 19.04 -43.16 5.50
CA GLY H 207 19.46 -44.50 5.81
C GLY H 207 19.74 -45.33 4.57
N PRO H 208 20.02 -46.62 4.76
CA PRO H 208 20.17 -47.33 6.03
C PRO H 208 21.55 -47.10 6.65
N CYS H 209 21.65 -47.04 7.98
CA CYS H 209 22.93 -46.90 8.66
C CYS H 209 22.95 -47.80 9.88
N GLU H 210 24.15 -48.21 10.27
CA GLU H 210 24.33 -49.25 11.27
C GLU H 210 24.40 -48.66 12.67
N GLY H 211 23.66 -49.28 13.60
CA GLY H 211 23.85 -48.99 15.00
C GLY H 211 23.57 -47.56 15.37
N ILE H 212 24.52 -46.94 16.07
CA ILE H 212 24.31 -45.65 16.71
C ILE H 212 24.35 -44.47 15.74
N SER H 213 24.58 -44.73 14.45
CA SER H 213 24.68 -43.62 13.50
C SER H 213 23.30 -43.03 13.18
N MET H 214 22.23 -43.79 13.39
CA MET H 214 20.90 -43.33 13.01
C MET H 214 20.54 -42.04 13.73
N GLY H 215 20.67 -42.03 15.06
CA GLY H 215 20.29 -40.84 15.81
C GLY H 215 21.12 -39.64 15.42
N ASP H 216 22.43 -39.83 15.28
CA ASP H 216 23.30 -38.72 14.91
C ASP H 216 22.89 -38.14 13.57
N HIS H 217 22.72 -39.00 12.56
CA HIS H 217 22.38 -38.52 11.23
C HIS H 217 21.03 -37.80 11.24
N LEU H 218 20.03 -38.36 11.90
CA LEU H 218 18.71 -37.74 11.89
C LEU H 218 18.74 -36.39 12.60
N TRP H 219 19.42 -36.31 13.74
CA TRP H 219 19.46 -35.04 14.47
C TRP H 219 20.17 -33.97 13.64
N VAL H 220 21.27 -34.33 12.98
CA VAL H 220 22.00 -33.34 12.19
C VAL H 220 21.17 -32.89 11.01
N ALA H 221 20.42 -33.81 10.38
CA ALA H 221 19.53 -33.41 9.30
C ALA H 221 18.46 -32.45 9.79
N ARG H 222 17.91 -32.69 10.98
CA ARG H 222 16.92 -31.78 11.53
C ARG H 222 17.52 -30.39 11.75
N PHE H 223 18.74 -30.33 12.30
CA PHE H 223 19.37 -29.03 12.50
C PHE H 223 19.57 -28.30 11.18
N ILE H 224 20.03 -29.02 10.15
CA ILE H 224 20.25 -28.39 8.85
C ILE H 224 18.95 -27.84 8.30
N LEU H 225 17.86 -28.61 8.42
CA LEU H 225 16.57 -28.12 7.94
C LEU H 225 16.16 -26.85 8.66
N HIS H 226 16.32 -26.82 9.99
CA HIS H 226 15.98 -25.61 10.74
C HIS H 226 16.77 -24.41 10.24
N ARG H 227 18.08 -24.59 10.04
CA ARG H 227 18.90 -23.46 9.59
C ARG H 227 18.49 -22.98 8.22
N VAL H 228 18.22 -23.89 7.29
CA VAL H 228 17.82 -23.48 5.94
C VAL H 228 16.51 -22.71 6.00
N CYS H 229 15.54 -23.23 6.75
CA CYS H 229 14.26 -22.53 6.88
C CYS H 229 14.46 -21.15 7.48
N GLU H 230 15.36 -21.03 8.46
CA GLU H 230 15.66 -19.72 9.01
C GLU H 230 16.20 -18.78 7.93
N ASP H 231 17.08 -19.30 7.07
CA ASP H 231 17.59 -18.48 5.97
C ASP H 231 16.44 -17.97 5.09
N PHE H 232 15.50 -18.85 4.75
CA PHE H 232 14.41 -18.43 3.87
C PHE H 232 13.32 -17.65 4.60
N GLY H 233 13.25 -17.73 5.92
CA GLY H 233 12.30 -16.96 6.68
C GLY H 233 10.97 -17.65 6.99
N VAL H 234 10.94 -18.99 7.03
CA VAL H 234 9.73 -19.73 7.37
C VAL H 234 10.04 -20.63 8.55
N ILE H 235 9.00 -21.31 9.04
CA ILE H 235 9.10 -22.19 10.21
C ILE H 235 8.78 -23.61 9.77
N ALA H 236 9.55 -24.56 10.28
CA ALA H 236 9.30 -25.99 10.09
C ALA H 236 8.87 -26.60 11.41
N THR H 237 7.78 -27.35 11.40
CA THR H 237 7.19 -27.91 12.61
C THR H 237 7.01 -29.41 12.46
N PHE H 238 7.30 -30.15 13.54
CA PHE H 238 7.14 -31.60 13.58
C PHE H 238 5.89 -32.01 14.35
N ASP H 239 4.95 -31.11 14.56
CA ASP H 239 3.76 -31.43 15.32
C ASP H 239 2.98 -32.55 14.62
N PRO H 240 2.48 -33.55 15.36
CA PRO H 240 1.79 -34.67 14.70
C PRO H 240 0.49 -34.28 14.02
N LYS H 241 -0.20 -33.24 14.48
CA LYS H 241 -1.48 -32.81 13.91
C LYS H 241 -1.54 -31.30 13.88
N PRO H 242 -0.96 -30.68 12.84
CA PRO H 242 -0.94 -29.20 12.82
C PRO H 242 -2.29 -28.59 12.53
N ILE H 243 -3.04 -29.12 11.56
CA ILE H 243 -4.32 -28.55 11.14
C ILE H 243 -5.42 -29.54 11.53
N PRO H 244 -6.29 -29.21 12.48
CA PRO H 244 -7.39 -30.13 12.81
C PRO H 244 -8.41 -30.21 11.68
N GLY H 245 -9.07 -31.37 11.60
CA GLY H 245 -10.13 -31.58 10.64
C GLY H 245 -9.79 -32.72 9.69
N ASN H 246 -10.24 -32.57 8.44
CA ASN H 246 -10.03 -33.59 7.40
C ASN H 246 -8.72 -33.35 6.66
N TRP H 247 -7.61 -33.37 7.41
CA TRP H 247 -6.28 -33.20 6.84
C TRP H 247 -5.34 -34.22 7.47
N ASN H 248 -4.42 -34.74 6.66
CA ASN H 248 -3.55 -35.83 7.11
C ASN H 248 -2.60 -35.35 8.21
N GLY H 249 -2.19 -36.31 9.05
CA GLY H 249 -1.23 -36.05 10.10
C GLY H 249 0.19 -36.38 9.67
N ALA H 250 1.11 -36.24 10.62
CA ALA H 250 2.54 -36.41 10.38
C ALA H 250 3.09 -37.50 11.28
N GLY H 251 3.84 -38.42 10.68
CA GLY H 251 4.47 -39.50 11.43
C GLY H 251 5.86 -39.79 10.89
N CYS H 252 6.57 -40.64 11.62
CA CYS H 252 7.97 -41.00 11.30
C CYS H 252 8.07 -42.52 11.24
N HIS H 253 7.82 -43.09 10.07
CA HIS H 253 7.90 -44.54 9.91
C HIS H 253 9.35 -45.00 10.04
N THR H 254 9.54 -46.20 10.59
CA THR H 254 10.85 -46.76 10.83
C THR H 254 10.98 -48.09 10.09
N ASN H 255 12.14 -48.31 9.47
CA ASN H 255 12.46 -49.57 8.81
C ASN H 255 13.60 -50.24 9.56
N PHE H 256 13.48 -51.55 9.76
CA PHE H 256 14.42 -52.30 10.59
C PHE H 256 14.86 -53.56 9.85
N SER H 257 16.14 -53.89 10.01
CA SER H 257 16.71 -55.08 9.36
C SER H 257 17.83 -55.62 10.23
N THR H 258 18.16 -56.90 10.00
CA THR H 258 19.22 -57.57 10.73
C THR H 258 19.91 -58.55 9.80
N LYS H 259 21.15 -58.90 10.15
CA LYS H 259 21.94 -59.77 9.28
C LYS H 259 21.29 -61.14 9.12
N ALA H 260 20.68 -61.66 10.19
CA ALA H 260 19.96 -62.92 10.12
C ALA H 260 18.96 -62.86 8.96
N MET H 261 18.01 -61.94 9.03
CA MET H 261 17.18 -61.64 7.87
C MET H 261 18.05 -60.94 6.84
N ARG H 262 17.47 -60.54 5.71
CA ARG H 262 18.25 -59.94 4.63
C ARG H 262 19.05 -61.00 3.89
N GLU H 263 19.00 -62.24 4.38
CA GLU H 263 19.60 -63.38 3.70
C GLU H 263 18.48 -64.21 3.08
N GLU H 264 18.86 -65.32 2.45
CA GLU H 264 17.87 -66.18 1.81
C GLU H 264 16.86 -66.67 2.84
N ASN H 265 15.58 -66.50 2.51
CA ASN H 265 14.49 -66.94 3.38
C ASN H 265 14.56 -66.27 4.76
N GLY H 266 14.75 -64.95 4.75
CA GLY H 266 14.68 -64.19 5.99
C GLY H 266 13.28 -63.90 6.47
N LEU H 267 12.27 -64.22 5.66
CA LEU H 267 10.89 -63.99 6.05
C LEU H 267 10.56 -64.73 7.33
N LYS H 268 11.20 -65.87 7.58
CA LYS H 268 10.99 -66.60 8.82
C LYS H 268 11.31 -65.71 10.02
N TYR H 269 12.51 -65.12 10.02
CA TYR H 269 12.91 -64.26 11.13
C TYR H 269 12.06 -63.00 11.18
N ILE H 270 11.68 -62.47 10.02
CA ILE H 270 10.83 -61.28 10.01
C ILE H 270 9.50 -61.56 10.72
N GLU H 271 8.86 -62.68 10.36
CA GLU H 271 7.59 -63.03 10.99
C GLU H 271 7.77 -63.32 12.47
N GLU H 272 8.85 -64.01 12.83
CA GLU H 272 9.09 -64.30 14.24
C GLU H 272 9.22 -63.01 15.04
N ALA H 273 9.97 -62.04 14.51
CA ALA H 273 10.15 -60.77 15.20
C ALA H 273 8.83 -60.01 15.28
N ILE H 274 8.01 -60.07 14.24
CA ILE H 274 6.72 -59.40 14.29
C ILE H 274 5.85 -60.00 15.39
N GLU H 275 5.80 -61.33 15.47
CA GLU H 275 5.02 -61.97 16.51
C GLU H 275 5.55 -61.58 17.89
N LYS H 276 6.88 -61.53 18.04
CA LYS H 276 7.46 -61.14 19.32
C LYS H 276 7.07 -59.71 19.69
N LEU H 277 7.10 -58.80 18.71
CA LEU H 277 6.71 -57.42 18.94
C LEU H 277 5.22 -57.27 19.25
N SER H 278 4.41 -58.24 18.84
CA SER H 278 2.96 -58.11 19.02
C SER H 278 2.56 -58.02 20.50
N LYS H 279 3.44 -58.39 21.43
CA LYS H 279 3.05 -58.51 22.83
C LYS H 279 3.27 -57.24 23.65
N ARG H 280 4.06 -56.28 23.16
CA ARG H 280 4.46 -55.13 23.96
C ARG H 280 3.94 -53.81 23.38
N HIS H 281 2.67 -53.82 22.99
CA HIS H 281 2.09 -52.66 22.30
C HIS H 281 2.14 -51.41 23.16
N GLN H 282 1.67 -51.51 24.41
CA GLN H 282 1.61 -50.33 25.26
C GLN H 282 3.01 -49.81 25.58
N TYR H 283 3.95 -50.71 25.83
CA TYR H 283 5.32 -50.29 26.10
C TYR H 283 5.91 -49.54 24.91
N HIS H 284 5.72 -50.07 23.70
CA HIS H 284 6.25 -49.39 22.53
C HIS H 284 5.55 -48.07 22.29
N ILE H 285 4.25 -48.01 22.54
CA ILE H 285 3.52 -46.75 22.36
C ILE H 285 4.05 -45.69 23.32
N ARG H 286 4.30 -46.07 24.57
CA ARG H 286 4.86 -45.12 25.52
C ARG H 286 6.26 -44.69 25.10
N ALA H 287 7.06 -45.61 24.58
CA ALA H 287 8.41 -45.27 24.14
C ALA H 287 8.39 -44.29 22.98
N TYR H 288 7.48 -44.49 22.02
CA TYR H 288 7.46 -43.73 20.76
C TYR H 288 7.07 -42.27 20.93
N ASP H 289 6.88 -41.71 22.11
CA ASP H 289 6.45 -40.33 22.24
C ASP H 289 7.27 -39.60 23.31
N PRO H 290 7.67 -38.36 23.06
CA PRO H 290 8.44 -37.62 24.08
C PRO H 290 7.68 -37.42 25.38
N LYS H 291 6.36 -37.29 25.33
CA LYS H 291 5.55 -37.02 26.51
C LYS H 291 4.61 -38.18 26.83
N GLY H 292 5.02 -39.40 26.52
CA GLY H 292 4.29 -40.59 26.94
C GLY H 292 3.16 -41.02 26.04
N GLY H 293 2.88 -40.28 24.97
CA GLY H 293 1.87 -40.69 24.00
C GLY H 293 0.67 -39.77 23.89
N LEU H 294 0.60 -38.68 24.65
CA LEU H 294 -0.53 -37.76 24.50
C LEU H 294 -0.56 -37.14 23.11
N ASP H 295 0.60 -36.75 22.58
CA ASP H 295 0.66 -36.12 21.27
C ASP H 295 0.18 -37.07 20.19
N ASN H 296 0.66 -38.32 20.21
CA ASN H 296 0.32 -39.27 19.16
C ASN H 296 -1.17 -39.62 19.16
N ALA H 297 -1.88 -39.34 20.26
CA ALA H 297 -3.30 -39.65 20.31
C ALA H 297 -4.08 -38.87 19.26
N ARG H 298 -3.73 -37.60 19.06
CA ARG H 298 -4.45 -36.76 18.09
C ARG H 298 -4.30 -37.28 16.67
N ARG H 299 -3.22 -37.99 16.36
CA ARG H 299 -2.98 -38.47 15.00
C ARG H 299 -3.62 -39.83 14.75
N LEU H 300 -3.25 -40.83 15.55
CA LEU H 300 -3.74 -42.20 15.36
C LEU H 300 -5.22 -42.26 15.74
N THR H 301 -6.08 -42.32 14.72
CA THR H 301 -7.52 -42.39 14.96
C THR H 301 -8.21 -43.37 14.02
N GLY H 302 -7.47 -44.10 13.19
CA GLY H 302 -8.06 -45.06 12.28
C GLY H 302 -8.40 -44.52 10.91
N PHE H 303 -8.26 -43.22 10.68
CA PHE H 303 -8.57 -42.59 9.41
C PHE H 303 -7.30 -42.09 8.74
N HIS H 304 -7.43 -41.72 7.47
CA HIS H 304 -6.33 -41.15 6.70
C HIS H 304 -5.12 -42.08 6.71
N GLU H 305 -5.37 -43.35 6.45
CA GLU H 305 -4.34 -44.38 6.37
C GLU H 305 -3.63 -44.63 7.70
N THR H 306 -4.29 -44.30 8.81
CA THR H 306 -3.73 -44.51 10.14
C THR H 306 -4.46 -45.64 10.84
N SER H 307 -3.74 -46.35 11.71
CA SER H 307 -4.30 -47.41 12.53
C SER H 307 -4.72 -46.87 13.89
N ASN H 308 -5.52 -47.67 14.60
CA ASN H 308 -6.02 -47.24 15.90
C ASN H 308 -4.89 -47.25 16.92
N ILE H 309 -5.10 -46.46 17.99
CA ILE H 309 -4.03 -46.24 18.96
C ILE H 309 -3.67 -47.54 19.66
N ASN H 310 -4.67 -48.30 20.11
CA ASN H 310 -4.47 -49.43 20.99
C ASN H 310 -4.83 -50.76 20.34
N ASP H 311 -4.95 -50.79 19.02
CA ASP H 311 -5.26 -52.02 18.29
C ASP H 311 -4.04 -52.39 17.44
N PHE H 312 -3.54 -53.61 17.64
CA PHE H 312 -2.40 -54.10 16.88
C PHE H 312 -2.88 -54.90 15.67
N SER H 313 -2.14 -54.78 14.57
CA SER H 313 -2.45 -55.52 13.36
C SER H 313 -1.22 -55.55 12.47
N ALA H 314 -1.23 -56.46 11.51
CA ALA H 314 -0.13 -56.61 10.58
C ALA H 314 -0.65 -57.17 9.26
N GLY H 315 0.13 -56.99 8.21
CA GLY H 315 -0.25 -57.49 6.90
C GLY H 315 0.76 -57.05 5.85
N VAL H 316 0.66 -57.70 4.70
CA VAL H 316 1.54 -57.43 3.58
C VAL H 316 0.89 -56.37 2.69
N ALA H 317 1.62 -55.29 2.43
CA ALA H 317 1.18 -54.22 1.55
C ALA H 317 -0.07 -53.52 2.07
N ASN H 318 -0.36 -53.66 3.36
CA ASN H 318 -1.50 -52.99 3.99
C ASN H 318 -1.00 -51.73 4.67
N ARG H 319 -1.36 -50.57 4.12
CA ARG H 319 -0.91 -49.30 4.67
C ARG H 319 -1.78 -48.79 5.81
N SER H 320 -2.89 -49.46 6.09
CA SER H 320 -3.73 -49.14 7.24
C SER H 320 -3.38 -49.97 8.47
N ALA H 321 -2.44 -50.90 8.36
CA ALA H 321 -2.07 -51.76 9.47
C ALA H 321 -1.01 -51.08 10.34
N SER H 322 -0.80 -51.65 11.53
CA SER H 322 0.22 -51.14 12.43
C SER H 322 1.63 -51.53 11.96
N ILE H 323 1.74 -52.67 11.28
CA ILE H 323 3.01 -53.14 10.73
C ILE H 323 2.78 -53.54 9.29
N ARG H 324 3.74 -53.21 8.42
CA ARG H 324 3.63 -53.48 6.99
C ARG H 324 4.89 -54.15 6.49
N ILE H 325 4.74 -55.09 5.56
CA ILE H 325 5.84 -55.75 4.88
C ILE H 325 5.75 -55.42 3.40
N PRO H 326 6.82 -54.93 2.78
CA PRO H 326 6.73 -54.60 1.35
C PRO H 326 6.39 -55.81 0.49
N ARG H 327 5.65 -55.56 -0.59
CA ARG H 327 5.25 -56.65 -1.47
C ARG H 327 6.47 -57.31 -2.10
N THR H 328 7.46 -56.53 -2.50
CA THR H 328 8.69 -57.11 -3.05
C THR H 328 9.39 -57.96 -2.00
N VAL H 329 9.41 -57.49 -0.75
CA VAL H 329 10.00 -58.27 0.33
C VAL H 329 9.28 -59.61 0.45
N GLY H 330 7.96 -59.59 0.41
CA GLY H 330 7.20 -60.84 0.47
C GLY H 330 7.51 -61.76 -0.70
N GLN H 331 7.61 -61.20 -1.91
CA GLN H 331 7.88 -62.02 -3.08
C GLN H 331 9.25 -62.67 -3.01
N GLU H 332 10.26 -61.92 -2.58
CA GLU H 332 11.62 -62.44 -2.52
C GLU H 332 11.83 -63.25 -1.25
N LYS H 333 11.03 -63.02 -0.21
CA LYS H 333 11.23 -63.61 1.12
C LYS H 333 12.51 -63.09 1.77
N LYS H 334 12.85 -61.83 1.50
CA LYS H 334 14.00 -61.20 2.13
C LYS H 334 13.74 -59.70 2.25
N GLY H 335 14.46 -59.07 3.18
CA GLY H 335 14.42 -57.62 3.30
C GLY H 335 14.16 -57.10 4.69
N TYR H 336 13.05 -56.38 4.86
CA TYR H 336 12.81 -55.62 6.07
C TYR H 336 11.30 -55.45 6.26
N PHE H 337 10.92 -54.84 7.38
CA PHE H 337 9.54 -54.49 7.66
C PHE H 337 9.48 -53.09 8.25
N GLU H 338 8.33 -52.45 8.10
CA GLU H 338 8.15 -51.05 8.48
C GLU H 338 7.18 -50.95 9.64
N ASP H 339 7.56 -50.16 10.65
CA ASP H 339 6.70 -49.85 11.79
C ASP H 339 6.14 -48.45 11.60
N ARG H 340 4.81 -48.31 11.68
CA ARG H 340 4.13 -47.08 11.34
C ARG H 340 3.57 -46.34 12.55
N ARG H 341 3.94 -46.73 13.75
CA ARG H 341 3.40 -46.13 14.97
C ARG H 341 4.07 -44.82 15.37
N PRO H 342 5.40 -44.69 15.26
CA PRO H 342 6.07 -43.51 15.83
C PRO H 342 5.55 -42.21 15.26
N SER H 343 5.48 -41.19 16.11
CA SER H 343 5.02 -39.87 15.70
C SER H 343 6.18 -39.05 15.14
N ALA H 344 5.84 -37.89 14.57
CA ALA H 344 6.82 -37.10 13.83
C ALA H 344 7.87 -36.47 14.75
N ASN H 345 7.54 -36.24 16.02
CA ASN H 345 8.47 -35.62 16.96
C ASN H 345 9.07 -36.65 17.92
N CYS H 346 9.32 -37.85 17.44
CA CYS H 346 9.86 -38.92 18.28
C CYS H 346 11.34 -38.66 18.59
N ASP H 347 11.94 -39.59 19.31
CA ASP H 347 13.38 -39.55 19.61
C ASP H 347 14.04 -40.80 19.08
N PRO H 348 14.95 -40.69 18.10
CA PRO H 348 15.52 -41.91 17.49
C PRO H 348 16.23 -42.81 18.49
N PHE H 349 16.94 -42.25 19.47
CA PHE H 349 17.65 -43.08 20.42
C PHE H 349 16.69 -43.99 21.18
N SER H 350 15.62 -43.41 21.74
CA SER H 350 14.66 -44.22 22.48
C SER H 350 13.97 -45.22 21.56
N VAL H 351 13.57 -44.79 20.37
CA VAL H 351 12.84 -45.69 19.47
C VAL H 351 13.70 -46.90 19.12
N THR H 352 14.94 -46.65 18.69
CA THR H 352 15.81 -47.74 18.28
C THR H 352 16.20 -48.63 19.45
N GLU H 353 16.44 -48.05 20.63
CA GLU H 353 16.77 -48.87 21.79
C GLU H 353 15.61 -49.80 22.14
N ALA H 354 14.38 -49.28 22.15
CA ALA H 354 13.24 -50.13 22.45
C ALA H 354 13.09 -51.23 21.41
N LEU H 355 13.25 -50.88 20.13
CA LEU H 355 13.11 -51.87 19.08
C LEU H 355 14.11 -53.01 19.24
N ILE H 356 15.39 -52.68 19.48
CA ILE H 356 16.38 -53.74 19.64
C ILE H 356 16.08 -54.55 20.90
N ARG H 357 15.72 -53.88 22.00
CA ARG H 357 15.38 -54.60 23.21
C ARG H 357 14.33 -55.66 22.95
N THR H 358 13.25 -55.29 22.27
CA THR H 358 12.17 -56.23 22.04
C THR H 358 12.47 -57.29 20.99
N CYS H 359 13.33 -56.98 20.01
CA CYS H 359 13.59 -57.93 18.92
C CYS H 359 14.83 -58.79 19.12
N LEU H 360 16.00 -58.20 19.27
CA LEU H 360 17.24 -58.97 19.38
C LEU H 360 17.46 -59.52 20.79
N LEU H 361 17.44 -58.65 21.79
CA LEU H 361 17.29 -59.11 23.15
C LEU H 361 15.87 -59.65 23.34
N ASN H 362 15.65 -60.37 24.43
CA ASN H 362 14.34 -60.88 24.79
C ASN H 362 13.94 -60.30 26.13
N GLU H 363 13.01 -59.35 26.11
CA GLU H 363 12.57 -58.67 27.31
C GLU H 363 11.06 -58.65 27.36
N THR H 364 10.52 -58.60 28.58
CA THR H 364 9.08 -58.55 28.80
C THR H 364 8.81 -57.73 30.05
N GLY H 365 7.58 -57.24 30.16
CA GLY H 365 7.16 -56.47 31.30
C GLY H 365 6.98 -54.99 30.96
N ASP H 366 6.68 -54.22 32.01
CA ASP H 366 6.38 -52.81 31.87
C ASP H 366 7.59 -51.91 32.10
N GLU H 367 8.76 -52.47 32.37
CA GLU H 367 9.95 -51.68 32.63
C GLU H 367 11.14 -52.30 31.90
N PRO H 368 12.16 -51.50 31.58
CA PRO H 368 13.32 -52.06 30.89
C PRO H 368 14.27 -52.74 31.86
N PHE H 369 14.94 -53.78 31.37
CA PHE H 369 15.95 -54.45 32.17
C PHE H 369 17.06 -53.47 32.51
N GLN H 370 17.43 -53.41 33.79
CA GLN H 370 18.26 -52.33 34.29
C GLN H 370 19.75 -52.67 34.32
N TYR H 371 20.10 -53.94 34.46
CA TYR H 371 21.50 -54.31 34.68
C TYR H 371 22.24 -54.52 33.36
N LYS H 372 22.20 -53.50 32.50
CA LYS H 372 22.99 -53.48 31.27
C LYS H 372 22.65 -54.66 30.36
N ASN H 373 21.38 -54.70 29.94
CA ASN H 373 20.92 -55.65 28.92
C ASN H 373 19.43 -55.43 28.68
N THR I 2 11.19 1.11 9.78
CA THR I 2 11.94 0.02 10.45
C THR I 2 13.43 0.13 10.12
N THR I 3 13.76 -0.01 8.84
CA THR I 3 15.12 0.13 8.36
C THR I 3 15.31 1.48 7.67
N SER I 4 16.56 1.92 7.63
CA SER I 4 16.88 3.25 7.10
C SER I 4 16.62 3.32 5.59
N ALA I 5 16.48 4.56 5.10
CA ALA I 5 16.26 4.77 3.68
C ALA I 5 17.48 4.36 2.85
N SER I 6 18.69 4.54 3.41
CA SER I 6 19.89 4.14 2.68
C SER I 6 19.87 2.66 2.33
N SER I 7 19.30 1.84 3.20
CA SER I 7 19.29 0.39 2.98
C SER I 7 18.37 -0.03 1.83
N HIS I 8 17.55 0.88 1.31
CA HIS I 8 16.62 0.56 0.24
C HIS I 8 17.18 0.88 -1.15
N LEU I 9 18.43 1.30 -1.25
CA LEU I 9 19.05 1.50 -2.55
C LEU I 9 19.48 0.17 -3.14
N ASN I 10 19.82 0.19 -4.43
CA ASN I 10 20.23 -1.01 -5.14
C ASN I 10 21.71 -1.28 -4.90
N LYS I 11 22.03 -2.45 -4.34
CA LYS I 11 23.41 -2.78 -3.98
C LYS I 11 24.20 -3.44 -5.10
N GLY I 12 23.53 -3.93 -6.14
CA GLY I 12 24.25 -4.45 -7.29
C GLY I 12 25.09 -3.40 -7.96
N ILE I 13 24.58 -2.16 -8.02
CA ILE I 13 25.35 -1.05 -8.57
C ILE I 13 26.61 -0.82 -7.75
N LYS I 14 26.47 -0.83 -6.43
CA LYS I 14 27.63 -0.69 -5.56
C LYS I 14 28.64 -1.80 -5.84
N GLN I 15 28.17 -3.03 -5.99
CA GLN I 15 29.08 -4.13 -6.24
C GLN I 15 29.83 -3.96 -7.56
N VAL I 16 29.12 -3.58 -8.63
CA VAL I 16 29.78 -3.45 -9.93
C VAL I 16 30.81 -2.33 -9.88
N TYR I 17 30.51 -1.24 -9.16
CA TYR I 17 31.49 -0.18 -9.02
C TYR I 17 32.70 -0.65 -8.20
N MET I 18 32.47 -1.43 -7.14
CA MET I 18 33.57 -1.87 -6.30
C MET I 18 34.43 -2.95 -6.96
N SER I 19 33.92 -3.60 -8.00
CA SER I 19 34.70 -4.64 -8.68
C SER I 19 35.74 -4.10 -9.65
N LEU I 20 35.92 -2.78 -9.73
CA LEU I 20 36.90 -2.21 -10.66
C LEU I 20 38.31 -2.36 -10.10
N PRO I 21 39.32 -2.59 -10.95
CA PRO I 21 40.71 -2.58 -10.48
C PRO I 21 41.08 -1.22 -9.90
N GLN I 22 41.92 -1.25 -8.87
CA GLN I 22 42.25 -0.03 -8.14
C GLN I 22 43.34 0.77 -8.85
N GLY I 23 44.52 0.18 -9.00
CA GLY I 23 45.66 0.87 -9.57
C GLY I 23 46.87 0.82 -8.67
N GLU I 24 47.49 1.97 -8.42
CA GLU I 24 48.70 2.05 -7.60
C GLU I 24 48.52 2.78 -6.28
N LYS I 25 47.41 3.49 -6.09
CA LYS I 25 47.18 4.21 -4.85
C LYS I 25 46.56 3.29 -3.80
N VAL I 26 46.62 3.72 -2.55
CA VAL I 26 46.16 2.95 -1.41
C VAL I 26 45.30 3.85 -0.52
N GLN I 27 44.21 3.31 0.00
CA GLN I 27 43.31 4.03 0.89
C GLN I 27 43.56 3.63 2.34
N ALA I 28 43.42 4.60 3.24
CA ALA I 28 43.62 4.37 4.67
C ALA I 28 42.57 5.14 5.45
N MET I 29 42.01 4.49 6.48
CA MET I 29 40.94 5.06 7.29
C MET I 29 41.47 5.27 8.71
N TYR I 30 41.28 6.48 9.24
CA TYR I 30 41.72 6.84 10.58
C TYR I 30 40.52 6.84 11.53
N ILE I 31 40.68 6.22 12.70
CA ILE I 31 39.60 6.07 13.67
C ILE I 31 40.10 6.59 15.02
N TRP I 32 39.23 7.32 15.72
CA TRP I 32 39.58 7.85 17.04
C TRP I 32 38.32 7.95 17.89
N ILE I 33 38.52 8.11 19.20
CA ILE I 33 37.45 8.09 20.19
C ILE I 33 36.91 9.49 20.41
N ASP I 34 35.59 9.59 20.59
CA ASP I 34 34.90 10.87 20.67
C ASP I 34 35.15 11.54 22.01
N GLY I 35 34.62 12.76 22.16
CA GLY I 35 34.73 13.52 23.38
C GLY I 35 33.76 13.12 24.48
N THR I 36 32.71 12.36 24.15
CA THR I 36 31.81 11.84 25.18
C THR I 36 32.33 10.58 25.83
N GLY I 37 33.43 10.02 25.33
CA GLY I 37 34.04 8.83 25.90
C GLY I 37 33.48 7.52 25.41
N GLU I 38 32.42 7.54 24.58
CA GLU I 38 31.83 6.30 24.09
C GLU I 38 31.41 6.39 22.63
N GLY I 39 31.97 7.31 21.85
CA GLY I 39 31.65 7.45 20.44
C GLY I 39 32.88 7.28 19.57
N LEU I 40 32.64 7.13 18.28
CA LEU I 40 33.70 6.92 17.31
C LEU I 40 33.50 7.83 16.11
N ARG I 41 34.61 8.21 15.48
CA ARG I 41 34.62 9.04 14.29
C ARG I 41 35.71 8.54 13.34
N CYS I 42 35.60 8.89 12.06
CA CYS I 42 36.56 8.40 11.08
C CYS I 42 36.58 9.29 9.84
N LYS I 43 37.68 9.18 9.08
CA LYS I 43 37.79 9.79 7.76
C LYS I 43 38.96 9.15 7.03
N THR I 44 39.00 9.36 5.71
CA THR I 44 39.86 8.62 4.80
C THR I 44 40.85 9.53 4.08
N ARG I 45 41.97 8.95 3.64
CA ARG I 45 42.94 9.65 2.82
C ARG I 45 43.67 8.65 1.93
N THR I 46 44.36 9.17 0.92
CA THR I 46 45.10 8.36 -0.04
C THR I 46 46.59 8.41 0.24
N LEU I 47 47.28 7.31 -0.04
CA LEU I 47 48.72 7.21 0.11
C LEU I 47 49.33 6.69 -1.19
N ASP I 48 50.61 7.01 -1.40
CA ASP I 48 51.26 6.68 -2.66
C ASP I 48 51.61 5.20 -2.74
N SER I 49 51.94 4.57 -1.61
CA SER I 49 52.36 3.18 -1.60
C SER I 49 51.86 2.50 -0.34
N GLU I 50 51.79 1.17 -0.41
CA GLU I 50 51.27 0.40 0.72
C GLU I 50 52.28 0.40 1.86
N PRO I 51 51.87 0.77 3.08
CA PRO I 51 52.78 0.66 4.22
C PRO I 51 52.81 -0.76 4.76
N LYS I 52 53.94 -1.10 5.40
CA LYS I 52 54.12 -2.42 5.98
C LYS I 52 54.40 -2.35 7.48
N CYS I 53 54.16 -1.21 8.10
CA CYS I 53 54.33 -1.07 9.54
C CYS I 53 53.58 0.17 9.99
N VAL I 54 53.16 0.17 11.26
CA VAL I 54 52.41 1.30 11.80
C VAL I 54 53.29 2.50 12.07
N GLU I 55 54.61 2.37 11.96
CA GLU I 55 55.51 3.48 12.23
C GLU I 55 55.87 4.28 10.99
N GLU I 56 55.46 3.85 9.80
CA GLU I 56 55.86 4.48 8.55
C GLU I 56 54.68 5.15 7.84
N LEU I 57 53.78 5.76 8.60
CA LEU I 57 52.69 6.54 8.02
C LEU I 57 52.52 7.82 8.83
N PRO I 58 52.00 8.88 8.21
CA PRO I 58 52.08 10.21 8.83
C PRO I 58 50.95 10.49 9.81
N GLU I 59 51.15 11.54 10.60
CA GLU I 59 50.13 12.04 11.49
C GLU I 59 49.12 12.88 10.72
N TRP I 60 48.10 13.36 11.44
CA TRP I 60 47.01 14.10 10.83
C TRP I 60 46.39 14.99 11.90
N ASN I 61 45.23 15.56 11.59
CA ASN I 61 44.55 16.47 12.50
C ASN I 61 43.07 16.53 12.13
N PHE I 62 42.28 17.11 13.04
CA PHE I 62 40.86 17.28 12.83
C PHE I 62 40.36 18.48 13.61
N ASP I 63 39.12 18.88 13.33
CA ASP I 63 38.51 20.05 13.96
C ASP I 63 37.82 19.63 15.25
N GLY I 64 38.33 20.12 16.38
CA GLY I 64 37.82 19.70 17.67
C GLY I 64 36.55 20.40 18.12
N SER I 65 36.20 21.52 17.48
CA SER I 65 35.01 22.25 17.89
C SER I 65 33.75 21.42 17.67
N SER I 66 33.69 20.69 16.55
CA SER I 66 32.51 19.92 16.21
C SER I 66 32.45 18.57 16.92
N THR I 67 33.53 18.13 17.56
CA THR I 67 33.52 16.90 18.33
C THR I 67 33.44 17.12 19.83
N LEU I 68 33.24 18.36 20.27
CA LEU I 68 33.01 18.67 21.69
C LEU I 68 34.28 18.43 22.52
N GLN I 69 35.43 18.84 21.99
CA GLN I 69 36.69 18.69 22.70
C GLN I 69 37.55 19.95 22.68
N SER I 70 37.07 21.05 22.11
CA SER I 70 37.85 22.27 22.01
C SER I 70 36.91 23.40 21.60
N GLU I 71 37.48 24.55 21.26
CA GLU I 71 36.72 25.72 20.82
C GLU I 71 37.30 26.22 19.50
N GLY I 72 36.64 27.23 18.93
CA GLY I 72 36.97 27.65 17.57
C GLY I 72 38.38 28.19 17.44
N SER I 73 38.82 29.01 18.40
CA SER I 73 40.09 29.69 18.27
C SER I 73 41.25 28.69 18.17
N ASN I 74 41.24 27.67 19.02
CA ASN I 74 42.26 26.63 19.06
C ASN I 74 41.65 25.26 18.80
N SER I 75 40.81 25.18 17.75
CA SER I 75 40.05 23.96 17.50
C SER I 75 40.94 22.79 17.14
N ASP I 76 42.01 23.03 16.39
CA ASP I 76 42.80 21.96 15.80
C ASP I 76 43.33 21.00 16.86
N MET I 77 43.26 19.71 16.57
CA MET I 77 43.80 18.67 17.43
C MET I 77 44.64 17.72 16.59
N TYR I 78 45.40 16.86 17.26
CA TYR I 78 46.33 15.95 16.60
C TYR I 78 45.80 14.53 16.60
N LEU I 79 46.29 13.73 15.65
CA LEU I 79 46.03 12.30 15.58
C LEU I 79 47.36 11.58 15.40
N VAL I 80 47.61 10.58 16.24
CA VAL I 80 48.85 9.81 16.18
C VAL I 80 48.52 8.33 16.01
N PRO I 81 48.91 7.70 14.90
CA PRO I 81 48.59 6.28 14.72
C PRO I 81 49.15 5.40 15.83
N ALA I 82 48.40 4.37 16.19
CA ALA I 82 48.77 3.44 17.25
C ALA I 82 48.79 1.98 16.81
N ALA I 83 47.84 1.56 15.99
CA ALA I 83 47.78 0.16 15.55
C ALA I 83 47.15 0.11 14.16
N MET I 84 47.44 -0.98 13.45
CA MET I 84 47.03 -1.12 12.05
C MET I 84 46.45 -2.51 11.81
N PHE I 85 45.49 -2.57 10.89
CA PHE I 85 44.81 -3.82 10.53
C PHE I 85 44.46 -3.77 9.05
N ARG I 86 44.02 -4.91 8.53
CA ARG I 86 43.58 -5.00 7.14
C ARG I 86 42.12 -4.56 7.01
N ASP I 87 41.81 -3.88 5.92
CA ASP I 87 40.47 -3.34 5.71
C ASP I 87 39.58 -4.40 5.06
N PRO I 88 38.50 -4.84 5.70
CA PRO I 88 37.65 -5.86 5.08
C PRO I 88 36.60 -5.30 4.13
N PHE I 89 36.24 -4.04 4.31
CA PHE I 89 35.25 -3.42 3.44
C PHE I 89 35.83 -3.05 2.08
N ARG I 90 37.09 -2.62 2.05
CA ARG I 90 37.84 -2.42 0.81
C ARG I 90 39.10 -3.26 0.94
N LYS I 91 39.10 -4.42 0.30
CA LYS I 91 40.11 -5.44 0.58
C LYS I 91 41.50 -4.92 0.21
N ASP I 92 42.50 -5.78 0.42
CA ASP I 92 43.91 -5.45 0.24
C ASP I 92 44.13 -4.66 -1.05
N PRO I 93 45.10 -3.75 -1.09
CA PRO I 93 46.09 -3.44 -0.04
C PRO I 93 45.63 -2.36 0.95
N ASN I 94 44.35 -2.05 1.04
CA ASN I 94 43.90 -0.97 1.89
C ASN I 94 43.95 -1.37 3.36
N LYS I 95 44.03 -0.37 4.24
CA LYS I 95 44.26 -0.57 5.66
C LYS I 95 43.33 0.32 6.47
N LEU I 96 43.25 0.04 7.78
CA LEU I 96 42.54 0.88 8.74
C LEU I 96 43.40 1.06 9.98
N VAL I 97 43.36 2.26 10.56
CA VAL I 97 44.33 2.69 11.56
C VAL I 97 43.60 3.28 12.77
N LEU I 98 44.02 2.88 13.96
CA LEU I 98 43.54 3.45 15.22
C LEU I 98 44.61 4.35 15.81
N CYS I 99 44.20 5.51 16.31
CA CYS I 99 45.16 6.55 16.72
C CYS I 99 44.73 7.18 18.04
N GLU I 100 45.68 7.87 18.66
CA GLU I 100 45.46 8.63 19.88
C GLU I 100 45.21 10.10 19.56
N VAL I 101 44.71 10.83 20.56
CA VAL I 101 44.32 12.23 20.41
C VAL I 101 45.13 13.07 21.38
N PHE I 102 45.74 14.14 20.87
CA PHE I 102 46.44 15.13 21.66
C PHE I 102 45.92 16.52 21.30
N LYS I 103 45.98 17.44 22.25
CA LYS I 103 45.53 18.81 22.00
C LYS I 103 46.71 19.69 21.58
N TYR I 104 46.39 20.94 21.27
CA TYR I 104 47.34 21.80 20.54
C TYR I 104 48.68 21.91 21.25
N ASN I 105 48.67 21.90 22.59
CA ASN I 105 49.92 21.98 23.34
C ASN I 105 50.62 20.63 23.44
N ARG I 106 50.16 19.62 22.69
CA ARG I 106 50.79 18.31 22.65
C ARG I 106 50.74 17.62 24.01
N ARG I 107 49.55 17.58 24.60
CA ARG I 107 49.29 16.84 25.81
C ARG I 107 48.09 15.94 25.61
N PRO I 108 48.03 14.81 26.30
CA PRO I 108 46.91 13.89 26.08
C PRO I 108 45.58 14.55 26.40
N ALA I 109 44.55 14.19 25.63
CA ALA I 109 43.23 14.77 25.80
C ALA I 109 42.56 14.21 27.04
N GLU I 110 41.42 14.80 27.39
CA GLU I 110 40.69 14.37 28.58
C GLU I 110 40.24 12.92 28.47
N THR I 111 39.77 12.50 27.30
CA THR I 111 39.25 11.17 27.09
C THR I 111 40.31 10.18 26.63
N ASN I 112 41.58 10.58 26.60
CA ASN I 112 42.67 9.68 26.22
C ASN I 112 43.30 9.09 27.48
N LEU I 113 43.28 7.76 27.59
CA LEU I 113 43.87 7.07 28.73
C LEU I 113 44.78 5.91 28.32
N ARG I 114 44.85 5.60 27.03
CA ARG I 114 45.82 4.62 26.56
C ARG I 114 47.23 5.03 26.92
N HIS I 115 47.48 6.33 27.05
CA HIS I 115 48.81 6.80 27.42
C HIS I 115 49.25 6.19 28.76
N THR I 116 48.48 6.47 29.82
CA THR I 116 48.81 5.94 31.14
C THR I 116 48.71 4.42 31.16
N CYS I 117 47.70 3.86 30.48
CA CYS I 117 47.57 2.40 30.47
C CYS I 117 48.83 1.74 29.93
N LYS I 118 49.34 2.25 28.80
CA LYS I 118 50.57 1.73 28.24
C LYS I 118 51.75 1.95 29.18
N ARG I 119 51.82 3.14 29.78
CA ARG I 119 52.94 3.44 30.68
C ARG I 119 53.02 2.43 31.82
N ILE I 120 51.87 2.00 32.33
CA ILE I 120 51.87 1.08 33.48
C ILE I 120 52.00 -0.38 33.04
N MET I 121 51.41 -0.75 31.90
CA MET I 121 51.67 -2.08 31.37
C MET I 121 53.16 -2.28 31.11
N ASP I 122 53.86 -1.21 30.74
CA ASP I 122 55.30 -1.33 30.50
C ASP I 122 56.02 -1.80 31.76
N MET I 123 55.68 -1.23 32.91
CA MET I 123 56.36 -1.61 34.15
C MET I 123 55.84 -2.92 34.72
N VAL I 124 54.63 -3.35 34.36
CA VAL I 124 54.11 -4.64 34.84
C VAL I 124 54.46 -5.79 33.90
N SER I 125 55.04 -5.51 32.73
CA SER I 125 55.32 -6.51 31.70
C SER I 125 55.73 -7.89 32.22
N ASN I 126 56.61 -7.95 33.22
CA ASN I 126 57.28 -9.21 33.54
C ASN I 126 56.29 -10.36 33.73
N GLN I 127 55.16 -10.12 34.40
CA GLN I 127 54.24 -11.21 34.69
C GLN I 127 53.50 -11.72 33.47
N HIS I 128 53.57 -11.00 32.34
CA HIS I 128 52.89 -11.42 31.12
C HIS I 128 51.39 -11.57 31.35
N PRO I 129 50.69 -10.51 31.73
CA PRO I 129 49.25 -10.61 31.97
C PRO I 129 48.48 -10.85 30.69
N TRP I 130 47.37 -11.58 30.81
CA TRP I 130 46.47 -11.86 29.71
C TRP I 130 45.06 -11.43 30.07
N PHE I 131 44.29 -11.03 29.07
CA PHE I 131 42.92 -10.57 29.26
C PHE I 131 42.00 -11.20 28.22
N GLY I 132 40.72 -11.29 28.59
CA GLY I 132 39.67 -11.71 27.68
C GLY I 132 38.35 -11.08 28.06
N MET I 133 37.60 -10.58 27.10
CA MET I 133 36.38 -9.83 27.37
C MET I 133 35.22 -10.36 26.53
N GLU I 134 34.02 -10.22 27.08
CA GLU I 134 32.78 -10.69 26.44
C GLU I 134 31.86 -9.49 26.28
N GLN I 135 31.59 -9.12 25.02
CA GLN I 135 30.80 -7.94 24.72
C GLN I 135 29.38 -8.34 24.35
N GLU I 136 28.40 -7.65 24.91
CA GLU I 136 26.99 -7.87 24.62
C GLU I 136 26.40 -6.62 23.99
N TYR I 137 25.38 -6.81 23.15
CA TYR I 137 24.77 -5.70 22.43
C TYR I 137 23.36 -6.10 22.00
N THR I 138 22.59 -5.10 21.61
CA THR I 138 21.21 -5.28 21.15
C THR I 138 21.03 -4.60 19.79
N LEU I 139 20.24 -5.23 18.92
CA LEU I 139 19.96 -4.72 17.59
C LEU I 139 18.64 -3.95 17.60
N MET I 140 18.64 -2.75 17.06
CA MET I 140 17.49 -1.86 17.10
C MET I 140 17.17 -1.34 15.70
N GLY I 141 15.89 -1.13 15.45
CA GLY I 141 15.44 -0.48 14.23
C GLY I 141 15.56 1.03 14.34
N THR I 142 15.22 1.69 13.23
CA THR I 142 15.30 3.14 13.18
C THR I 142 14.16 3.83 13.93
N ASP I 143 13.13 3.08 14.35
CA ASP I 143 12.00 3.66 15.07
C ASP I 143 12.16 3.63 16.57
N GLY I 144 13.22 3.02 17.09
CA GLY I 144 13.45 2.95 18.52
C GLY I 144 12.99 1.68 19.20
N HIS I 145 12.64 0.64 18.45
CA HIS I 145 12.26 -0.65 19.02
C HIS I 145 13.22 -1.73 18.55
N PRO I 146 13.43 -2.78 19.35
CA PRO I 146 14.40 -3.81 18.95
C PRO I 146 14.02 -4.45 17.63
N PHE I 147 15.05 -4.80 16.84
CA PHE I 147 14.83 -5.34 15.51
C PHE I 147 14.04 -6.64 15.58
N GLY I 148 13.02 -6.76 14.74
CA GLY I 148 12.23 -7.96 14.64
C GLY I 148 11.13 -8.09 15.65
N TRP I 149 11.08 -7.23 16.67
CA TRP I 149 10.02 -7.30 17.64
C TRP I 149 8.69 -6.88 17.01
N PRO I 150 7.56 -7.41 17.50
CA PRO I 150 6.27 -7.01 16.95
C PRO I 150 6.07 -5.50 17.06
N SER I 151 5.44 -4.92 16.04
CA SER I 151 5.21 -3.48 16.02
C SER I 151 4.38 -3.07 17.23
N ASN I 152 4.97 -2.29 18.13
CA ASN I 152 4.30 -1.85 19.35
C ASN I 152 3.82 -3.03 20.19
N GLY I 153 4.68 -4.05 20.31
CA GLY I 153 4.34 -5.23 21.08
C GLY I 153 5.54 -5.91 21.71
N PHE I 154 5.37 -7.16 22.14
CA PHE I 154 6.43 -7.94 22.75
C PHE I 154 6.36 -9.36 22.22
N PRO I 155 7.49 -10.09 22.23
CA PRO I 155 7.44 -11.52 21.92
C PRO I 155 7.15 -12.34 23.18
N GLY I 156 7.12 -13.66 23.04
CA GLY I 156 6.82 -14.53 24.16
C GLY I 156 7.79 -14.36 25.30
N PRO I 157 7.50 -15.01 26.44
CA PRO I 157 8.40 -14.91 27.60
C PRO I 157 9.73 -15.60 27.35
N GLN I 158 10.71 -15.23 28.16
CA GLN I 158 12.06 -15.75 28.00
C GLN I 158 12.10 -17.24 28.33
N GLY I 159 13.19 -17.88 27.88
CA GLY I 159 13.42 -19.28 28.16
C GLY I 159 13.81 -20.09 26.93
N PRO I 160 13.17 -19.84 25.78
CA PRO I 160 13.55 -20.54 24.55
C PRO I 160 14.51 -19.80 23.63
N TYR I 161 15.03 -18.64 24.02
CA TYR I 161 15.84 -17.82 23.12
C TYR I 161 17.34 -17.96 23.33
N TYR I 162 17.78 -18.58 24.42
CA TYR I 162 19.20 -18.69 24.72
C TYR I 162 19.83 -19.76 23.83
N CYS I 163 20.75 -19.33 22.96
CA CYS I 163 21.43 -20.21 22.01
C CYS I 163 20.44 -20.93 21.09
N GLY I 164 19.35 -20.26 20.72
CA GLY I 164 18.31 -20.90 19.94
C GLY I 164 18.58 -20.89 18.45
N VAL I 165 17.81 -21.71 17.74
CA VAL I 165 17.89 -21.82 16.29
C VAL I 165 16.48 -21.87 15.72
N GLY I 166 16.26 -21.14 14.63
CA GLY I 166 14.96 -21.10 13.99
C GLY I 166 14.49 -19.69 13.69
N ALA I 167 13.52 -19.55 12.79
CA ALA I 167 13.04 -18.23 12.41
C ALA I 167 12.27 -17.55 13.54
N ASP I 168 11.73 -18.30 14.48
CA ASP I 168 10.97 -17.75 15.59
C ASP I 168 11.77 -17.65 16.88
N ARG I 169 13.10 -17.86 16.81
CA ARG I 169 13.92 -17.85 18.01
C ARG I 169 15.21 -17.03 17.88
N ALA I 170 15.62 -16.66 16.67
CA ALA I 170 16.83 -15.87 16.48
C ALA I 170 16.56 -14.78 15.46
N TYR I 171 16.89 -13.54 15.81
CA TYR I 171 16.68 -12.39 14.96
C TYR I 171 18.02 -11.81 14.53
N GLY I 172 18.25 -11.71 13.23
CA GLY I 172 19.41 -11.02 12.69
C GLY I 172 20.72 -11.77 12.73
N ARG I 173 20.72 -13.02 12.26
CA ARG I 173 21.95 -13.80 12.23
C ARG I 173 22.88 -13.42 11.09
N ASP I 174 22.34 -12.78 10.04
CA ASP I 174 23.19 -12.35 8.93
C ASP I 174 24.25 -11.35 9.40
N ILE I 175 23.84 -10.39 10.23
CA ILE I 175 24.78 -9.42 10.77
C ILE I 175 25.90 -10.13 11.53
N VAL I 176 25.53 -11.11 12.35
CA VAL I 176 26.52 -11.79 13.18
C VAL I 176 27.53 -12.54 12.31
N GLU I 177 27.01 -13.29 11.33
CA GLU I 177 27.91 -14.05 10.46
C GLU I 177 28.85 -13.14 9.69
N ALA I 178 28.30 -12.07 9.10
CA ALA I 178 29.15 -11.14 8.36
C ALA I 178 30.18 -10.51 9.27
N HIS I 179 29.77 -10.13 10.49
CA HIS I 179 30.68 -9.45 11.41
C HIS I 179 31.86 -10.34 11.77
N TYR I 180 31.58 -11.61 12.07
CA TYR I 180 32.60 -12.61 12.47
C TYR I 180 33.57 -12.88 11.38
N ARG I 181 33.04 -13.08 10.19
CA ARG I 181 33.91 -13.30 9.04
C ARG I 181 34.78 -12.08 8.77
N ALA I 182 34.22 -10.88 8.84
CA ALA I 182 34.99 -9.67 8.60
C ALA I 182 36.09 -9.50 9.64
N CYS I 183 35.78 -9.79 10.91
CA CYS I 183 36.80 -9.71 11.95
C CYS I 183 37.94 -10.67 11.67
N LEU I 184 37.61 -11.91 11.28
CA LEU I 184 38.67 -12.86 10.97
C LEU I 184 39.54 -12.35 9.82
N TYR I 185 38.92 -11.81 8.78
CA TYR I 185 39.70 -11.28 7.66
C TYR I 185 40.60 -10.14 8.10
N ALA I 186 40.07 -9.21 8.90
CA ALA I 186 40.84 -8.05 9.32
C ALA I 186 42.01 -8.45 10.22
N GLY I 187 41.84 -9.47 11.04
CA GLY I 187 42.89 -9.92 11.93
C GLY I 187 42.66 -9.68 13.40
N VAL I 188 41.45 -9.30 13.79
CA VAL I 188 41.12 -9.22 15.21
C VAL I 188 41.09 -10.62 15.80
N LYS I 189 41.38 -10.72 17.09
CA LYS I 189 41.47 -12.02 17.77
C LYS I 189 40.11 -12.39 18.36
N ILE I 190 39.17 -12.67 17.45
CA ILE I 190 37.81 -13.06 17.85
C ILE I 190 37.81 -14.52 18.24
N ALA I 191 37.06 -14.85 19.30
CA ALA I 191 37.07 -16.18 19.88
C ALA I 191 35.76 -16.95 19.77
N GLY I 192 34.63 -16.28 19.58
CA GLY I 192 33.37 -16.97 19.44
C GLY I 192 32.19 -16.03 19.59
N THR I 193 31.00 -16.61 19.44
CA THR I 193 29.74 -15.87 19.52
C THR I 193 28.64 -16.79 20.01
N ASN I 194 27.53 -16.19 20.44
CA ASN I 194 26.34 -16.95 20.82
C ASN I 194 25.19 -15.97 21.01
N ALA I 195 23.97 -16.51 20.97
CA ALA I 195 22.77 -15.73 21.25
C ALA I 195 22.52 -15.65 22.75
N GLU I 196 21.76 -14.65 23.16
CA GLU I 196 21.59 -14.30 24.57
C GLU I 196 20.12 -14.52 24.99
N VAL I 197 19.85 -14.17 26.26
CA VAL I 197 18.59 -14.55 26.89
C VAL I 197 17.40 -13.89 26.20
N MET I 198 17.49 -12.57 25.90
CA MET I 198 16.33 -11.97 25.25
C MET I 198 16.52 -11.95 23.74
N PRO I 199 15.43 -12.07 22.98
CA PRO I 199 15.56 -12.10 21.53
C PRO I 199 16.13 -10.79 20.99
N ALA I 200 16.93 -10.91 19.93
CA ALA I 200 17.65 -9.79 19.31
C ALA I 200 18.82 -9.31 20.15
N GLN I 201 19.35 -10.17 21.03
CA GLN I 201 20.53 -9.87 21.83
C GLN I 201 21.59 -10.94 21.54
N TRP I 202 22.84 -10.50 21.32
CA TRP I 202 23.92 -11.39 20.95
C TRP I 202 25.16 -11.04 21.76
N GLU I 203 26.24 -11.80 21.54
CA GLU I 203 27.49 -11.61 22.25
C GLU I 203 28.64 -12.17 21.43
N PHE I 204 29.82 -11.56 21.57
CA PHE I 204 31.04 -12.11 21.00
C PHE I 204 32.18 -11.91 21.99
N GLN I 205 33.19 -12.77 21.89
CA GLN I 205 34.31 -12.80 22.83
C GLN I 205 35.62 -12.51 22.10
N ILE I 206 36.49 -11.75 22.76
CA ILE I 206 37.78 -11.35 22.22
C ILE I 206 38.87 -11.85 23.16
N GLY I 207 39.90 -12.49 22.59
CA GLY I 207 41.07 -12.83 23.36
C GLY I 207 41.44 -14.29 23.27
N PRO I 208 42.41 -14.73 24.09
CA PRO I 208 43.19 -13.92 25.04
C PRO I 208 44.30 -13.13 24.36
N CYS I 209 44.58 -11.91 24.82
CA CYS I 209 45.66 -11.09 24.28
C CYS I 209 46.41 -10.43 25.42
N GLU I 210 47.66 -10.09 25.15
CA GLU I 210 48.60 -9.66 26.19
C GLU I 210 48.67 -8.14 26.26
N GLY I 211 48.58 -7.61 27.47
CA GLY I 211 48.92 -6.22 27.71
C GLY I 211 48.00 -5.26 26.98
N ILE I 212 48.61 -4.28 26.29
CA ILE I 212 47.88 -3.14 25.77
C ILE I 212 47.05 -3.48 24.53
N SER I 213 47.30 -4.61 23.88
CA SER I 213 46.59 -4.92 22.64
C SER I 213 45.10 -5.17 22.87
N MET I 214 44.71 -5.49 24.11
CA MET I 214 43.31 -5.81 24.40
C MET I 214 42.39 -4.65 24.01
N GLY I 215 42.74 -3.44 24.46
CA GLY I 215 41.87 -2.30 24.23
C GLY I 215 41.67 -2.01 22.75
N ASP I 216 42.76 -2.00 21.99
CA ASP I 216 42.64 -1.68 20.57
C ASP I 216 41.91 -2.78 19.82
N HIS I 217 42.15 -4.05 20.17
CA HIS I 217 41.39 -5.12 19.54
C HIS I 217 39.90 -4.93 19.77
N LEU I 218 39.51 -4.65 21.02
CA LEU I 218 38.09 -4.48 21.31
C LEU I 218 37.50 -3.28 20.57
N TRP I 219 38.22 -2.15 20.56
CA TRP I 219 37.70 -0.95 19.91
C TRP I 219 37.52 -1.19 18.40
N VAL I 220 38.48 -1.86 17.77
CA VAL I 220 38.37 -2.13 16.35
C VAL I 220 37.20 -3.07 16.07
N ALA I 221 36.98 -4.06 16.94
CA ALA I 221 35.82 -4.92 16.77
C ALA I 221 34.53 -4.12 16.84
N ARG I 222 34.46 -3.17 17.77
CA ARG I 222 33.26 -2.32 17.87
C ARG I 222 33.05 -1.51 16.59
N PHE I 223 34.13 -0.94 16.05
CA PHE I 223 33.99 -0.16 14.81
C PHE I 223 33.50 -1.03 13.67
N ILE I 224 34.04 -2.25 13.55
CA ILE I 224 33.61 -3.15 12.50
C ILE I 224 32.13 -3.46 12.64
N LEU I 225 31.68 -3.73 13.87
CA LEU I 225 30.27 -4.04 14.08
C LEU I 225 29.39 -2.86 13.66
N HIS I 226 29.77 -1.65 14.04
CA HIS I 226 28.96 -0.48 13.67
C HIS I 226 28.90 -0.33 12.15
N ARG I 227 30.03 -0.53 11.47
CA ARG I 227 30.04 -0.40 10.01
C ARG I 227 29.15 -1.44 9.34
N VAL I 228 29.21 -2.69 9.80
CA VAL I 228 28.39 -3.73 9.18
C VAL I 228 26.91 -3.45 9.43
N CYS I 229 26.55 -3.03 10.65
CA CYS I 229 25.16 -2.69 10.93
C CYS I 229 24.70 -1.53 10.08
N GLU I 230 25.56 -0.54 9.86
CA GLU I 230 25.21 0.56 8.96
C GLU I 230 24.95 0.04 7.56
N ASP I 231 25.78 -0.88 7.08
CA ASP I 231 25.56 -1.44 5.75
C ASP I 231 24.19 -2.11 5.65
N PHE I 232 23.81 -2.87 6.69
CA PHE I 232 22.54 -3.58 6.63
C PHE I 232 21.32 -2.70 6.91
N GLY I 233 21.50 -1.58 7.61
CA GLY I 233 20.41 -0.66 7.87
C GLY I 233 19.80 -0.72 9.26
N VAL I 234 20.54 -1.18 10.26
CA VAL I 234 20.05 -1.26 11.64
C VAL I 234 21.07 -0.62 12.56
N ILE I 235 20.68 -0.46 13.83
CA ILE I 235 21.50 0.20 14.84
C ILE I 235 21.89 -0.82 15.90
N ALA I 236 23.14 -0.75 16.35
CA ALA I 236 23.64 -1.57 17.45
C ALA I 236 23.92 -0.67 18.65
N THR I 237 23.38 -1.04 19.80
CA THR I 237 23.49 -0.23 21.01
C THR I 237 24.11 -1.04 22.13
N PHE I 238 24.93 -0.39 22.96
CA PHE I 238 25.56 -0.99 24.11
C PHE I 238 24.95 -0.52 25.43
N ASP I 239 23.70 -0.07 25.40
CA ASP I 239 23.07 0.46 26.61
C ASP I 239 22.90 -0.67 27.64
N PRO I 240 23.24 -0.43 28.91
CA PRO I 240 23.11 -1.51 29.91
C PRO I 240 21.69 -2.02 30.08
N LYS I 241 20.68 -1.16 29.98
CA LYS I 241 19.29 -1.56 30.19
C LYS I 241 18.45 -0.98 29.05
N PRO I 242 18.48 -1.60 27.87
CA PRO I 242 17.72 -1.03 26.74
C PRO I 242 16.21 -1.06 26.93
N ILE I 243 15.68 -2.13 27.52
CA ILE I 243 14.24 -2.30 27.68
C ILE I 243 13.94 -2.43 29.18
N PRO I 244 13.11 -1.57 29.75
CA PRO I 244 12.76 -1.73 31.17
C PRO I 244 11.80 -2.89 31.38
N GLY I 245 11.85 -3.45 32.59
CA GLY I 245 10.94 -4.52 32.97
C GLY I 245 11.64 -5.83 33.21
N ASN I 246 10.98 -6.93 32.82
CA ASN I 246 11.50 -8.28 33.05
C ASN I 246 12.28 -8.77 31.83
N TRP I 247 13.32 -8.01 31.49
CA TRP I 247 14.21 -8.34 30.39
C TRP I 247 15.65 -8.14 30.83
N ASN I 248 16.53 -9.05 30.38
CA ASN I 248 17.91 -9.06 30.85
C ASN I 248 18.67 -7.82 30.39
N GLY I 249 19.67 -7.44 31.18
CA GLY I 249 20.56 -6.34 30.83
C GLY I 249 21.75 -6.83 30.02
N ALA I 250 22.71 -5.93 29.83
CA ALA I 250 23.91 -6.20 29.05
C ALA I 250 25.14 -5.80 29.83
N GLY I 251 26.12 -6.70 29.90
CA GLY I 251 27.35 -6.45 30.63
C GLY I 251 28.57 -6.87 29.83
N CYS I 252 29.75 -6.59 30.38
CA CYS I 252 31.03 -6.88 29.74
C CYS I 252 31.92 -7.61 30.76
N HIS I 253 31.79 -8.93 30.82
CA HIS I 253 32.58 -9.71 31.77
C HIS I 253 34.02 -9.80 31.30
N THR I 254 34.96 -9.59 32.23
CA THR I 254 36.39 -9.58 31.93
C THR I 254 37.08 -10.74 32.60
N ASN I 255 38.07 -11.31 31.93
CA ASN I 255 38.86 -12.43 32.42
C ASN I 255 40.31 -11.99 32.57
N PHE I 256 40.95 -12.42 33.66
CA PHE I 256 42.30 -11.97 34.00
C PHE I 256 43.16 -13.17 34.37
N SER I 257 44.45 -13.07 34.07
CA SER I 257 45.38 -14.16 34.33
C SER I 257 46.79 -13.62 34.38
N THR I 258 47.69 -14.41 34.97
CA THR I 258 49.11 -14.11 35.01
C THR I 258 49.89 -15.40 34.83
N LYS I 259 51.20 -15.26 34.56
CA LYS I 259 52.03 -16.44 34.34
C LYS I 259 52.08 -17.33 35.58
N ALA I 260 52.18 -16.72 36.76
CA ALA I 260 52.18 -17.51 37.99
C ALA I 260 50.87 -18.28 38.14
N MET I 261 49.75 -17.62 37.89
CA MET I 261 48.46 -18.30 37.96
C MET I 261 48.31 -19.36 36.89
N ARG I 262 49.06 -19.27 35.80
CA ARG I 262 48.91 -20.20 34.69
C ARG I 262 49.82 -21.42 34.79
N GLU I 263 51.00 -21.26 35.38
CA GLU I 263 52.00 -22.34 35.31
C GLU I 263 51.62 -23.51 36.23
N GLU I 264 51.34 -23.23 37.50
CA GLU I 264 51.04 -24.27 38.46
C GLU I 264 50.65 -23.63 39.78
N ASN I 265 49.88 -24.37 40.58
CA ASN I 265 49.36 -23.91 41.85
C ASN I 265 48.88 -22.46 41.69
N GLY I 266 47.87 -22.31 40.84
CA GLY I 266 47.33 -20.99 40.57
C GLY I 266 46.33 -20.52 41.60
N LEU I 267 45.67 -21.46 42.30
CA LEU I 267 44.66 -21.08 43.27
C LEU I 267 45.24 -20.22 44.37
N LYS I 268 46.49 -20.47 44.76
CA LYS I 268 47.10 -19.69 45.83
C LYS I 268 47.16 -18.21 45.47
N TYR I 269 47.52 -17.90 44.23
CA TYR I 269 47.56 -16.51 43.80
C TYR I 269 46.16 -15.97 43.52
N ILE I 270 45.28 -16.82 42.98
CA ILE I 270 43.92 -16.37 42.64
C ILE I 270 43.18 -15.93 43.89
N GLU I 271 43.27 -16.73 44.96
CA GLU I 271 42.54 -16.43 46.18
C GLU I 271 43.02 -15.11 46.79
N GLU I 272 44.33 -14.89 46.82
CA GLU I 272 44.84 -13.66 47.40
C GLU I 272 44.49 -12.45 46.53
N ALA I 273 44.50 -12.63 45.21
CA ALA I 273 44.06 -11.55 44.33
C ALA I 273 42.60 -11.19 44.60
N ILE I 274 41.75 -12.20 44.77
CA ILE I 274 40.35 -11.95 45.07
C ILE I 274 40.22 -11.24 46.42
N GLU I 275 40.99 -11.67 47.41
CA GLU I 275 40.95 -11.02 48.72
C GLU I 275 41.32 -9.55 48.60
N LYS I 276 42.38 -9.25 47.84
CA LYS I 276 42.78 -7.85 47.67
C LYS I 276 41.70 -7.06 46.96
N LEU I 277 41.08 -7.65 45.92
CA LEU I 277 39.99 -6.96 45.24
C LEU I 277 38.80 -6.74 46.16
N SER I 278 38.66 -7.55 47.20
CA SER I 278 37.47 -7.49 48.05
C SER I 278 37.30 -6.16 48.77
N LYS I 279 38.34 -5.33 48.84
CA LYS I 279 38.29 -4.10 49.63
C LYS I 279 38.49 -2.84 48.78
N ARG I 280 38.06 -2.87 47.52
CA ARG I 280 38.11 -1.71 46.64
C ARG I 280 36.83 -1.62 45.81
N HIS I 281 35.70 -1.98 46.42
CA HIS I 281 34.47 -2.12 45.66
C HIS I 281 34.02 -0.80 45.05
N GLN I 282 33.96 0.26 45.87
CA GLN I 282 33.49 1.54 45.36
C GLN I 282 34.43 2.09 44.30
N TYR I 283 35.74 1.96 44.52
CA TYR I 283 36.71 2.45 43.54
C TYR I 283 36.54 1.73 42.21
N HIS I 284 36.42 0.41 42.24
CA HIS I 284 36.26 -0.33 40.99
C HIS I 284 34.94 0.01 40.32
N ILE I 285 33.87 0.17 41.11
CA ILE I 285 32.57 0.54 40.53
C ILE I 285 32.68 1.89 39.83
N ARG I 286 33.38 2.84 40.44
CA ARG I 286 33.58 4.13 39.80
C ARG I 286 34.39 4.00 38.52
N ALA I 287 35.40 3.13 38.54
CA ALA I 287 36.26 2.97 37.35
C ALA I 287 35.52 2.31 36.19
N TYR I 288 34.60 1.40 36.48
CA TYR I 288 33.97 0.58 35.44
C TYR I 288 32.89 1.30 34.66
N ASP I 289 32.70 2.60 34.85
CA ASP I 289 31.61 3.31 34.17
C ASP I 289 32.12 4.60 33.56
N PRO I 290 31.60 5.00 32.40
CA PRO I 290 32.02 6.28 31.80
C PRO I 290 31.44 7.51 32.48
N LYS I 291 30.43 7.36 33.35
CA LYS I 291 29.79 8.48 34.02
C LYS I 291 29.71 8.24 35.52
N GLY I 292 30.72 7.56 36.08
CA GLY I 292 30.81 7.39 37.52
C GLY I 292 29.96 6.29 38.10
N GLY I 293 29.21 5.55 37.29
CA GLY I 293 28.42 4.42 37.75
C GLY I 293 26.93 4.63 37.72
N LEU I 294 26.44 5.77 37.24
CA LEU I 294 24.99 6.00 37.18
C LEU I 294 24.31 5.00 36.26
N ASP I 295 24.91 4.76 35.09
CA ASP I 295 24.28 3.88 34.11
C ASP I 295 24.15 2.45 34.64
N ASN I 296 25.21 1.94 35.27
CA ASN I 296 25.19 0.56 35.73
C ASN I 296 24.17 0.33 36.83
N ALA I 297 23.68 1.39 37.47
CA ALA I 297 22.69 1.25 38.53
C ALA I 297 21.40 0.62 38.03
N ARG I 298 21.08 0.76 36.76
CA ARG I 298 19.84 0.21 36.21
C ARG I 298 19.94 -1.28 35.89
N ARG I 299 21.15 -1.84 35.84
CA ARG I 299 21.33 -3.24 35.51
C ARG I 299 21.54 -4.11 36.75
N LEU I 300 22.49 -3.75 37.60
CA LEU I 300 22.81 -4.53 38.79
C LEU I 300 21.72 -4.31 39.82
N THR I 301 20.83 -5.30 39.99
CA THR I 301 19.73 -5.21 40.94
C THR I 301 19.59 -6.43 41.83
N GLY I 302 20.30 -7.52 41.56
CA GLY I 302 20.28 -8.71 42.38
C GLY I 302 19.59 -9.91 41.75
N PHE I 303 18.73 -9.69 40.78
CA PHE I 303 18.05 -10.77 40.07
C PHE I 303 18.45 -10.73 38.60
N HIS I 304 17.84 -11.62 37.81
CA HIS I 304 18.25 -11.83 36.42
C HIS I 304 19.72 -12.21 36.35
N GLU I 305 20.14 -13.09 37.27
CA GLU I 305 21.53 -13.55 37.37
C GLU I 305 22.50 -12.37 37.39
N THR I 306 22.19 -11.38 38.23
CA THR I 306 23.05 -10.23 38.45
C THR I 306 23.24 -10.02 39.95
N SER I 307 24.41 -9.50 40.31
CA SER I 307 24.73 -9.20 41.69
C SER I 307 24.30 -7.78 42.05
N ASN I 308 24.16 -7.52 43.34
CA ASN I 308 23.76 -6.20 43.81
C ASN I 308 24.92 -5.22 43.69
N ILE I 309 24.55 -3.94 43.59
CA ILE I 309 25.57 -2.89 43.41
C ILE I 309 26.45 -2.79 44.64
N ASN I 310 25.85 -2.81 45.84
CA ASN I 310 26.56 -2.50 47.07
C ASN I 310 27.14 -3.72 47.76
N ASP I 311 26.98 -4.92 47.19
CA ASP I 311 27.43 -6.15 47.82
C ASP I 311 28.54 -6.79 47.00
N PHE I 312 29.51 -7.37 47.71
CA PHE I 312 30.62 -8.09 47.10
C PHE I 312 30.53 -9.56 47.46
N SER I 313 30.80 -10.41 46.48
CA SER I 313 30.70 -11.85 46.68
C SER I 313 31.67 -12.57 45.75
N ALA I 314 31.97 -13.81 46.10
CA ALA I 314 32.82 -14.66 45.27
C ALA I 314 32.43 -16.12 45.52
N GLY I 315 32.76 -16.98 44.56
CA GLY I 315 32.43 -18.38 44.67
C GLY I 315 32.90 -19.15 43.47
N VAL I 316 32.60 -20.44 43.48
CA VAL I 316 32.95 -21.35 42.39
C VAL I 316 31.66 -21.76 41.70
N ALA I 317 31.60 -21.54 40.38
CA ALA I 317 30.46 -21.88 39.55
C ALA I 317 29.21 -21.10 39.91
N ASN I 318 29.34 -20.06 40.74
CA ASN I 318 28.19 -19.24 41.13
C ASN I 318 28.11 -18.05 40.18
N ARG I 319 27.02 -17.98 39.42
CA ARG I 319 26.83 -16.93 38.43
C ARG I 319 26.09 -15.73 38.98
N SER I 320 25.71 -15.74 40.26
CA SER I 320 25.05 -14.62 40.89
C SER I 320 25.99 -13.79 41.75
N ALA I 321 27.28 -14.13 41.79
CA ALA I 321 28.25 -13.42 42.60
C ALA I 321 28.97 -12.34 41.80
N SER I 322 29.74 -11.53 42.50
CA SER I 322 30.52 -10.48 41.83
C SER I 322 31.72 -11.05 41.10
N ILE I 323 32.26 -12.17 41.58
CA ILE I 323 33.39 -12.83 40.95
C ILE I 323 33.11 -14.32 40.91
N ARG I 324 33.49 -14.96 39.81
CA ARG I 324 33.25 -16.38 39.59
C ARG I 324 34.57 -17.07 39.25
N ILE I 325 34.69 -18.32 39.66
CA ILE I 325 35.83 -19.16 39.35
C ILE I 325 35.30 -20.39 38.61
N PRO I 326 35.76 -20.69 37.39
CA PRO I 326 35.23 -21.85 36.68
C PRO I 326 35.51 -23.15 37.44
N ARG I 327 34.57 -24.09 37.33
CA ARG I 327 34.71 -25.36 38.03
C ARG I 327 35.93 -26.12 37.55
N THR I 328 36.20 -26.11 36.24
CA THR I 328 37.39 -26.79 35.74
C THR I 328 38.67 -26.17 36.30
N VAL I 329 38.70 -24.84 36.40
CA VAL I 329 39.85 -24.17 36.99
C VAL I 329 40.02 -24.62 38.44
N GLY I 330 38.92 -24.62 39.20
CA GLY I 330 38.99 -25.06 40.58
C GLY I 330 39.47 -26.50 40.70
N GLN I 331 39.06 -27.35 39.77
CA GLN I 331 39.44 -28.75 39.83
C GLN I 331 40.92 -28.94 39.51
N GLU I 332 41.41 -28.29 38.46
CA GLU I 332 42.76 -28.50 37.98
C GLU I 332 43.80 -27.62 38.67
N LYS I 333 43.37 -26.72 39.56
CA LYS I 333 44.26 -25.93 40.41
C LYS I 333 45.00 -24.84 39.67
N LYS I 334 44.56 -24.46 38.47
CA LYS I 334 45.21 -23.38 37.73
C LYS I 334 44.24 -22.84 36.69
N GLY I 335 44.49 -21.61 36.25
CA GLY I 335 43.66 -20.99 35.23
C GLY I 335 43.46 -19.50 35.40
N TYR I 336 42.20 -19.08 35.47
CA TYR I 336 41.84 -17.67 35.46
C TYR I 336 40.55 -17.49 36.24
N PHE I 337 40.20 -16.23 36.50
CA PHE I 337 38.95 -15.89 37.17
C PHE I 337 38.25 -14.76 36.43
N GLU I 338 36.94 -14.69 36.61
CA GLU I 338 36.07 -13.81 35.83
C GLU I 338 35.46 -12.73 36.72
N ASP I 339 35.46 -11.49 36.23
CA ASP I 339 34.83 -10.37 36.90
C ASP I 339 33.60 -9.95 36.10
N ARG I 340 32.47 -9.81 36.79
CA ARG I 340 31.17 -9.64 36.13
C ARG I 340 30.53 -8.29 36.40
N ARG I 341 31.26 -7.34 36.98
CA ARG I 341 30.71 -6.04 37.32
C ARG I 341 30.65 -5.06 36.14
N PRO I 342 31.68 -4.97 35.30
CA PRO I 342 31.71 -3.91 34.29
C PRO I 342 30.50 -3.95 33.37
N SER I 343 30.05 -2.76 32.97
CA SER I 343 28.87 -2.62 32.12
C SER I 343 29.26 -2.70 30.64
N ALA I 344 28.24 -2.82 29.79
CA ALA I 344 28.46 -3.05 28.37
C ALA I 344 29.11 -1.86 27.68
N ASN I 345 28.94 -0.65 28.19
CA ASN I 345 29.51 0.55 27.58
C ASN I 345 30.75 1.03 28.31
N CYS I 346 31.54 0.12 28.86
CA CYS I 346 32.74 0.47 29.60
C CYS I 346 33.91 0.74 28.66
N ASP I 347 35.02 1.19 29.24
CA ASP I 347 36.24 1.45 28.49
C ASP I 347 37.31 0.44 28.86
N PRO I 348 37.75 -0.41 27.92
CA PRO I 348 38.71 -1.46 28.30
C PRO I 348 40.01 -0.92 28.88
N PHE I 349 40.49 0.22 28.38
CA PHE I 349 41.72 0.78 28.94
C PHE I 349 41.56 1.03 30.43
N SER I 350 40.48 1.71 30.82
CA SER I 350 40.24 1.98 32.23
C SER I 350 40.06 0.69 33.01
N VAL I 351 39.30 -0.27 32.46
CA VAL I 351 39.03 -1.50 33.20
C VAL I 351 40.32 -2.24 33.50
N THR I 352 41.15 -2.47 32.48
CA THR I 352 42.38 -3.21 32.68
C THR I 352 43.35 -2.43 33.56
N GLU I 353 43.39 -1.11 33.42
CA GLU I 353 44.26 -0.31 34.28
C GLU I 353 43.90 -0.48 35.74
N ALA I 354 42.61 -0.35 36.07
CA ALA I 354 42.17 -0.51 37.45
C ALA I 354 42.48 -1.91 37.95
N LEU I 355 42.23 -2.92 37.12
CA LEU I 355 42.49 -4.30 37.54
C LEU I 355 43.96 -4.49 37.90
N ILE I 356 44.85 -4.07 37.00
CA ILE I 356 46.28 -4.25 37.25
C ILE I 356 46.70 -3.47 38.49
N ARG I 357 46.24 -2.23 38.62
CA ARG I 357 46.62 -1.42 39.76
C ARG I 357 46.22 -2.11 41.07
N THR I 358 44.97 -2.53 41.18
CA THR I 358 44.51 -3.11 42.44
C THR I 358 45.19 -4.44 42.73
N CYS I 359 45.40 -5.27 41.72
CA CYS I 359 45.91 -6.61 41.98
C CYS I 359 47.43 -6.64 42.11
N LEU I 360 48.16 -6.23 41.07
CA LEU I 360 49.59 -6.49 41.01
C LEU I 360 50.44 -5.41 41.68
N LEU I 361 49.98 -4.16 41.70
CA LEU I 361 50.75 -3.09 42.30
C LEU I 361 50.47 -2.91 43.79
N ASN I 362 49.53 -3.66 44.35
CA ASN I 362 49.27 -3.64 45.79
C ASN I 362 48.97 -2.22 46.28
N GLU I 363 48.21 -1.47 45.49
CA GLU I 363 47.83 -0.12 45.86
C GLU I 363 46.52 -0.12 46.65
N THR I 364 46.30 0.97 47.38
CA THR I 364 45.10 1.11 48.18
C THR I 364 44.74 2.58 48.27
N GLY I 365 43.47 2.84 48.58
CA GLY I 365 42.96 4.19 48.69
C GLY I 365 41.81 4.45 47.71
N ASP I 366 41.21 5.63 47.88
CA ASP I 366 40.10 6.07 47.05
C ASP I 366 40.52 7.09 46.02
N GLU I 367 41.82 7.23 45.76
CA GLU I 367 42.33 8.20 44.81
C GLU I 367 43.24 7.53 43.81
N PRO I 368 43.42 8.05 42.56
CA PRO I 368 44.41 7.44 41.66
C PRO I 368 45.76 7.62 42.33
N PHE I 369 46.71 6.70 42.06
CA PHE I 369 48.02 6.76 42.76
C PHE I 369 48.86 7.90 42.22
N GLN I 370 50.14 7.91 42.60
CA GLN I 370 51.04 9.02 42.17
C GLN I 370 51.39 8.83 40.69
N TYR I 371 51.86 9.90 40.03
CA TYR I 371 52.19 9.85 38.58
C TYR I 371 52.74 8.46 38.21
N LYS I 372 53.86 8.07 38.84
CA LYS I 372 54.49 6.77 38.52
C LYS I 372 53.78 5.67 39.32
N ASN I 373 53.50 4.52 38.69
CA ASN I 373 52.80 3.39 39.37
C ASN I 373 51.83 3.94 40.42
N THR J 2 10.51 9.97 -3.54
CA THR J 2 11.84 9.96 -2.88
C THR J 2 12.96 9.79 -3.91
N THR J 3 12.91 8.69 -4.65
CA THR J 3 13.88 8.42 -5.71
C THR J 3 13.17 8.35 -7.06
N SER J 4 13.93 8.55 -8.12
CA SER J 4 13.37 8.67 -9.46
C SER J 4 12.83 7.34 -9.95
N ALA J 5 11.98 7.41 -10.98
CA ALA J 5 11.37 6.21 -11.54
C ALA J 5 12.40 5.32 -12.22
N SER J 6 13.41 5.92 -12.85
CA SER J 6 14.41 5.13 -13.54
C SER J 6 15.17 4.21 -12.59
N SER J 7 15.30 4.62 -11.32
CA SER J 7 16.02 3.81 -10.34
C SER J 7 15.25 2.57 -9.92
N HIS J 8 13.98 2.45 -10.31
CA HIS J 8 13.18 1.28 -9.96
C HIS J 8 13.22 0.18 -11.02
N LEU J 9 13.96 0.38 -12.10
CA LEU J 9 14.12 -0.66 -13.11
C LEU J 9 15.09 -1.74 -12.59
N ASN J 10 15.10 -2.88 -13.27
CA ASN J 10 15.94 -4.00 -12.88
C ASN J 10 17.34 -3.81 -13.45
N LYS J 11 18.35 -3.72 -12.58
CA LYS J 11 19.72 -3.47 -13.00
C LYS J 11 20.48 -4.73 -13.38
N GLY J 12 19.98 -5.91 -13.01
CA GLY J 12 20.60 -7.14 -13.47
C GLY J 12 20.58 -7.26 -14.99
N ILE J 13 19.48 -6.80 -15.60
CA ILE J 13 19.39 -6.80 -17.06
C ILE J 13 20.50 -5.92 -17.64
N LYS J 14 20.68 -4.74 -17.06
CA LYS J 14 21.73 -3.84 -17.51
C LYS J 14 23.10 -4.49 -17.41
N GLN J 15 23.37 -5.15 -16.28
CA GLN J 15 24.66 -5.81 -16.12
C GLN J 15 24.85 -6.91 -17.15
N VAL J 16 23.81 -7.69 -17.41
CA VAL J 16 23.90 -8.77 -18.39
C VAL J 16 24.25 -8.19 -19.75
N TYR J 17 23.58 -7.12 -20.16
CA TYR J 17 23.88 -6.52 -21.45
C TYR J 17 25.29 -5.96 -21.49
N MET J 18 25.72 -5.29 -20.42
CA MET J 18 27.06 -4.70 -20.40
C MET J 18 28.16 -5.75 -20.30
N SER J 19 27.82 -7.00 -20.01
CA SER J 19 28.84 -8.06 -19.95
C SER J 19 29.30 -8.52 -21.33
N LEU J 20 28.66 -8.10 -22.41
CA LEU J 20 29.00 -8.60 -23.74
C LEU J 20 30.36 -8.07 -24.18
N PRO J 21 31.12 -8.86 -24.95
CA PRO J 21 32.33 -8.32 -25.58
C PRO J 21 32.00 -7.20 -26.55
N GLN J 22 32.88 -6.21 -26.64
CA GLN J 22 32.61 -5.01 -27.40
C GLN J 22 32.95 -5.17 -28.88
N GLY J 23 34.20 -5.54 -29.20
CA GLY J 23 34.65 -5.67 -30.56
C GLY J 23 35.92 -4.86 -30.81
N GLU J 24 35.97 -4.19 -31.96
CA GLU J 24 37.16 -3.48 -32.38
C GLU J 24 37.05 -1.96 -32.28
N LYS J 25 35.84 -1.41 -32.19
CA LYS J 25 35.66 0.04 -32.19
C LYS J 25 35.38 0.55 -30.79
N VAL J 26 35.57 1.86 -30.62
CA VAL J 26 35.68 2.49 -29.31
C VAL J 26 34.64 3.60 -29.18
N GLN J 27 34.19 3.82 -27.95
CA GLN J 27 33.23 4.87 -27.64
C GLN J 27 33.94 6.04 -26.96
N ALA J 28 33.48 7.25 -27.24
CA ALA J 28 34.06 8.46 -26.66
C ALA J 28 32.94 9.43 -26.32
N MET J 29 33.00 10.02 -25.13
CA MET J 29 31.97 10.92 -24.63
C MET J 29 32.54 12.32 -24.51
N TYR J 30 31.88 13.29 -25.15
CA TYR J 30 32.28 14.69 -25.12
C TYR J 30 31.50 15.43 -24.04
N ILE J 31 32.19 16.30 -23.29
CA ILE J 31 31.59 17.04 -22.19
C ILE J 31 32.01 18.50 -22.28
N TRP J 32 31.09 19.41 -21.98
CA TRP J 32 31.39 20.83 -22.05
C TRP J 32 30.46 21.61 -21.12
N ILE J 33 30.83 22.87 -20.86
CA ILE J 33 30.09 23.78 -19.99
C ILE J 33 29.01 24.49 -20.82
N ASP J 34 27.85 24.71 -20.22
CA ASP J 34 26.72 25.29 -20.93
C ASP J 34 26.66 26.80 -20.70
N GLY J 35 25.57 27.43 -21.15
CA GLY J 35 25.48 28.87 -21.15
C GLY J 35 25.23 29.49 -19.79
N THR J 36 24.58 28.76 -18.88
CA THR J 36 24.32 29.30 -17.56
C THR J 36 25.57 29.41 -16.71
N GLY J 37 26.69 28.86 -17.16
CA GLY J 37 27.94 28.94 -16.43
C GLY J 37 28.10 27.92 -15.32
N GLU J 38 27.12 27.05 -15.10
CA GLU J 38 27.22 26.04 -14.06
C GLU J 38 26.75 24.65 -14.47
N GLY J 39 26.07 24.49 -15.61
CA GLY J 39 25.60 23.19 -16.03
C GLY J 39 26.64 22.42 -16.83
N LEU J 40 26.27 21.19 -17.20
CA LEU J 40 27.12 20.33 -18.01
C LEU J 40 26.25 19.60 -19.02
N ARG J 41 26.86 19.28 -20.17
CA ARG J 41 26.19 18.55 -21.24
C ARG J 41 27.13 17.49 -21.77
N CYS J 42 26.59 16.51 -22.50
CA CYS J 42 27.43 15.44 -23.02
C CYS J 42 26.78 14.77 -24.22
N LYS J 43 27.61 14.10 -25.02
CA LYS J 43 27.21 13.36 -26.20
C LYS J 43 28.21 12.24 -26.45
N THR J 44 27.84 11.28 -27.29
CA THR J 44 28.65 10.10 -27.56
C THR J 44 28.81 9.87 -29.06
N ARG J 45 29.94 9.31 -29.45
CA ARG J 45 30.21 8.92 -30.83
C ARG J 45 31.20 7.77 -30.84
N THR J 46 31.26 7.06 -31.96
CA THR J 46 32.15 5.91 -32.12
C THR J 46 33.39 6.29 -32.93
N LEU J 47 34.50 5.61 -32.62
CA LEU J 47 35.75 5.80 -33.32
C LEU J 47 36.26 4.45 -33.80
N ASP J 48 37.11 4.50 -34.84
CA ASP J 48 37.61 3.28 -35.46
C ASP J 48 38.69 2.60 -34.64
N SER J 49 39.50 3.36 -33.90
CA SER J 49 40.59 2.79 -33.13
C SER J 49 40.81 3.61 -31.87
N GLU J 50 41.46 3.00 -30.89
CA GLU J 50 41.64 3.64 -29.60
C GLU J 50 42.68 4.76 -29.71
N PRO J 51 42.36 5.99 -29.31
CA PRO J 51 43.38 7.05 -29.33
C PRO J 51 44.42 6.83 -28.24
N LYS J 52 45.62 7.35 -28.49
CA LYS J 52 46.71 7.28 -27.54
C LYS J 52 47.01 8.62 -26.88
N CYS J 53 46.52 9.72 -27.43
CA CYS J 53 46.73 11.04 -26.84
C CYS J 53 45.56 11.93 -27.22
N VAL J 54 45.41 13.02 -26.46
CA VAL J 54 44.24 13.89 -26.61
C VAL J 54 44.23 14.63 -27.94
N GLU J 55 45.38 14.75 -28.61
CA GLU J 55 45.48 15.59 -29.80
C GLU J 55 45.26 14.82 -31.10
N GLU J 56 44.91 13.54 -31.03
CA GLU J 56 44.68 12.73 -32.23
C GLU J 56 43.24 12.26 -32.31
N LEU J 57 42.30 13.13 -31.97
CA LEU J 57 40.88 12.85 -32.16
C LEU J 57 40.19 14.10 -32.69
N PRO J 58 39.11 13.94 -33.43
CA PRO J 58 38.56 15.07 -34.20
C PRO J 58 37.76 16.02 -33.34
N GLU J 59 37.47 17.18 -33.92
CA GLU J 59 36.58 18.17 -33.32
C GLU J 59 35.14 17.88 -33.71
N TRP J 60 34.21 18.57 -33.05
CA TRP J 60 32.80 18.30 -33.23
C TRP J 60 32.04 19.62 -33.09
N ASN J 61 30.71 19.54 -33.08
CA ASN J 61 29.86 20.72 -33.02
C ASN J 61 28.52 20.33 -32.42
N PHE J 62 27.77 21.34 -31.97
CA PHE J 62 26.44 21.13 -31.42
C PHE J 62 25.56 22.33 -31.75
N ASP J 63 24.31 22.26 -31.32
CA ASP J 63 23.30 23.27 -31.64
C ASP J 63 23.21 24.25 -30.47
N GLY J 64 23.69 25.48 -30.69
CA GLY J 64 23.76 26.46 -29.63
C GLY J 64 22.42 27.02 -29.19
N SER J 65 21.42 27.00 -30.07
CA SER J 65 20.12 27.54 -29.72
C SER J 65 19.40 26.71 -28.66
N SER J 66 19.84 25.48 -28.41
CA SER J 66 19.23 24.64 -27.39
C SER J 66 19.88 24.78 -26.02
N THR J 67 20.98 25.52 -25.93
CA THR J 67 21.65 25.77 -24.65
C THR J 67 21.81 27.26 -24.37
N LEU J 68 20.99 28.10 -25.01
CA LEU J 68 20.99 29.54 -24.80
C LEU J 68 22.40 30.13 -24.85
N GLN J 69 23.19 29.62 -25.80
CA GLN J 69 24.51 30.18 -26.09
C GLN J 69 24.58 30.83 -27.46
N SER J 70 23.46 30.97 -28.16
CA SER J 70 23.46 31.56 -29.49
C SER J 70 22.03 31.71 -30.01
N GLU J 71 21.89 32.23 -31.22
CA GLU J 71 20.59 32.38 -31.87
C GLU J 71 20.42 31.32 -32.94
N GLY J 72 19.18 31.19 -33.42
CA GLY J 72 18.86 30.14 -34.38
C GLY J 72 19.53 30.31 -35.73
N SER J 73 19.71 31.55 -36.18
CA SER J 73 20.24 31.78 -37.51
C SER J 73 21.62 31.15 -37.68
N ASN J 74 22.49 31.32 -36.68
CA ASN J 74 23.83 30.77 -36.69
C ASN J 74 24.07 29.95 -35.43
N SER J 75 23.12 29.06 -35.14
CA SER J 75 23.17 28.29 -33.90
C SER J 75 24.42 27.42 -33.79
N ASP J 76 25.09 27.12 -34.91
CA ASP J 76 26.22 26.21 -34.87
C ASP J 76 27.31 26.73 -33.95
N MET J 77 27.88 25.82 -33.16
CA MET J 77 29.04 26.09 -32.32
C MET J 77 30.05 24.97 -32.50
N TYR J 78 31.23 25.14 -31.93
CA TYR J 78 32.33 24.21 -32.12
C TYR J 78 32.80 23.64 -30.79
N LEU J 79 33.33 22.41 -30.85
CA LEU J 79 33.91 21.72 -29.71
C LEU J 79 35.32 21.27 -30.06
N VAL J 80 36.28 21.64 -29.22
CA VAL J 80 37.68 21.32 -29.44
C VAL J 80 38.20 20.54 -28.23
N PRO J 81 38.73 19.33 -28.40
CA PRO J 81 39.18 18.55 -27.23
C PRO J 81 40.30 19.26 -26.46
N ALA J 82 40.29 19.05 -25.14
CA ALA J 82 41.28 19.65 -24.25
C ALA J 82 41.96 18.63 -23.34
N ALA J 83 41.23 17.63 -22.85
CA ALA J 83 41.81 16.63 -21.96
C ALA J 83 40.94 15.38 -21.98
N MET J 84 41.55 14.23 -21.70
CA MET J 84 40.85 12.95 -21.76
C MET J 84 41.27 12.05 -20.61
N PHE J 85 40.36 11.15 -20.22
CA PHE J 85 40.58 10.21 -19.14
C PHE J 85 39.98 8.87 -19.51
N ARG J 86 40.16 7.88 -18.64
CA ARG J 86 39.55 6.57 -18.81
C ARG J 86 38.10 6.60 -18.33
N ASP J 87 37.27 5.77 -18.98
CA ASP J 87 35.84 5.78 -18.69
C ASP J 87 35.50 4.68 -17.69
N PRO J 88 35.03 5.01 -16.48
CA PRO J 88 34.73 3.97 -15.51
C PRO J 88 33.36 3.34 -15.66
N PHE J 89 32.45 3.95 -16.42
CA PHE J 89 31.13 3.39 -16.64
C PHE J 89 31.11 2.38 -17.78
N ARG J 90 32.10 2.38 -18.66
CA ARG J 90 32.20 1.44 -19.76
C ARG J 90 33.50 0.68 -19.79
N LYS J 91 34.48 1.03 -18.95
CA LYS J 91 35.75 0.32 -18.86
C LYS J 91 36.58 0.51 -20.12
N ASP J 92 37.82 0.03 -20.09
CA ASP J 92 38.71 0.19 -21.23
C ASP J 92 38.17 -0.58 -22.43
N PRO J 93 38.47 -0.12 -23.66
CA PRO J 93 39.29 1.05 -24.02
C PRO J 93 38.48 2.31 -24.30
N ASN J 94 37.38 2.56 -23.60
CA ASN J 94 36.57 3.74 -23.81
C ASN J 94 37.11 4.92 -23.02
N LYS J 95 36.79 6.13 -23.47
CA LYS J 95 37.39 7.36 -22.93
C LYS J 95 36.34 8.42 -22.69
N LEU J 96 36.68 9.37 -21.82
CA LEU J 96 35.91 10.59 -21.60
C LEU J 96 36.72 11.78 -22.07
N VAL J 97 36.06 12.74 -22.72
CA VAL J 97 36.73 13.87 -23.36
C VAL J 97 36.12 15.16 -22.85
N LEU J 98 36.97 16.06 -22.34
CA LEU J 98 36.56 17.40 -21.93
C LEU J 98 36.99 18.38 -23.02
N CYS J 99 36.06 19.23 -23.45
CA CYS J 99 36.25 20.08 -24.62
C CYS J 99 36.04 21.55 -24.28
N GLU J 100 36.45 22.40 -25.21
CA GLU J 100 36.32 23.84 -25.11
C GLU J 100 35.37 24.34 -26.18
N VAL J 101 34.62 25.39 -25.87
CA VAL J 101 33.57 25.91 -26.75
C VAL J 101 34.10 27.11 -27.51
N PHE J 102 33.57 27.31 -28.73
CA PHE J 102 33.93 28.43 -29.57
C PHE J 102 32.72 28.85 -30.39
N LYS J 103 32.73 30.08 -30.86
CA LYS J 103 31.65 30.60 -31.69
C LYS J 103 31.94 30.34 -33.17
N TYR J 104 30.95 30.60 -34.00
CA TYR J 104 31.06 30.25 -35.41
C TYR J 104 32.17 31.02 -36.13
N ASN J 105 32.64 32.12 -35.54
CA ASN J 105 33.77 32.86 -36.09
C ASN J 105 35.10 32.46 -35.46
N ARG J 106 35.12 31.34 -34.73
CA ARG J 106 36.33 30.81 -34.09
C ARG J 106 36.81 31.70 -32.95
N ARG J 107 35.87 32.30 -32.22
CA ARG J 107 36.19 33.08 -31.04
C ARG J 107 35.64 32.41 -29.79
N PRO J 108 36.31 32.54 -28.65
CA PRO J 108 35.82 31.88 -27.43
C PRO J 108 34.45 32.39 -27.02
N ALA J 109 33.67 31.50 -26.40
CA ALA J 109 32.34 31.84 -25.97
C ALA J 109 32.38 32.63 -24.66
N GLU J 110 31.22 33.12 -24.24
CA GLU J 110 31.14 33.96 -23.05
C GLU J 110 31.56 33.20 -21.80
N THR J 111 31.16 31.93 -21.69
CA THR J 111 31.43 31.13 -20.50
C THR J 111 32.72 30.32 -20.62
N ASN J 112 33.55 30.59 -21.62
CA ASN J 112 34.83 29.91 -21.80
C ASN J 112 35.92 30.75 -21.15
N LEU J 113 36.42 30.28 -20.01
CA LEU J 113 37.48 30.96 -19.27
C LEU J 113 38.81 30.22 -19.29
N ARG J 114 38.80 28.93 -19.63
CA ARG J 114 40.05 28.19 -19.76
C ARG J 114 40.97 28.85 -20.77
N HIS J 115 40.41 29.48 -21.81
CA HIS J 115 41.22 30.10 -22.84
C HIS J 115 42.19 31.12 -22.25
N THR J 116 41.67 32.02 -21.40
CA THR J 116 42.53 33.02 -20.78
C THR J 116 43.33 32.44 -19.63
N CYS J 117 42.76 31.49 -18.88
CA CYS J 117 43.48 30.91 -17.76
C CYS J 117 44.77 30.22 -18.22
N LYS J 118 44.70 29.49 -19.33
CA LYS J 118 45.88 28.81 -19.85
C LYS J 118 46.97 29.81 -20.21
N ARG J 119 46.59 30.89 -20.88
CA ARG J 119 47.57 31.91 -21.26
C ARG J 119 48.21 32.53 -20.03
N ILE J 120 47.41 32.79 -18.99
CA ILE J 120 47.97 33.35 -17.76
C ILE J 120 48.95 32.37 -17.14
N MET J 121 48.61 31.09 -17.09
CA MET J 121 49.49 30.09 -16.50
C MET J 121 50.80 29.97 -17.26
N ASP J 122 50.75 30.20 -18.58
CA ASP J 122 51.97 30.08 -19.37
C ASP J 122 53.06 31.02 -18.88
N MET J 123 52.69 32.18 -18.35
CA MET J 123 53.69 33.15 -17.91
C MET J 123 54.40 32.68 -16.64
N VAL J 124 53.63 32.21 -15.65
CA VAL J 124 54.20 31.81 -14.36
C VAL J 124 54.61 30.35 -14.33
N SER J 125 54.53 29.64 -15.45
CA SER J 125 55.08 28.28 -15.52
C SER J 125 56.47 28.19 -14.92
N ASN J 126 57.23 29.29 -14.89
CA ASN J 126 58.58 29.26 -14.34
C ASN J 126 58.56 28.84 -12.88
N GLN J 127 57.63 29.36 -12.09
CA GLN J 127 57.52 29.01 -10.68
C GLN J 127 56.47 27.95 -10.41
N HIS J 128 55.60 27.65 -11.38
CA HIS J 128 54.74 26.47 -11.37
C HIS J 128 54.06 26.25 -10.02
N PRO J 129 53.00 27.01 -9.71
CA PRO J 129 52.32 26.83 -8.42
C PRO J 129 51.55 25.51 -8.31
N TRP J 130 50.89 25.30 -7.18
CA TRP J 130 50.07 24.13 -6.93
C TRP J 130 48.75 24.56 -6.28
N PHE J 131 47.68 23.83 -6.59
CA PHE J 131 46.35 24.11 -6.05
C PHE J 131 45.71 22.85 -5.50
N GLY J 132 44.83 23.03 -4.52
CA GLY J 132 44.03 21.95 -3.97
C GLY J 132 42.73 22.49 -3.41
N MET J 133 41.60 21.89 -3.79
CA MET J 133 40.29 22.38 -3.41
C MET J 133 39.46 21.29 -2.76
N GLU J 134 38.56 21.71 -1.87
CA GLU J 134 37.68 20.82 -1.13
C GLU J 134 36.25 21.12 -1.55
N GLN J 135 35.61 20.17 -2.20
CA GLN J 135 34.26 20.34 -2.72
C GLN J 135 33.25 19.77 -1.73
N GLU J 136 32.23 20.54 -1.39
CA GLU J 136 31.16 20.10 -0.51
C GLU J 136 29.84 20.06 -1.28
N TYR J 137 28.95 19.17 -0.86
CA TYR J 137 27.68 19.00 -1.55
C TYR J 137 26.67 18.38 -0.61
N THR J 138 25.40 18.45 -1.00
CA THR J 138 24.29 17.90 -0.24
C THR J 138 23.48 16.97 -1.14
N LEU J 139 23.13 15.80 -0.63
CA LEU J 139 22.32 14.84 -1.38
C LEU J 139 20.84 15.12 -1.14
N MET J 140 20.08 15.22 -2.22
CA MET J 140 18.67 15.57 -2.16
C MET J 140 17.82 14.50 -2.81
N GLY J 141 16.61 14.32 -2.27
CA GLY J 141 15.64 13.44 -2.90
C GLY J 141 14.99 14.10 -4.10
N THR J 142 14.17 13.30 -4.79
CA THR J 142 13.50 13.78 -5.99
C THR J 142 12.34 14.72 -5.68
N ASP J 143 11.97 14.88 -4.41
CA ASP J 143 10.86 15.73 -4.01
C ASP J 143 11.33 17.05 -3.40
N GLY J 144 12.62 17.37 -3.50
CA GLY J 144 13.10 18.66 -3.03
C GLY J 144 13.54 18.70 -1.59
N HIS J 145 13.71 17.55 -0.92
CA HIS J 145 14.16 17.50 0.45
C HIS J 145 15.48 16.71 0.54
N PRO J 146 16.32 17.00 1.53
CA PRO J 146 17.56 16.24 1.67
C PRO J 146 17.30 14.75 1.80
N PHE J 147 18.16 13.95 1.16
CA PHE J 147 17.96 12.51 1.15
C PHE J 147 18.01 11.94 2.56
N GLY J 148 17.02 11.11 2.88
CA GLY J 148 16.99 10.41 4.15
C GLY J 148 16.42 11.20 5.31
N TRP J 149 16.11 12.47 5.13
CA TRP J 149 15.53 13.25 6.21
C TRP J 149 14.09 12.81 6.47
N PRO J 150 13.58 13.04 7.67
CA PRO J 150 12.18 12.72 7.93
C PRO J 150 11.26 13.49 6.99
N SER J 151 10.20 12.83 6.54
CA SER J 151 9.28 13.44 5.60
C SER J 151 8.69 14.71 6.19
N ASN J 152 9.04 15.86 5.62
CA ASN J 152 8.54 17.15 6.08
C ASN J 152 8.91 17.38 7.54
N GLY J 153 10.15 17.06 7.90
CA GLY J 153 10.62 17.24 9.25
C GLY J 153 12.13 17.45 9.33
N PHE J 154 12.68 17.38 10.53
CA PHE J 154 14.11 17.59 10.75
C PHE J 154 14.67 16.48 11.63
N PRO J 155 15.95 16.16 11.49
CA PRO J 155 16.61 15.27 12.43
C PRO J 155 17.09 16.05 13.65
N GLY J 156 17.70 15.34 14.59
CA GLY J 156 18.16 15.93 15.82
C GLY J 156 19.13 17.07 15.60
N PRO J 157 19.50 17.77 16.67
CA PRO J 157 20.43 18.90 16.54
C PRO J 157 21.83 18.43 16.16
N GLN J 158 22.62 19.38 15.65
CA GLN J 158 23.96 19.08 15.20
C GLN J 158 24.88 18.75 16.37
N GLY J 159 26.01 18.12 16.04
CA GLY J 159 27.01 17.77 17.03
C GLY J 159 27.50 16.34 16.90
N PRO J 160 26.62 15.39 16.61
CA PRO J 160 27.06 13.99 16.42
C PRO J 160 27.29 13.55 14.98
N TYR J 161 27.08 14.42 13.98
CA TYR J 161 27.12 14.00 12.60
C TYR J 161 28.48 14.19 11.94
N TYR J 162 29.34 15.03 12.50
CA TYR J 162 30.64 15.32 11.90
C TYR J 162 31.53 14.09 11.99
N CYS J 163 31.89 13.53 10.83
CA CYS J 163 32.75 12.34 10.76
C CYS J 163 32.12 11.16 11.51
N GLY J 164 30.80 11.01 11.39
CA GLY J 164 30.10 9.99 12.13
C GLY J 164 30.03 8.65 11.41
N VAL J 165 29.74 7.60 12.18
CA VAL J 165 29.57 6.25 11.67
C VAL J 165 28.35 5.64 12.34
N GLY J 166 27.51 4.98 11.55
CA GLY J 166 26.30 4.37 12.06
C GLY J 166 25.08 4.69 11.22
N ALA J 167 24.06 3.83 11.29
CA ALA J 167 22.87 4.03 10.47
C ALA J 167 22.10 5.29 10.85
N ASP J 168 22.28 5.78 12.07
CA ASP J 168 21.58 6.98 12.53
C ASP J 168 22.47 8.22 12.50
N ARG J 169 23.63 8.15 11.86
CA ARG J 169 24.57 9.26 11.86
C ARG J 169 25.15 9.58 10.49
N ALA J 170 25.01 8.72 9.49
CA ALA J 170 25.53 8.97 8.16
C ALA J 170 24.54 8.47 7.12
N TYR J 171 24.24 9.32 6.14
CA TYR J 171 23.28 9.01 5.09
C TYR J 171 24.01 8.94 3.75
N GLY J 172 23.85 7.83 3.04
CA GLY J 172 24.31 7.71 1.67
C GLY J 172 25.80 7.48 1.48
N ARG J 173 26.36 6.51 2.21
CA ARG J 173 27.79 6.21 2.06
C ARG J 173 28.08 5.39 0.81
N ASP J 174 27.08 4.70 0.26
CA ASP J 174 27.29 3.94 -0.97
C ASP J 174 27.71 4.85 -2.11
N ILE J 175 27.04 5.99 -2.23
CA ILE J 175 27.39 6.97 -3.27
C ILE J 175 28.85 7.37 -3.12
N VAL J 176 29.26 7.66 -1.89
CA VAL J 176 30.62 8.15 -1.65
C VAL J 176 31.64 7.09 -2.03
N GLU J 177 31.40 5.84 -1.62
CA GLU J 177 32.34 4.78 -1.93
C GLU J 177 32.46 4.57 -3.43
N ALA J 178 31.32 4.51 -4.12
CA ALA J 178 31.36 4.33 -5.57
C ALA J 178 32.08 5.47 -6.26
N HIS J 179 31.82 6.71 -5.82
CA HIS J 179 32.48 7.86 -6.43
C HIS J 179 33.99 7.81 -6.22
N TYR J 180 34.43 7.46 -5.01
CA TYR J 180 35.85 7.34 -4.72
C TYR J 180 36.51 6.35 -5.67
N ARG J 181 35.93 5.15 -5.75
CA ARG J 181 36.54 4.12 -6.60
C ARG J 181 36.53 4.54 -8.06
N ALA J 182 35.44 5.15 -8.52
CA ALA J 182 35.35 5.56 -9.92
C ALA J 182 36.41 6.61 -10.26
N CYS J 183 36.61 7.59 -9.38
CA CYS J 183 37.62 8.60 -9.62
C CYS J 183 39.01 7.97 -9.67
N LEU J 184 39.29 7.05 -8.73
CA LEU J 184 40.60 6.39 -8.73
C LEU J 184 40.83 5.64 -10.04
N TYR J 185 39.82 4.91 -10.51
CA TYR J 185 39.97 4.18 -11.76
C TYR J 185 40.15 5.12 -12.95
N ALA J 186 39.38 6.21 -13.00
CA ALA J 186 39.47 7.13 -14.13
C ALA J 186 40.84 7.79 -14.21
N GLY J 187 41.39 8.21 -13.07
CA GLY J 187 42.69 8.83 -13.07
C GLY J 187 42.68 10.23 -12.48
N VAL J 188 41.53 10.67 -12.00
CA VAL J 188 41.47 11.93 -11.24
C VAL J 188 42.15 11.71 -9.91
N LYS J 189 43.09 12.58 -9.56
CA LYS J 189 43.85 12.40 -8.33
C LYS J 189 43.02 12.93 -7.16
N ILE J 190 42.20 12.02 -6.63
CA ILE J 190 41.40 12.31 -5.45
C ILE J 190 42.24 12.03 -4.21
N ALA J 191 42.08 12.86 -3.18
CA ALA J 191 42.96 12.83 -2.01
C ALA J 191 42.28 12.36 -0.73
N GLY J 192 40.96 12.41 -0.64
CA GLY J 192 40.29 11.96 0.57
C GLY J 192 38.85 12.42 0.61
N THR J 193 38.16 11.98 1.66
CA THR J 193 36.75 12.30 1.87
C THR J 193 36.45 12.32 3.35
N ASN J 194 35.31 12.93 3.70
CA ASN J 194 34.81 12.91 5.07
C ASN J 194 33.38 13.40 5.10
N ALA J 195 32.68 13.06 6.17
CA ALA J 195 31.31 13.53 6.38
C ALA J 195 31.31 14.90 7.06
N GLU J 196 30.25 15.66 6.81
CA GLU J 196 30.18 17.06 7.20
C GLU J 196 29.24 17.27 8.39
N VAL J 197 29.14 18.54 8.81
CA VAL J 197 28.50 18.87 10.08
C VAL J 197 27.02 18.51 10.06
N MET J 198 26.33 18.81 8.97
CA MET J 198 24.91 18.49 8.95
C MET J 198 24.68 17.17 8.21
N PRO J 199 23.68 16.39 8.62
CA PRO J 199 23.48 15.07 8.00
C PRO J 199 23.14 15.20 6.52
N ALA J 200 23.60 14.20 5.76
CA ALA J 200 23.45 14.11 4.31
C ALA J 200 24.40 15.05 3.58
N GLN J 201 25.38 15.61 4.27
CA GLN J 201 26.36 16.52 3.67
C GLN J 201 27.73 15.88 3.73
N TRP J 202 28.47 15.92 2.62
CA TRP J 202 29.77 15.26 2.50
C TRP J 202 30.78 16.21 1.86
N GLU J 203 32.00 15.72 1.70
CA GLU J 203 33.09 16.50 1.12
C GLU J 203 34.14 15.57 0.54
N PHE J 204 34.75 16.00 -0.56
CA PHE J 204 35.92 15.34 -1.13
C PHE J 204 36.90 16.41 -1.59
N GLN J 205 38.18 16.04 -1.64
CA GLN J 205 39.24 16.99 -1.96
C GLN J 205 40.11 16.44 -3.08
N ILE J 206 40.60 17.36 -3.92
CA ILE J 206 41.41 17.04 -5.09
C ILE J 206 42.73 17.79 -4.98
N GLY J 207 43.81 17.11 -5.37
CA GLY J 207 45.09 17.77 -5.52
C GLY J 207 46.18 17.17 -4.66
N PRO J 208 47.33 17.85 -4.59
CA PRO J 208 47.65 19.11 -5.25
C PRO J 208 47.85 18.96 -6.76
N CYS J 209 47.38 19.92 -7.54
CA CYS J 209 47.46 19.88 -9.00
C CYS J 209 48.28 21.05 -9.51
N GLU J 210 48.91 20.84 -10.66
CA GLU J 210 49.87 21.79 -11.22
C GLU J 210 49.20 22.60 -12.32
N GLY J 211 49.19 23.92 -12.17
CA GLY J 211 48.77 24.79 -13.25
C GLY J 211 47.35 24.55 -13.69
N ILE J 212 47.18 24.39 -15.01
CA ILE J 212 45.84 24.36 -15.61
C ILE J 212 45.09 23.07 -15.31
N SER J 213 45.79 22.00 -14.91
CA SER J 213 45.14 20.70 -14.75
C SER J 213 44.12 20.69 -13.61
N MET J 214 44.21 21.64 -12.68
CA MET J 214 43.33 21.62 -11.52
C MET J 214 41.87 21.76 -11.94
N GLY J 215 41.58 22.73 -12.81
CA GLY J 215 40.21 22.94 -13.24
C GLY J 215 39.64 21.75 -13.98
N ASP J 216 40.44 21.16 -14.88
CA ASP J 216 39.99 19.98 -15.60
C ASP J 216 39.68 18.85 -14.64
N HIS J 217 40.56 18.61 -13.67
CA HIS J 217 40.33 17.53 -12.72
C HIS J 217 39.05 17.76 -11.93
N LEU J 218 38.84 18.98 -11.45
CA LEU J 218 37.64 19.26 -10.67
C LEU J 218 36.37 19.08 -11.51
N TRP J 219 36.38 19.59 -12.73
CA TRP J 219 35.17 19.49 -13.57
C TRP J 219 34.85 18.03 -13.88
N VAL J 220 35.86 17.23 -14.21
CA VAL J 220 35.62 15.82 -14.49
C VAL J 220 35.12 15.11 -13.23
N ALA J 221 35.65 15.47 -12.07
CA ALA J 221 35.20 14.84 -10.83
C ALA J 221 33.73 15.10 -10.59
N ARG J 222 33.29 16.35 -10.80
CA ARG J 222 31.86 16.61 -10.55
C ARG J 222 30.98 16.00 -11.62
N PHE J 223 31.46 15.86 -12.86
CA PHE J 223 30.69 15.13 -13.85
C PHE J 223 30.49 13.68 -13.42
N ILE J 224 31.55 13.04 -12.91
CA ILE J 224 31.45 11.67 -12.45
C ILE J 224 30.47 11.56 -11.29
N LEU J 225 30.53 12.54 -10.36
CA LEU J 225 29.59 12.53 -9.25
C LEU J 225 28.16 12.58 -9.74
N HIS J 226 27.87 13.48 -10.70
CA HIS J 226 26.51 13.58 -11.22
C HIS J 226 26.07 12.27 -11.86
N ARG J 227 26.95 11.65 -12.64
CA ARG J 227 26.58 10.40 -13.31
C ARG J 227 26.30 9.28 -12.31
N VAL J 228 27.13 9.16 -11.27
CA VAL J 228 26.91 8.12 -10.27
C VAL J 228 25.59 8.36 -9.55
N CYS J 229 25.35 9.60 -9.12
CA CYS J 229 24.10 9.91 -8.44
C CYS J 229 22.90 9.60 -9.34
N GLU J 230 23.02 9.86 -10.63
CA GLU J 230 21.96 9.49 -11.56
C GLU J 230 21.74 7.98 -11.54
N ASP J 231 22.82 7.20 -11.52
CA ASP J 231 22.68 5.76 -11.45
C ASP J 231 21.91 5.34 -10.20
N PHE J 232 22.20 5.96 -9.07
CA PHE J 232 21.50 5.59 -7.84
C PHE J 232 20.12 6.22 -7.70
N GLY J 233 19.81 7.24 -8.49
CA GLY J 233 18.48 7.82 -8.47
C GLY J 233 18.28 9.00 -7.54
N VAL J 234 19.34 9.68 -7.13
CA VAL J 234 19.22 10.86 -6.27
C VAL J 234 19.87 12.05 -6.95
N ILE J 235 19.81 13.22 -6.31
CA ILE J 235 20.31 14.47 -6.87
C ILE J 235 21.41 15.01 -5.98
N ALA J 236 22.46 15.53 -6.59
CA ALA J 236 23.54 16.22 -5.89
C ALA J 236 23.49 17.70 -6.25
N THR J 237 23.53 18.56 -5.25
CA THR J 237 23.40 20.01 -5.43
C THR J 237 24.56 20.72 -4.77
N PHE J 238 25.04 21.78 -5.43
CA PHE J 238 26.11 22.62 -4.93
C PHE J 238 25.61 23.96 -4.39
N ASP J 239 24.31 24.08 -4.11
CA ASP J 239 23.77 25.34 -3.64
C ASP J 239 24.45 25.74 -2.33
N PRO J 240 24.92 26.99 -2.21
CA PRO J 240 25.65 27.37 -0.97
C PRO J 240 24.82 27.25 0.31
N LYS J 241 23.51 27.49 0.25
CA LYS J 241 22.64 27.43 1.43
C LYS J 241 21.39 26.64 1.09
N PRO J 242 21.51 25.32 0.99
CA PRO J 242 20.33 24.52 0.58
C PRO J 242 19.15 24.63 1.52
N ILE J 243 19.37 24.71 2.83
CA ILE J 243 18.31 24.71 3.82
C ILE J 243 18.45 25.96 4.68
N PRO J 244 17.48 26.87 4.67
CA PRO J 244 17.56 28.05 5.54
C PRO J 244 17.45 27.67 7.01
N GLY J 245 18.08 28.48 7.86
CA GLY J 245 17.96 28.35 9.30
C GLY J 245 19.30 28.03 9.94
N ASN J 246 19.25 27.18 10.97
CA ASN J 246 20.43 26.85 11.76
C ASN J 246 21.09 25.57 11.24
N TRP J 247 21.48 25.60 9.98
CA TRP J 247 22.19 24.50 9.34
C TRP J 247 23.34 25.05 8.53
N ASN J 248 24.45 24.31 8.51
CA ASN J 248 25.67 24.81 7.88
C ASN J 248 25.51 24.93 6.37
N GLY J 249 26.29 25.83 5.78
CA GLY J 249 26.36 25.97 4.33
C GLY J 249 27.53 25.21 3.75
N ALA J 250 27.67 25.32 2.43
CA ALA J 250 28.68 24.59 1.67
C ALA J 250 29.67 25.56 1.06
N GLY J 251 30.96 25.23 1.16
CA GLY J 251 32.02 26.05 0.60
C GLY J 251 32.98 25.22 -0.25
N CYS J 252 33.94 25.93 -0.82
CA CYS J 252 34.93 25.35 -1.73
C CYS J 252 36.33 25.86 -1.40
N HIS J 253 36.73 25.73 -0.14
CA HIS J 253 38.04 26.19 0.31
C HIS J 253 39.14 25.76 -0.67
N THR J 254 40.08 26.65 -0.93
CA THR J 254 41.16 26.41 -1.87
C THR J 254 42.51 26.65 -1.19
N ASN J 255 43.48 25.78 -1.48
CA ASN J 255 44.80 25.84 -0.90
C ASN J 255 45.82 26.15 -2.00
N PHE J 256 46.79 27.01 -1.69
CA PHE J 256 47.71 27.54 -2.69
C PHE J 256 49.13 27.56 -2.16
N SER J 257 50.09 27.37 -3.05
CA SER J 257 51.51 27.50 -2.72
C SER J 257 52.32 27.57 -4.00
N THR J 258 53.54 28.10 -3.88
CA THR J 258 54.50 28.17 -4.97
C THR J 258 55.80 27.50 -4.54
N LYS J 259 56.77 27.48 -5.45
CA LYS J 259 58.07 26.87 -5.14
C LYS J 259 58.74 27.61 -3.99
N ALA J 260 58.69 28.94 -4.01
CA ALA J 260 59.35 29.71 -2.96
C ALA J 260 58.78 29.35 -1.58
N MET J 261 57.45 29.33 -1.47
CA MET J 261 56.83 28.97 -0.20
C MET J 261 57.15 27.52 0.18
N ARG J 262 57.11 26.63 -0.82
CA ARG J 262 57.36 25.22 -0.56
C ARG J 262 58.79 24.97 -0.10
N GLU J 263 59.72 25.85 -0.44
CA GLU J 263 61.10 25.71 0.01
C GLU J 263 61.22 26.15 1.47
N GLU J 264 62.45 26.13 1.98
CA GLU J 264 62.67 26.47 3.38
C GLU J 264 62.38 27.94 3.63
N ASN J 265 61.79 28.22 4.80
CA ASN J 265 61.51 29.59 5.24
C ASN J 265 60.56 30.30 4.27
N GLY J 266 59.50 29.60 3.86
CA GLY J 266 58.48 30.19 3.01
C GLY J 266 57.43 31.01 3.73
N LEU J 267 57.47 31.03 5.06
CA LEU J 267 56.45 31.73 5.83
C LEU J 267 56.42 33.22 5.49
N LYS J 268 57.60 33.81 5.27
CA LYS J 268 57.65 35.22 4.89
C LYS J 268 56.95 35.45 3.56
N TYR J 269 57.17 34.57 2.59
CA TYR J 269 56.49 34.68 1.31
C TYR J 269 54.98 34.56 1.49
N ILE J 270 54.55 33.61 2.32
CA ILE J 270 53.12 33.45 2.59
C ILE J 270 52.56 34.74 3.17
N GLU J 271 53.29 35.34 4.12
CA GLU J 271 52.84 36.57 4.74
C GLU J 271 52.71 37.68 3.72
N GLU J 272 53.72 37.86 2.87
CA GLU J 272 53.67 38.93 1.88
C GLU J 272 52.50 38.73 0.92
N ALA J 273 52.25 37.47 0.54
CA ALA J 273 51.11 37.18 -0.33
C ALA J 273 49.80 37.53 0.35
N ILE J 274 49.69 37.23 1.65
CA ILE J 274 48.45 37.53 2.38
C ILE J 274 48.24 39.05 2.46
N GLU J 275 49.30 39.80 2.75
CA GLU J 275 49.17 41.26 2.72
C GLU J 275 48.75 41.76 1.35
N LYS J 276 49.30 41.18 0.28
CA LYS J 276 48.84 41.56 -1.05
C LYS J 276 47.36 41.28 -1.22
N LEU J 277 46.91 40.11 -0.76
CA LEU J 277 45.50 39.74 -0.89
C LEU J 277 44.60 40.66 -0.09
N SER J 278 45.11 41.24 1.00
CA SER J 278 44.25 41.99 1.90
C SER J 278 43.63 43.22 1.27
N LYS J 279 44.10 43.67 0.10
CA LYS J 279 43.66 44.92 -0.49
C LYS J 279 42.73 44.75 -1.68
N ARG J 280 42.30 43.52 -2.01
CA ARG J 280 41.47 43.26 -3.17
C ARG J 280 40.25 42.43 -2.78
N HIS J 281 39.67 42.73 -1.62
CA HIS J 281 38.61 41.91 -1.07
C HIS J 281 37.39 41.90 -1.99
N GLN J 282 36.94 43.09 -2.42
CA GLN J 282 35.73 43.16 -3.23
C GLN J 282 35.95 42.53 -4.60
N TYR J 283 37.12 42.74 -5.20
CA TYR J 283 37.41 42.12 -6.48
C TYR J 283 37.37 40.61 -6.38
N HIS J 284 37.99 40.06 -5.33
CA HIS J 284 37.99 38.60 -5.17
C HIS J 284 36.58 38.08 -4.89
N ILE J 285 35.79 38.81 -4.10
CA ILE J 285 34.43 38.40 -3.82
C ILE J 285 33.62 38.35 -5.11
N ARG J 286 33.80 39.36 -5.97
CA ARG J 286 33.11 39.34 -7.26
C ARG J 286 33.57 38.16 -8.11
N ALA J 287 34.88 37.87 -8.09
CA ALA J 287 35.40 36.77 -8.89
C ALA J 287 34.85 35.41 -8.43
N TYR J 288 34.72 35.21 -7.13
CA TYR J 288 34.38 33.91 -6.56
C TYR J 288 32.92 33.50 -6.77
N ASP J 289 32.10 34.17 -7.58
CA ASP J 289 30.69 33.79 -7.71
C ASP J 289 30.25 33.87 -9.16
N PRO J 290 29.51 32.88 -9.65
CA PRO J 290 28.99 32.96 -11.02
C PRO J 290 27.91 34.02 -11.20
N LYS J 291 27.30 34.51 -10.10
CA LYS J 291 26.27 35.53 -10.16
C LYS J 291 26.70 36.84 -9.51
N GLY J 292 28.01 37.02 -9.30
CA GLY J 292 28.53 38.26 -8.76
C GLY J 292 28.62 38.34 -7.26
N GLY J 293 28.10 37.35 -6.54
CA GLY J 293 28.19 37.31 -5.09
C GLY J 293 26.86 37.22 -4.36
N LEU J 294 25.73 37.39 -5.07
CA LEU J 294 24.44 37.27 -4.39
C LEU J 294 24.22 35.88 -3.82
N ASP J 295 24.74 34.85 -4.49
CA ASP J 295 24.64 33.49 -3.96
C ASP J 295 25.44 33.36 -2.66
N ASN J 296 26.70 33.81 -2.68
CA ASN J 296 27.53 33.71 -1.49
C ASN J 296 26.99 34.58 -0.36
N ALA J 297 26.18 35.59 -0.68
CA ALA J 297 25.60 36.42 0.36
C ALA J 297 24.76 35.60 1.32
N ARG J 298 24.09 34.55 0.83
CA ARG J 298 23.27 33.72 1.71
C ARG J 298 24.12 33.00 2.74
N ARG J 299 25.31 32.51 2.35
CA ARG J 299 26.12 31.69 3.24
C ARG J 299 26.89 32.54 4.23
N LEU J 300 27.68 33.49 3.73
CA LEU J 300 28.57 34.26 4.59
C LEU J 300 27.78 35.22 5.48
N THR J 301 27.58 34.84 6.74
CA THR J 301 26.86 35.66 7.70
C THR J 301 27.61 35.89 8.99
N GLY J 302 28.78 35.28 9.18
CA GLY J 302 29.60 35.51 10.35
C GLY J 302 29.58 34.42 11.40
N PHE J 303 28.67 33.47 11.30
CA PHE J 303 28.59 32.36 12.24
C PHE J 303 28.50 31.04 11.46
N HIS J 304 28.39 29.94 12.21
CA HIS J 304 28.44 28.60 11.63
C HIS J 304 29.77 28.35 10.94
N GLU J 305 30.85 28.83 11.55
CA GLU J 305 32.20 28.65 11.02
C GLU J 305 32.40 29.40 9.72
N THR J 306 31.83 30.61 9.63
CA THR J 306 31.95 31.46 8.46
C THR J 306 32.26 32.89 8.89
N SER J 307 32.92 33.62 8.01
CA SER J 307 33.26 35.01 8.24
C SER J 307 32.27 35.93 7.52
N ASN J 308 32.31 37.21 7.88
CA ASN J 308 31.40 38.18 7.30
C ASN J 308 31.75 38.45 5.84
N ILE J 309 30.74 38.86 5.07
CA ILE J 309 30.92 39.04 3.63
C ILE J 309 31.95 40.14 3.35
N ASN J 310 31.87 41.25 4.08
CA ASN J 310 32.67 42.43 3.80
C ASN J 310 33.69 42.70 4.90
N ASP J 311 34.22 41.65 5.53
CA ASP J 311 35.25 41.76 6.55
C ASP J 311 36.40 40.85 6.19
N PHE J 312 37.60 41.41 6.12
CA PHE J 312 38.81 40.63 5.84
C PHE J 312 39.58 40.40 7.13
N SER J 313 40.15 39.21 7.25
CA SER J 313 40.91 38.85 8.45
C SER J 313 41.85 37.71 8.10
N ALA J 314 42.81 37.47 8.99
CA ALA J 314 43.76 36.37 8.83
C ALA J 314 44.21 35.93 10.22
N GLY J 315 44.75 34.71 10.27
CA GLY J 315 45.21 34.18 11.54
C GLY J 315 45.79 32.80 11.37
N VAL J 316 46.14 32.18 12.49
CA VAL J 316 46.70 30.84 12.53
C VAL J 316 45.75 29.96 13.33
N ALA J 317 45.33 28.85 12.73
CA ALA J 317 44.42 27.87 13.33
C ALA J 317 43.04 28.44 13.60
N ASN J 318 42.73 29.63 13.09
CA ASN J 318 41.41 30.24 13.26
C ASN J 318 40.56 29.88 12.04
N ARG J 319 39.43 29.23 12.29
CA ARG J 319 38.56 28.74 11.22
C ARG J 319 37.47 29.72 10.85
N SER J 320 37.48 30.94 11.40
CA SER J 320 36.51 31.96 11.05
C SER J 320 37.19 33.26 10.59
N ALA J 321 38.44 33.18 10.15
CA ALA J 321 39.23 34.35 9.81
C ALA J 321 39.20 34.71 8.33
N SER J 322 38.64 33.87 7.47
CA SER J 322 38.59 34.00 6.03
C SER J 322 39.94 33.67 5.38
N ILE J 323 41.01 33.53 6.15
CA ILE J 323 42.29 33.03 5.68
C ILE J 323 43.00 32.50 6.91
N ARG J 324 43.53 31.28 6.85
CA ARG J 324 44.21 30.69 7.99
C ARG J 324 45.46 29.95 7.56
N ILE J 325 46.44 29.93 8.46
CA ILE J 325 47.67 29.18 8.28
C ILE J 325 47.58 27.93 9.15
N PRO J 326 47.76 26.73 8.60
CA PRO J 326 47.74 25.53 9.44
C PRO J 326 48.81 25.61 10.52
N ARG J 327 48.49 25.06 11.69
CA ARG J 327 49.41 25.13 12.82
C ARG J 327 50.71 24.42 12.49
N THR J 328 50.64 23.26 11.83
CA THR J 328 51.85 22.55 11.45
C THR J 328 52.69 23.37 10.47
N VAL J 329 52.03 24.03 9.52
CA VAL J 329 52.75 24.87 8.57
C VAL J 329 53.46 26.00 9.30
N GLY J 330 52.75 26.64 10.24
CA GLY J 330 53.38 27.71 11.01
C GLY J 330 54.57 27.22 11.81
N GLN J 331 54.44 26.05 12.45
CA GLN J 331 55.54 25.52 13.24
C GLN J 331 56.74 25.17 12.37
N GLU J 332 56.50 24.58 11.18
CA GLU J 332 57.60 24.17 10.32
C GLU J 332 58.18 25.31 9.50
N LYS J 333 57.48 26.44 9.41
CA LYS J 333 57.97 27.61 8.69
C LYS J 333 58.06 27.35 7.19
N LYS J 334 57.12 26.58 6.66
CA LYS J 334 57.05 26.31 5.23
C LYS J 334 55.77 25.53 4.94
N GLY J 335 55.21 25.74 3.75
CA GLY J 335 54.01 25.04 3.35
C GLY J 335 53.07 25.84 2.48
N TYR J 336 51.82 25.94 2.90
CA TYR J 336 50.76 26.57 2.12
C TYR J 336 49.84 27.34 3.06
N PHE J 337 48.81 27.97 2.48
CA PHE J 337 47.78 28.64 3.24
C PHE J 337 46.43 28.43 2.56
N GLU J 338 45.36 28.60 3.33
CA GLU J 338 44.01 28.24 2.92
C GLU J 338 43.15 29.50 2.82
N ASP J 339 42.46 29.64 1.68
CA ASP J 339 41.48 30.69 1.47
C ASP J 339 40.09 30.05 1.48
N ARG J 340 39.19 30.58 2.31
CA ARG J 340 37.89 29.95 2.55
C ARG J 340 36.72 30.88 2.28
N ARG J 341 36.89 31.86 1.40
CA ARG J 341 35.76 32.67 0.93
C ARG J 341 34.97 32.02 -0.20
N PRO J 342 35.62 31.36 -1.17
CA PRO J 342 34.88 30.87 -2.35
C PRO J 342 33.67 30.02 -1.96
N SER J 343 32.70 29.97 -2.86
CA SER J 343 31.45 29.26 -2.66
C SER J 343 31.49 27.88 -3.32
N ALA J 344 30.46 27.08 -3.03
CA ALA J 344 30.43 25.70 -3.51
C ALA J 344 30.24 25.64 -5.02
N ASN J 345 29.50 26.58 -5.60
CA ASN J 345 29.22 26.59 -7.02
C ASN J 345 30.17 27.50 -7.80
N CYS J 346 31.39 27.68 -7.29
CA CYS J 346 32.36 28.57 -7.94
C CYS J 346 32.85 27.97 -9.25
N ASP J 347 33.70 28.71 -9.96
CA ASP J 347 34.34 28.23 -11.17
C ASP J 347 35.84 28.12 -10.95
N PRO J 348 36.43 26.93 -11.01
CA PRO J 348 37.86 26.81 -10.69
C PRO J 348 38.76 27.68 -11.55
N PHE J 349 38.46 27.80 -12.84
CA PHE J 349 39.31 28.64 -13.70
C PHE J 349 39.31 30.08 -13.22
N SER J 350 38.12 30.62 -12.93
CA SER J 350 38.03 32.01 -12.47
C SER J 350 38.75 32.20 -11.14
N VAL J 351 38.50 31.31 -10.18
CA VAL J 351 39.12 31.46 -8.86
C VAL J 351 40.64 31.41 -8.98
N THR J 352 41.14 30.42 -9.73
CA THR J 352 42.59 30.24 -9.85
C THR J 352 43.22 31.43 -10.55
N GLU J 353 42.59 31.92 -11.63
CA GLU J 353 43.15 33.05 -12.35
C GLU J 353 43.20 34.29 -11.46
N ALA J 354 42.12 34.54 -10.70
CA ALA J 354 42.12 35.70 -9.82
C ALA J 354 43.24 35.61 -8.80
N LEU J 355 43.41 34.44 -8.18
CA LEU J 355 44.47 34.29 -7.19
C LEU J 355 45.84 34.52 -7.81
N ILE J 356 46.07 33.94 -8.99
CA ILE J 356 47.37 34.10 -9.64
C ILE J 356 47.63 35.56 -9.94
N ARG J 357 46.64 36.25 -10.51
CA ARG J 357 46.81 37.66 -10.84
C ARG J 357 47.15 38.49 -9.61
N THR J 358 46.40 38.30 -8.53
CA THR J 358 46.62 39.12 -7.34
C THR J 358 47.98 38.84 -6.72
N CYS J 359 48.39 37.57 -6.69
CA CYS J 359 49.59 37.21 -5.94
C CYS J 359 50.86 37.45 -6.75
N LEU J 360 50.93 36.87 -7.96
CA LEU J 360 52.21 36.81 -8.66
C LEU J 360 52.45 38.01 -9.58
N LEU J 361 51.42 38.54 -10.22
CA LEU J 361 51.59 39.63 -11.18
C LEU J 361 51.44 41.01 -10.56
N ASN J 362 51.15 41.09 -9.26
CA ASN J 362 51.15 42.33 -8.49
C ASN J 362 50.20 43.38 -9.06
N GLU J 363 49.30 43.01 -9.96
CA GLU J 363 48.40 43.99 -10.54
C GLU J 363 47.34 44.42 -9.52
N THR J 364 46.82 45.62 -9.71
CA THR J 364 45.81 46.18 -8.82
C THR J 364 44.77 46.90 -9.65
N GLY J 365 43.67 47.26 -8.98
CA GLY J 365 42.55 47.93 -9.60
C GLY J 365 41.27 47.18 -9.33
N ASP J 366 40.28 47.39 -10.20
CA ASP J 366 39.00 46.69 -10.12
C ASP J 366 38.61 46.06 -11.45
N GLU J 367 39.56 45.96 -12.38
CA GLU J 367 39.30 45.39 -13.69
C GLU J 367 40.60 44.73 -14.13
N PRO J 368 40.56 43.47 -14.58
CA PRO J 368 41.82 42.78 -14.90
C PRO J 368 42.58 43.47 -16.02
N PHE J 369 43.90 43.47 -15.92
CA PHE J 369 44.73 44.01 -16.99
C PHE J 369 44.40 43.29 -18.30
N GLN J 370 44.15 44.07 -19.34
CA GLN J 370 43.53 43.52 -20.54
C GLN J 370 44.38 42.40 -21.14
N TYR J 371 45.66 42.65 -21.38
CA TYR J 371 46.49 41.73 -22.13
C TYR J 371 47.92 41.76 -21.63
N LYS J 372 48.59 40.61 -21.76
CA LYS J 372 50.02 40.49 -21.52
C LYS J 372 50.62 39.65 -22.64
N ASN J 373 51.90 39.89 -22.92
CA ASN J 373 52.60 39.16 -23.96
C ASN J 373 52.90 37.73 -23.51
PB ADP K . -34.93 9.40 -29.32
O1B ADP K . -34.63 9.78 -30.75
O2B ADP K . -33.85 8.59 -28.63
O3B ADP K . -36.33 8.86 -29.13
PA ADP K . -35.81 11.03 -27.21
O1A ADP K . -37.17 10.39 -27.38
O2A ADP K . -34.98 10.65 -26.02
O3A ADP K . -34.94 10.79 -28.53
O5' ADP K . -36.02 12.62 -27.21
C5' ADP K . -37.34 13.16 -27.31
C4' ADP K . -37.25 14.69 -27.38
O4' ADP K . -38.25 15.19 -28.27
C3' ADP K . -37.46 15.37 -26.04
O3' ADP K . -36.26 16.03 -25.64
C2' ADP K . -38.56 16.39 -26.28
O2' ADP K . -38.22 17.66 -25.72
C1' ADP K . -38.70 16.46 -27.78
N9 ADP K . -40.09 16.74 -28.22
C8 ADP K . -41.19 16.02 -27.94
N7 ADP K . -42.29 16.58 -28.52
C5 ADP K . -41.89 17.68 -29.17
C6 ADP K . -42.53 18.74 -30.00
N6 ADP K . -43.87 18.73 -30.23
N1 ADP K . -41.74 19.71 -30.50
C2 ADP K . -40.42 19.74 -30.28
N3 ADP K . -39.78 18.82 -29.55
C4 ADP K . -40.44 17.79 -28.98
MG MG L . -32.62 9.83 -27.24
MG MG M . -32.97 10.96 -30.83
PB ADP N . -11.53 44.35 -9.65
O1B ADP N . -12.75 44.46 -10.52
O2B ADP N . -10.40 45.29 -10.03
O3B ADP N . -11.08 42.94 -9.37
PA ADP N . -13.06 44.07 -7.33
O1A ADP N . -14.42 44.14 -7.95
O2A ADP N . -12.46 42.73 -7.00
O3A ADP N . -12.02 44.90 -8.23
O5' ADP N . -13.08 44.96 -5.98
C5' ADP N . -14.14 45.88 -5.74
C4' ADP N . -13.89 46.59 -4.41
O4' ADP N . -14.23 47.98 -4.53
C3' ADP N . -14.70 46.02 -3.26
O3' ADP N . -13.82 45.41 -2.30
C2' ADP N . -15.42 47.21 -2.63
O2' ADP N . -15.25 47.24 -1.22
C1' ADP N . -14.78 48.42 -3.29
N9 ADP N . -15.75 49.53 -3.50
C8 ADP N . -16.86 49.50 -4.28
N7 ADP N . -17.50 50.69 -4.24
C5 ADP N . -16.81 51.50 -3.42
C6 ADP N . -16.92 52.89 -2.93
N6 ADP N . -17.96 53.69 -3.32
N1 ADP N . -15.98 53.35 -2.10
C2 ADP N . -14.95 52.59 -1.69
N3 ADP N . -14.78 51.33 -2.10
C4 ADP N . -15.66 50.73 -2.94
MG MG O . -10.85 42.12 -7.76
MG MG P . -8.18 45.11 -8.19
PB ADP Q . -1.50 32.10 34.15
O1B ADP Q . -1.93 33.54 34.01
O2B ADP Q . -0.39 31.87 35.14
O3B ADP Q . -1.34 31.36 32.85
PA ADP Q . -4.12 31.12 34.03
O1A ADP Q . -3.87 29.97 33.08
O2A ADP Q . -4.64 32.43 33.48
O3A ADP Q . -2.77 31.37 34.83
O5' ADP Q . -5.12 30.61 35.18
C5' ADP Q . -5.42 31.43 36.30
C4' ADP Q . -6.05 30.60 37.41
O4' ADP Q . -6.22 31.38 38.60
C3' ADP Q . -7.43 30.07 37.03
O3' ADP Q . -7.39 28.65 36.91
C2' ADP Q . -8.35 30.48 38.16
O2' ADP Q . -9.16 29.40 38.60
C1' ADP Q . -7.42 30.96 39.26
N9 ADP Q . -7.99 32.07 40.07
C8 ADP Q . -8.49 33.24 39.62
N7 ADP Q . -8.94 33.99 40.64
C5 ADP Q . -8.73 33.31 41.78
C6 ADP Q . -8.95 33.53 43.22
N6 ADP Q . -9.52 34.67 43.69
N1 ADP Q . -8.58 32.55 44.08
C2 ADP Q . -8.01 31.41 43.66
N3 ADP Q . -7.78 31.15 42.36
C4 ADP Q . -8.11 32.04 41.40
MG MG R . 0.21 29.80 35.88
MG MG S . -1.63 29.29 32.39
PB ADP T . -18.54 -10.61 41.22
O1B ADP T . -18.15 -9.88 39.95
O2B ADP T . -17.89 -10.06 42.46
O3B ADP T . -18.51 -12.12 41.12
PA ADP T . -21.01 -9.70 40.23
O1A ADP T . -21.21 -8.22 40.43
O2A ADP T . -20.50 -10.21 38.92
O3A ADP T . -20.09 -10.25 41.43
O5' ADP T . -22.41 -10.43 40.53
C5' ADP T . -23.62 -9.92 40.00
C4' ADP T . -24.68 -11.01 39.94
O4' ADP T . -25.20 -11.33 41.23
C3' ADP T . -25.86 -10.59 39.08
O3' ADP T . -25.85 -11.29 37.83
C2' ADP T . -27.09 -10.96 39.89
O2' ADP T . -28.00 -11.74 39.10
C1' ADP T . -26.56 -11.75 41.06
N9 ADP T . -27.40 -11.52 42.27
C8 ADP T . -27.40 -10.44 43.07
N7 ADP T . -28.30 -10.58 44.07
C5 ADP T . -28.90 -11.78 43.93
C6 ADP T . -29.94 -12.55 44.62
N6 ADP T . -30.56 -12.07 45.74
N1 ADP T . -30.27 -13.77 44.12
C2 ADP T . -29.69 -14.27 43.02
N3 ADP T . -28.73 -13.61 42.35
C4 ADP T . -28.30 -12.38 42.73
MG MG U . -18.50 -10.22 38.15
MG MG V . -18.20 -13.66 40.05
PB ADP W . -39.27 -24.70 2.09
O1B ADP W . -38.27 -23.81 2.77
O2B ADP W . -39.81 -25.80 2.97
O3B ADP W . -38.89 -25.15 0.70
PA ADP W . -40.48 -22.17 2.00
O1A ADP W . -41.03 -21.77 3.34
O2A ADP W . -39.11 -21.68 1.59
O3A ADP W . -40.56 -23.77 1.87
O5' ADP W . -41.53 -21.71 0.87
C5' ADP W . -42.92 -21.62 1.19
C4' ADP W . -43.66 -20.97 0.02
O4' ADP W . -44.94 -21.60 -0.15
C3' ADP W . -43.92 -19.49 0.22
O3' ADP W . -43.27 -18.75 -0.80
C2' ADP W . -45.42 -19.32 0.14
O2' ADP W . -45.78 -18.18 -0.64
C1' ADP W . -45.91 -20.62 -0.50
N9 ADP W . -47.27 -21.01 -0.06
C8 ADP W . -47.72 -21.14 1.20
N7 ADP W . -49.02 -21.51 1.21
C5 ADP W . -49.42 -21.64 -0.05
C6 ADP W . -50.68 -22.00 -0.75
N6 ADP W . -51.80 -22.32 -0.07
N1 ADP W . -50.67 -22.01 -2.10
C2 ADP W . -49.57 -21.69 -2.81
N3 ADP W . -48.41 -21.35 -2.24
C4 ADP W . -48.26 -21.30 -0.89
MG MG X . -37.42 -22.55 1.32
MG MG Y . -38.78 -25.42 -1.24
PB ADP Z . 23.35 16.70 -36.73
O1B ADP Z . 24.79 17.15 -36.70
O2B ADP Z . 22.71 16.53 -35.37
O3B ADP Z . 22.48 17.42 -37.72
PA ADP Z . 24.18 14.02 -36.53
O1A ADP Z . 23.20 13.45 -35.55
O2A ADP Z . 25.50 14.54 -36.03
O3A ADP Z . 23.41 15.19 -37.31
O5' ADP Z . 24.43 12.90 -37.66
C5' ADP Z . 25.27 13.14 -38.79
C4' ADP Z . 25.17 11.93 -39.72
O4' ADP Z . 25.78 12.22 -40.99
C3' ADP Z . 25.89 10.71 -39.17
O3' ADP Z . 24.94 9.71 -38.79
C2' ADP Z . 26.77 10.20 -40.29
O2' ADP Z . 26.56 8.81 -40.50
C1' ADP Z . 26.36 11.01 -41.51
N9 ADP Z . 27.49 11.30 -42.42
C8 ADP Z . 28.67 11.85 -42.09
N7 ADP Z . 29.47 11.95 -43.19
C5 ADP Z . 28.79 11.47 -44.23
C6 ADP Z . 29.05 11.28 -45.68
N6 ADP Z . 30.22 11.66 -46.24
N1 ADP Z . 28.06 10.74 -46.43
C2 ADP Z . 26.89 10.36 -45.90
N3 ADP Z . 26.59 10.50 -44.59
C4 ADP Z . 27.49 11.03 -43.73
MG MG AA . 20.58 16.90 -37.91
MG MG BA . 21.90 14.72 -35.27
PB ADP CA . 2.50 -24.62 -39.45
O1B ADP CA . 3.33 -24.21 -40.65
O2B ADP CA . 1.17 -25.23 -39.80
O3B ADP CA . 2.45 -23.60 -38.35
PA ADP CA . 4.77 -25.66 -38.16
O1A ADP CA . 5.70 -25.11 -39.21
O2A ADP CA . 4.62 -24.91 -36.85
O3A ADP CA . 3.32 -25.85 -38.82
O5' ADP CA . 5.19 -27.17 -37.85
C5' ADP CA . 5.76 -27.98 -38.88
C4' ADP CA . 6.11 -29.34 -38.30
O4' ADP CA . 6.24 -30.32 -39.34
C3' ADP CA . 7.45 -29.31 -37.57
O3' ADP CA . 7.25 -29.54 -36.17
C2' ADP CA . 8.27 -30.43 -38.18
O2' ADP CA . 8.90 -31.21 -37.16
C1' ADP CA . 7.25 -31.25 -38.97
N9 ADP CA . 7.85 -31.93 -40.15
C8 ADP CA . 8.70 -31.40 -41.06
N7 ADP CA . 9.03 -32.32 -42.00
C5 ADP CA . 8.39 -33.47 -41.69
C6 ADP CA . 8.29 -34.83 -42.26
N6 ADP CA . 8.97 -35.18 -43.37
N1 ADP CA . 7.50 -35.73 -41.62
C2 ADP CA . 6.82 -35.41 -40.51
N3 ADP CA . 6.86 -34.19 -39.94
C4 ADP CA . 7.62 -33.20 -40.47
MG MG DA . 0.27 -26.14 -38.35
MG MG EA . 2.97 -24.04 -36.26
PB ADP FA . 7.78 -46.25 1.31
O1B ADP FA . 7.57 -44.78 1.08
O2B ADP FA . 7.03 -47.14 0.35
O3B ADP FA . 7.70 -46.68 2.74
PA ADP FA . 10.46 -45.41 1.24
O1A ADP FA . 11.04 -44.90 -0.05
O2A ADP FA . 9.87 -44.46 2.23
O3A ADP FA . 9.33 -46.50 0.91
O5' ADP FA . 11.60 -46.30 1.99
C5' ADP FA . 11.79 -46.15 3.39
C4' ADP FA . 13.22 -46.46 3.85
O4' ADP FA . 13.51 -47.86 3.90
C3' ADP FA . 14.31 -45.85 2.98
O3' ADP FA . 14.75 -44.61 3.53
C2' ADP FA . 15.43 -46.86 3.01
O2' ADP FA . 16.65 -46.26 3.46
C1' ADP FA . 14.94 -47.93 3.97
N9 ADP FA . 15.51 -49.27 3.70
C8 ADP FA . 15.67 -49.87 2.50
N7 ADP FA . 16.25 -51.09 2.66
C5 ADP FA . 16.45 -51.29 3.98
C6 ADP FA . 17.01 -52.37 4.83
N6 ADP FA . 17.47 -53.52 4.29
N1 ADP FA . 17.04 -52.16 6.16
C2 ADP FA . 16.57 -51.03 6.72
N3 ADP FA . 16.06 -50.02 6.00
C4 ADP FA . 15.97 -50.09 4.65
MG MG GA . 6.58 -45.96 4.03
MG MG HA . 8.32 -43.31 2.15
PB ADP IA . 31.24 -17.84 29.85
O1B ADP IA . 31.46 -19.32 29.68
O2B ADP IA . 31.18 -17.37 31.28
O3B ADP IA . 30.16 -17.26 28.97
PA ADP IA . 33.00 -17.21 27.75
O1A ADP IA . 33.28 -18.63 27.33
O2A ADP IA . 31.99 -16.40 26.97
O3A ADP IA . 32.60 -17.19 29.31
O5' ADP IA . 34.39 -16.41 27.77
C5' ADP IA . 35.62 -17.12 27.86
C4' ADP IA . 36.78 -16.12 27.72
O4' ADP IA . 37.86 -16.47 28.58
C3' ADP IA . 37.34 -16.07 26.30
O3' ADP IA . 37.01 -14.81 25.69
C2' ADP IA . 38.84 -16.20 26.46
O2' ADP IA . 39.53 -15.18 25.72
C1' ADP IA . 39.08 -16.08 27.96
N9 ADP IA . 40.23 -16.89 28.42
C8 ADP IA . 40.42 -18.22 28.23
N7 ADP IA . 41.59 -18.62 28.79
C5 ADP IA . 42.17 -17.54 29.35
C6 ADP IA . 43.41 -17.25 30.11
N6 ADP IA . 44.30 -18.23 30.39
N1 ADP IA . 43.63 -15.98 30.50
C2 ADP IA . 42.76 -14.99 30.24
N3 ADP IA . 41.61 -15.19 29.56
C4 ADP IA . 41.27 -16.41 29.09
MG MG JA . 30.31 -15.92 27.62
MG MG KA . 30.90 -15.33 31.21
PB ADP LA . 41.21 21.00 6.33
O1B ADP LA . 40.20 19.90 6.58
O2B ADP LA . 42.12 21.26 7.49
O3B ADP LA . 40.63 22.24 5.70
PA ADP LA . 41.77 19.21 4.22
O1A ADP LA . 42.51 17.97 4.64
O2A ADP LA . 40.27 19.17 4.06
O3A ADP LA . 42.19 20.41 5.20
O5' ADP LA . 42.40 19.69 2.82
C5' ADP LA . 43.81 19.59 2.61
C4' ADP LA . 44.13 19.94 1.17
O4' ADP LA . 45.34 20.71 1.08
C3' ADP LA . 44.34 18.70 0.29
O3' ADP LA . 43.31 18.62 -0.70
C2' ADP LA . 45.69 18.90 -0.37
O2' ADP LA . 45.63 18.60 -1.77
C1' ADP LA . 46.03 20.35 -0.10
N9 ADP LA . 47.50 20.59 0.02
C8 ADP LA . 48.36 19.95 0.84
N7 ADP LA . 49.62 20.42 0.67
C5 ADP LA . 49.58 21.37 -0.28
C6 ADP LA . 50.55 22.27 -0.94
N6 ADP LA . 51.87 22.24 -0.61
N1 ADP LA . 50.09 23.11 -1.89
C2 ADP LA . 48.80 23.16 -2.23
N3 ADP LA . 47.86 22.36 -1.67
C4 ADP LA . 48.18 21.47 -0.71
MG MG MA . 39.67 23.56 4.96
MG MG NA . 38.50 19.64 4.43
#